data_7UIT
#
_entry.id   7UIT
#
_entity_poly.entity_id   1
_entity_poly.type   'polypeptide(L)'
_entity_poly.pdbx_seq_one_letter_code
;(NLG)LKAIAQEFKAIAKKFKAIA(PHI)EFKAIAQK(NH2)
;
_entity_poly.pdbx_strand_id   B,C,D,E,F,G,H,I,J,K,L,M,N,O,P,Q,R,S,T,U,V,W,X,Y,Z,a,b,c,d,e,f,g,h,i,j,k,l,m,n,o,p,q,r,s,t,u,v,w,x,y,z,0,1,2,3,4,5,6,7,8,9,AA,BA,CA,DA,EA,FA,A,JA,GA,HA,IA
#
loop_
_chem_comp.id
_chem_comp.type
_chem_comp.name
_chem_comp.formula
NH2 non-polymer 'AMINO GROUP' 'H2 N'
NLG non-polymer N-ACETYL-L-GLUTAMATE 'C7 H11 N O5'
#
# COMPACT_ATOMS: atom_id res chain seq x y z
CA NLG A 1 -45.91 -0.58 62.84
C NLG A 1 -46.99 0.42 62.45
O NLG A 1 -47.34 1.28 63.29
CB NLG A 1 -44.56 -0.10 62.30
CG NLG A 1 -43.46 -0.71 63.16
CD NLG A 1 -42.99 -2.01 62.54
OE1 NLG A 1 -41.86 -2.48 62.84
OE2 NLG A 1 -43.72 -2.62 61.71
C7 NLG A 1 -46.36 -3.00 63.23
C8 NLG A 1 -46.68 -4.40 62.70
O7 NLG A 1 -46.23 -2.81 64.39
N2 NLG A 1 -46.21 -1.89 62.31
N LEU A 2 -47.22 -0.22 61.18
CA LEU A 2 -47.90 1.00 60.78
C LEU A 2 -49.33 1.01 61.30
N LYS A 3 -49.85 -0.17 61.66
CA LYS A 3 -51.10 -0.21 62.39
C LYS A 3 -50.96 0.49 63.74
N ALA A 4 -49.82 0.28 64.40
CA ALA A 4 -49.60 0.90 65.70
C ALA A 4 -49.62 2.42 65.60
N ILE A 5 -48.97 2.98 64.59
CA ILE A 5 -49.01 4.42 64.40
C ILE A 5 -50.43 4.88 64.17
N ALA A 6 -51.21 4.12 63.39
CA ALA A 6 -52.58 4.51 63.12
C ALA A 6 -53.40 4.59 64.40
N GLN A 7 -53.36 3.54 65.22
CA GLN A 7 -54.15 3.57 66.44
C GLN A 7 -53.64 4.64 67.40
N GLU A 8 -52.33 4.89 67.41
CA GLU A 8 -51.82 5.97 68.25
C GLU A 8 -52.41 7.30 67.82
N PHE A 9 -52.29 7.64 66.53
CA PHE A 9 -52.82 8.91 66.06
C PHE A 9 -54.31 9.02 66.34
N LYS A 10 -55.03 7.90 66.29
CA LYS A 10 -56.43 7.92 66.69
C LYS A 10 -56.57 8.32 68.14
N ALA A 11 -55.70 7.78 69.01
CA ALA A 11 -55.74 8.15 70.42
C ALA A 11 -55.47 9.65 70.61
N ILE A 12 -54.47 10.19 69.92
CA ILE A 12 -54.21 11.63 70.01
C ILE A 12 -55.42 12.43 69.54
N ALA A 13 -56.09 11.97 68.48
CA ALA A 13 -57.28 12.68 68.03
C ALA A 13 -58.34 12.71 69.12
N LYS A 14 -58.58 11.58 69.77
CA LYS A 14 -59.58 11.54 70.84
C LYS A 14 -59.18 12.47 71.99
N LYS A 15 -57.91 12.46 72.36
CA LYS A 15 -57.45 13.31 73.46
C LYS A 15 -57.63 14.79 73.13
N PHE A 16 -57.33 15.16 71.88
CA PHE A 16 -57.54 16.56 71.49
C PHE A 16 -59.01 16.92 71.50
N LYS A 17 -59.88 15.98 71.12
CA LYS A 17 -61.31 16.27 71.21
C LYS A 17 -61.71 16.54 72.66
N ALA A 18 -61.18 15.74 73.58
CA ALA A 18 -61.47 15.97 75.00
C ALA A 18 -61.00 17.35 75.44
N ILE A 19 -59.79 17.74 75.02
CA ILE A 19 -59.29 19.08 75.36
C ILE A 19 -60.18 20.16 74.78
N ALA A 20 -60.65 19.97 73.56
CA ALA A 20 -61.49 20.96 72.92
C ALA A 20 -62.77 21.16 73.73
N PHI A 21 -63.38 20.05 74.13
CA PHI A 21 -64.63 20.14 74.87
CB PHI A 21 -65.36 18.81 75.09
CG PHI A 21 -66.23 18.54 73.91
CD1 PHI A 21 -66.70 17.25 73.65
CD2 PHI A 21 -66.58 19.59 73.05
CE1 PHI A 21 -67.51 17.01 72.55
CE2 PHI A 21 -67.39 19.33 71.94
CZ PHI A 21 -67.86 18.04 71.70
I PHI A 21 -69.04 17.68 70.09
C PHI A 21 -64.42 20.76 76.24
O PHI A 21 -65.24 21.51 76.80
N GLU A 22 -63.26 20.47 76.82
CA GLU A 22 -62.92 21.02 78.12
C GLU A 22 -62.76 22.53 78.06
N PHE A 23 -62.08 23.00 77.00
CA PHE A 23 -61.93 24.44 76.83
C PHE A 23 -63.26 25.09 76.48
N LYS A 24 -64.13 24.37 75.76
CA LYS A 24 -65.48 24.88 75.55
C LYS A 24 -66.19 25.09 76.88
N ALA A 25 -66.09 24.12 77.78
CA ALA A 25 -66.75 24.24 79.08
C ALA A 25 -66.17 25.39 79.89
N ILE A 26 -64.84 25.53 79.91
CA ILE A 26 -64.24 26.60 80.67
C ILE A 26 -64.49 27.97 80.04
N ALA A 27 -64.81 28.01 78.75
CA ALA A 27 -65.00 29.30 78.08
C ALA A 27 -66.22 30.03 78.63
N GLN A 28 -67.35 29.35 78.69
CA GLN A 28 -68.60 29.98 79.13
C GLN A 28 -68.56 30.30 80.61
N LYS A 29 -67.76 29.54 81.36
CA LYS A 29 -67.66 29.73 82.79
C LYS A 29 -66.46 30.62 83.10
N NH2 A 30 -66.64 32.06 83.22
CA NLG B 1 -61.06 34.12 73.29
C NLG B 1 -61.33 32.63 73.09
O NLG B 1 -61.73 32.24 71.97
CB NLG B 1 -59.89 34.35 74.24
CG NLG B 1 -58.98 35.43 73.67
CD NLG B 1 -59.83 36.52 73.01
OE1 NLG B 1 -60.50 37.30 73.72
OE2 NLG B 1 -59.85 36.64 71.76
C7 NLG B 1 -63.31 35.08 72.88
C8 NLG B 1 -64.59 35.74 73.39
O7 NLG B 1 -63.17 34.84 71.73
N2 NLG B 1 -62.25 34.74 73.82
N LEU B 2 -62.04 32.36 74.30
CA LEU B 2 -61.73 30.96 74.53
C LEU B 2 -62.56 30.06 73.62
N LYS B 3 -63.59 30.64 73.02
CA LYS B 3 -64.35 29.91 72.01
C LYS B 3 -63.46 29.55 70.83
N ALA B 4 -62.61 30.48 70.39
CA ALA B 4 -61.75 30.22 69.24
C ALA B 4 -60.79 29.08 69.50
N ILE B 5 -60.23 29.00 70.70
CA ILE B 5 -59.30 27.93 71.03
C ILE B 5 -60.01 26.58 70.98
N ALA B 6 -61.22 26.50 71.53
CA ALA B 6 -61.97 25.25 71.45
C ALA B 6 -62.26 24.88 70.01
N GLN B 7 -62.65 25.86 69.20
CA GLN B 7 -62.86 25.64 67.77
C GLN B 7 -61.62 25.02 67.14
N GLU B 8 -60.46 25.64 67.37
CA GLU B 8 -59.23 25.19 66.74
C GLU B 8 -58.86 23.79 67.18
N PHE B 9 -59.00 23.51 68.48
CA PHE B 9 -58.62 22.19 68.99
C PHE B 9 -59.54 21.11 68.45
N LYS B 10 -60.84 21.41 68.32
CA LYS B 10 -61.73 20.43 67.71
C LYS B 10 -61.36 20.16 66.26
N ALA B 11 -61.03 21.23 65.53
CA ALA B 11 -60.60 21.04 64.14
C ALA B 11 -59.36 20.15 64.07
N ILE B 12 -58.37 20.41 64.94
CA ILE B 12 -57.16 19.61 64.94
C ILE B 12 -57.48 18.15 65.28
N ALA B 13 -58.43 17.95 66.19
CA ALA B 13 -58.84 16.59 66.52
C ALA B 13 -59.40 15.88 65.29
N LYS B 14 -60.17 16.58 64.47
CA LYS B 14 -60.63 15.98 63.22
C LYS B 14 -59.46 15.65 62.29
N LYS B 15 -58.50 16.57 62.17
CA LYS B 15 -57.39 16.36 61.25
C LYS B 15 -56.57 15.13 61.63
N PHE B 16 -56.29 14.97 62.92
CA PHE B 16 -55.48 13.83 63.33
C PHE B 16 -56.22 12.51 63.11
N LYS B 17 -57.54 12.50 63.31
CA LYS B 17 -58.30 11.30 62.99
C LYS B 17 -58.19 10.98 61.51
N ALA B 18 -58.26 12.01 60.66
CA ALA B 18 -58.11 11.79 59.24
C ALA B 18 -56.75 11.16 58.92
N ILE B 19 -55.69 11.69 59.52
CA ILE B 19 -54.35 11.17 59.25
C ILE B 19 -54.22 9.73 59.74
N ALA B 20 -54.81 9.44 60.90
CA ALA B 20 -54.77 8.12 61.48
C ALA B 20 -55.42 7.13 60.55
N PHI B 21 -56.58 7.51 60.03
CA PHI B 21 -57.30 6.65 59.13
CB PHI B 21 -58.69 7.16 58.71
CG PHI B 21 -59.27 6.35 57.61
CD1 PHI B 21 -59.63 6.96 56.40
CD2 PHI B 21 -59.44 4.97 57.76
CE1 PHI B 21 -60.17 6.19 55.37
CE2 PHI B 21 -59.97 4.21 56.72
CZ PHI B 21 -60.34 4.82 55.53
I PHI B 21 -61.11 3.72 54.03
C PHI B 21 -56.48 6.46 57.87
O PHI B 21 -56.45 5.42 57.21
N GLU B 22 -55.75 7.51 57.52
CA GLU B 22 -54.98 7.48 56.29
C GLU B 22 -53.83 6.47 56.33
N PHE B 23 -53.03 6.48 57.40
CA PHE B 23 -51.97 5.47 57.47
C PHE B 23 -52.49 4.06 57.36
N LYS B 24 -53.61 3.74 58.02
CA LYS B 24 -54.09 2.37 57.99
C LYS B 24 -54.34 1.89 56.57
N ALA B 25 -54.68 2.82 55.66
CA ALA B 25 -54.81 2.45 54.26
C ALA B 25 -53.48 1.97 53.69
N ILE B 26 -52.39 2.70 53.95
CA ILE B 26 -51.10 2.29 53.42
C ILE B 26 -50.63 1.00 54.07
N ALA B 27 -50.84 0.85 55.37
CA ALA B 27 -50.40 -0.36 56.06
C ALA B 27 -51.07 -1.61 55.48
N GLN B 28 -52.36 -1.53 55.22
CA GLN B 28 -53.07 -2.63 54.58
C GLN B 28 -52.47 -2.91 53.21
N LYS B 29 -52.03 -1.85 52.55
CA LYS B 29 -51.39 -1.98 51.25
C LYS B 29 -49.91 -2.32 51.45
N NH2 B 30 -49.00 -2.27 50.32
CA NLG C 1 -51.45 8.79 49.98
C NLG C 1 -50.52 9.58 50.88
O NLG C 1 -50.90 9.84 52.05
CB NLG C 1 -50.93 7.36 49.86
CG NLG C 1 -52.11 6.40 49.94
CD NLG C 1 -53.08 6.72 48.81
OE1 NLG C 1 -54.19 7.25 49.07
OE2 NLG C 1 -52.77 6.45 47.62
C7 NLG C 1 -51.99 10.73 48.45
C8 NLG C 1 -52.05 11.31 47.03
O7 NLG C 1 -52.32 11.40 49.38
N2 NLG C 1 -51.52 9.38 48.65
N LEU C 2 -49.53 9.61 49.85
CA LEU C 2 -48.77 10.28 50.90
C LEU C 2 -49.02 11.79 50.87
N LYS C 3 -49.51 12.29 49.73
CA LYS C 3 -49.73 13.73 49.61
C LYS C 3 -50.79 14.22 50.58
N ALA C 4 -51.78 13.37 50.89
CA ALA C 4 -52.78 13.75 51.87
C ALA C 4 -52.14 13.98 53.24
N ILE C 5 -51.18 13.14 53.60
CA ILE C 5 -50.44 13.34 54.85
C ILE C 5 -49.77 14.70 54.85
N ALA C 6 -49.10 15.04 53.75
CA ALA C 6 -48.38 16.30 53.67
C ALA C 6 -49.33 17.48 53.80
N GLN C 7 -50.47 17.43 53.11
CA GLN C 7 -51.43 18.52 53.21
C GLN C 7 -51.98 18.66 54.62
N GLU C 8 -52.33 17.53 55.26
CA GLU C 8 -52.95 17.59 56.57
C GLU C 8 -51.98 18.11 57.61
N PHE C 9 -50.71 17.72 57.54
CA PHE C 9 -49.75 18.25 58.49
C PHE C 9 -49.54 19.75 58.34
N LYS C 10 -49.49 20.26 57.10
CA LYS C 10 -49.35 21.70 56.92
C LYS C 10 -50.57 22.43 57.50
N ALA C 11 -51.76 21.87 57.28
CA ALA C 11 -52.94 22.45 57.89
C ALA C 11 -52.86 22.45 59.42
N ILE C 12 -52.35 21.37 60.01
CA ILE C 12 -52.15 21.31 61.44
C ILE C 12 -51.23 22.43 61.90
N ALA C 13 -50.14 22.65 61.15
CA ALA C 13 -49.20 23.70 61.52
C ALA C 13 -49.87 25.06 61.52
N LYS C 14 -50.68 25.33 60.49
CA LYS C 14 -51.40 26.61 60.44
C LYS C 14 -52.34 26.75 61.63
N LYS C 15 -53.05 25.69 61.98
CA LYS C 15 -53.98 25.76 63.11
C LYS C 15 -53.23 26.08 64.40
N PHE C 16 -52.08 25.43 64.62
CA PHE C 16 -51.34 25.69 65.84
C PHE C 16 -50.79 27.11 65.88
N LYS C 17 -50.35 27.64 64.74
CA LYS C 17 -49.91 29.02 64.72
C LYS C 17 -51.05 29.96 65.10
N ALA C 18 -52.25 29.68 64.60
CA ALA C 18 -53.40 30.50 64.99
C ALA C 18 -53.67 30.40 66.49
N ILE C 19 -53.54 29.20 67.06
CA ILE C 19 -53.75 29.06 68.50
C ILE C 19 -52.75 29.90 69.28
N ALA C 20 -51.49 29.90 68.86
CA ALA C 20 -50.49 30.71 69.54
C ALA C 20 -50.82 32.19 69.42
N PHI C 21 -51.35 32.59 68.26
CA PHI C 21 -51.69 33.97 68.05
CB PHI C 21 -52.12 34.31 66.61
CG PHI C 21 -50.98 35.00 65.93
CD1 PHI C 21 -50.58 34.62 64.65
CD2 PHI C 21 -50.30 36.03 66.59
CE1 PHI C 21 -49.51 35.27 64.04
CE2 PHI C 21 -49.24 36.67 65.98
CZ PHI C 21 -48.83 36.30 64.70
I PHI C 21 -47.29 37.23 63.80
C PHI C 21 -52.84 34.41 68.95
O PHI C 21 -52.99 35.57 69.33
N GLU C 22 -53.69 33.45 69.28
CA GLU C 22 -54.79 33.73 70.19
C GLU C 22 -54.32 33.80 71.64
N PHE C 23 -53.37 32.94 71.98
CA PHE C 23 -52.83 32.96 73.34
C PHE C 23 -52.02 34.23 73.61
N LYS C 24 -51.38 34.78 72.58
CA LYS C 24 -50.78 36.11 72.76
C LYS C 24 -51.83 37.12 73.21
N ALA C 25 -52.99 37.12 72.57
CA ALA C 25 -54.03 38.08 72.92
C ALA C 25 -54.55 37.84 74.33
N ILE C 26 -54.81 36.58 74.69
CA ILE C 26 -55.32 36.33 76.03
C ILE C 26 -54.27 36.66 77.08
N ALA C 27 -52.99 36.58 76.72
CA ALA C 27 -51.94 36.86 77.69
C ALA C 27 -51.97 38.32 78.15
N GLN C 28 -52.22 39.23 77.22
CA GLN C 28 -52.24 40.65 77.55
C GLN C 28 -53.45 41.00 78.41
N LYS C 29 -54.61 41.09 77.77
CA LYS C 29 -55.84 41.40 78.49
C LYS C 29 -56.23 40.22 79.38
N NH2 C 30 -56.28 40.39 80.82
CA NLG D 1 -47.09 32.41 81.56
C NLG D 1 -48.01 31.93 80.43
O NLG D 1 -47.91 30.74 80.03
CB NLG D 1 -47.90 32.77 82.80
CG NLG D 1 -47.23 32.20 84.05
CD NLG D 1 -45.72 32.13 83.87
OE1 NLG D 1 -45.03 33.19 83.92
OE2 NLG D 1 -45.15 31.03 83.67
C7 NLG D 1 -44.92 33.43 80.87
C8 NLG D 1 -44.11 34.65 80.40
O7 NLG D 1 -44.39 32.39 81.00
N2 NLG D 1 -46.34 33.57 81.12
N LEU D 2 -48.40 33.31 80.36
CA LEU D 2 -49.03 32.70 79.20
C LEU D 2 -48.21 32.91 77.94
N LYS D 3 -47.21 33.79 78.00
CA LYS D 3 -46.36 34.02 76.84
C LYS D 3 -45.55 32.78 76.51
N ALA D 4 -45.11 32.04 77.52
CA ALA D 4 -44.33 30.83 77.28
C ALA D 4 -45.14 29.81 76.47
N ILE D 5 -46.42 29.67 76.80
CA ILE D 5 -47.28 28.73 76.08
C ILE D 5 -47.37 29.12 74.61
N ALA D 6 -47.55 30.42 74.34
CA ALA D 6 -47.63 30.87 72.95
C ALA D 6 -46.33 30.61 72.22
N GLN D 7 -45.20 30.86 72.86
CA GLN D 7 -43.92 30.56 72.23
C GLN D 7 -43.81 29.08 71.90
N GLU D 8 -44.23 28.22 72.83
CA GLU D 8 -44.15 26.79 72.61
C GLU D 8 -45.02 26.37 71.44
N PHE D 9 -46.23 26.93 71.34
CA PHE D 9 -47.12 26.54 70.25
C PHE D 9 -46.60 27.03 68.92
N LYS D 10 -46.01 28.22 68.88
CA LYS D 10 -45.40 28.69 67.64
C LYS D 10 -44.27 27.75 67.21
N ALA D 11 -43.45 27.31 68.16
CA ALA D 11 -42.39 26.38 67.82
C ALA D 11 -42.96 25.07 67.29
N ILE D 12 -44.02 24.57 67.91
CA ILE D 12 -44.65 23.34 67.44
C ILE D 12 -45.17 23.51 66.02
N ALA D 13 -45.74 24.67 65.72
CA ALA D 13 -46.22 24.92 64.37
C ALA D 13 -45.07 24.84 63.37
N LYS D 14 -43.95 25.45 63.70
CA LYS D 14 -42.79 25.34 62.80
C LYS D 14 -42.37 23.90 62.62
N LYS D 15 -42.35 23.13 63.72
CA LYS D 15 -41.86 21.76 63.65
C LYS D 15 -42.76 20.91 62.76
N PHE D 16 -44.07 21.09 62.90
CA PHE D 16 -45.02 20.37 62.04
C PHE D 16 -44.89 20.79 60.59
N LYS D 17 -44.63 22.08 60.33
CA LYS D 17 -44.37 22.48 58.95
C LYS D 17 -43.19 21.74 58.38
N ALA D 18 -42.12 21.60 59.16
CA ALA D 18 -40.95 20.87 58.67
C ALA D 18 -41.30 19.42 58.35
N ILE D 19 -42.06 18.77 59.25
CA ILE D 19 -42.43 17.37 59.00
C ILE D 19 -43.27 17.24 57.74
N ALA D 20 -44.20 18.18 57.56
CA ALA D 20 -45.07 18.18 56.40
C ALA D 20 -44.26 18.31 55.14
N PHI D 21 -43.25 19.17 55.18
CA PHI D 21 -42.40 19.35 54.04
CB PHI D 21 -41.33 20.45 54.20
CG PHI D 21 -40.22 20.26 53.24
CD1 PHI D 21 -40.41 20.54 51.88
CD2 PHI D 21 -38.96 19.83 53.69
CE1 PHI D 21 -39.35 20.36 50.98
CE2 PHI D 21 -37.92 19.65 52.78
CZ PHI D 21 -38.11 19.93 51.43
I PHI D 21 -36.59 19.67 50.13
C PHI D 21 -41.68 18.06 53.72
O PHI D 21 -41.48 17.64 52.58
N GLU D 22 -41.27 17.38 54.80
CA GLU D 22 -40.47 16.18 54.64
C GLU D 22 -41.26 15.05 53.96
N PHE D 23 -42.53 14.90 54.32
CA PHE D 23 -43.32 13.89 53.60
C PHE D 23 -43.50 14.21 52.12
N LYS D 24 -43.47 15.47 51.71
CA LYS D 24 -43.48 15.75 50.29
C LYS D 24 -42.26 15.15 49.61
N ALA D 25 -41.10 15.23 50.28
CA ALA D 25 -39.89 14.62 49.74
C ALA D 25 -40.00 13.10 49.71
N ILE D 26 -40.49 12.51 50.80
CA ILE D 26 -40.52 11.04 50.85
C ILE D 26 -41.50 10.49 49.83
N ALA D 27 -42.62 11.19 49.58
CA ALA D 27 -43.58 10.71 48.60
C ALA D 27 -43.02 10.73 47.19
N GLN D 28 -42.27 11.77 46.83
CA GLN D 28 -41.74 11.91 45.49
C GLN D 28 -40.77 10.78 45.17
N LYS D 29 -39.63 10.76 45.85
CA LYS D 29 -38.63 9.74 45.63
C LYS D 29 -39.06 8.43 46.26
N NH2 D 30 -40.23 7.72 45.74
CA NLG E 1 -35.94 10.31 55.47
C NLG E 1 -36.67 10.27 56.81
O NLG E 1 -36.46 11.21 57.61
CB NLG E 1 -36.74 9.54 54.43
CG NLG E 1 -36.79 10.36 53.14
CD NLG E 1 -35.38 10.86 52.82
OE1 NLG E 1 -35.08 12.07 52.97
OE2 NLG E 1 -34.51 10.05 52.38
C7 NLG E 1 -33.59 10.46 56.27
C8 NLG E 1 -32.21 9.87 56.48
O7 NLG E 1 -33.83 11.57 56.64
N2 NLG E 1 -34.64 9.69 55.64
N LEU E 2 -36.44 8.87 56.95
CA LEU E 2 -37.30 8.53 58.09
C LEU E 2 -36.65 8.97 59.38
N LYS E 3 -35.32 9.13 59.32
CA LYS E 3 -34.59 9.58 60.50
C LYS E 3 -35.03 10.97 60.92
N ALA E 4 -35.29 11.84 59.95
CA ALA E 4 -35.68 13.21 60.28
C ALA E 4 -36.99 13.24 61.05
N ILE E 5 -38.00 12.50 60.58
CA ILE E 5 -39.29 12.51 61.26
C ILE E 5 -39.15 11.95 62.67
N ALA E 6 -38.38 10.88 62.82
CA ALA E 6 -38.18 10.29 64.13
C ALA E 6 -37.54 11.28 65.07
N GLN E 7 -36.59 12.08 64.57
CA GLN E 7 -35.96 13.06 65.44
C GLN E 7 -36.88 14.24 65.70
N GLU E 8 -37.81 14.53 64.78
CA GLU E 8 -38.71 15.66 64.95
C GLU E 8 -39.76 15.36 66.02
N PHE E 9 -40.34 14.16 65.96
CA PHE E 9 -41.42 13.85 66.87
C PHE E 9 -40.95 13.79 68.31
N LYS E 10 -39.71 13.35 68.54
CA LYS E 10 -39.17 13.34 69.89
C LYS E 10 -39.10 14.76 70.45
N ALA E 11 -38.65 15.71 69.64
CA ALA E 11 -38.60 17.10 70.08
C ALA E 11 -39.98 17.64 70.37
N ILE E 12 -40.95 17.31 69.52
CA ILE E 12 -42.31 17.80 69.78
C ILE E 12 -42.85 17.20 71.07
N ALA E 13 -42.55 15.94 71.34
CA ALA E 13 -42.97 15.30 72.58
C ALA E 13 -42.33 16.01 73.77
N LYS E 14 -41.06 16.40 73.64
CA LYS E 14 -40.42 17.16 74.71
C LYS E 14 -41.14 18.47 74.95
N LYS E 15 -41.55 19.15 73.87
CA LYS E 15 -42.26 20.42 74.03
C LYS E 15 -43.57 20.24 74.79
N PHE E 16 -44.39 19.29 74.35
CA PHE E 16 -45.70 19.13 74.97
C PHE E 16 -45.58 18.87 76.47
N LYS E 17 -44.49 18.23 76.90
CA LYS E 17 -44.25 18.09 78.32
C LYS E 17 -44.12 19.44 79.00
N ALA E 18 -43.40 20.38 78.38
CA ALA E 18 -43.25 21.71 78.97
C ALA E 18 -44.59 22.43 79.04
N ILE E 19 -45.40 22.31 77.99
CA ILE E 19 -46.74 22.93 78.07
C ILE E 19 -47.54 22.32 79.22
N ALA E 20 -47.53 21.01 79.33
CA ALA E 20 -48.26 20.34 80.41
C ALA E 20 -47.78 20.83 81.77
N PHI E 21 -46.48 21.04 81.88
CA PHI E 21 -45.90 21.48 83.13
CB PHI E 21 -44.36 21.51 83.14
CG PHI E 21 -43.87 20.61 84.21
CD1 PHI E 21 -43.58 19.28 83.92
CD2 PHI E 21 -43.71 21.09 85.52
CE1 PHI E 21 -43.12 18.42 84.93
CE2 PHI E 21 -43.26 20.23 86.51
CZ PHI E 21 -42.96 18.91 86.22
I PHI E 21 -42.30 17.67 87.68
C PHI E 21 -46.36 22.87 83.50
O PHI E 21 -46.75 23.19 84.62
N GLU E 22 -46.31 23.76 82.50
CA GLU E 22 -46.68 25.15 82.72
C GLU E 22 -48.14 25.26 83.13
N PHE E 23 -48.99 24.44 82.53
CA PHE E 23 -50.40 24.50 82.91
C PHE E 23 -50.63 24.01 84.32
N LYS E 24 -49.76 23.13 84.83
CA LYS E 24 -49.85 22.74 86.23
C LYS E 24 -49.66 23.95 87.14
N ALA E 25 -48.63 24.76 86.86
CA ALA E 25 -48.41 25.96 87.65
C ALA E 25 -49.55 26.95 87.49
N ILE E 26 -50.08 27.09 86.28
CA ILE E 26 -51.20 27.99 86.07
C ILE E 26 -52.41 27.56 86.89
N ALA E 27 -52.61 26.24 87.01
CA ALA E 27 -53.70 25.73 87.83
C ALA E 27 -53.54 26.15 89.29
N GLN E 28 -52.30 26.24 89.76
CA GLN E 28 -52.05 26.62 91.14
C GLN E 28 -52.39 28.07 91.40
N LYS E 29 -51.57 28.97 90.88
CA LYS E 29 -51.78 30.40 91.07
C LYS E 29 -53.03 30.85 90.31
N NH2 E 30 -54.08 31.53 91.03
CA NLG F 1 -60.21 22.63 84.63
C NLG F 1 -58.84 22.23 84.11
O NLG F 1 -58.59 21.01 83.93
CB NLG F 1 -60.60 23.99 84.08
CG NLG F 1 -62.05 23.93 83.60
CD NLG F 1 -62.90 23.24 84.66
OE1 NLG F 1 -63.09 23.81 85.77
OE2 NLG F 1 -63.39 22.11 84.43
C7 NLG F 1 -60.15 21.45 86.82
C8 NLG F 1 -60.12 21.46 88.34
O7 NLG F 1 -60.14 20.40 86.25
N2 NLG F 1 -60.19 22.68 86.07
N LEU F 2 -58.23 23.20 84.96
CA LEU F 2 -56.85 23.23 84.47
C LEU F 2 -56.09 22.00 84.90
N LYS F 3 -56.63 21.28 85.89
CA LYS F 3 -56.04 20.00 86.26
C LYS F 3 -56.16 19.00 85.11
N ALA F 4 -57.33 18.92 84.49
CA ALA F 4 -57.53 17.97 83.40
C ALA F 4 -56.64 18.29 82.22
N ILE F 5 -56.53 19.57 81.86
CA ILE F 5 -55.74 19.97 80.71
C ILE F 5 -54.27 19.61 80.93
N ALA F 6 -53.73 20.02 82.08
CA ALA F 6 -52.33 19.77 82.37
C ALA F 6 -52.05 18.28 82.46
N GLN F 7 -52.98 17.52 83.06
CA GLN F 7 -52.78 16.08 83.14
C GLN F 7 -52.85 15.44 81.77
N GLU F 8 -53.67 15.97 80.87
CA GLU F 8 -53.93 15.28 79.61
C GLU F 8 -52.82 15.56 78.60
N PHE F 9 -52.27 16.77 78.62
CA PHE F 9 -51.12 17.03 77.78
C PHE F 9 -49.93 16.13 78.12
N LYS F 10 -49.84 15.67 79.37
CA LYS F 10 -48.84 14.66 79.69
C LYS F 10 -49.06 13.39 78.89
N ALA F 11 -50.32 12.96 78.78
CA ALA F 11 -50.61 11.77 77.97
C ALA F 11 -50.23 12.01 76.52
N ILE F 12 -50.55 13.20 76.00
CA ILE F 12 -50.19 13.50 74.60
C ILE F 12 -48.69 13.41 74.39
N ALA F 13 -47.93 14.03 75.28
CA ALA F 13 -46.47 13.99 75.17
C ALA F 13 -45.96 12.57 75.26
N LYS F 14 -46.62 11.73 76.06
CA LYS F 14 -46.23 10.33 76.10
C LYS F 14 -46.48 9.64 74.77
N LYS F 15 -47.63 9.90 74.13
CA LYS F 15 -47.93 9.22 72.87
C LYS F 15 -46.93 9.61 71.78
N PHE F 16 -46.56 10.89 71.74
CA PHE F 16 -45.65 11.30 70.66
C PHE F 16 -44.30 10.61 70.75
N LYS F 17 -43.81 10.35 71.96
CA LYS F 17 -42.53 9.64 72.09
C LYS F 17 -42.62 8.25 71.49
N ALA F 18 -43.72 7.54 71.76
CA ALA F 18 -43.90 6.23 71.17
C ALA F 18 -43.94 6.32 69.66
N ILE F 19 -44.63 7.33 69.12
CA ILE F 19 -44.67 7.51 67.67
C ILE F 19 -43.26 7.69 67.12
N ALA F 20 -42.46 8.50 67.79
CA ALA F 20 -41.09 8.77 67.33
C ALA F 20 -40.27 7.49 67.30
N PHI F 21 -40.35 6.74 68.38
CA PHI F 21 -39.52 5.54 68.47
CB PHI F 21 -39.48 4.90 69.87
CG PHI F 21 -38.52 5.67 70.71
CD1 PHI F 21 -38.61 5.66 72.10
CD2 PHI F 21 -37.54 6.45 70.09
CE1 PHI F 21 -37.70 6.39 72.87
CE2 PHI F 21 -36.64 7.19 70.85
CZ PHI F 21 -36.72 7.16 72.25
I PHI F 21 -35.42 8.23 73.35
C PHI F 21 -39.98 4.49 67.50
O PHI F 21 -39.25 3.62 67.04
N GLU F 22 -41.26 4.56 67.14
CA GLU F 22 -41.80 3.64 66.15
C GLU F 22 -41.30 3.99 64.76
N PHE F 23 -41.28 5.28 64.43
CA PHE F 23 -40.72 5.69 63.15
C PHE F 23 -39.25 5.34 63.06
N LYS F 24 -38.52 5.45 64.16
CA LYS F 24 -37.10 5.12 64.14
C LYS F 24 -36.90 3.67 63.72
N ALA F 25 -37.77 2.77 64.20
CA ALA F 25 -37.71 1.36 63.83
C ALA F 25 -37.90 1.19 62.32
N ILE F 26 -38.85 1.93 61.74
CA ILE F 26 -39.03 1.90 60.30
C ILE F 26 -37.79 2.41 59.59
N ALA F 27 -37.10 3.39 60.17
CA ALA F 27 -35.91 3.94 59.53
C ALA F 27 -34.80 2.91 59.38
N GLN F 28 -34.88 1.81 60.12
CA GLN F 28 -33.84 0.79 60.06
C GLN F 28 -34.28 -0.37 59.19
N LYS F 29 -35.26 -1.13 59.66
CA LYS F 29 -35.76 -2.27 58.92
C LYS F 29 -36.52 -1.82 57.69
N NH2 F 30 -36.76 -2.76 56.60
CA NLG G 1 -50.78 -22.19 -52.16
C NLG G 1 -52.10 -21.46 -52.39
O NLG G 1 -52.65 -20.83 -51.45
CB NLG G 1 -49.64 -21.35 -52.72
CG NLG G 1 -48.34 -21.73 -52.01
CD NLG G 1 -47.73 -22.98 -52.65
OE1 NLG G 1 -48.30 -23.52 -53.64
OE2 NLG G 1 -46.68 -23.47 -52.19
C7 NLG G 1 -51.05 -24.68 -52.05
C8 NLG G 1 -51.06 -26.04 -52.75
O7 NLG G 1 -51.25 -24.60 -50.88
N2 NLG G 1 -50.80 -23.48 -52.82
N LEU G 2 -52.50 -22.26 -53.51
CA LEU G 2 -53.41 -21.26 -54.07
C LEU G 2 -54.79 -21.40 -53.45
N LYS G 3 -55.16 -22.64 -53.12
CA LYS G 3 -56.42 -22.88 -52.42
C LYS G 3 -56.43 -22.17 -51.07
N ALA G 4 -55.29 -22.16 -50.39
CA ALA G 4 -55.19 -21.45 -49.12
C ALA G 4 -55.49 -19.97 -49.32
N ILE G 5 -55.00 -19.39 -50.40
CA ILE G 5 -55.30 -17.99 -50.69
C ILE G 5 -56.80 -17.80 -50.87
N ALA G 6 -57.43 -18.72 -51.60
CA ALA G 6 -58.87 -18.59 -51.87
C ALA G 6 -59.68 -18.66 -50.58
N GLN G 7 -59.40 -19.65 -49.73
CA GLN G 7 -60.16 -19.76 -48.48
C GLN G 7 -59.83 -18.60 -47.55
N GLU G 8 -58.60 -18.10 -47.58
CA GLU G 8 -58.23 -16.97 -46.75
C GLU G 8 -59.02 -15.73 -47.16
N PHE G 9 -59.14 -15.50 -48.47
CA PHE G 9 -59.93 -14.38 -48.96
C PHE G 9 -61.40 -14.56 -48.64
N LYS G 10 -61.90 -15.80 -48.72
CA LYS G 10 -63.28 -16.05 -48.32
C LYS G 10 -63.51 -15.70 -46.86
N ALA G 11 -62.56 -16.09 -45.99
CA ALA G 11 -62.68 -15.77 -44.57
C ALA G 11 -62.68 -14.27 -44.34
N ILE G 12 -61.76 -13.54 -44.99
CA ILE G 12 -61.71 -12.10 -44.77
C ILE G 12 -62.95 -11.42 -45.33
N ALA G 13 -63.51 -11.97 -46.42
CA ALA G 13 -64.76 -11.44 -46.95
C ALA G 13 -65.90 -11.64 -45.96
N LYS G 14 -65.95 -12.81 -45.32
CA LYS G 14 -66.97 -13.04 -44.30
C LYS G 14 -66.80 -12.08 -43.13
N LYS G 15 -65.55 -11.84 -42.73
CA LYS G 15 -65.30 -10.88 -41.66
C LYS G 15 -65.77 -9.48 -42.04
N PHE G 16 -65.48 -9.07 -43.28
CA PHE G 16 -65.95 -7.78 -43.77
C PHE G 16 -67.46 -7.70 -43.78
N LYS G 17 -68.13 -8.80 -44.16
CA LYS G 17 -69.58 -8.83 -44.14
C LYS G 17 -70.11 -8.65 -42.73
N ALA G 18 -69.48 -9.29 -41.75
CA ALA G 18 -69.86 -9.08 -40.36
C ALA G 18 -69.66 -7.63 -39.95
N ILE G 19 -68.56 -7.02 -40.37
CA ILE G 19 -68.30 -5.61 -40.07
C ILE G 19 -69.42 -4.75 -40.64
N ALA G 20 -69.81 -5.02 -41.88
CA ALA G 20 -70.89 -4.28 -42.53
C ALA G 20 -72.18 -4.43 -41.75
N PHI G 21 -72.47 -5.65 -41.31
CA PHI G 21 -73.69 -5.92 -40.60
CB PHI G 21 -73.91 -7.42 -40.28
CG PHI G 21 -74.27 -8.14 -41.52
CD1 PHI G 21 -73.93 -9.49 -41.70
CD2 PHI G 21 -74.96 -7.47 -42.54
CE1 PHI G 21 -74.27 -10.16 -42.88
CE2 PHI G 21 -75.30 -8.15 -43.72
CZ PHI G 21 -74.95 -9.49 -43.89
I PHI G 21 -75.45 -10.45 -45.59
C PHI G 21 -73.77 -5.16 -39.29
O PHI G 21 -74.78 -4.59 -38.88
N GLU G 22 -72.64 -5.14 -38.59
CA GLU G 22 -72.62 -4.47 -37.29
C GLU G 22 -72.60 -2.95 -37.40
N PHE G 23 -71.95 -2.41 -38.45
CA PHE G 23 -72.13 -0.98 -38.71
C PHE G 23 -73.58 -0.65 -39.06
N LYS G 24 -74.25 -1.54 -39.79
CA LYS G 24 -75.67 -1.34 -40.05
C LYS G 24 -76.45 -1.33 -38.75
N ALA G 25 -76.13 -2.24 -37.83
CA ALA G 25 -76.82 -2.29 -36.54
C ALA G 25 -76.59 -1.02 -35.73
N ILE G 26 -75.34 -0.54 -35.69
CA ILE G 26 -75.04 0.66 -34.92
C ILE G 26 -75.53 1.92 -35.61
N ALA G 27 -75.83 1.86 -36.91
CA ALA G 27 -76.29 3.04 -37.64
C ALA G 27 -77.64 3.51 -37.13
N GLN G 28 -78.56 2.58 -36.89
CA GLN G 28 -79.88 2.94 -36.37
C GLN G 28 -79.78 3.22 -34.87
N LYS G 29 -78.72 2.70 -34.25
CA LYS G 29 -78.50 2.90 -32.83
C LYS G 29 -77.33 3.86 -32.63
N NH2 G 30 -77.48 5.26 -32.99
CA NLG H 1 -73.31 8.51 -41.63
C NLG H 1 -72.98 7.11 -42.12
O NLG H 1 -72.97 6.84 -43.35
CB NLG H 1 -72.40 8.88 -40.47
CG NLG H 1 -71.49 10.03 -40.88
CD NLG H 1 -72.34 11.17 -41.44
OE1 NLG H 1 -73.13 11.79 -40.69
OE2 NLG H 1 -72.25 11.47 -42.66
C7 NLG H 1 -75.76 8.44 -42.18
C8 NLG H 1 -77.22 8.48 -41.72
O7 NLG H 1 -75.50 8.32 -43.33
N2 NLG H 1 -74.70 8.55 -41.20
N LEU H 2 -73.67 6.55 -41.00
CA LEU H 2 -73.05 5.26 -40.77
C LEU H 2 -73.50 4.23 -41.80
N LYS H 3 -74.63 4.51 -42.45
CA LYS H 3 -75.19 3.58 -43.42
C LYS H 3 -74.25 3.39 -44.60
N ALA H 4 -73.67 4.49 -45.10
CA ALA H 4 -72.80 4.40 -46.27
C ALA H 4 -71.57 3.55 -46.00
N ILE H 5 -70.99 3.69 -44.81
CA ILE H 5 -69.81 2.91 -44.45
C ILE H 5 -70.14 1.42 -44.45
N ALA H 6 -71.27 1.05 -43.82
CA ALA H 6 -71.68 -0.34 -43.78
C ALA H 6 -71.94 -0.87 -45.19
N GLN H 7 -72.62 -0.09 -46.01
CA GLN H 7 -72.90 -0.52 -47.38
C GLN H 7 -71.61 -0.71 -48.16
N GLU H 8 -70.64 0.20 -47.97
CA GLU H 8 -69.39 0.11 -48.71
C GLU H 8 -68.60 -1.13 -48.31
N PHE H 9 -68.52 -1.43 -47.01
CA PHE H 9 -67.87 -2.67 -46.61
C PHE H 9 -68.64 -3.91 -47.05
N LYS H 10 -69.96 -3.83 -47.13
CA LYS H 10 -70.72 -4.94 -47.71
C LYS H 10 -70.30 -5.17 -49.16
N ALA H 11 -70.18 -4.10 -49.93
CA ALA H 11 -69.69 -4.21 -51.30
C ALA H 11 -68.28 -4.78 -51.34
N ILE H 12 -67.42 -4.33 -50.43
CA ILE H 12 -66.04 -4.82 -50.39
C ILE H 12 -66.02 -6.31 -50.12
N ALA H 13 -66.86 -6.77 -49.19
CA ALA H 13 -66.95 -8.20 -48.92
C ALA H 13 -67.41 -8.96 -50.16
N LYS H 14 -68.37 -8.41 -50.89
CA LYS H 14 -68.79 -9.07 -52.13
C LYS H 14 -67.65 -9.16 -53.13
N LYS H 15 -66.89 -8.08 -53.32
CA LYS H 15 -65.80 -8.09 -54.29
C LYS H 15 -64.70 -9.06 -53.88
N PHE H 16 -64.36 -9.09 -52.58
CA PHE H 16 -63.37 -10.05 -52.12
C PHE H 16 -63.84 -11.48 -52.28
N LYS H 17 -65.14 -11.74 -52.06
CA LYS H 17 -65.67 -13.07 -52.34
C LYS H 17 -65.50 -13.43 -53.80
N ALA H 18 -65.75 -12.47 -54.70
CA ALA H 18 -65.55 -12.70 -56.12
C ALA H 18 -64.09 -13.02 -56.42
N ILE H 19 -63.16 -12.26 -55.80
CA ILE H 19 -61.74 -12.49 -56.03
C ILE H 19 -61.34 -13.89 -55.54
N ALA H 20 -61.87 -14.29 -54.40
CA ALA H 20 -61.59 -15.61 -53.85
C ALA H 20 -62.07 -16.69 -54.79
N PHI H 21 -63.26 -16.49 -55.35
CA PHI H 21 -63.83 -17.43 -56.27
CB PHI H 21 -65.27 -17.09 -56.73
CG PHI H 21 -65.78 -18.11 -57.68
CD1 PHI H 21 -65.91 -17.83 -59.04
CD2 PHI H 21 -66.12 -19.38 -57.20
CE1 PHI H 21 -66.38 -18.80 -59.92
CE2 PHI H 21 -66.60 -20.35 -58.08
CZ PHI H 21 -66.72 -20.07 -59.44
I PHI H 21 -67.41 -21.48 -60.71
C PHI H 21 -62.97 -17.53 -57.53
O PHI H 21 -62.79 -18.56 -58.16
N GLU H 22 -62.42 -16.37 -57.88
CA GLU H 22 -61.59 -16.27 -59.08
C GLU H 22 -60.27 -17.03 -58.93
N PHE H 23 -59.60 -16.81 -57.81
CA PHE H 23 -58.31 -17.47 -57.58
C PHE H 23 -58.41 -18.99 -57.67
N LYS H 24 -59.56 -19.57 -57.30
CA LYS H 24 -59.70 -21.01 -57.41
C LYS H 24 -59.60 -21.47 -58.86
N ALA H 25 -60.13 -20.69 -59.80
CA ALA H 25 -60.05 -21.05 -61.21
C ALA H 25 -58.60 -21.15 -61.67
N ILE H 26 -57.76 -20.18 -61.27
CA ILE H 26 -56.34 -20.27 -61.57
C ILE H 26 -55.71 -21.45 -60.86
N ALA H 27 -56.13 -21.70 -59.61
CA ALA H 27 -55.64 -22.86 -58.88
C ALA H 27 -56.03 -24.16 -59.56
N GLN H 28 -57.26 -24.27 -60.03
CA GLN H 28 -57.73 -25.46 -60.72
C GLN H 28 -57.02 -25.60 -62.05
N LYS H 29 -56.88 -24.49 -62.76
CA LYS H 29 -56.20 -24.47 -64.04
C LYS H 29 -54.76 -24.00 -63.83
N NH2 H 30 -54.21 -22.98 -64.71
CA NLG I 1 -57.95 -13.85 -65.27
C NLG I 1 -57.35 -12.81 -64.32
O NLG I 1 -57.96 -12.51 -63.27
CB NLG I 1 -57.13 -15.13 -65.21
CG NLG I 1 -58.07 -16.34 -65.28
CD NLG I 1 -58.66 -16.44 -66.68
OE1 NLG I 1 -59.82 -16.00 -66.91
OE2 NLG I 1 -57.99 -16.97 -67.61
C7 NLG I 1 -58.73 -12.19 -67.01
C8 NLG I 1 -58.71 -11.70 -68.46
O7 NLG I 1 -59.39 -11.63 -66.20
N2 NLG I 1 -57.94 -13.35 -66.63
N LEU I 2 -56.27 -12.58 -65.23
CA LEU I 2 -55.72 -11.74 -64.17
C LEU I 2 -56.22 -10.31 -64.29
N LYS I 3 -56.76 -9.96 -65.47
CA LYS I 3 -57.35 -8.64 -65.65
C LYS I 3 -58.49 -8.41 -64.68
N ALA I 4 -59.31 -9.43 -64.45
CA ALA I 4 -60.39 -9.31 -63.48
C ALA I 4 -59.86 -8.92 -62.11
N ILE I 5 -58.72 -9.50 -61.71
CA ILE I 5 -58.11 -9.16 -60.44
C ILE I 5 -57.70 -7.69 -60.43
N ALA I 6 -57.12 -7.22 -61.55
CA ALA I 6 -56.69 -5.84 -61.62
C ALA I 6 -57.86 -4.87 -61.46
N GLN I 7 -58.97 -5.13 -62.17
CA GLN I 7 -60.12 -4.25 -62.02
C GLN I 7 -60.74 -4.35 -60.62
N GLU I 8 -60.78 -5.56 -60.05
CA GLU I 8 -61.34 -5.71 -58.71
C GLU I 8 -60.54 -4.90 -57.69
N PHE I 9 -59.21 -4.99 -57.74
CA PHE I 9 -58.40 -4.25 -56.78
C PHE I 9 -58.48 -2.74 -57.01
N LYS I 10 -58.58 -2.29 -58.26
CA LYS I 10 -58.78 -0.86 -58.50
C LYS I 10 -60.10 -0.39 -57.90
N ALA I 11 -61.16 -1.19 -58.07
CA ALA I 11 -62.45 -0.85 -57.46
C ALA I 11 -62.34 -0.82 -55.94
N ILE I 12 -61.62 -1.78 -55.36
CA ILE I 12 -61.44 -1.79 -53.91
C ILE I 12 -60.71 -0.53 -53.46
N ALA I 13 -59.70 -0.11 -54.22
CA ALA I 13 -58.97 1.10 -53.87
C ALA I 13 -59.87 2.33 -53.91
N LYS I 14 -60.71 2.44 -54.95
CA LYS I 14 -61.62 3.56 -55.03
C LYS I 14 -62.61 3.55 -53.86
N LYS I 15 -63.13 2.38 -53.53
CA LYS I 15 -64.07 2.29 -52.40
C LYS I 15 -63.40 2.65 -51.09
N PHE I 16 -62.13 2.25 -50.91
CA PHE I 16 -61.41 2.62 -49.70
C PHE I 16 -61.15 4.12 -49.64
N LYS I 17 -60.86 4.75 -50.79
CA LYS I 17 -60.74 6.20 -50.81
C LYS I 17 -62.06 6.85 -50.39
N ALA I 18 -63.18 6.30 -50.88
CA ALA I 18 -64.48 6.82 -50.45
C ALA I 18 -64.69 6.65 -48.95
N ILE I 19 -64.28 5.51 -48.40
CA ILE I 19 -64.39 5.28 -46.97
C ILE I 19 -63.58 6.31 -46.20
N ALA I 20 -62.37 6.59 -46.66
CA ALA I 20 -61.52 7.59 -46.02
C ALA I 20 -62.19 8.96 -46.07
N PHI I 21 -62.79 9.26 -47.21
CA PHI I 21 -63.48 10.51 -47.40
CB PHI I 21 -64.12 10.67 -48.79
CG PHI I 21 -63.33 11.58 -49.66
CD1 PHI I 21 -62.55 11.06 -50.70
CD2 PHI I 21 -63.37 12.96 -49.47
CE1 PHI I 21 -61.80 11.92 -51.52
CE2 PHI I 21 -62.62 13.82 -50.28
CZ PHI I 21 -61.85 13.29 -51.31
I PHI I 21 -60.77 14.52 -52.50
C PHI I 21 -64.60 10.68 -46.38
O PHI I 21 -64.79 11.70 -45.72
N GLU I 22 -65.38 9.61 -46.24
CA GLU I 22 -66.53 9.61 -45.35
C GLU I 22 -66.12 9.70 -43.89
N PHE I 23 -65.02 9.00 -43.55
CA PHE I 23 -64.50 9.11 -42.20
C PHE I 23 -63.95 10.48 -41.90
N LYS I 24 -63.42 11.17 -42.91
CA LYS I 24 -63.04 12.57 -42.73
C LYS I 24 -64.25 13.41 -42.36
N ALA I 25 -65.38 13.18 -43.02
CA ALA I 25 -66.58 13.95 -42.73
C ALA I 25 -67.11 13.65 -41.34
N ILE I 26 -67.16 12.36 -40.98
CA ILE I 26 -67.69 12.01 -39.65
C ILE I 26 -66.70 12.43 -38.56
N ALA I 27 -65.43 12.64 -38.91
CA ALA I 27 -64.45 13.08 -37.93
C ALA I 27 -64.81 14.45 -37.37
N GLN I 28 -65.25 15.36 -38.23
CA GLN I 28 -65.60 16.71 -37.79
C GLN I 28 -66.91 16.70 -37.02
N LYS I 29 -67.98 16.26 -37.68
CA LYS I 29 -69.29 16.22 -37.06
C LYS I 29 -69.54 14.84 -36.46
N NH2 I 30 -69.75 14.70 -35.03
CA NLG J 1 -58.93 10.31 -33.77
C NLG J 1 -59.42 9.63 -35.05
O NLG J 1 -58.71 8.73 -35.59
CB NLG J 1 -60.04 10.27 -32.72
CG NLG J 1 -59.44 9.83 -31.38
CD NLG J 1 -58.15 10.58 -31.12
OE1 NLG J 1 -58.18 11.82 -30.90
OE2 NLG J 1 -57.05 9.97 -31.12
C7 NLG J 1 -57.44 12.00 -34.90
C8 NLG J 1 -57.07 13.46 -35.18
O7 NLG J 1 -56.80 11.13 -35.38
N2 NLG J 1 -58.58 11.69 -34.05
N LEU J 2 -60.25 10.77 -35.24
CA LEU J 2 -60.85 10.00 -36.29
C LEU J 2 -60.19 10.31 -37.63
N LYS J 3 -59.46 11.43 -37.67
CA LYS J 3 -58.76 11.82 -38.89
C LYS J 3 -57.69 10.82 -39.26
N ALA J 4 -56.95 10.31 -38.28
CA ALA J 4 -55.91 9.33 -38.56
C ALA J 4 -56.49 8.06 -39.15
N ILE J 5 -57.67 7.63 -38.66
CA ILE J 5 -58.29 6.43 -39.22
C ILE J 5 -58.46 6.58 -40.72
N ALA J 6 -59.01 7.72 -41.15
CA ALA J 6 -59.12 8.00 -42.57
C ALA J 6 -57.75 8.11 -43.23
N GLN J 7 -56.74 8.54 -42.47
CA GLN J 7 -55.40 8.67 -43.05
C GLN J 7 -54.84 7.32 -43.48
N GLU J 8 -54.83 6.34 -42.58
CA GLU J 8 -54.40 5.02 -43.02
C GLU J 8 -55.41 4.37 -43.97
N PHE J 9 -56.68 4.79 -43.93
CA PHE J 9 -57.60 4.27 -44.94
C PHE J 9 -57.21 4.70 -46.35
N LYS J 10 -56.94 6.00 -46.54
CA LYS J 10 -56.54 6.46 -47.87
C LYS J 10 -55.17 5.91 -48.24
N ALA J 11 -54.29 5.74 -47.25
CA ALA J 11 -53.01 5.10 -47.52
C ALA J 11 -53.20 3.68 -48.03
N ILE J 12 -54.10 2.92 -47.40
CA ILE J 12 -54.38 1.56 -47.85
C ILE J 12 -55.00 1.59 -49.25
N ALA J 13 -55.84 2.59 -49.53
CA ALA J 13 -56.39 2.71 -50.87
C ALA J 13 -55.30 2.92 -51.91
N LYS J 14 -54.33 3.78 -51.61
CA LYS J 14 -53.22 3.99 -52.51
C LYS J 14 -52.42 2.71 -52.70
N LYS J 15 -52.19 1.98 -51.61
CA LYS J 15 -51.43 0.74 -51.69
C LYS J 15 -52.15 -0.28 -52.56
N PHE J 16 -53.47 -0.39 -52.41
CA PHE J 16 -54.26 -1.30 -53.23
C PHE J 16 -54.22 -0.90 -54.69
N LYS J 17 -54.26 0.39 -54.99
CA LYS J 17 -54.12 0.85 -56.37
C LYS J 17 -52.76 0.42 -56.93
N ALA J 18 -51.71 0.58 -56.12
CA ALA J 18 -50.39 0.14 -56.56
C ALA J 18 -50.39 -1.36 -56.85
N ILE J 19 -51.01 -2.15 -55.98
CA ILE J 19 -51.03 -3.60 -56.17
C ILE J 19 -51.76 -3.96 -57.46
N ALA J 20 -52.88 -3.28 -57.71
CA ALA J 20 -53.62 -3.46 -58.96
C ALA J 20 -52.72 -3.11 -60.13
N PHI J 21 -51.81 -2.18 -59.91
CA PHI J 21 -50.84 -1.83 -60.93
CB PHI J 21 -49.95 -0.62 -60.58
CG PHI J 21 -48.82 -0.47 -61.54
CD1 PHI J 21 -49.07 -0.10 -62.87
CD2 PHI J 21 -47.50 -0.70 -61.13
CE1 PHI J 21 -48.01 0.04 -63.76
CE2 PHI J 21 -46.45 -0.55 -62.03
CZ PHI J 21 -46.70 -0.19 -63.35
I PHI J 21 -45.18 0.02 -64.67
C PHI J 21 -49.93 -3.01 -61.23
O PHI J 21 -49.72 -3.38 -62.39
N GLU J 22 -49.37 -3.62 -60.18
CA GLU J 22 -48.47 -4.75 -60.47
C GLU J 22 -49.20 -5.94 -61.08
N PHE J 23 -50.48 -6.14 -60.75
CA PHE J 23 -51.21 -7.17 -61.50
C PHE J 23 -51.33 -6.85 -62.97
N LYS J 24 -51.52 -5.58 -63.35
CA LYS J 24 -51.53 -5.23 -64.77
C LYS J 24 -50.19 -5.60 -65.41
N ALA J 25 -49.09 -5.33 -64.72
CA ALA J 25 -47.78 -5.65 -65.26
C ALA J 25 -47.58 -7.16 -65.41
N ILE J 26 -47.86 -7.91 -64.35
CA ILE J 26 -47.57 -9.34 -64.37
C ILE J 26 -48.49 -10.07 -65.33
N ALA J 27 -49.73 -9.63 -65.46
CA ALA J 27 -50.66 -10.29 -66.37
C ALA J 27 -50.27 -10.10 -67.82
N GLN J 28 -49.76 -8.93 -68.18
CA GLN J 28 -49.34 -8.67 -69.56
C GLN J 28 -48.10 -9.50 -69.87
N LYS J 29 -47.25 -9.69 -68.87
CA LYS J 29 -46.03 -10.45 -69.05
C LYS J 29 -45.74 -11.29 -67.79
N NH2 J 30 -46.05 -12.70 -67.77
CA NLG K 1 -42.93 -9.26 -59.30
C NLG K 1 -43.81 -8.90 -58.11
O NLG K 1 -43.29 -8.32 -57.11
CB NLG K 1 -43.79 -9.79 -60.44
CG NLG K 1 -44.21 -8.63 -61.35
CD NLG K 1 -42.97 -8.10 -62.07
OE1 NLG K 1 -42.41 -7.04 -61.66
OE2 NLG K 1 -42.51 -8.71 -63.07
C7 NLG K 1 -40.76 -9.85 -58.21
C8 NLG K 1 -39.73 -10.91 -57.79
O7 NLG K 1 -40.56 -8.71 -57.99
N2 NLG K 1 -41.97 -10.27 -58.89
N LEU K 2 -44.16 -10.28 -57.94
CA LEU K 2 -44.64 -11.15 -56.88
C LEU K 2 -44.10 -10.71 -55.53
N LYS K 3 -42.79 -10.45 -55.49
CA LYS K 3 -42.16 -10.02 -54.24
C LYS K 3 -42.75 -8.70 -53.75
N ALA K 4 -42.99 -7.77 -54.68
CA ALA K 4 -43.54 -6.48 -54.30
C ALA K 4 -44.91 -6.64 -53.67
N ILE K 5 -45.76 -7.51 -54.23
CA ILE K 5 -47.09 -7.73 -53.68
C ILE K 5 -47.00 -8.30 -52.28
N ALA K 6 -46.11 -9.28 -52.09
CA ALA K 6 -45.98 -9.92 -50.79
C ALA K 6 -45.49 -8.93 -49.73
N GLN K 7 -44.44 -8.17 -50.03
CA GLN K 7 -43.97 -7.20 -49.06
C GLN K 7 -45.00 -6.10 -48.84
N GLU K 8 -45.81 -5.79 -49.85
CA GLU K 8 -46.85 -4.78 -49.72
C GLU K 8 -47.91 -5.24 -48.74
N PHE K 9 -48.29 -6.51 -48.82
CA PHE K 9 -49.31 -7.05 -47.94
C PHE K 9 -48.89 -7.00 -46.48
N LYS K 10 -47.58 -7.13 -46.20
CA LYS K 10 -47.13 -7.02 -44.82
C LYS K 10 -47.37 -5.61 -44.27
N ALA K 11 -47.07 -4.59 -45.08
CA ALA K 11 -47.36 -3.22 -44.67
C ALA K 11 -48.86 -3.01 -44.50
N ILE K 12 -49.66 -3.62 -45.36
CA ILE K 12 -51.11 -3.52 -45.22
C ILE K 12 -51.57 -4.12 -43.90
N ALA K 13 -51.03 -5.29 -43.55
CA ALA K 13 -51.38 -5.92 -42.29
C ALA K 13 -50.95 -5.05 -41.11
N LYS K 14 -49.78 -4.44 -41.21
CA LYS K 14 -49.32 -3.54 -40.15
C LYS K 14 -50.28 -2.36 -40.01
N LYS K 15 -50.74 -1.81 -41.13
CA LYS K 15 -51.70 -0.71 -41.07
C LYS K 15 -52.99 -1.15 -40.40
N PHE K 16 -53.49 -2.34 -40.73
CA PHE K 16 -54.70 -2.83 -40.10
C PHE K 16 -54.51 -3.01 -38.59
N LYS K 17 -53.31 -3.45 -38.18
CA LYS K 17 -53.02 -3.53 -36.76
C LYS K 17 -53.17 -2.17 -36.08
N ALA K 18 -52.61 -1.12 -36.68
CA ALA K 18 -52.75 0.21 -36.11
C ALA K 18 -54.21 0.65 -36.07
N ILE K 19 -54.95 0.37 -37.14
CA ILE K 19 -56.36 0.76 -37.18
C ILE K 19 -57.13 0.09 -36.03
N ALA K 20 -56.91 -1.20 -35.83
CA ALA K 20 -57.56 -1.90 -34.74
C ALA K 20 -57.11 -1.33 -33.41
N PHI K 21 -55.88 -0.83 -33.37
CA PHI K 21 -55.35 -0.25 -32.16
CB PHI K 21 -53.86 0.15 -32.24
CG PHI K 21 -53.07 -0.71 -31.32
CD1 PHI K 21 -52.29 -1.76 -31.82
CD2 PHI K 21 -53.11 -0.49 -29.94
CE1 PHI K 21 -51.55 -2.56 -30.96
CE2 PHI K 21 -52.37 -1.30 -29.07
CZ PHI K 21 -51.59 -2.33 -29.58
I PHI K 21 -50.53 -3.52 -28.33
C PHI K 21 -56.12 1.01 -31.77
O PHI K 21 -56.54 1.19 -30.63
N GLU K 22 -56.30 1.89 -32.74
CA GLU K 22 -57.03 3.13 -32.43
C GLU K 22 -58.51 2.81 -32.20
N PHE K 23 -58.98 1.72 -32.81
CA PHE K 23 -60.35 1.29 -32.52
C PHE K 23 -60.51 0.86 -31.07
N LYS K 24 -59.44 0.35 -30.45
CA LYS K 24 -59.49 0.07 -29.02
C LYS K 24 -59.66 1.36 -28.22
N ALA K 25 -58.91 2.40 -28.57
CA ALA K 25 -59.02 3.67 -27.86
C ALA K 25 -60.39 4.29 -28.04
N ILE K 26 -60.93 4.23 -29.26
CA ILE K 26 -62.29 4.70 -29.51
C ILE K 26 -63.28 3.88 -28.70
N ALA K 27 -63.02 2.58 -28.58
CA ALA K 27 -63.90 1.71 -27.81
C ALA K 27 -63.94 2.13 -26.34
N GLN K 28 -62.79 2.47 -25.78
CA GLN K 28 -62.72 2.90 -24.39
C GLN K 28 -63.36 4.27 -24.23
N LYS K 29 -62.65 5.29 -24.71
CA LYS K 29 -63.14 6.66 -24.62
C LYS K 29 -63.91 7.02 -25.88
N NH2 K 30 -65.23 7.62 -25.80
CA NLG L 1 -69.53 -2.79 -30.53
C NLG L 1 -68.08 -2.81 -31.05
O NLG L 1 -67.63 -3.86 -31.58
CB NLG L 1 -70.16 -1.44 -30.85
CG NLG L 1 -71.59 -1.65 -31.34
CD NLG L 1 -72.40 -2.32 -30.24
OE1 NLG L 1 -72.77 -1.66 -29.23
OE2 NLG L 1 -72.72 -3.54 -30.34
C7 NLG L 1 -69.10 -4.28 -28.54
C8 NLG L 1 -69.12 -4.49 -27.02
O7 NLG L 1 -68.71 -5.16 -29.25
N2 NLG L 1 -69.54 -3.02 -29.10
N LEU L 2 -67.77 -1.92 -29.98
CA LEU L 2 -66.53 -1.46 -30.59
C LEU L 2 -65.38 -2.38 -30.20
N LYS L 3 -65.55 -3.10 -29.09
CA LYS L 3 -64.56 -4.10 -28.70
C LYS L 3 -64.43 -5.19 -29.78
N ALA L 4 -65.57 -5.68 -30.26
CA ALA L 4 -65.56 -6.77 -31.23
C ALA L 4 -64.89 -6.36 -32.52
N ILE L 5 -64.99 -5.09 -32.90
CA ILE L 5 -64.44 -4.64 -34.17
C ILE L 5 -62.92 -4.56 -34.09
N ALA L 6 -62.40 -4.02 -32.99
CA ALA L 6 -60.96 -4.02 -32.78
C ALA L 6 -60.43 -5.44 -32.69
N GLN L 7 -61.20 -6.34 -32.06
CA GLN L 7 -60.83 -7.76 -32.06
C GLN L 7 -60.81 -8.34 -33.46
N GLU L 8 -61.79 -7.98 -34.28
CA GLU L 8 -61.92 -8.57 -35.61
C GLU L 8 -60.80 -8.09 -36.53
N PHE L 9 -60.38 -6.83 -36.39
CA PHE L 9 -59.29 -6.34 -37.22
C PHE L 9 -57.95 -6.93 -36.83
N LYS L 10 -57.78 -7.35 -35.57
CA LYS L 10 -56.64 -8.22 -35.24
C LYS L 10 -56.63 -9.45 -36.14
N ALA L 11 -57.76 -10.13 -36.25
CA ALA L 11 -57.84 -11.32 -37.09
C ALA L 11 -57.56 -10.96 -38.54
N ILE L 12 -58.11 -9.83 -39.01
CA ILE L 12 -57.91 -9.43 -40.40
C ILE L 12 -56.43 -9.19 -40.70
N ALA L 13 -55.76 -8.48 -39.80
CA ALA L 13 -54.32 -8.25 -39.97
C ALA L 13 -53.55 -9.57 -39.96
N LYS L 14 -53.96 -10.50 -39.10
CA LYS L 14 -53.32 -11.81 -39.10
C LYS L 14 -53.52 -12.53 -40.42
N LYS L 15 -54.72 -12.47 -40.99
CA LYS L 15 -54.95 -13.11 -42.28
C LYS L 15 -54.09 -12.48 -43.36
N PHE L 16 -53.95 -11.16 -43.33
CA PHE L 16 -53.09 -10.50 -44.31
C PHE L 16 -51.63 -10.89 -44.17
N LYS L 17 -51.16 -11.10 -42.94
CA LYS L 17 -49.78 -11.56 -42.75
C LYS L 17 -49.60 -12.94 -43.39
N ALA L 18 -50.56 -13.83 -43.19
CA ALA L 18 -50.48 -15.16 -43.81
C ALA L 18 -50.52 -15.04 -45.32
N ILE L 19 -51.34 -14.13 -45.85
CA ILE L 19 -51.38 -13.90 -47.29
C ILE L 19 -50.00 -13.48 -47.81
N ALA L 20 -49.37 -12.54 -47.13
CA ALA L 20 -48.05 -12.07 -47.52
C ALA L 20 -47.05 -13.21 -47.49
N PHI L 21 -47.13 -14.02 -46.45
CA PHI L 21 -46.15 -15.08 -46.26
CB PHI L 21 -46.22 -15.71 -44.86
CG PHI L 21 -45.41 -14.85 -43.95
CD1 PHI L 21 -45.96 -14.36 -42.76
CD2 PHI L 21 -44.10 -14.51 -44.30
CE1 PHI L 21 -45.19 -13.55 -41.92
CE2 PHI L 21 -43.34 -13.70 -43.46
CZ PHI L 21 -43.88 -13.22 -42.27
I PHI L 21 -42.77 -12.05 -41.05
C PHI L 21 -46.30 -16.20 -47.28
O PHI L 21 -45.34 -16.83 -47.71
N GLU L 22 -47.54 -16.47 -47.69
CA GLU L 22 -47.75 -17.51 -48.68
C GLU L 22 -47.43 -16.97 -50.07
N PHE L 23 -47.59 -15.66 -50.26
CA PHE L 23 -47.10 -15.05 -51.48
C PHE L 23 -45.57 -15.11 -51.55
N LYS L 24 -44.92 -15.04 -50.39
CA LYS L 24 -43.48 -15.26 -50.36
C LYS L 24 -43.12 -16.65 -50.87
N ALA L 25 -43.93 -17.65 -50.49
CA ALA L 25 -43.69 -19.03 -50.92
C ALA L 25 -43.75 -19.16 -52.43
N ILE L 26 -44.79 -18.61 -53.05
CA ILE L 26 -44.91 -18.70 -54.49
C ILE L 26 -43.89 -17.80 -55.18
N ALA L 27 -43.41 -16.76 -54.49
CA ALA L 27 -42.37 -15.92 -55.07
C ALA L 27 -41.07 -16.70 -55.26
N GLN L 28 -40.85 -17.72 -54.45
CA GLN L 28 -39.64 -18.53 -54.56
C GLN L 28 -39.88 -19.71 -55.49
N LYS L 29 -40.84 -20.56 -55.13
CA LYS L 29 -41.17 -21.72 -55.93
C LYS L 29 -42.28 -21.35 -56.93
N NH2 L 30 -42.09 -21.60 -58.34
CA NLG M 1 -2.45 -36.15 -8.84
C NLG M 1 -3.20 -35.38 -9.94
O NLG M 1 -4.44 -35.36 -9.93
CB NLG M 1 -1.30 -35.30 -8.30
CG NLG M 1 -0.86 -35.85 -6.94
CD NLG M 1 0.14 -36.99 -7.15
OE1 NLG M 1 0.56 -37.25 -8.30
OE2 NLG M 1 0.51 -37.68 -6.16
C7 NLG M 1 -2.81 -38.52 -9.56
C8 NLG M 1 -2.27 -39.82 -10.13
O7 NLG M 1 -3.95 -38.42 -9.26
N2 NLG M 1 -1.92 -37.39 -9.39
N LEU M 2 -2.28 -35.76 -10.98
CA LEU M 2 -2.55 -34.68 -11.92
C LEU M 2 -3.78 -35.00 -12.78
N LYS M 3 -3.94 -36.28 -13.11
CA LYS M 3 -5.10 -36.70 -13.89
C LYS M 3 -6.40 -36.36 -13.16
N ALA M 4 -6.43 -36.61 -11.85
CA ALA M 4 -7.59 -36.20 -11.06
C ALA M 4 -7.79 -34.70 -11.13
N ILE M 5 -6.70 -33.93 -11.08
CA ILE M 5 -6.79 -32.48 -11.19
C ILE M 5 -7.37 -32.08 -12.54
N ALA M 6 -6.90 -32.74 -13.61
CA ALA M 6 -7.37 -32.39 -14.95
C ALA M 6 -8.85 -32.69 -15.12
N GLN M 7 -9.28 -33.89 -14.76
CA GLN M 7 -10.70 -34.22 -14.84
C GLN M 7 -11.52 -33.34 -13.92
N GLU M 8 -10.95 -32.93 -12.79
CA GLU M 8 -11.66 -32.04 -11.89
C GLU M 8 -11.91 -30.70 -12.58
N PHE M 9 -10.85 -30.08 -13.10
CA PHE M 9 -10.99 -28.82 -13.82
C PHE M 9 -11.98 -28.95 -14.96
N LYS M 10 -12.00 -30.11 -15.63
CA LYS M 10 -12.99 -30.34 -16.67
C LYS M 10 -14.40 -30.31 -16.09
N ALA M 11 -14.58 -30.88 -14.90
CA ALA M 11 -15.89 -30.85 -14.26
C ALA M 11 -16.31 -29.43 -13.94
N ILE M 12 -15.41 -28.63 -13.36
CA ILE M 12 -15.74 -27.22 -13.11
C ILE M 12 -16.07 -26.50 -14.41
N ALA M 13 -15.34 -26.80 -15.48
CA ALA M 13 -15.64 -26.15 -16.76
C ALA M 13 -17.03 -26.51 -17.26
N LYS M 14 -17.41 -27.78 -17.15
CA LYS M 14 -18.74 -28.20 -17.57
C LYS M 14 -19.82 -27.53 -16.73
N LYS M 15 -19.60 -27.46 -15.41
CA LYS M 15 -20.57 -26.81 -14.55
C LYS M 15 -20.72 -25.34 -14.89
N PHE M 16 -19.61 -24.66 -15.17
CA PHE M 16 -19.69 -23.26 -15.55
C PHE M 16 -20.40 -23.08 -16.88
N LYS M 17 -20.18 -23.99 -17.83
CA LYS M 17 -20.91 -23.91 -19.09
C LYS M 17 -22.41 -24.06 -18.86
N ALA M 18 -22.79 -25.00 -18.00
CA ALA M 18 -24.21 -25.17 -17.67
C ALA M 18 -24.79 -23.91 -17.03
N ILE M 19 -24.04 -23.31 -16.12
CA ILE M 19 -24.49 -22.09 -15.46
C ILE M 19 -24.62 -20.96 -16.47
N ALA M 20 -23.70 -20.88 -17.42
CA ALA M 20 -23.76 -19.91 -18.49
C ALA M 20 -25.05 -20.07 -19.27
N PHI M 21 -25.36 -21.32 -19.62
CA PHI M 21 -26.57 -21.60 -20.36
CB PHI M 21 -26.72 -23.07 -20.79
CG PHI M 21 -25.77 -23.41 -21.88
CD1 PHI M 21 -25.03 -24.58 -21.83
CD2 PHI M 21 -25.59 -22.52 -22.96
CE1 PHI M 21 -24.13 -24.90 -22.85
CE2 PHI M 21 -24.70 -22.84 -23.97
CZ PHI M 21 -23.96 -24.02 -23.93
I PHI M 21 -22.65 -24.48 -25.40
C PHI M 21 -27.80 -21.23 -19.57
O PHI M 21 -28.85 -20.79 -20.06
N GLU M 22 -27.67 -21.38 -18.24
CA GLU M 22 -28.78 -21.09 -17.34
C GLU M 22 -29.10 -19.60 -17.31
N PHE M 23 -28.07 -18.77 -17.13
CA PHE M 23 -28.28 -17.33 -17.25
C PHE M 23 -28.72 -16.93 -18.66
N LYS M 24 -28.24 -17.64 -19.68
CA LYS M 24 -28.70 -17.34 -21.04
C LYS M 24 -30.20 -17.56 -21.15
N ALA M 25 -30.71 -18.64 -20.56
CA ALA M 25 -32.14 -18.90 -20.57
C ALA M 25 -32.90 -17.87 -19.74
N ILE M 26 -32.39 -17.55 -18.54
CA ILE M 26 -33.13 -16.63 -17.67
C ILE M 26 -33.07 -15.20 -18.17
N ALA M 27 -32.15 -14.89 -19.10
CA ALA M 27 -32.01 -13.52 -19.57
C ALA M 27 -33.28 -13.03 -20.25
N GLN M 28 -33.90 -13.87 -21.07
CA GLN M 28 -35.13 -13.51 -21.75
C GLN M 28 -36.26 -13.36 -20.73
N LYS M 29 -36.29 -14.28 -19.78
CA LYS M 29 -37.30 -14.26 -18.74
C LYS M 29 -36.79 -13.49 -17.54
N NH2 M 30 -36.57 -12.06 -17.62
CA NLG N 1 -27.66 -7.25 -18.82
C NLG N 1 -27.03 -8.64 -18.75
O NLG N 1 -25.84 -8.80 -19.13
CB NLG N 1 -28.26 -6.89 -17.47
CG NLG N 1 -27.43 -5.79 -16.83
CD NLG N 1 -27.46 -4.54 -17.72
OE1 NLG N 1 -28.47 -3.79 -17.71
OE2 NLG N 1 -26.48 -4.27 -18.45
C7 NLG N 1 -28.33 -7.21 -21.25
C8 NLG N 1 -29.41 -7.20 -22.31
O7 NLG N 1 -27.18 -7.19 -21.57
N2 NLG N 1 -28.70 -7.24 -19.84
N LEU N 2 -28.23 -9.35 -19.05
CA LEU N 2 -27.85 -10.68 -18.57
C LEU N 2 -27.10 -11.45 -19.64
N LYS N 3 -27.07 -10.90 -20.86
CA LYS N 3 -26.25 -11.49 -21.92
C LYS N 3 -24.78 -11.57 -21.50
N ALA N 4 -24.26 -10.49 -20.94
CA ALA N 4 -22.84 -10.43 -20.60
C ALA N 4 -22.48 -11.51 -19.59
N ILE N 5 -23.35 -11.75 -18.61
CA ILE N 5 -23.06 -12.72 -17.55
C ILE N 5 -22.90 -14.11 -18.14
N ALA N 6 -23.88 -14.56 -18.93
CA ALA N 6 -23.76 -15.85 -19.60
C ALA N 6 -22.53 -15.88 -20.49
N GLN N 7 -22.19 -14.72 -21.07
CA GLN N 7 -21.05 -14.68 -21.98
C GLN N 7 -19.74 -14.96 -21.25
N GLU N 8 -19.48 -14.26 -20.14
CA GLU N 8 -18.22 -14.51 -19.47
C GLU N 8 -18.23 -15.91 -18.87
N PHE N 9 -19.40 -16.39 -18.46
CA PHE N 9 -19.43 -17.73 -17.86
C PHE N 9 -19.07 -18.79 -18.89
N LYS N 10 -19.59 -18.66 -20.11
CA LYS N 10 -19.19 -19.56 -21.18
C LYS N 10 -17.71 -19.43 -21.48
N ALA N 11 -17.21 -18.20 -21.55
CA ALA N 11 -15.79 -18.01 -21.85
C ALA N 11 -14.91 -18.65 -20.78
N ILE N 12 -15.23 -18.41 -19.52
CA ILE N 12 -14.43 -18.95 -18.41
C ILE N 12 -14.52 -20.46 -18.39
N ALA N 13 -15.69 -21.01 -18.75
CA ALA N 13 -15.81 -22.45 -18.87
C ALA N 13 -14.86 -22.99 -19.94
N LYS N 14 -14.75 -22.28 -21.06
CA LYS N 14 -13.77 -22.68 -22.06
C LYS N 14 -12.34 -22.59 -21.53
N LYS N 15 -12.03 -21.53 -20.79
CA LYS N 15 -10.66 -21.34 -20.31
C LYS N 15 -10.28 -22.42 -19.30
N PHE N 16 -11.21 -22.80 -18.44
CA PHE N 16 -10.96 -23.92 -17.52
C PHE N 16 -10.69 -25.20 -18.27
N LYS N 17 -11.45 -25.47 -19.34
CA LYS N 17 -11.19 -26.65 -20.15
C LYS N 17 -9.78 -26.60 -20.75
N ALA N 18 -9.37 -25.40 -21.20
CA ALA N 18 -8.02 -25.25 -21.72
C ALA N 18 -6.98 -25.57 -20.66
N ILE N 19 -7.21 -25.09 -19.43
CA ILE N 19 -6.28 -25.38 -18.33
C ILE N 19 -6.21 -26.87 -18.06
N ALA N 20 -7.36 -27.53 -18.08
CA ALA N 20 -7.43 -28.97 -17.85
C ALA N 20 -6.65 -29.71 -18.91
N PHI N 21 -6.79 -29.25 -20.15
CA PHI N 21 -6.10 -29.87 -21.27
CB PHI N 21 -6.46 -29.28 -22.65
CG PHI N 21 -5.76 -30.03 -23.72
CD1 PHI N 21 -4.67 -29.45 -24.40
CD2 PHI N 21 -6.17 -31.32 -24.07
CE1 PHI N 21 -4.02 -30.16 -25.41
CE2 PHI N 21 -5.51 -32.01 -25.08
CZ PHI N 21 -4.44 -31.44 -25.75
I PHI N 21 -3.48 -32.46 -27.21
C PHI N 21 -4.60 -29.72 -21.10
O PHI N 21 -3.79 -30.61 -21.36
N GLU N 22 -4.21 -28.54 -20.65
CA GLU N 22 -2.81 -28.23 -20.47
C GLU N 22 -2.17 -29.10 -19.39
N PHE N 23 -2.77 -29.09 -18.20
CA PHE N 23 -2.24 -29.87 -17.09
C PHE N 23 -2.15 -31.35 -17.42
N LYS N 24 -3.01 -31.84 -18.32
CA LYS N 24 -2.90 -33.23 -18.73
C LYS N 24 -1.57 -33.50 -19.42
N ALA N 25 -1.07 -32.53 -20.20
CA ALA N 25 0.23 -32.70 -20.84
C ALA N 25 1.35 -32.82 -19.82
N ILE N 26 1.33 -31.97 -18.78
CA ILE N 26 2.33 -32.08 -17.73
C ILE N 26 2.17 -33.40 -17.00
N ALA N 27 0.93 -33.89 -16.84
CA ALA N 27 0.72 -35.19 -16.23
C ALA N 27 1.38 -36.30 -17.02
N GLN N 28 1.32 -36.24 -18.35
CA GLN N 28 1.98 -37.22 -19.19
C GLN N 28 3.49 -37.02 -19.13
N LYS N 29 3.92 -35.76 -19.14
CA LYS N 29 5.33 -35.44 -19.09
C LYS N 29 5.74 -35.11 -17.66
N NH2 N 30 6.43 -33.87 -17.37
CA NLG O 1 3.79 -24.67 -19.57
C NLG O 1 2.99 -23.94 -18.49
O NLG O 1 1.78 -23.65 -18.70
CB NLG O 1 4.38 -25.95 -18.99
CG NLG O 1 4.28 -27.08 -20.00
CD NLG O 1 5.08 -26.72 -21.25
OE1 NLG O 1 4.48 -26.38 -22.31
OE2 NLG O 1 6.33 -26.77 -21.22
C7 NLG O 1 4.56 -22.57 -20.73
C8 NLG O 1 5.70 -21.71 -21.25
O7 NLG O 1 3.44 -22.22 -20.89
N2 NLG O 1 4.86 -23.83 -20.07
N LEU O 2 4.22 -23.63 -17.86
CA LEU O 2 3.49 -23.07 -16.72
C LEU O 2 3.09 -21.62 -16.98
N LYS O 3 3.83 -20.96 -17.88
CA LYS O 3 3.54 -19.56 -18.17
C LYS O 3 2.15 -19.40 -18.77
N ALA O 4 1.73 -20.35 -19.62
CA ALA O 4 0.39 -20.30 -20.17
C ALA O 4 -0.65 -20.37 -19.07
N ILE O 5 -0.41 -21.19 -18.05
CA ILE O 5 -1.33 -21.28 -16.92
C ILE O 5 -1.44 -19.94 -16.21
N ALA O 6 -0.29 -19.29 -15.97
CA ALA O 6 -0.30 -18.02 -15.27
C ALA O 6 -1.03 -16.96 -16.07
N GLN O 7 -0.79 -16.91 -17.38
CA GLN O 7 -1.51 -15.95 -18.23
C GLN O 7 -3.00 -16.25 -18.22
N GLU O 8 -3.37 -17.53 -18.26
CA GLU O 8 -4.77 -17.91 -18.30
C GLU O 8 -5.47 -17.46 -17.02
N PHE O 9 -4.85 -17.69 -15.86
CA PHE O 9 -5.44 -17.24 -14.62
C PHE O 9 -5.49 -15.73 -14.50
N LYS O 10 -4.50 -15.02 -15.06
CA LYS O 10 -4.59 -13.56 -15.11
C LYS O 10 -5.82 -13.11 -15.87
N ALA O 11 -6.07 -13.74 -17.02
CA ALA O 11 -7.26 -13.43 -17.80
C ALA O 11 -8.53 -13.75 -17.03
N ILE O 12 -8.55 -14.89 -16.33
CA ILE O 12 -9.72 -15.25 -15.54
C ILE O 12 -9.99 -14.21 -14.47
N ALA O 13 -8.93 -13.77 -13.78
CA ALA O 13 -9.09 -12.76 -12.74
C ALA O 13 -9.61 -11.46 -13.32
N LYS O 14 -9.10 -11.06 -14.49
CA LYS O 14 -9.59 -9.84 -15.12
C LYS O 14 -11.08 -9.96 -15.45
N LYS O 15 -11.48 -11.11 -15.99
CA LYS O 15 -12.90 -11.33 -16.29
C LYS O 15 -13.75 -11.23 -15.03
N PHE O 16 -13.31 -11.88 -13.96
CA PHE O 16 -14.08 -11.84 -12.71
C PHE O 16 -14.17 -10.43 -12.15
N LYS O 17 -13.09 -9.66 -12.24
CA LYS O 17 -13.14 -8.27 -11.77
C LYS O 17 -14.15 -7.47 -12.58
N ALA O 18 -14.12 -7.60 -13.90
CA ALA O 18 -15.09 -6.89 -14.74
C ALA O 18 -16.52 -7.31 -14.41
N ILE O 19 -16.72 -8.58 -14.07
CA ILE O 19 -18.07 -9.03 -13.79
C ILE O 19 -18.52 -8.60 -12.40
N ALA O 20 -17.59 -8.43 -11.49
CA ALA O 20 -17.91 -7.81 -10.21
C ALA O 20 -18.37 -6.38 -10.46
N PHI O 21 -17.70 -5.72 -11.39
CA PHI O 21 -18.11 -4.39 -11.81
CB PHI O 21 -17.28 -3.78 -12.96
CG PHI O 21 -16.29 -2.77 -12.51
CD1 PHI O 21 -14.95 -3.14 -12.33
CD2 PHI O 21 -16.68 -1.45 -12.27
CE1 PHI O 21 -14.01 -2.20 -11.92
CE2 PHI O 21 -15.74 -0.51 -11.87
CZ PHI O 21 -14.40 -0.89 -11.68
I PHI O 21 -13.03 0.48 -11.08
C PHI O 21 -19.56 -4.40 -12.27
O PHI O 21 -20.43 -3.59 -11.91
N GLU O 22 -19.83 -5.36 -13.15
CA GLU O 22 -21.17 -5.56 -13.71
C GLU O 22 -22.24 -5.81 -12.64
N PHE O 23 -21.87 -6.61 -11.63
CA PHE O 23 -22.80 -6.89 -10.54
C PHE O 23 -23.02 -5.67 -9.66
N LYS O 24 -22.03 -4.80 -9.54
CA LYS O 24 -22.28 -3.49 -8.94
C LYS O 24 -23.38 -2.75 -9.69
N ALA O 25 -23.33 -2.79 -11.02
CA ALA O 25 -24.34 -2.10 -11.82
C ALA O 25 -25.71 -2.73 -11.62
N ILE O 26 -25.79 -4.06 -11.67
CA ILE O 26 -27.10 -4.70 -11.57
C ILE O 26 -27.65 -4.58 -10.16
N ALA O 27 -26.78 -4.35 -9.18
CA ALA O 27 -27.24 -4.11 -7.82
C ALA O 27 -28.08 -2.84 -7.74
N GLN O 28 -27.65 -1.80 -8.45
CA GLN O 28 -28.38 -0.54 -8.48
C GLN O 28 -29.76 -0.72 -9.13
N LYS O 29 -29.79 -0.66 -10.45
CA LYS O 29 -31.02 -0.85 -11.18
C LYS O 29 -31.36 -2.33 -11.23
N NH2 O 30 -32.67 -2.80 -10.81
CA NLG P 1 -28.02 -8.54 -1.80
C NLG P 1 -27.03 -8.89 -2.92
O NLG P 1 -26.11 -9.71 -2.69
CB NLG P 1 -29.44 -8.47 -2.37
CG NLG P 1 -30.42 -9.10 -1.40
CD NLG P 1 -30.11 -8.68 0.04
OE1 NLG P 1 -30.34 -7.51 0.42
OE2 NLG P 1 -29.62 -9.53 0.84
C7 NLG P 1 -26.50 -7.16 -0.36
C8 NLG P 1 -26.12 -5.81 0.25
O7 NLG P 1 -25.85 -8.12 -0.14
N2 NLG P 1 -27.66 -7.26 -1.22
N LEU P 2 -27.25 -7.57 -3.42
CA LEU P 2 -26.38 -7.97 -4.53
C LEU P 2 -24.97 -7.41 -4.33
N LYS P 3 -24.85 -6.42 -3.45
CA LYS P 3 -23.55 -5.81 -3.19
C LYS P 3 -22.58 -6.82 -2.61
N ALA P 4 -23.06 -7.71 -1.75
CA ALA P 4 -22.20 -8.76 -1.19
C ALA P 4 -21.66 -9.65 -2.31
N ILE P 5 -22.50 -9.96 -3.30
CA ILE P 5 -22.05 -10.76 -4.43
C ILE P 5 -20.91 -10.07 -5.16
N ALA P 6 -21.07 -8.77 -5.43
CA ALA P 6 -20.04 -8.04 -6.15
C ALA P 6 -18.75 -7.98 -5.35
N GLN P 7 -18.84 -7.72 -4.04
CA GLN P 7 -17.65 -7.67 -3.21
C GLN P 7 -16.95 -9.02 -3.19
N GLU P 8 -17.73 -10.11 -3.10
CA GLU P 8 -17.16 -11.44 -3.13
C GLU P 8 -16.44 -11.70 -4.43
N PHE P 9 -17.05 -11.28 -5.55
CA PHE P 9 -16.41 -11.47 -6.85
C PHE P 9 -15.13 -10.65 -6.96
N LYS P 10 -15.11 -9.44 -6.41
CA LYS P 10 -13.88 -8.67 -6.37
C LYS P 10 -12.79 -9.42 -5.62
N ALA P 11 -13.12 -9.95 -4.44
CA ALA P 11 -12.13 -10.70 -3.68
C ALA P 11 -11.64 -11.91 -4.47
N ILE P 12 -12.56 -12.61 -5.13
CA ILE P 12 -12.20 -13.80 -5.90
C ILE P 12 -11.26 -13.44 -7.05
N ALA P 13 -11.54 -12.33 -7.74
CA ALA P 13 -10.67 -11.89 -8.80
C ALA P 13 -9.28 -11.56 -8.26
N LYS P 14 -9.23 -10.91 -7.09
CA LYS P 14 -7.94 -10.65 -6.46
C LYS P 14 -7.18 -11.94 -6.19
N LYS P 15 -7.88 -12.97 -5.72
CA LYS P 15 -7.19 -14.21 -5.35
C LYS P 15 -6.67 -14.92 -6.59
N PHE P 16 -7.46 -14.98 -7.67
CA PHE P 16 -6.90 -15.49 -8.92
C PHE P 16 -5.76 -14.64 -9.44
N LYS P 17 -5.79 -13.33 -9.23
CA LYS P 17 -4.64 -12.52 -9.63
C LYS P 17 -3.38 -12.98 -8.90
N ALA P 18 -3.50 -13.16 -7.58
CA ALA P 18 -2.35 -13.64 -6.80
C ALA P 18 -1.90 -15.01 -7.27
N ILE P 19 -2.84 -15.89 -7.56
CA ILE P 19 -2.51 -17.24 -8.01
C ILE P 19 -1.76 -17.19 -9.35
N ALA P 20 -2.22 -16.34 -10.25
CA ALA P 20 -1.59 -16.19 -11.55
C ALA P 20 -0.18 -15.67 -11.37
N PHI P 21 -0.01 -14.76 -10.42
CA PHI P 21 1.31 -14.24 -10.12
CB PHI P 21 1.32 -13.14 -9.03
CG PHI P 21 2.62 -13.05 -8.31
CD1 PHI P 21 3.72 -12.44 -8.91
CD2 PHI P 21 2.75 -13.57 -7.01
CE1 PHI P 21 4.93 -12.35 -8.23
CE2 PHI P 21 3.96 -13.49 -6.34
CZ PHI P 21 5.06 -12.88 -6.95
I PHI P 21 6.82 -12.75 -5.98
C PHI P 21 2.22 -15.36 -9.66
O PHI P 21 3.39 -15.49 -10.00
N GLU P 22 1.64 -16.23 -8.83
CA GLU P 22 2.40 -17.28 -8.18
C GLU P 22 2.89 -18.34 -9.18
N PHE P 23 2.04 -18.72 -10.13
CA PHE P 23 2.53 -19.61 -11.18
C PHE P 23 3.64 -18.97 -12.02
N LYS P 24 3.62 -17.65 -12.21
CA LYS P 24 4.76 -17.04 -12.89
C LYS P 24 6.04 -17.27 -12.12
N ALA P 25 5.99 -17.13 -10.79
CA ALA P 25 7.18 -17.34 -9.98
C ALA P 25 7.63 -18.79 -10.02
N ILE P 26 6.69 -19.73 -9.86
CA ILE P 26 7.07 -21.13 -9.81
C ILE P 26 7.56 -21.60 -11.17
N ALA P 27 7.09 -20.97 -12.26
CA ALA P 27 7.52 -21.36 -13.59
C ALA P 27 9.00 -21.10 -13.83
N GLN P 28 9.54 -20.01 -13.28
CA GLN P 28 10.95 -19.70 -13.46
C GLN P 28 11.81 -20.65 -12.62
N LYS P 29 11.59 -20.63 -11.31
CA LYS P 29 12.34 -21.49 -10.41
C LYS P 29 11.69 -22.86 -10.34
N NH2 P 30 12.31 -24.00 -10.98
CA NLG Q 1 5.29 -22.41 -3.03
C NLG Q 1 3.85 -22.92 -3.08
O NLG Q 1 2.93 -22.19 -2.63
CB NLG Q 1 5.96 -22.67 -4.38
CG NLG Q 1 7.48 -22.72 -4.18
CD NLG Q 1 7.85 -23.93 -3.32
OE1 NLG Q 1 8.13 -23.77 -2.10
OE2 NLG Q 1 7.89 -25.08 -3.83
C7 NLG Q 1 5.69 -22.90 -0.60
C8 NLG Q 1 6.48 -23.63 0.49
O7 NLG Q 1 4.81 -22.16 -0.30
N2 NLG Q 1 6.03 -23.10 -1.99
N LEU Q 2 4.22 -24.30 -2.91
CA LEU Q 2 3.01 -24.98 -3.34
C LEU Q 2 1.93 -24.92 -2.26
N LYS Q 3 2.35 -24.69 -1.02
CA LYS Q 3 1.40 -24.61 0.08
C LYS Q 3 0.45 -23.44 -0.09
N ALA Q 4 0.94 -22.33 -0.64
CA ALA Q 4 0.12 -21.13 -0.79
C ALA Q 4 -1.06 -21.39 -1.71
N ILE Q 5 -0.83 -22.08 -2.83
CA ILE Q 5 -1.90 -22.32 -3.79
C ILE Q 5 -2.99 -23.21 -3.17
N ALA Q 6 -2.57 -24.27 -2.49
CA ALA Q 6 -3.54 -25.15 -1.85
C ALA Q 6 -4.32 -24.41 -0.77
N GLN Q 7 -3.63 -23.59 0.02
CA GLN Q 7 -4.32 -22.79 1.03
C GLN Q 7 -5.29 -21.81 0.38
N GLU Q 8 -4.95 -21.30 -0.80
CA GLU Q 8 -5.81 -20.31 -1.45
C GLU Q 8 -7.08 -20.95 -2.01
N PHE Q 9 -6.96 -22.14 -2.59
CA PHE Q 9 -8.17 -22.78 -3.11
C PHE Q 9 -9.17 -23.09 -2.01
N LYS Q 10 -8.71 -23.33 -0.78
CA LYS Q 10 -9.66 -23.53 0.31
C LYS Q 10 -10.48 -22.27 0.55
N ALA Q 11 -9.81 -21.11 0.52
CA ALA Q 11 -10.54 -19.85 0.66
C ALA Q 11 -11.50 -19.63 -0.49
N ILE Q 12 -11.08 -19.99 -1.71
CA ILE Q 12 -11.98 -19.84 -2.86
C ILE Q 12 -13.22 -20.70 -2.70
N ALA Q 13 -13.03 -21.94 -2.24
CA ALA Q 13 -14.17 -22.83 -2.01
C ALA Q 13 -15.09 -22.25 -0.94
N LYS Q 14 -14.52 -21.70 0.13
CA LYS Q 14 -15.34 -21.08 1.16
C LYS Q 14 -16.13 -19.91 0.60
N LYS Q 15 -15.50 -19.11 -0.27
CA LYS Q 15 -16.19 -17.97 -0.86
C LYS Q 15 -17.37 -18.41 -1.72
N PHE Q 16 -17.17 -19.47 -2.52
CA PHE Q 16 -18.27 -19.95 -3.34
C PHE Q 16 -19.41 -20.50 -2.49
N LYS Q 17 -19.11 -21.10 -1.34
CA LYS Q 17 -20.20 -21.52 -0.46
C LYS Q 17 -21.02 -20.32 -0.01
N ALA Q 18 -20.36 -19.22 0.34
CA ALA Q 18 -21.08 -18.02 0.74
C ALA Q 18 -21.92 -17.45 -0.39
N ILE Q 19 -21.37 -17.41 -1.61
CA ILE Q 19 -22.12 -16.85 -2.73
C ILE Q 19 -23.33 -17.73 -3.04
N ALA Q 20 -23.18 -19.04 -2.91
CA ALA Q 20 -24.30 -19.94 -3.13
C ALA Q 20 -25.35 -19.76 -2.06
N PHI Q 21 -24.90 -19.53 -0.83
CA PHI Q 21 -25.79 -19.31 0.29
CB PHI Q 21 -25.06 -19.12 1.64
CG PHI Q 21 -25.49 -20.15 2.62
CD1 PHI Q 21 -24.63 -21.18 2.99
CD2 PHI Q 21 -26.78 -20.10 3.18
CE1 PHI Q 21 -25.03 -22.14 3.90
CE2 PHI Q 21 -27.18 -21.05 4.10
CZ PHI Q 21 -26.30 -22.08 4.46
I PHI Q 21 -26.89 -23.48 5.80
C PHI Q 21 -26.63 -18.09 0.07
O PHI Q 21 -27.83 -18.00 0.37
N GLU Q 22 -25.98 -17.08 -0.50
CA GLU Q 22 -26.67 -15.82 -0.77
C GLU Q 22 -27.68 -15.99 -1.89
N PHE Q 23 -27.30 -16.71 -2.94
CA PHE Q 23 -28.28 -17.00 -4.00
C PHE Q 23 -29.42 -17.85 -3.48
N LYS Q 24 -29.22 -18.60 -2.39
CA LYS Q 24 -30.35 -19.31 -1.79
C LYS Q 24 -31.39 -18.33 -1.27
N ALA Q 25 -30.95 -17.27 -0.58
CA ALA Q 25 -31.88 -16.24 -0.13
C ALA Q 25 -32.47 -15.48 -1.31
N ILE Q 26 -31.65 -15.23 -2.33
CA ILE Q 26 -32.13 -14.52 -3.53
C ILE Q 26 -33.25 -15.31 -4.19
N ALA Q 27 -33.12 -16.63 -4.21
CA ALA Q 27 -34.15 -17.48 -4.80
C ALA Q 27 -35.46 -17.36 -4.04
N GLN Q 28 -35.38 -17.24 -2.72
CA GLN Q 28 -36.57 -17.14 -1.89
C GLN Q 28 -37.24 -15.78 -2.08
N LYS Q 29 -36.66 -14.75 -1.47
CA LYS Q 29 -37.20 -13.41 -1.55
C LYS Q 29 -36.81 -12.77 -2.87
N NH2 Q 30 -37.81 -12.06 -3.65
CA NLG R 1 -33.28 -20.94 -12.04
C NLG R 1 -32.12 -20.82 -11.05
O NLG R 1 -31.19 -21.67 -11.08
CB NLG R 1 -33.53 -19.58 -12.69
CG NLG R 1 -33.91 -19.76 -14.16
CD NLG R 1 -35.24 -20.50 -14.25
OE1 NLG R 1 -36.32 -19.88 -14.07
OE2 NLG R 1 -35.25 -21.73 -14.51
C7 NLG R 1 -34.55 -22.68 -10.72
C8 NLG R 1 -35.83 -23.10 -9.99
O7 NLG R 1 -33.63 -23.42 -10.79
N2 NLG R 1 -34.48 -21.36 -11.33
N LEU R 2 -32.98 -20.03 -10.23
CA LEU R 2 -32.09 -19.54 -9.19
C LEU R 2 -31.64 -20.70 -8.30
N LYS R 3 -32.54 -21.64 -8.05
CA LYS R 3 -32.20 -22.79 -7.23
C LYS R 3 -31.05 -23.59 -7.84
N ALA R 4 -31.10 -23.81 -9.15
CA ALA R 4 -30.06 -24.57 -9.82
C ALA R 4 -28.71 -23.86 -9.72
N ILE R 5 -28.72 -22.54 -9.85
CA ILE R 5 -27.48 -21.77 -9.70
C ILE R 5 -26.87 -22.02 -8.33
N ALA R 6 -27.69 -21.88 -7.28
CA ALA R 6 -27.17 -22.02 -5.92
C ALA R 6 -26.65 -23.43 -5.68
N GLN R 7 -27.41 -24.45 -6.07
CA GLN R 7 -26.95 -25.81 -5.82
C GLN R 7 -25.70 -26.13 -6.62
N GLU R 8 -25.58 -25.61 -7.84
CA GLU R 8 -24.40 -25.87 -8.65
C GLU R 8 -23.17 -25.19 -8.06
N PHE R 9 -23.35 -24.02 -7.46
CA PHE R 9 -22.22 -23.41 -6.77
C PHE R 9 -21.80 -24.22 -5.54
N LYS R 10 -22.73 -24.91 -4.87
CA LYS R 10 -22.32 -25.85 -3.84
C LYS R 10 -21.40 -26.92 -4.41
N ALA R 11 -21.76 -27.47 -5.56
CA ALA R 11 -20.92 -28.49 -6.19
C ALA R 11 -19.55 -27.92 -6.53
N ILE R 12 -19.52 -26.71 -7.08
CA ILE R 12 -18.25 -26.09 -7.48
C ILE R 12 -17.36 -25.88 -6.25
N ALA R 13 -17.95 -25.37 -5.16
CA ALA R 13 -17.19 -25.21 -3.93
C ALA R 13 -16.66 -26.54 -3.44
N LYS R 14 -17.47 -27.59 -3.58
CA LYS R 14 -17.00 -28.93 -3.21
C LYS R 14 -15.80 -29.36 -4.06
N LYS R 15 -15.84 -29.08 -5.36
CA LYS R 15 -14.72 -29.44 -6.22
C LYS R 15 -13.46 -28.68 -5.81
N PHE R 16 -13.61 -27.41 -5.46
CA PHE R 16 -12.44 -26.62 -5.07
C PHE R 16 -11.78 -27.12 -3.79
N LYS R 17 -12.57 -27.61 -2.82
CA LYS R 17 -11.96 -28.20 -1.64
C LYS R 17 -11.11 -29.42 -2.01
N ALA R 18 -11.62 -30.25 -2.91
CA ALA R 18 -10.85 -31.40 -3.37
C ALA R 18 -9.58 -30.96 -4.05
N ILE R 19 -9.65 -29.92 -4.87
CA ILE R 19 -8.45 -29.40 -5.54
C ILE R 19 -7.44 -28.93 -4.51
N ALA R 20 -7.89 -28.20 -3.50
CA ALA R 20 -7.01 -27.69 -2.47
C ALA R 20 -6.31 -28.83 -1.75
N PHI R 21 -7.10 -29.84 -1.36
CA PHI R 21 -6.56 -30.95 -0.63
CB PHI R 21 -7.63 -31.95 -0.14
CG PHI R 21 -8.33 -31.37 1.04
CD1 PHI R 21 -9.73 -31.35 1.08
CD2 PHI R 21 -7.60 -30.84 2.10
CE1 PHI R 21 -10.38 -30.81 2.20
CE2 PHI R 21 -8.26 -30.31 3.21
CZ PHI R 21 -9.65 -30.29 3.25
I PHI R 21 -10.60 -29.49 4.86
C PHI R 21 -5.56 -31.75 -1.46
O PHI R 21 -4.58 -32.31 -1.00
N GLU R 22 -5.85 -31.77 -2.76
CA GLU R 22 -5.00 -32.50 -3.70
C GLU R 22 -3.67 -31.80 -3.86
N PHE R 23 -3.71 -30.47 -3.96
CA PHE R 23 -2.48 -29.70 -4.01
C PHE R 23 -1.70 -29.82 -2.70
N LYS R 24 -2.40 -29.94 -1.59
CA LYS R 24 -1.71 -30.13 -0.31
C LYS R 24 -0.85 -31.39 -0.34
N ALA R 25 -1.40 -32.49 -0.82
CA ALA R 25 -0.69 -33.75 -0.88
C ALA R 25 0.54 -33.65 -1.79
N ILE R 26 0.35 -33.13 -3.00
CA ILE R 26 1.46 -33.03 -3.94
C ILE R 26 2.50 -32.02 -3.46
N ALA R 27 2.12 -31.09 -2.60
CA ALA R 27 3.10 -30.18 -2.02
C ALA R 27 4.04 -30.90 -1.07
N GLN R 28 3.60 -32.02 -0.50
CA GLN R 28 4.42 -32.78 0.42
C GLN R 28 5.37 -33.69 -0.34
N LYS R 29 4.81 -34.72 -0.97
CA LYS R 29 5.59 -35.67 -1.73
C LYS R 29 6.09 -35.04 -3.02
N NH2 R 30 7.40 -35.37 -3.55
CA NLG S 1 -17.87 13.07 -38.67
C NLG S 1 -17.12 11.90 -38.03
O NLG S 1 -17.66 10.76 -37.98
CB NLG S 1 -17.56 13.11 -40.16
CG NLG S 1 -18.47 14.13 -40.84
CD NLG S 1 -17.75 15.48 -40.93
OE1 NLG S 1 -18.17 16.35 -41.73
OE2 NLG S 1 -16.76 15.71 -40.19
C7 NLG S 1 -17.89 14.63 -36.70
C8 NLG S 1 -17.46 15.94 -36.05
O7 NLG S 1 -18.58 13.87 -36.10
N2 NLG S 1 -17.46 14.31 -38.05
N LEU S 2 -15.90 12.60 -37.83
CA LEU S 2 -14.98 11.48 -37.89
C LEU S 2 -15.04 10.66 -36.60
N LYS S 3 -15.32 11.34 -35.48
CA LYS S 3 -15.64 10.63 -34.25
C LYS S 3 -16.86 9.75 -34.43
N ALA S 4 -17.88 10.27 -35.12
CA ALA S 4 -19.10 9.52 -35.33
C ALA S 4 -18.83 8.23 -36.10
N ILE S 5 -17.93 8.28 -37.08
CA ILE S 5 -17.61 7.07 -37.83
C ILE S 5 -17.01 6.01 -36.91
N ALA S 6 -16.07 6.41 -36.05
CA ALA S 6 -15.41 5.45 -35.18
C ALA S 6 -16.38 4.84 -34.18
N GLN S 7 -17.16 5.69 -33.50
CA GLN S 7 -18.14 5.17 -32.54
C GLN S 7 -19.19 4.32 -33.23
N GLU S 8 -19.59 4.70 -34.44
CA GLU S 8 -20.52 3.91 -35.23
C GLU S 8 -19.96 2.52 -35.46
N PHE S 9 -18.75 2.44 -36.02
CA PHE S 9 -18.17 1.14 -36.35
C PHE S 9 -17.98 0.30 -35.10
N LYS S 10 -17.69 0.94 -33.97
CA LYS S 10 -17.63 0.21 -32.70
C LYS S 10 -19.00 -0.38 -32.35
N ALA S 11 -20.07 0.40 -32.58
CA ALA S 11 -21.41 -0.11 -32.30
C ALA S 11 -21.74 -1.31 -33.18
N ILE S 12 -21.45 -1.22 -34.48
CA ILE S 12 -21.67 -2.36 -35.37
C ILE S 12 -20.82 -3.56 -34.94
N ALA S 13 -19.59 -3.31 -34.48
CA ALA S 13 -18.77 -4.41 -34.00
C ALA S 13 -19.42 -5.09 -32.80
N LYS S 14 -19.96 -4.30 -31.87
CA LYS S 14 -20.65 -4.87 -30.72
C LYS S 14 -21.88 -5.68 -31.14
N LYS S 15 -22.66 -5.15 -32.09
CA LYS S 15 -23.84 -5.86 -32.55
C LYS S 15 -23.48 -7.17 -33.24
N PHE S 16 -22.42 -7.17 -34.04
CA PHE S 16 -21.96 -8.41 -34.66
C PHE S 16 -21.49 -9.40 -33.62
N LYS S 17 -20.82 -8.92 -32.57
CA LYS S 17 -20.41 -9.82 -31.49
C LYS S 17 -21.63 -10.44 -30.82
N ALA S 18 -22.68 -9.64 -30.60
CA ALA S 18 -23.91 -10.18 -30.03
C ALA S 18 -24.53 -11.23 -30.94
N ILE S 19 -24.52 -10.98 -32.25
CA ILE S 19 -25.05 -11.95 -33.21
C ILE S 19 -24.25 -13.24 -33.14
N ALA S 20 -22.93 -13.13 -33.07
CA ALA S 20 -22.06 -14.29 -32.97
C ALA S 20 -22.40 -15.09 -31.73
N PHI S 21 -22.63 -14.38 -30.63
CA PHI S 21 -22.92 -15.02 -29.36
CB PHI S 21 -23.02 -14.01 -28.20
CG PHI S 21 -21.66 -13.55 -27.80
CD1 PHI S 21 -21.49 -12.30 -27.19
CD2 PHI S 21 -20.55 -14.36 -28.03
CE1 PHI S 21 -20.22 -11.88 -26.81
CE2 PHI S 21 -19.27 -13.94 -27.65
CZ PHI S 21 -19.10 -12.70 -27.04
I PHI S 21 -17.26 -12.08 -26.50
C PHI S 21 -24.23 -15.78 -29.41
O PHI S 21 -24.39 -16.90 -28.92
N GLU S 22 -25.21 -15.14 -30.05
CA GLU S 22 -26.54 -15.74 -30.15
C GLU S 22 -26.51 -16.98 -31.03
N PHE S 23 -25.77 -16.89 -32.14
CA PHE S 23 -25.61 -18.05 -33.02
C PHE S 23 -24.88 -19.18 -32.30
N LYS S 24 -23.86 -18.85 -31.50
CA LYS S 24 -23.17 -19.87 -30.73
C LYS S 24 -24.12 -20.54 -29.75
N ALA S 25 -24.96 -19.74 -29.08
CA ALA S 25 -25.91 -20.31 -28.12
C ALA S 25 -26.91 -21.22 -28.81
N ILE S 26 -27.43 -20.81 -29.96
CA ILE S 26 -28.42 -21.64 -30.66
C ILE S 26 -27.77 -22.83 -31.36
N ALA S 27 -26.45 -22.80 -31.56
CA ALA S 27 -25.78 -23.89 -32.25
C ALA S 27 -25.90 -25.20 -31.48
N GLN S 28 -25.71 -25.14 -30.16
CA GLN S 28 -25.81 -26.34 -29.33
C GLN S 28 -27.28 -26.72 -29.14
N LYS S 29 -28.17 -25.76 -29.35
CA LYS S 29 -29.59 -26.00 -29.20
C LYS S 29 -30.25 -26.07 -30.57
N NH2 S 30 -30.12 -27.27 -31.37
CA NLG T 1 -22.30 -26.02 -38.79
C NLG T 1 -22.03 -24.52 -38.67
O NLG T 1 -20.85 -24.10 -38.56
CB NLG T 1 -23.62 -26.23 -39.55
CG NLG T 1 -23.34 -26.29 -41.05
CD NLG T 1 -22.38 -27.45 -41.33
OE1 NLG T 1 -21.19 -27.21 -41.67
OE2 NLG T 1 -22.79 -28.64 -41.24
C7 NLG T 1 -21.24 -26.73 -36.63
C8 NLG T 1 -21.37 -27.36 -35.25
O7 NLG T 1 -20.18 -26.33 -37.01
N2 NLG T 1 -22.40 -26.62 -37.48
N LEU T 2 -23.12 -24.41 -37.76
CA LEU T 2 -23.50 -23.20 -37.06
C LEU T 2 -22.32 -22.63 -36.28
N LYS T 3 -21.49 -23.52 -35.75
CA LYS T 3 -20.36 -23.10 -34.92
C LYS T 3 -19.40 -22.24 -35.72
N ALA T 4 -19.09 -22.65 -36.95
CA ALA T 4 -18.18 -21.87 -37.79
C ALA T 4 -18.75 -20.49 -38.07
N ILE T 5 -20.05 -20.42 -38.34
CA ILE T 5 -20.68 -19.13 -38.59
C ILE T 5 -20.56 -18.22 -37.38
N ALA T 6 -20.81 -18.76 -36.18
CA ALA T 6 -20.76 -17.94 -34.98
C ALA T 6 -19.34 -17.45 -34.71
N GLN T 7 -18.35 -18.35 -34.77
CA GLN T 7 -16.98 -17.91 -34.54
C GLN T 7 -16.52 -16.93 -35.60
N GLU T 8 -17.03 -17.08 -36.83
CA GLU T 8 -16.60 -16.17 -37.89
C GLU T 8 -17.22 -14.79 -37.70
N PHE T 9 -18.47 -14.74 -37.24
CA PHE T 9 -19.04 -13.46 -36.86
C PHE T 9 -18.27 -12.82 -35.71
N LYS T 10 -17.81 -13.63 -34.75
CA LYS T 10 -16.96 -13.09 -33.69
C LYS T 10 -15.70 -12.47 -34.27
N ALA T 11 -15.06 -13.17 -35.21
CA ALA T 11 -13.84 -12.66 -35.82
C ALA T 11 -14.10 -11.35 -36.57
N ILE T 12 -15.17 -11.30 -37.37
CA ILE T 12 -15.41 -10.09 -38.15
C ILE T 12 -15.83 -8.95 -37.24
N ALA T 13 -16.49 -9.26 -36.12
CA ALA T 13 -16.75 -8.22 -35.13
C ALA T 13 -15.47 -7.66 -34.56
N LYS T 14 -14.49 -8.53 -34.29
CA LYS T 14 -13.19 -8.05 -33.86
C LYS T 14 -12.54 -7.15 -34.91
N LYS T 15 -12.63 -7.55 -36.18
CA LYS T 15 -12.07 -6.72 -37.25
C LYS T 15 -12.76 -5.37 -37.32
N PHE T 16 -14.09 -5.35 -37.16
CA PHE T 16 -14.82 -4.09 -37.21
C PHE T 16 -14.43 -3.17 -36.06
N LYS T 17 -14.23 -3.73 -34.86
CA LYS T 17 -13.75 -2.92 -33.75
C LYS T 17 -12.37 -2.36 -34.04
N ALA T 18 -11.50 -3.16 -34.64
CA ALA T 18 -10.18 -2.66 -35.03
C ALA T 18 -10.32 -1.50 -36.02
N ILE T 19 -11.23 -1.64 -36.99
CA ILE T 19 -11.47 -0.58 -37.96
C ILE T 19 -11.96 0.69 -37.27
N ALA T 20 -12.86 0.53 -36.31
CA ALA T 20 -13.40 1.65 -35.55
C ALA T 20 -12.28 2.38 -34.84
N PHI T 21 -11.41 1.61 -34.21
CA PHI T 21 -10.29 2.15 -33.49
CB PHI T 21 -9.49 1.09 -32.70
CG PHI T 21 -8.34 1.68 -31.98
CD1 PHI T 21 -7.04 1.45 -32.43
CD2 PHI T 21 -8.55 2.48 -30.85
CE1 PHI T 21 -5.95 2.00 -31.76
CE2 PHI T 21 -7.46 3.04 -30.19
CZ PHI T 21 -6.16 2.79 -30.63
I PHI T 21 -4.58 3.61 -29.66
C PHI T 21 -9.34 2.87 -34.42
O PHI T 21 -8.67 3.86 -34.12
N GLU T 22 -9.29 2.34 -35.65
CA GLU T 22 -8.38 2.86 -36.65
C GLU T 22 -8.79 4.25 -37.15
N PHE T 23 -10.03 4.37 -37.66
CA PHE T 23 -10.48 5.69 -38.10
C PHE T 23 -10.42 6.74 -37.00
N LYS T 24 -10.51 6.33 -35.72
CA LYS T 24 -10.34 7.29 -34.66
C LYS T 24 -8.95 7.93 -34.69
N ALA T 25 -7.92 7.14 -35.01
CA ALA T 25 -6.57 7.68 -35.09
C ALA T 25 -6.45 8.72 -36.20
N ILE T 26 -7.00 8.44 -37.38
CA ILE T 26 -6.97 9.42 -38.45
C ILE T 26 -7.78 10.64 -38.07
N ALA T 27 -8.89 10.46 -37.34
CA ALA T 27 -9.71 11.57 -36.92
C ALA T 27 -8.94 12.57 -36.07
N GLN T 28 -7.98 12.09 -35.29
CA GLN T 28 -7.17 12.97 -34.47
C GLN T 28 -6.11 13.66 -35.33
N LYS T 29 -5.47 12.88 -36.19
CA LYS T 29 -4.45 13.40 -37.08
C LYS T 29 -5.07 13.77 -38.42
N NH2 T 30 -4.40 13.39 -39.66
CA NLG U 1 -3.47 4.18 -42.45
C NLG U 1 -4.64 3.69 -43.30
O NLG U 1 -5.56 3.04 -42.75
CB NLG U 1 -3.53 5.70 -42.31
CG NLG U 1 -3.27 6.07 -40.85
CD NLG U 1 -1.81 5.79 -40.50
OE1 NLG U 1 -0.92 6.62 -40.79
OE2 NLG U 1 -1.49 4.72 -39.92
C7 NLG U 1 -1.81 2.41 -43.08
C8 NLG U 1 -0.48 2.01 -43.74
O7 NLG U 1 -2.49 1.59 -42.58
N2 NLG U 1 -2.22 3.80 -43.08
N LEU U 2 -4.06 4.04 -44.56
CA LEU U 2 -5.30 3.56 -45.15
C LEU U 2 -5.14 2.15 -45.70
N LYS U 3 -3.89 1.69 -45.81
CA LYS U 3 -3.65 0.31 -46.20
C LYS U 3 -4.28 -0.66 -45.21
N ALA U 4 -4.27 -0.31 -43.92
CA ALA U 4 -4.95 -1.12 -42.93
C ALA U 4 -6.43 -1.22 -43.24
N ILE U 5 -7.05 -0.11 -43.65
CA ILE U 5 -8.48 -0.11 -43.97
C ILE U 5 -8.76 -1.06 -45.12
N ALA U 6 -7.98 -0.94 -46.20
CA ALA U 6 -8.20 -1.80 -47.36
C ALA U 6 -7.98 -3.26 -47.02
N GLN U 7 -6.93 -3.56 -46.24
CA GLN U 7 -6.67 -4.93 -45.84
C GLN U 7 -7.82 -5.49 -45.00
N GLU U 8 -8.32 -4.68 -44.07
CA GLU U 8 -9.42 -5.13 -43.22
C GLU U 8 -10.67 -5.40 -44.04
N PHE U 9 -10.99 -4.51 -44.99
CA PHE U 9 -12.15 -4.75 -45.82
C PHE U 9 -11.97 -5.94 -46.76
N LYS U 10 -10.75 -6.17 -47.26
CA LYS U 10 -10.51 -7.36 -48.06
C LYS U 10 -10.73 -8.62 -47.24
N ALA U 11 -10.22 -8.64 -46.00
CA ALA U 11 -10.44 -9.77 -45.12
C ALA U 11 -11.92 -9.94 -44.82
N ILE U 12 -12.64 -8.85 -44.59
CA ILE U 12 -14.08 -8.93 -44.32
C ILE U 12 -14.81 -9.51 -45.52
N ALA U 13 -14.44 -9.10 -46.73
CA ALA U 13 -15.06 -9.65 -47.93
C ALA U 13 -14.82 -11.15 -48.03
N LYS U 14 -13.58 -11.58 -47.78
CA LYS U 14 -13.27 -13.01 -47.82
C LYS U 14 -14.10 -13.76 -46.78
N LYS U 15 -14.23 -13.20 -45.58
CA LYS U 15 -14.98 -13.88 -44.53
C LYS U 15 -16.46 -13.96 -44.87
N PHE U 16 -17.00 -12.91 -45.48
CA PHE U 16 -18.38 -12.92 -45.90
C PHE U 16 -18.64 -13.94 -47.00
N LYS U 17 -17.73 -14.07 -47.96
CA LYS U 17 -17.93 -15.10 -48.98
C LYS U 17 -17.82 -16.49 -48.36
N ALA U 18 -16.97 -16.64 -47.34
CA ALA U 18 -16.95 -17.90 -46.60
C ALA U 18 -18.28 -18.18 -45.92
N ILE U 19 -18.88 -17.15 -45.31
CA ILE U 19 -20.20 -17.32 -44.70
C ILE U 19 -21.24 -17.70 -45.74
N ALA U 20 -21.16 -17.09 -46.92
CA ALA U 20 -22.09 -17.41 -48.00
C ALA U 20 -21.96 -18.88 -48.37
N PHI U 21 -20.71 -19.35 -48.46
CA PHI U 21 -20.46 -20.73 -48.79
CB PHI U 21 -18.97 -21.07 -48.95
CG PHI U 21 -18.60 -21.06 -50.40
CD1 PHI U 21 -17.68 -20.12 -50.89
CD2 PHI U 21 -19.17 -21.96 -51.28
CE1 PHI U 21 -17.33 -20.10 -52.23
CE2 PHI U 21 -18.84 -21.95 -52.63
CZ PHI U 21 -17.91 -21.02 -53.11
I PHI U 21 -17.42 -21.00 -55.07
C PHI U 21 -21.02 -21.68 -47.74
O PHI U 21 -21.59 -22.73 -47.99
N GLU U 22 -20.84 -21.26 -46.49
CA GLU U 22 -21.32 -22.04 -45.35
C GLU U 22 -22.84 -22.16 -45.36
N PHE U 23 -23.51 -21.05 -45.66
CA PHE U 23 -24.96 -21.06 -45.76
C PHE U 23 -25.43 -21.86 -46.96
N LYS U 24 -24.66 -21.89 -48.04
CA LYS U 24 -24.97 -22.78 -49.16
C LYS U 24 -25.00 -24.23 -48.70
N ALA U 25 -24.03 -24.62 -47.87
CA ALA U 25 -23.98 -25.99 -47.37
C ALA U 25 -25.13 -26.27 -46.42
N ILE U 26 -25.38 -25.35 -45.47
CA ILE U 26 -26.41 -25.62 -44.47
C ILE U 26 -27.80 -25.59 -45.10
N ALA U 27 -27.95 -24.87 -46.21
CA ALA U 27 -29.25 -24.86 -46.90
C ALA U 27 -29.59 -26.25 -47.42
N GLN U 28 -28.59 -26.99 -47.91
CA GLN U 28 -28.81 -28.34 -48.41
C GLN U 28 -29.20 -29.26 -47.26
N LYS U 29 -28.22 -29.63 -46.45
CA LYS U 29 -28.45 -30.49 -45.30
C LYS U 29 -28.93 -29.66 -44.12
N NH2 U 30 -30.26 -29.86 -43.57
CA NLG V 1 -35.06 -19.54 -47.73
C NLG V 1 -33.75 -19.13 -47.05
O NLG V 1 -33.31 -17.96 -47.21
CB NLG V 1 -35.73 -20.67 -46.95
CG NLG V 1 -37.20 -20.35 -46.74
CD NLG V 1 -37.81 -19.76 -48.02
OE1 NLG V 1 -38.10 -18.54 -48.08
OE2 NLG V 1 -38.00 -20.50 -49.01
C7 NLG V 1 -34.64 -18.98 -50.13
C8 NLG V 1 -34.37 -19.39 -51.57
O7 NLG V 1 -34.75 -17.82 -49.85
N2 NLG V 1 -34.78 -19.98 -49.09
N LEU V 2 -33.22 -20.39 -47.47
CA LEU V 2 -31.90 -20.09 -46.94
C LEU V 2 -30.95 -19.65 -48.05
N LYS V 3 -31.28 -20.06 -49.29
CA LYS V 3 -30.41 -19.77 -50.42
C LYS V 3 -30.27 -18.26 -50.65
N ALA V 4 -31.39 -17.53 -50.56
CA ALA V 4 -31.34 -16.09 -50.77
C ALA V 4 -30.38 -15.42 -49.81
N ILE V 5 -30.30 -15.93 -48.58
CA ILE V 5 -29.34 -15.41 -47.61
C ILE V 5 -27.92 -15.61 -48.12
N ALA V 6 -27.64 -16.80 -48.68
CA ALA V 6 -26.31 -17.06 -49.22
C ALA V 6 -25.99 -16.12 -50.38
N GLN V 7 -26.94 -15.91 -51.29
CA GLN V 7 -26.71 -14.98 -52.39
C GLN V 7 -26.47 -13.56 -51.88
N GLU V 8 -27.24 -13.13 -50.89
CA GLU V 8 -27.06 -11.79 -50.33
C GLU V 8 -25.69 -11.66 -49.69
N PHE V 9 -25.24 -12.69 -48.96
CA PHE V 9 -23.92 -12.62 -48.34
C PHE V 9 -22.82 -12.61 -49.38
N LYS V 10 -22.98 -13.38 -50.46
CA LYS V 10 -22.00 -13.35 -51.55
C LYS V 10 -21.94 -11.96 -52.17
N ALA V 11 -23.11 -11.34 -52.39
CA ALA V 11 -23.14 -10.00 -52.94
C ALA V 11 -22.46 -9.01 -52.00
N ILE V 12 -22.73 -9.13 -50.70
CA ILE V 12 -22.12 -8.24 -49.73
C ILE V 12 -20.60 -8.41 -49.72
N ALA V 13 -20.13 -9.65 -49.85
CA ALA V 13 -18.71 -9.90 -49.93
C ALA V 13 -18.10 -9.24 -51.16
N LYS V 14 -18.78 -9.34 -52.31
CA LYS V 14 -18.28 -8.67 -53.51
C LYS V 14 -18.23 -7.17 -53.32
N LYS V 15 -19.27 -6.61 -52.69
CA LYS V 15 -19.31 -5.17 -52.43
C LYS V 15 -18.16 -4.74 -51.53
N PHE V 16 -17.88 -5.51 -50.48
CA PHE V 16 -16.77 -5.15 -49.59
C PHE V 16 -15.43 -5.32 -50.28
N LYS V 17 -15.30 -6.29 -51.17
CA LYS V 17 -14.09 -6.39 -51.99
C LYS V 17 -13.90 -5.13 -52.83
N ALA V 18 -14.99 -4.66 -53.44
CA ALA V 18 -14.92 -3.42 -54.22
C ALA V 18 -14.53 -2.24 -53.33
N ILE V 19 -15.07 -2.19 -52.12
CA ILE V 19 -14.76 -1.10 -51.20
C ILE V 19 -13.27 -1.13 -50.84
N ALA V 20 -12.76 -2.32 -50.55
CA ALA V 20 -11.35 -2.49 -50.21
C ALA V 20 -10.47 -2.06 -51.38
N PHI V 21 -10.93 -2.36 -52.59
CA PHI V 21 -10.21 -1.98 -53.79
CB PHI V 21 -10.86 -2.51 -55.08
CG PHI V 21 -10.48 -1.72 -56.28
CD1 PHI V 21 -9.18 -1.83 -56.81
CD2 PHI V 21 -11.39 -0.85 -56.89
CE1 PHI V 21 -8.82 -1.09 -57.94
CE2 PHI V 21 -11.03 -0.12 -58.01
CZ PHI V 21 -9.74 -0.24 -58.54
I PHI V 21 -9.21 0.84 -60.17
C PHI V 21 -10.13 -0.46 -53.89
O PHI V 21 -9.09 0.15 -54.15
N GLU V 22 -11.28 0.16 -53.69
CA GLU V 22 -11.42 1.61 -53.80
C GLU V 22 -10.56 2.32 -52.75
N PHE V 23 -10.47 1.71 -51.57
CA PHE V 23 -9.65 2.30 -50.51
C PHE V 23 -8.17 2.27 -50.85
N LYS V 24 -7.71 1.22 -51.54
CA LYS V 24 -6.33 1.21 -52.00
C LYS V 24 -6.06 2.38 -52.94
N ALA V 25 -6.99 2.66 -53.84
CA ALA V 25 -6.83 3.77 -54.77
C ALA V 25 -6.83 5.11 -54.05
N ILE V 26 -7.80 5.30 -53.15
CA ILE V 26 -7.89 6.60 -52.47
C ILE V 26 -6.71 6.80 -51.52
N ALA V 27 -6.12 5.71 -51.03
CA ALA V 27 -4.97 5.82 -50.14
C ALA V 27 -3.77 6.45 -50.82
N GLN V 28 -3.67 6.35 -52.14
CA GLN V 28 -2.56 6.97 -52.87
C GLN V 28 -2.96 8.37 -53.31
N LYS V 29 -4.22 8.53 -53.68
CA LYS V 29 -4.74 9.82 -54.11
C LYS V 29 -5.91 10.22 -53.23
N NH2 V 30 -5.73 11.21 -52.19
CA NLG W 1 -13.84 8.85 -54.48
C NLG W 1 -14.79 8.20 -53.48
O NLG W 1 -15.67 7.39 -53.87
CB NLG W 1 -12.59 9.32 -53.75
CG NLG W 1 -11.39 8.51 -54.23
CD NLG W 1 -11.23 8.67 -55.74
OE1 NLG W 1 -10.79 9.76 -56.21
OE2 NLG W 1 -11.52 7.72 -56.51
C7 NLG W 1 -15.57 9.81 -56.05
C8 NLG W 1 -16.23 11.02 -56.69
O7 NLG W 1 -15.92 8.72 -56.34
N2 NLG W 1 -14.48 10.00 -55.09
N LEU W 2 -15.10 9.47 -52.90
CA LEU W 2 -15.93 9.52 -51.70
C LEU W 2 -17.37 9.23 -52.06
N LYS W 3 -17.75 9.59 -53.28
CA LYS W 3 -19.11 9.32 -53.76
C LYS W 3 -19.39 7.83 -53.80
N ALA W 4 -18.41 7.04 -54.25
CA ALA W 4 -18.60 5.60 -54.34
C ALA W 4 -18.90 4.99 -52.98
N ILE W 5 -18.19 5.42 -51.95
CA ILE W 5 -18.40 4.87 -50.61
C ILE W 5 -19.82 5.17 -50.13
N ALA W 6 -20.25 6.42 -50.30
CA ALA W 6 -21.57 6.81 -49.82
C ALA W 6 -22.67 6.08 -50.57
N GLN W 7 -22.56 5.98 -51.89
CA GLN W 7 -23.56 5.26 -52.67
C GLN W 7 -23.53 3.77 -52.35
N GLU W 8 -22.36 3.25 -51.99
CA GLU W 8 -22.17 1.81 -51.88
C GLU W 8 -22.69 1.30 -50.53
N PHE W 9 -22.38 2.03 -49.46
CA PHE W 9 -22.85 1.62 -48.14
C PHE W 9 -24.37 1.71 -48.06
N LYS W 10 -24.98 2.60 -48.85
CA LYS W 10 -26.44 2.63 -48.93
C LYS W 10 -26.98 1.32 -49.47
N ALA W 11 -26.34 0.77 -50.52
CA ALA W 11 -26.74 -0.53 -51.03
C ALA W 11 -26.52 -1.62 -49.99
N ILE W 12 -25.42 -1.52 -49.23
CA ILE W 12 -25.18 -2.47 -48.15
C ILE W 12 -26.33 -2.46 -47.15
N ALA W 13 -26.73 -1.26 -46.73
CA ALA W 13 -27.83 -1.13 -45.78
C ALA W 13 -29.13 -1.68 -46.35
N LYS W 14 -29.38 -1.41 -47.65
CA LYS W 14 -30.58 -1.94 -48.28
C LYS W 14 -30.57 -3.46 -48.27
N LYS W 15 -29.43 -4.07 -48.55
CA LYS W 15 -29.35 -5.52 -48.56
C LYS W 15 -29.61 -6.10 -47.17
N PHE W 16 -28.95 -5.54 -46.15
CA PHE W 16 -29.12 -6.08 -44.81
C PHE W 16 -30.57 -6.05 -44.35
N LYS W 17 -31.34 -5.06 -44.82
CA LYS W 17 -32.76 -5.07 -44.55
C LYS W 17 -33.43 -6.29 -45.15
N ALA W 18 -33.02 -6.68 -46.36
CA ALA W 18 -33.59 -7.87 -46.99
C ALA W 18 -33.24 -9.13 -46.20
N ILE W 19 -32.00 -9.24 -45.74
CA ILE W 19 -31.66 -10.39 -44.87
C ILE W 19 -32.51 -10.38 -43.62
N ALA W 20 -32.69 -9.22 -42.99
CA ALA W 20 -33.51 -9.11 -41.80
C ALA W 20 -34.93 -9.57 -42.07
N PHI W 21 -35.45 -9.20 -43.24
CA PHI W 21 -36.80 -9.53 -43.62
CB PHI W 21 -37.27 -8.88 -44.95
CG PHI W 21 -38.12 -7.71 -44.68
CD1 PHI W 21 -37.57 -6.41 -44.67
CD2 PHI W 21 -39.49 -7.86 -44.44
CE1 PHI W 21 -38.36 -5.31 -44.42
CE2 PHI W 21 -40.29 -6.74 -44.19
CZ PHI W 21 -39.73 -5.47 -44.18
I PHI W 21 -40.88 -3.84 -43.82
C PHI W 21 -36.96 -11.03 -43.79
O PHI W 21 -37.93 -11.67 -43.38
N GLU W 22 -35.96 -11.61 -44.45
CA GLU W 22 -35.98 -13.05 -44.71
C GLU W 22 -35.93 -13.83 -43.41
N PHE W 23 -35.12 -13.36 -42.48
CA PHE W 23 -35.05 -14.02 -41.17
C PHE W 23 -36.37 -13.90 -40.42
N LYS W 24 -37.15 -12.85 -40.67
CA LYS W 24 -38.47 -12.75 -40.07
C LYS W 24 -39.36 -13.89 -40.54
N ALA W 25 -39.35 -14.18 -41.84
CA ALA W 25 -40.12 -15.31 -42.36
C ALA W 25 -39.58 -16.63 -41.83
N ILE W 26 -38.25 -16.74 -41.73
CA ILE W 26 -37.65 -17.96 -41.21
C ILE W 26 -38.11 -18.20 -39.77
N ALA W 27 -38.25 -17.12 -39.00
CA ALA W 27 -38.71 -17.26 -37.62
C ALA W 27 -40.14 -17.80 -37.57
N GLN W 28 -40.99 -17.35 -38.49
CA GLN W 28 -42.37 -17.81 -38.54
C GLN W 28 -42.44 -19.29 -38.88
N LYS W 29 -42.23 -19.61 -40.15
CA LYS W 29 -42.24 -20.99 -40.62
C LYS W 29 -40.83 -21.54 -40.57
N NH2 W 30 -40.56 -22.79 -39.86
CA NLG X 1 -33.81 -17.00 -31.23
C NLG X 1 -33.30 -15.90 -32.15
O NLG X 1 -33.56 -14.70 -31.90
CB NLG X 1 -32.96 -18.26 -31.41
CG NLG X 1 -32.18 -18.52 -30.12
CD NLG X 1 -33.16 -18.59 -28.95
OE1 NLG X 1 -33.18 -17.67 -28.09
OE2 NLG X 1 -33.94 -19.57 -28.84
C7 NLG X 1 -36.24 -16.38 -31.16
C8 NLG X 1 -37.69 -16.71 -31.47
O7 NLG X 1 -35.97 -15.37 -30.60
N2 NLG X 1 -35.19 -17.31 -31.53
N LEU X 2 -33.84 -16.61 -33.28
CA LEU X 2 -34.16 -16.16 -34.63
C LEU X 2 -34.75 -14.75 -34.60
N LYS X 3 -35.70 -14.52 -33.69
CA LYS X 3 -36.33 -13.22 -33.59
C LYS X 3 -35.33 -12.13 -33.22
N ALA X 4 -34.45 -12.43 -32.26
CA ALA X 4 -33.42 -11.46 -31.89
C ALA X 4 -32.46 -11.21 -33.06
N ILE X 5 -32.16 -12.26 -33.82
CA ILE X 5 -31.27 -12.12 -34.98
C ILE X 5 -31.90 -11.17 -36.00
N ALA X 6 -33.16 -11.39 -36.33
CA ALA X 6 -33.84 -10.53 -37.30
C ALA X 6 -33.95 -9.11 -36.78
N GLN X 7 -34.25 -8.95 -35.49
CA GLN X 7 -34.34 -7.62 -34.91
C GLN X 7 -33.00 -6.90 -34.97
N GLU X 8 -31.90 -7.61 -34.71
CA GLU X 8 -30.59 -6.97 -34.68
C GLU X 8 -30.10 -6.63 -36.08
N PHE X 9 -30.45 -7.45 -37.07
CA PHE X 9 -30.09 -7.09 -38.45
C PHE X 9 -30.81 -5.83 -38.90
N LYS X 10 -32.02 -5.57 -38.42
CA LYS X 10 -32.67 -4.30 -38.71
C LYS X 10 -31.85 -3.14 -38.16
N ALA X 11 -31.33 -3.28 -36.95
CA ALA X 11 -30.48 -2.23 -36.37
C ALA X 11 -29.21 -2.06 -37.20
N ILE X 12 -28.61 -3.16 -37.65
CA ILE X 12 -27.39 -3.06 -38.44
C ILE X 12 -27.66 -2.32 -39.75
N ALA X 13 -28.75 -2.67 -40.42
CA ALA X 13 -29.12 -1.97 -41.65
C ALA X 13 -29.38 -0.49 -41.38
N LYS X 14 -30.01 -0.19 -40.25
CA LYS X 14 -30.21 1.21 -39.88
C LYS X 14 -28.90 1.94 -39.70
N LYS X 15 -27.93 1.32 -39.04
CA LYS X 15 -26.67 2.00 -38.72
C LYS X 15 -25.84 2.20 -40.00
N PHE X 16 -25.91 1.25 -40.92
CA PHE X 16 -25.16 1.39 -42.17
C PHE X 16 -25.63 2.57 -43.01
N LYS X 17 -26.93 2.86 -43.04
CA LYS X 17 -27.36 4.03 -43.81
C LYS X 17 -26.88 5.31 -43.16
N ALA X 18 -26.74 5.31 -41.83
CA ALA X 18 -26.10 6.43 -41.16
C ALA X 18 -24.64 6.57 -41.57
N ILE X 19 -23.95 5.43 -41.73
CA ILE X 19 -22.60 5.45 -42.29
C ILE X 19 -22.60 6.10 -43.66
N ALA X 20 -23.54 5.70 -44.52
CA ALA X 20 -23.66 6.25 -45.85
C ALA X 20 -23.83 7.76 -45.77
N PHI X 21 -24.69 8.19 -44.86
CA PHI X 21 -25.00 9.59 -44.69
CB PHI X 21 -26.11 9.86 -43.65
CG PHI X 21 -27.45 9.71 -44.27
CD1 PHI X 21 -28.39 8.83 -43.72
CD2 PHI X 21 -27.79 10.44 -45.42
CE1 PHI X 21 -29.65 8.68 -44.31
CE2 PHI X 21 -29.04 10.29 -46.01
CZ PHI X 21 -29.98 9.41 -45.45
I PHI X 21 -31.79 9.19 -46.30
C PHI X 21 -23.80 10.40 -44.25
O PHI X 21 -23.55 11.53 -44.68
N GLU X 22 -23.01 9.84 -43.35
CA GLU X 22 -21.87 10.59 -42.82
C GLU X 22 -20.72 10.65 -43.82
N PHE X 23 -20.49 9.58 -44.60
CA PHE X 23 -19.55 9.72 -45.71
C PHE X 23 -20.10 10.61 -46.81
N LYS X 24 -21.43 10.74 -46.90
CA LYS X 24 -22.00 11.71 -47.83
C LYS X 24 -21.57 13.12 -47.48
N ALA X 25 -21.55 13.45 -46.19
CA ALA X 25 -21.14 14.76 -45.73
C ALA X 25 -19.68 15.04 -46.09
N ILE X 26 -18.80 14.09 -45.79
CA ILE X 26 -17.38 14.29 -46.09
C ILE X 26 -17.12 14.24 -47.58
N ALA X 27 -18.04 13.67 -48.36
CA ALA X 27 -17.88 13.68 -49.81
C ALA X 27 -17.95 15.09 -50.37
N GLN X 28 -18.66 16.00 -49.69
CA GLN X 28 -18.78 17.37 -50.15
C GLN X 28 -17.68 18.24 -49.54
N LYS X 29 -17.79 18.48 -48.24
CA LYS X 29 -16.83 19.31 -47.54
C LYS X 29 -15.55 18.51 -47.28
N NH2 X 30 -14.26 19.17 -47.25
CA NLG Y 1 1.61 54.00 64.94
C NLG Y 1 0.57 53.60 63.90
O NLG Y 1 -0.33 52.79 64.21
CB NLG Y 1 1.19 55.32 65.58
CG NLG Y 1 2.03 55.55 66.84
CD NLG Y 1 3.22 56.42 66.48
OE1 NLG Y 1 3.90 56.96 67.38
OE2 NLG Y 1 3.51 56.61 65.26
C7 NLG Y 1 4.09 53.61 64.98
C8 NLG Y 1 5.46 53.77 64.33
O7 NLG Y 1 3.97 53.06 66.01
N2 NLG Y 1 2.91 54.15 64.32
N LEU Y 2 1.11 54.50 62.93
CA LEU Y 2 -0.08 54.57 62.10
C LEU Y 2 -0.29 53.25 61.37
N LYS Y 3 0.78 52.50 61.16
CA LYS Y 3 0.63 51.13 60.68
C LYS Y 3 -0.07 50.27 61.74
N ALA Y 4 0.33 50.42 63.00
CA ALA Y 4 -0.20 49.57 64.06
C ALA Y 4 -1.71 49.67 64.14
N ILE Y 5 -2.24 50.89 64.05
CA ILE Y 5 -3.68 51.07 63.98
C ILE Y 5 -4.26 50.30 62.82
N ALA Y 6 -3.57 50.31 61.68
CA ALA Y 6 -4.09 49.64 60.49
C ALA Y 6 -4.23 48.13 60.72
N GLN Y 7 -3.14 47.47 61.15
CA GLN Y 7 -3.30 46.02 61.31
C GLN Y 7 -4.23 45.69 62.47
N GLU Y 8 -4.32 46.57 63.47
CA GLU Y 8 -5.30 46.34 64.52
C GLU Y 8 -6.70 46.33 63.94
N PHE Y 9 -7.06 47.38 63.20
CA PHE Y 9 -8.38 47.44 62.59
C PHE Y 9 -8.64 46.22 61.71
N LYS Y 10 -7.60 45.72 61.05
CA LYS Y 10 -7.77 44.48 60.29
C LYS Y 10 -8.16 43.34 61.23
N ALA Y 11 -7.52 43.26 62.39
CA ALA Y 11 -7.84 42.20 63.34
C ALA Y 11 -9.29 42.31 63.82
N ILE Y 12 -9.74 43.53 64.15
CA ILE Y 12 -11.14 43.69 64.55
C ILE Y 12 -12.08 43.28 63.42
N ALA Y 13 -11.74 43.63 62.18
CA ALA Y 13 -12.59 43.23 61.07
C ALA Y 13 -12.72 41.72 60.98
N LYS Y 14 -11.59 41.02 61.11
CA LYS Y 14 -11.63 39.56 61.04
C LYS Y 14 -12.45 38.97 62.18
N LYS Y 15 -12.30 39.52 63.39
CA LYS Y 15 -13.06 39.01 64.52
C LYS Y 15 -14.56 39.22 64.33
N PHE Y 16 -14.94 40.39 63.80
CA PHE Y 16 -16.36 40.63 63.56
C PHE Y 16 -16.92 39.69 62.51
N LYS Y 17 -16.14 39.38 61.48
CA LYS Y 17 -16.60 38.40 60.50
C LYS Y 17 -16.82 37.04 61.14
N ALA Y 18 -15.90 36.65 62.02
CA ALA Y 18 -16.08 35.39 62.74
C ALA Y 18 -17.36 35.40 63.56
N ILE Y 19 -17.63 36.51 64.24
CA ILE Y 19 -18.86 36.63 65.02
C ILE Y 19 -20.08 36.48 64.12
N ALA Y 20 -20.03 37.12 62.96
CA ALA Y 20 -21.16 37.06 62.03
C ALA Y 20 -21.44 35.63 61.63
N PHI Y 21 -20.38 34.90 61.29
CA PHI Y 21 -20.58 33.53 60.83
CB PHI Y 21 -19.33 32.85 60.24
CG PHI Y 21 -19.13 33.33 58.85
CD1 PHI Y 21 -17.92 33.12 58.20
CD2 PHI Y 21 -20.17 33.99 58.19
CE1 PHI Y 21 -17.74 33.58 56.89
CE2 PHI Y 21 -19.99 34.44 56.88
CZ PHI Y 21 -18.78 34.23 56.23
I PHI Y 21 -18.51 34.90 54.34
C PHI Y 21 -21.10 32.65 61.95
O PHI Y 21 -21.89 31.72 61.77
N GLU Y 22 -20.65 32.97 63.17
CA GLU Y 22 -21.13 32.21 64.32
C GLU Y 22 -22.62 32.43 64.57
N PHE Y 23 -23.07 33.67 64.46
CA PHE Y 23 -24.50 33.93 64.59
C PHE Y 23 -25.28 33.28 63.46
N LYS Y 24 -24.73 33.30 62.24
CA LYS Y 24 -25.36 32.58 61.14
C LYS Y 24 -25.55 31.12 61.51
N ALA Y 25 -24.52 30.49 62.08
CA ALA Y 25 -24.63 29.09 62.46
C ALA Y 25 -25.68 28.88 63.56
N ILE Y 26 -25.69 29.76 64.57
CA ILE Y 26 -26.65 29.58 65.66
C ILE Y 26 -28.08 29.84 65.19
N ALA Y 27 -28.27 30.57 64.09
CA ALA Y 27 -29.62 30.88 63.63
C ALA Y 27 -30.36 29.62 63.21
N GLN Y 28 -29.69 28.72 62.50
CA GLN Y 28 -30.35 27.56 61.91
C GLN Y 28 -30.41 26.37 62.86
N LYS Y 29 -30.19 26.62 64.15
CA LYS Y 29 -30.21 25.55 65.13
C LYS Y 29 -30.99 25.98 66.36
N NH2 Y 30 -32.12 26.89 66.22
CA NLG Z 1 -34.25 36.98 63.67
C NLG Z 1 -32.78 37.37 63.75
O NLG Z 1 -32.34 38.21 62.91
CB NLG Z 1 -34.80 36.72 65.06
CG NLG Z 1 -35.88 37.73 65.37
CD NLG Z 1 -36.70 38.01 64.13
OE1 NLG Z 1 -36.61 39.12 63.56
OE2 NLG Z 1 -37.48 37.13 63.68
C7 NLG Z 1 -34.11 35.78 61.46
C8 NLG Z 1 -34.28 34.49 60.65
O7 NLG Z 1 -33.76 36.77 60.92
N2 NLG Z 1 -34.40 35.77 62.88
N LEU Z 2 -32.47 36.03 64.10
CA LEU Z 2 -31.04 35.96 64.39
C LEU Z 2 -30.24 36.20 63.13
N LYS Z 3 -30.84 35.88 61.97
CA LYS Z 3 -30.13 36.09 60.72
C LYS Z 3 -29.76 37.54 60.54
N ALA Z 4 -30.70 38.46 60.79
CA ALA Z 4 -30.45 39.87 60.56
C ALA Z 4 -29.20 40.32 61.29
N ILE Z 5 -29.00 39.85 62.52
CA ILE Z 5 -27.76 40.13 63.23
C ILE Z 5 -26.57 39.60 62.42
N ALA Z 6 -26.74 38.43 61.80
CA ALA Z 6 -25.63 37.83 61.08
C ALA Z 6 -25.20 38.70 59.90
N GLN Z 7 -26.13 39.09 59.03
CA GLN Z 7 -25.65 39.89 57.90
C GLN Z 7 -25.25 41.30 58.34
N GLU Z 8 -25.86 41.84 59.39
CA GLU Z 8 -25.40 43.14 59.88
C GLU Z 8 -23.95 43.06 60.35
N PHE Z 9 -23.60 42.01 61.08
CA PHE Z 9 -22.22 41.86 61.54
C PHE Z 9 -21.28 41.62 60.37
N LYS Z 10 -21.74 40.88 59.35
CA LYS Z 10 -20.90 40.70 58.16
C LYS Z 10 -20.61 42.02 57.48
N ALA Z 11 -21.63 42.87 57.35
CA ALA Z 11 -21.43 44.17 56.73
C ALA Z 11 -20.47 45.02 57.55
N ILE Z 12 -20.63 45.02 58.88
CA ILE Z 12 -19.75 45.80 59.74
C ILE Z 12 -18.31 45.29 59.62
N ALA Z 13 -18.14 43.97 59.54
CA ALA Z 13 -16.80 43.43 59.39
C ALA Z 13 -16.16 43.86 58.08
N LYS Z 14 -16.93 43.88 56.99
CA LYS Z 14 -16.38 44.39 55.74
C LYS Z 14 -16.00 45.86 55.85
N LYS Z 15 -16.83 46.67 56.52
CA LYS Z 15 -16.52 48.08 56.67
C LYS Z 15 -15.22 48.29 57.45
N PHE Z 16 -15.01 47.51 58.52
CA PHE Z 16 -13.77 47.66 59.27
C PHE Z 16 -12.55 47.25 58.45
N LYS Z 17 -12.69 46.24 57.61
CA LYS Z 17 -11.58 45.90 56.72
C LYS Z 17 -11.28 47.05 55.77
N ALA Z 18 -12.33 47.70 55.27
CA ALA Z 18 -12.13 48.88 54.44
C ALA Z 18 -11.37 49.95 55.20
N ILE Z 19 -11.72 50.17 56.47
CA ILE Z 19 -11.03 51.19 57.28
C ILE Z 19 -9.56 50.82 57.45
N ALA Z 20 -9.29 49.56 57.76
CA ALA Z 20 -7.93 49.10 57.99
C ALA Z 20 -7.11 49.31 56.73
N PHI Z 21 -7.74 49.12 55.58
CA PHI Z 21 -7.06 49.33 54.33
CB PHI Z 21 -7.86 48.87 53.10
CG PHI Z 21 -7.14 49.26 51.86
CD1 PHI Z 21 -7.59 50.30 51.05
CD2 PHI Z 21 -5.98 48.56 51.50
CE1 PHI Z 21 -6.90 50.65 49.90
CE2 PHI Z 21 -5.28 48.93 50.35
CZ PHI Z 21 -5.74 49.96 49.55
I PHI Z 21 -4.74 50.48 47.87
C PHI Z 21 -6.75 50.80 54.14
O PHI Z 21 -5.67 51.22 53.72
N GLU Z 22 -7.75 51.61 54.44
CA GLU Z 22 -7.67 53.05 54.17
C GLU Z 22 -6.60 53.75 55.00
N PHE Z 23 -6.58 53.45 56.30
CA PHE Z 23 -5.61 54.13 57.17
C PHE Z 23 -4.17 53.86 56.74
N LYS Z 24 -3.92 52.71 56.11
CA LYS Z 24 -2.57 52.39 55.68
C LYS Z 24 -2.06 53.41 54.67
N ALA Z 25 -2.93 53.89 53.78
CA ALA Z 25 -2.52 54.87 52.79
C ALA Z 25 -2.04 56.15 53.46
N ILE Z 26 -2.76 56.62 54.48
CA ILE Z 26 -2.30 57.78 55.23
C ILE Z 26 -1.00 57.45 55.94
N ALA Z 27 -0.86 56.20 56.42
CA ALA Z 27 0.39 55.79 57.05
C ALA Z 27 1.55 55.85 56.07
N GLN Z 28 1.28 55.71 54.77
CA GLN Z 28 2.31 55.84 53.75
C GLN Z 28 2.56 57.30 53.44
N LYS Z 29 1.49 58.02 53.14
CA LYS Z 29 1.59 59.43 52.81
C LYS Z 29 1.61 60.27 54.09
N NH2 Z 30 0.99 61.58 54.10
CA NLG AA 1 -8.89 60.39 53.43
C NLG AA 1 -9.45 60.53 54.84
O NLG AA 1 -9.03 59.72 55.72
CB NLG AA 1 -7.39 60.70 53.49
CG NLG AA 1 -6.65 59.79 52.51
CD NLG AA 1 -6.94 60.26 51.09
OE1 NLG AA 1 -6.26 61.19 50.58
OE2 NLG AA 1 -7.87 59.72 50.43
C7 NLG AA 1 -10.95 61.20 52.22
C8 NLG AA 1 -11.59 62.19 51.23
O7 NLG AA 1 -11.63 60.40 52.76
N2 NLG AA 1 -9.53 61.29 52.50
N LEU AA 2 -9.70 61.94 54.78
CA LEU AA 2 -10.32 61.64 56.07
C LEU AA 2 -11.84 61.62 55.97
N LYS AA 3 -12.38 62.19 54.89
CA LYS AA 3 -13.82 62.24 54.72
C LYS AA 3 -14.43 60.84 54.64
N ALA AA 4 -13.75 59.93 53.93
CA ALA AA 4 -14.23 58.57 53.83
C ALA AA 4 -14.34 57.94 55.21
N ILE AA 5 -13.35 58.17 56.07
CA ILE AA 5 -13.41 57.66 57.43
C ILE AA 5 -14.63 58.22 58.15
N ALA AA 6 -14.87 59.53 57.98
CA ALA AA 6 -15.95 60.18 58.69
C ALA AA 6 -17.31 59.61 58.32
N GLN AA 7 -17.58 59.48 57.01
CA GLN AA 7 -18.85 58.90 56.61
C GLN AA 7 -18.92 57.41 56.94
N GLU AA 8 -17.77 56.73 56.93
CA GLU AA 8 -17.72 55.30 57.17
C GLU AA 8 -18.12 54.96 58.59
N PHE AA 9 -17.57 55.67 59.57
CA PHE AA 9 -18.00 55.45 60.94
C PHE AA 9 -19.47 55.79 61.14
N LYS AA 10 -20.01 56.76 60.41
CA LYS AA 10 -21.43 57.04 60.51
C LYS AA 10 -22.26 55.85 60.04
N ALA AA 11 -21.84 55.23 58.92
CA ALA AA 11 -22.52 54.02 58.48
C ALA AA 11 -22.43 52.91 59.53
N ILE AA 12 -21.27 52.78 60.19
CA ILE AA 12 -21.14 51.80 61.26
C ILE AA 12 -22.14 52.09 62.37
N ALA AA 13 -22.30 53.35 62.72
CA ALA AA 13 -23.24 53.72 63.78
C ALA AA 13 -24.66 53.33 63.40
N LYS AA 14 -25.04 53.59 62.15
CA LYS AA 14 -26.37 53.20 61.70
C LYS AA 14 -26.57 51.70 61.80
N LYS AA 15 -25.55 50.93 61.41
CA LYS AA 15 -25.66 49.48 61.51
C LYS AA 15 -25.87 49.03 62.95
N PHE AA 16 -25.12 49.61 63.88
CA PHE AA 16 -25.28 49.20 65.28
C PHE AA 16 -26.65 49.58 65.81
N LYS AA 17 -27.18 50.74 65.41
CA LYS AA 17 -28.53 51.09 65.83
C LYS AA 17 -29.54 50.06 65.33
N ALA AA 18 -29.36 49.60 64.08
CA ALA AA 18 -30.25 48.55 63.57
C ALA AA 18 -30.14 47.28 64.39
N ILE AA 19 -28.92 46.88 64.75
CA ILE AA 19 -28.75 45.68 65.57
C ILE AA 19 -29.46 45.83 66.91
N ALA AA 20 -29.43 47.02 67.49
CA ALA AA 20 -30.11 47.25 68.75
C ALA AA 20 -31.61 47.09 68.58
N PHI AA 21 -32.14 47.69 67.52
CA PHI AA 21 -33.58 47.65 67.28
CB PHI AA 21 -34.06 48.52 66.10
CG PHI AA 21 -34.83 49.67 66.65
CD1 PHI AA 21 -34.33 50.97 66.54
CD2 PHI AA 21 -36.05 49.45 67.28
CE1 PHI AA 21 -35.04 52.05 67.06
CE2 PHI AA 21 -36.77 50.53 67.80
CZ PHI AA 21 -36.27 51.83 67.69
I PHI AA 21 -37.31 53.39 68.44
C PHI AA 21 -34.05 46.25 66.97
O PHI AA 21 -35.22 45.88 67.05
N GLU AA 22 -33.09 45.40 66.59
CA GLU AA 22 -33.38 43.99 66.37
C GLU AA 22 -33.37 43.19 67.67
N PHE AA 23 -32.33 43.34 68.47
CA PHE AA 23 -32.30 42.66 69.75
C PHE AA 23 -33.46 43.05 70.64
N LYS AA 24 -34.02 44.23 70.46
CA LYS AA 24 -35.27 44.55 71.14
C LYS AA 24 -36.36 43.55 70.76
N ALA AA 25 -36.48 43.23 69.46
CA ALA AA 25 -37.49 42.29 69.02
C ALA AA 25 -37.23 40.90 69.54
N ILE AA 26 -35.98 40.44 69.50
CA ILE AA 26 -35.69 39.13 70.09
C ILE AA 26 -36.00 39.14 71.59
N ALA AA 27 -35.87 40.29 72.25
CA ALA AA 27 -36.15 40.34 73.68
C ALA AA 27 -37.59 39.98 73.97
N GLN AA 28 -38.53 40.48 73.17
CA GLN AA 28 -39.94 40.20 73.36
C GLN AA 28 -40.31 38.81 72.85
N LYS AA 29 -40.53 38.72 71.55
CA LYS AA 29 -40.95 37.47 70.92
C LYS AA 29 -39.82 36.46 70.91
N NH2 AA 30 -39.37 35.85 72.15
CA NLG BA 1 -30.84 40.25 79.25
C NLG BA 1 -30.63 40.33 77.74
O NLG BA 1 -29.72 39.63 77.23
CB NLG BA 1 -31.44 38.90 79.60
CG NLG BA 1 -30.69 38.29 80.78
CD NLG BA 1 -30.52 39.36 81.85
OE1 NLG BA 1 -31.52 39.79 82.48
OE2 NLG BA 1 -29.37 39.79 82.13
C7 NLG BA 1 -31.22 42.30 80.60
C8 NLG BA 1 -32.14 43.42 81.10
O7 NLG BA 1 -30.09 42.26 80.97
N2 NLG BA 1 -31.72 41.30 79.69
N LEU BA 2 -32.05 40.44 77.65
CA LEU BA 2 -31.53 40.93 76.39
C LEU BA 2 -31.59 42.45 76.33
N LYS BA 3 -32.33 43.05 77.24
CA LYS BA 3 -32.52 44.50 77.19
C LYS BA 3 -31.21 45.23 77.44
N ALA BA 4 -30.37 44.72 78.34
CA ALA BA 4 -29.08 45.34 78.57
C ALA BA 4 -28.25 45.35 77.29
N ILE BA 5 -28.32 44.28 76.51
CA ILE BA 5 -27.61 44.22 75.24
C ILE BA 5 -28.10 45.31 74.31
N ALA BA 6 -29.41 45.51 74.25
CA ALA BA 6 -29.97 46.56 73.39
C ALA BA 6 -29.48 47.93 73.82
N GLN BA 7 -29.49 48.20 75.13
CA GLN BA 7 -29.03 49.49 75.62
C GLN BA 7 -27.56 49.72 75.27
N GLU BA 8 -26.73 48.70 75.48
CA GLU BA 8 -25.31 48.85 75.19
C GLU BA 8 -25.06 49.08 73.70
N PHE BA 9 -25.77 48.36 72.85
CA PHE BA 9 -25.57 48.54 71.42
C PHE BA 9 -26.03 49.92 70.97
N LYS BA 10 -27.13 50.42 71.54
CA LYS BA 10 -27.57 51.77 71.20
C LYS BA 10 -26.53 52.80 71.63
N ALA BA 11 -25.98 52.65 72.83
CA ALA BA 11 -24.96 53.58 73.30
C ALA BA 11 -23.73 53.53 72.39
N ILE BA 12 -23.33 52.33 71.98
CA ILE BA 12 -22.17 52.19 71.10
C ILE BA 12 -22.42 52.88 69.76
N ALA BA 13 -23.63 52.72 69.22
CA ALA BA 13 -23.94 53.41 67.97
C ALA BA 13 -23.84 54.92 68.14
N LYS BA 14 -24.33 55.44 69.26
CA LYS BA 14 -24.19 56.87 69.51
C LYS BA 14 -22.72 57.28 69.59
N LYS BA 15 -21.88 56.44 70.19
CA LYS BA 15 -20.49 56.80 70.38
C LYS BA 15 -19.75 56.85 69.04
N PHE BA 16 -19.98 55.86 68.18
CA PHE BA 16 -19.42 55.96 66.83
C PHE BA 16 -20.00 57.12 66.05
N LYS BA 17 -21.26 57.48 66.26
CA LYS BA 17 -21.77 58.70 65.65
C LYS BA 17 -20.91 59.90 66.05
N ALA BA 18 -20.59 60.00 67.34
CA ALA BA 18 -19.76 61.10 67.81
C ALA BA 18 -18.38 61.09 67.15
N ILE BA 19 -17.74 59.93 67.11
CA ILE BA 19 -16.39 59.84 66.53
C ILE BA 19 -16.43 60.21 65.05
N ALA BA 20 -17.44 59.74 64.34
CA ALA BA 20 -17.60 60.03 62.93
C ALA BA 20 -17.77 61.52 62.71
N PHI BA 21 -18.52 62.16 63.59
CA PHI BA 21 -18.72 63.58 63.48
CB PHI BA 21 -19.66 64.20 64.54
CG PHI BA 21 -19.21 65.55 64.95
CD1 PHI BA 21 -19.45 66.66 64.13
CD2 PHI BA 21 -18.54 65.73 66.17
CE1 PHI BA 21 -19.01 67.93 64.51
CE2 PHI BA 21 -18.09 66.99 66.55
CZ PHI BA 21 -18.34 68.09 65.73
I PHI BA 21 -17.71 69.92 66.31
C PHI BA 21 -17.37 64.27 63.61
O PHI BA 21 -16.99 65.19 62.89
N GLU BA 22 -16.61 63.78 64.59
CA GLU BA 22 -15.34 64.43 64.92
C GLU BA 22 -14.32 64.35 63.79
N PHE BA 23 -14.27 63.21 63.09
CA PHE BA 23 -13.37 63.14 61.94
C PHE BA 23 -13.74 64.14 60.84
N LYS BA 24 -15.01 64.52 60.71
CA LYS BA 24 -15.33 65.59 59.79
C LYS BA 24 -14.64 66.88 60.20
N ALA BA 25 -14.67 67.21 61.49
CA ALA BA 25 -14.04 68.43 61.96
C ALA BA 25 -12.55 68.41 61.76
N ILE BA 26 -11.90 67.27 62.05
CA ILE BA 26 -10.45 67.23 61.89
C ILE BA 26 -10.08 67.25 60.42
N ALA BA 27 -10.93 66.67 59.55
CA ALA BA 27 -10.62 66.64 58.13
C ALA BA 27 -10.59 68.02 57.49
N GLN BA 28 -11.53 68.89 57.84
CA GLN BA 28 -11.61 70.21 57.23
C GLN BA 28 -10.51 71.11 57.75
N LYS BA 29 -9.89 70.72 58.86
CA LYS BA 29 -8.83 71.50 59.46
C LYS BA 29 -7.55 70.69 59.52
N NH2 BA 30 -6.85 70.37 58.28
CA NLG CA 1 -8.72 66.65 68.67
C NLG CA 1 -8.73 65.14 68.87
O NLG CA 1 -9.60 64.63 69.62
CB NLG CA 1 -8.36 66.98 67.22
CG NLG CA 1 -9.44 67.86 66.58
CD NLG CA 1 -10.46 68.37 67.61
OE1 NLG CA 1 -10.21 69.41 68.28
OE2 NLG CA 1 -11.55 67.77 67.79
C7 NLG CA 1 -7.98 67.26 70.98
C8 NLG CA 1 -6.97 67.92 71.92
O7 NLG CA 1 -8.95 66.76 71.43
N2 NLG CA 1 -7.76 67.26 69.55
N LEU CA 2 -7.29 65.07 68.93
CA LEU CA 2 -7.07 63.64 69.01
C LEU CA 2 -7.30 63.11 70.42
N LYS CA 3 -7.41 64.04 71.38
CA LYS CA 3 -7.75 63.64 72.74
C LYS CA 3 -9.17 63.07 72.79
N ALA CA 4 -10.11 63.68 72.05
CA ALA CA 4 -11.49 63.23 72.09
C ALA CA 4 -11.63 61.80 71.57
N ILE CA 5 -10.97 61.50 70.46
CA ILE CA 5 -11.07 60.15 69.90
C ILE CA 5 -10.49 59.13 70.86
N ALA CA 6 -9.34 59.47 71.46
CA ALA CA 6 -8.72 58.56 72.42
C ALA CA 6 -9.65 58.32 73.61
N GLN CA 7 -10.35 59.35 74.07
CA GLN CA 7 -11.29 59.13 75.17
C GLN CA 7 -12.47 58.28 74.73
N GLU CA 8 -12.98 58.48 73.52
CA GLU CA 8 -14.20 57.79 73.10
C GLU CA 8 -13.94 56.31 72.87
N PHE CA 9 -12.79 55.99 72.26
CA PHE CA 9 -12.48 54.59 71.99
C PHE CA 9 -12.34 53.78 73.28
N LYS CA 10 -11.78 54.40 74.32
CA LYS CA 10 -11.68 53.68 75.60
C LYS CA 10 -13.06 53.36 76.15
N ALA CA 11 -13.99 54.29 76.04
CA ALA CA 11 -15.35 54.04 76.51
C ALA CA 11 -16.02 52.92 75.71
N ILE CA 12 -15.80 52.90 74.39
CA ILE CA 12 -16.35 51.81 73.60
C ILE CA 12 -15.76 50.48 74.04
N ALA CA 13 -14.45 50.45 74.29
CA ALA CA 13 -13.83 49.24 74.79
C ALA CA 13 -14.43 48.83 76.12
N LYS CA 14 -14.75 49.80 76.97
CA LYS CA 14 -15.40 49.50 78.24
C LYS CA 14 -16.76 48.85 78.02
N LYS CA 15 -17.54 49.38 77.08
CA LYS CA 15 -18.87 48.82 76.82
C LYS CA 15 -18.78 47.39 76.33
N PHE CA 16 -17.88 47.12 75.39
CA PHE CA 16 -17.83 45.78 74.81
C PHE CA 16 -17.54 44.73 75.86
N LYS CA 17 -16.81 45.07 76.91
CA LYS CA 17 -16.61 44.11 77.98
C LYS CA 17 -17.92 43.80 78.68
N ALA CA 18 -18.78 44.79 78.88
CA ALA CA 18 -20.08 44.54 79.50
C ALA CA 18 -20.93 43.62 78.62
N ILE CA 19 -20.92 43.84 77.31
CA ILE CA 19 -21.64 42.90 76.44
C ILE CA 19 -21.08 41.50 76.56
N ALA CA 20 -19.75 41.39 76.56
CA ALA CA 20 -19.11 40.09 76.65
C ALA CA 20 -19.50 39.37 77.92
N PHI CA 21 -19.67 40.12 79.00
CA PHI CA 21 -20.00 39.50 80.26
CB PHI CA 21 -19.67 40.33 81.50
CG PHI CA 21 -18.50 39.68 82.12
CD1 PHI CA 21 -17.28 39.66 81.42
CD2 PHI CA 21 -18.58 39.07 83.38
CE1 PHI CA 21 -16.16 39.04 81.98
CE2 PHI CA 21 -17.45 38.45 83.93
CZ PHI CA 21 -16.25 38.45 83.23
I PHI CA 21 -14.61 37.56 84.02
C PHI CA 21 -21.45 39.11 80.37
O PHI CA 21 -21.86 38.15 81.01
N GLU CA 22 -22.29 39.92 79.72
CA GLU CA 22 -23.71 39.61 79.69
C GLU CA 22 -23.96 38.32 78.92
N PHE CA 23 -23.22 38.13 77.83
CA PHE CA 23 -23.39 36.90 77.07
C PHE CA 23 -22.99 35.68 77.88
N LYS CA 24 -22.04 35.83 78.81
CA LYS CA 24 -21.73 34.73 79.73
C LYS CA 24 -22.94 34.36 80.55
N ALA CA 25 -23.65 35.34 81.09
CA ALA CA 25 -24.85 35.06 81.87
C ALA CA 25 -25.90 34.39 81.00
N ILE CA 26 -26.04 34.83 79.75
CA ILE CA 26 -26.97 34.18 78.83
C ILE CA 26 -26.56 32.73 78.59
N ALA CA 27 -25.25 32.47 78.57
CA ALA CA 27 -24.78 31.12 78.27
C ALA CA 27 -25.25 30.11 79.31
N GLN CA 28 -25.19 30.48 80.59
CA GLN CA 28 -25.63 29.57 81.64
C GLN CA 28 -27.14 29.41 81.63
N LYS CA 29 -27.83 30.33 82.29
CA LYS CA 29 -29.27 30.27 82.39
C LYS CA 29 -29.90 30.67 81.05
N NH2 CA 30 -31.07 29.95 80.58
CA NLG DA 1 -22.14 28.87 71.00
C NLG DA 1 -21.90 30.30 71.49
O NLG DA 1 -21.12 31.03 70.83
CB NLG DA 1 -23.59 28.70 70.57
CG NLG DA 1 -23.63 28.14 69.16
CD NLG DA 1 -22.56 27.05 69.01
OE1 NLG DA 1 -21.54 27.26 68.30
OE2 NLG DA 1 -22.70 25.96 69.63
C7 NLG DA 1 -20.76 26.97 71.87
C8 NLG DA 1 -20.43 25.97 72.96
O7 NLG DA 1 -20.13 27.00 70.86
N2 NLG DA 1 -21.85 27.92 72.05
N LEU DA 2 -22.54 29.99 72.73
CA LEU DA 2 -22.44 31.41 73.04
C LEU DA 2 -21.09 31.73 73.65
N LYS DA 3 -20.39 30.71 74.12
CA LYS DA 3 -19.08 30.92 74.71
C LYS DA 3 -18.14 31.60 73.72
N ALA DA 4 -18.21 31.21 72.45
CA ALA DA 4 -17.35 31.84 71.46
C ALA DA 4 -17.66 33.33 71.32
N ILE DA 5 -18.95 33.69 71.30
CA ILE DA 5 -19.33 35.09 71.15
C ILE DA 5 -18.82 35.91 72.33
N ALA DA 6 -19.11 35.45 73.53
CA ALA DA 6 -18.71 36.19 74.72
C ALA DA 6 -17.20 36.32 74.81
N GLN DA 7 -16.49 35.23 74.53
CA GLN DA 7 -15.04 35.26 74.64
C GLN DA 7 -14.42 36.13 73.55
N GLU DA 8 -15.07 36.22 72.39
CA GLU DA 8 -14.50 37.01 71.30
C GLU DA 8 -14.76 38.50 71.50
N PHE DA 9 -15.90 38.86 72.08
CA PHE DA 9 -16.09 40.27 72.42
C PHE DA 9 -15.06 40.77 73.40
N LYS DA 10 -14.59 39.91 74.31
CA LYS DA 10 -13.51 40.31 75.20
C LYS DA 10 -12.26 40.66 74.41
N ALA DA 11 -11.94 39.87 73.39
CA ALA DA 11 -10.79 40.19 72.54
C ALA DA 11 -11.00 41.51 71.82
N ILE DA 12 -12.22 41.77 71.34
CA ILE DA 12 -12.49 43.03 70.67
C ILE DA 12 -12.25 44.19 71.63
N ALA DA 13 -12.73 44.06 72.86
CA ALA DA 13 -12.51 45.10 73.86
C ALA DA 13 -11.02 45.30 74.10
N LYS DA 14 -10.26 44.21 74.13
CA LYS DA 14 -8.82 44.33 74.28
C LYS DA 14 -8.20 45.11 73.14
N LYS DA 15 -8.63 44.87 71.90
CA LYS DA 15 -8.05 45.59 70.77
C LYS DA 15 -8.36 47.07 70.84
N PHE DA 16 -9.60 47.42 71.19
CA PHE DA 16 -9.95 48.83 71.21
C PHE DA 16 -9.19 49.62 72.26
N LYS DA 17 -8.84 49.00 73.39
CA LYS DA 17 -8.02 49.70 74.38
C LYS DA 17 -6.67 50.06 73.81
N ALA DA 18 -6.05 49.14 73.08
CA ALA DA 18 -4.78 49.43 72.43
C ALA DA 18 -4.94 50.56 71.42
N ILE DA 19 -6.04 50.54 70.67
CA ILE DA 19 -6.29 51.63 69.72
C ILE DA 19 -6.35 52.97 70.44
N ALA DA 20 -7.03 53.00 71.57
CA ALA DA 20 -7.18 54.24 72.33
C ALA DA 20 -5.84 54.75 72.83
N PHI DA 21 -5.06 53.83 73.40
CA PHI DA 21 -3.78 54.20 73.98
CB PHI DA 21 -3.10 53.09 74.78
CG PHI DA 21 -3.75 52.99 76.11
CD1 PHI DA 21 -3.78 51.77 76.80
CD2 PHI DA 21 -4.37 54.11 76.70
CE1 PHI DA 21 -4.40 51.68 78.03
CE2 PHI DA 21 -4.99 54.02 77.93
CZ PHI DA 21 -5.01 52.79 78.61
I PHI DA 21 -5.91 52.63 80.41
C PHI DA 21 -2.81 54.64 72.90
O PHI DA 21 -1.88 55.42 73.12
N GLU DA 22 -3.01 54.13 71.70
CA GLU DA 22 -2.20 54.54 70.57
C GLU DA 22 -2.57 55.94 70.11
N PHE DA 23 -3.86 56.20 69.98
CA PHE DA 23 -4.30 57.54 69.61
C PHE DA 23 -3.82 58.57 70.63
N LYS DA 24 -3.76 58.19 71.90
CA LYS DA 24 -3.28 59.12 72.91
C LYS DA 24 -1.83 59.53 72.61
N ALA DA 25 -1.02 58.58 72.17
CA ALA DA 25 0.38 58.86 71.84
C ALA DA 25 0.46 59.87 70.70
N ILE DA 26 -0.36 59.69 69.66
CA ILE DA 26 -0.38 60.63 68.56
C ILE DA 26 -0.86 62.00 69.01
N ALA DA 27 -1.75 62.06 70.00
CA ALA DA 27 -2.24 63.34 70.48
C ALA DA 27 -1.10 64.20 71.03
N GLN DA 28 -0.05 63.58 71.54
CA GLN DA 28 1.09 64.33 72.06
C GLN DA 28 2.07 64.64 70.94
N LYS DA 29 2.76 63.61 70.46
CA LYS DA 29 3.74 63.76 69.41
C LYS DA 29 3.04 63.99 68.07
N NH2 DA 30 3.25 65.23 67.35
CA NLG EA 1 -24.46 13.03 42.98
C NLG EA 1 -24.07 14.15 42.03
O NLG EA 1 -24.93 14.56 41.19
CB NLG EA 1 -24.80 13.62 44.34
CG NLG EA 1 -25.74 12.67 45.07
CD NLG EA 1 -24.90 11.63 45.80
OE1 NLG EA 1 -23.64 11.68 45.73
OE2 NLG EA 1 -25.47 10.71 46.46
C7 NLG EA 1 -23.18 11.05 42.14
C8 NLG EA 1 -22.03 10.07 42.26
O7 NLG EA 1 -23.92 10.98 41.23
N2 NLG EA 1 -23.35 12.09 43.13
N LEU EA 2 -22.70 14.16 42.45
CA LEU EA 2 -22.49 15.55 42.06
C LEU EA 2 -22.40 15.70 40.55
N LYS EA 3 -22.08 14.59 39.87
CA LYS EA 3 -22.15 14.58 38.41
C LYS EA 3 -23.54 14.95 37.93
N ALA EA 4 -24.56 14.31 38.50
CA ALA EA 4 -25.93 14.55 38.06
C ALA EA 4 -26.26 16.04 38.10
N ILE EA 5 -25.85 16.71 39.18
CA ILE EA 5 -26.03 18.16 39.25
C ILE EA 5 -25.31 18.84 38.10
N ALA EA 6 -24.12 18.34 37.75
CA ALA EA 6 -23.35 18.98 36.68
C ALA EA 6 -24.09 18.92 35.35
N GLN EA 7 -24.39 17.71 34.86
CA GLN EA 7 -25.07 17.67 33.57
C GLN EA 7 -26.46 18.26 33.66
N GLU EA 8 -27.05 18.31 34.87
CA GLU EA 8 -28.34 18.94 35.03
C GLU EA 8 -28.24 20.43 34.77
N PHE EA 9 -27.24 21.08 35.36
CA PHE EA 9 -27.00 22.49 35.09
C PHE EA 9 -26.69 22.70 33.62
N LYS EA 10 -25.97 21.77 33.00
CA LYS EA 10 -25.68 21.90 31.57
C LYS EA 10 -26.95 21.90 30.75
N ALA EA 11 -27.87 20.98 31.05
CA ALA EA 11 -29.15 20.95 30.34
C ALA EA 11 -29.92 22.24 30.56
N ILE EA 12 -29.89 22.77 31.79
CA ILE EA 12 -30.56 24.04 32.05
C ILE EA 12 -29.97 25.15 31.18
N ALA EA 13 -28.65 25.17 31.05
CA ALA EA 13 -28.00 26.18 30.23
C ALA EA 13 -28.43 26.06 28.78
N LYS EA 14 -28.50 24.83 28.27
CA LYS EA 14 -28.91 24.64 26.88
C LYS EA 14 -30.34 25.12 26.66
N LYS EA 15 -31.23 24.83 27.61
CA LYS EA 15 -32.60 25.33 27.50
C LYS EA 15 -32.65 26.85 27.51
N PHE EA 16 -31.82 27.47 28.36
CA PHE EA 16 -31.79 28.93 28.38
C PHE EA 16 -31.31 29.49 27.05
N LYS EA 17 -30.30 28.86 26.45
CA LYS EA 17 -29.81 29.33 25.15
C LYS EA 17 -30.89 29.20 24.10
N ALA EA 18 -31.67 28.12 24.14
CA ALA EA 18 -32.79 27.98 23.21
C ALA EA 18 -33.80 29.11 23.40
N ILE EA 19 -34.11 29.44 24.66
CA ILE EA 19 -35.03 30.55 24.93
C ILE EA 19 -34.48 31.85 24.37
N ALA EA 20 -33.19 32.07 24.54
CA ALA EA 20 -32.55 33.27 24.06
C ALA EA 20 -32.70 33.38 22.56
N PHI EA 21 -32.46 32.27 21.87
CA PHI EA 21 -32.55 32.28 20.42
CB PHI EA 21 -32.05 30.99 19.75
CG PHI EA 21 -30.60 31.13 19.46
CD1 PHI EA 21 -29.83 30.01 19.12
CD2 PHI EA 21 -29.99 32.38 19.55
CE1 PHI EA 21 -28.47 30.15 18.84
CE2 PHI EA 21 -28.62 32.52 19.29
CZ PHI EA 21 -27.86 31.41 18.94
I PHI EA 21 -25.89 31.60 18.55
C PHI EA 21 -33.98 32.51 19.97
O PHI EA 21 -34.28 33.10 18.93
N GLU EA 22 -34.92 32.02 20.77
CA GLU EA 22 -36.32 32.20 20.44
C GLU EA 22 -36.74 33.66 20.54
N PHE EA 23 -36.35 34.31 21.62
CA PHE EA 23 -36.59 35.75 21.71
C PHE EA 23 -35.82 36.51 20.64
N LYS EA 24 -34.65 36.02 20.25
CA LYS EA 24 -33.94 36.62 19.12
C LYS EA 24 -34.77 36.57 17.85
N ALA EA 25 -35.40 35.42 17.59
CA ALA EA 25 -36.23 35.29 16.41
C ALA EA 25 -37.45 36.19 16.49
N ILE EA 26 -38.10 36.24 17.64
CA ILE EA 26 -39.32 37.03 17.75
C ILE EA 26 -39.05 38.52 17.79
N ALA EA 27 -37.85 38.93 18.18
CA ALA EA 27 -37.55 40.35 18.32
C ALA EA 27 -37.60 41.07 16.99
N GLN EA 28 -36.93 40.53 15.97
CA GLN EA 28 -36.91 41.14 14.66
C GLN EA 28 -38.28 41.05 14.01
N LYS EA 29 -39.07 40.07 14.44
CA LYS EA 29 -40.41 39.89 13.93
C LYS EA 29 -41.41 40.49 14.91
N NH2 EA 30 -41.26 41.86 15.35
CA NLG FA 1 -35.90 45.86 23.75
C NLG FA 1 -35.42 44.41 23.87
O NLG FA 1 -34.24 44.20 24.29
CB NLG FA 1 -37.31 45.96 24.35
CG NLG FA 1 -37.33 47.12 25.33
CD NLG FA 1 -36.62 48.32 24.69
OE1 NLG FA 1 -37.14 48.90 23.70
OE2 NLG FA 1 -35.52 48.71 25.15
C7 NLG FA 1 -34.70 46.41 21.62
C8 NLG FA 1 -34.75 46.84 20.15
O7 NLG FA 1 -33.65 46.20 22.14
N2 NLG FA 1 -35.94 46.25 22.36
N LEU FA 2 -36.09 43.95 22.70
CA LEU FA 2 -36.02 42.51 22.87
C LEU FA 2 -34.65 41.96 22.45
N LYS FA 3 -33.82 42.84 21.87
CA LYS FA 3 -32.42 42.48 21.66
C LYS FA 3 -31.73 42.23 22.99
N ALA FA 4 -31.96 43.12 23.95
CA ALA FA 4 -31.27 43.01 25.24
C ALA FA 4 -31.66 41.74 25.97
N ILE FA 5 -32.95 41.38 25.96
CA ILE FA 5 -33.38 40.16 26.64
C ILE FA 5 -32.69 38.95 26.03
N ALA FA 6 -32.65 38.87 24.69
CA ALA FA 6 -32.06 37.72 24.04
C ALA FA 6 -30.57 37.61 24.34
N GLN FA 7 -29.83 38.72 24.17
CA GLN FA 7 -28.39 38.67 24.44
C GLN FA 7 -28.13 38.35 25.91
N GLU FA 8 -28.99 38.86 26.80
CA GLU FA 8 -28.85 38.62 28.22
C GLU FA 8 -29.03 37.15 28.56
N PHE FA 9 -30.08 36.51 28.03
CA PHE FA 9 -30.24 35.09 28.28
C PHE FA 9 -29.14 34.27 27.65
N LYS FA 10 -28.58 34.74 26.54
CA LYS FA 10 -27.39 34.07 26.01
C LYS FA 10 -26.25 34.13 27.02
N ALA FA 11 -26.06 35.29 27.64
CA ALA FA 11 -25.02 35.41 28.66
C ALA FA 11 -25.26 34.45 29.81
N ILE FA 12 -26.49 34.41 30.30
CA ILE FA 12 -26.80 33.53 31.43
C ILE FA 12 -26.61 32.06 31.04
N ALA FA 13 -26.93 31.74 29.79
CA ALA FA 13 -26.68 30.38 29.31
C ALA FA 13 -25.20 30.05 29.36
N LYS FA 14 -24.35 30.98 28.97
CA LYS FA 14 -22.91 30.75 29.14
C LYS FA 14 -22.54 30.57 30.61
N LYS FA 15 -23.14 31.38 31.48
CA LYS FA 15 -22.84 31.30 32.90
C LYS FA 15 -23.15 29.91 33.45
N PHE FA 16 -24.36 29.41 33.21
CA PHE FA 16 -24.72 28.10 33.77
C PHE FA 16 -23.84 27.00 33.23
N LYS FA 17 -23.39 27.12 31.98
CA LYS FA 17 -22.38 26.18 31.49
C LYS FA 17 -21.13 26.25 32.33
N ALA FA 18 -20.72 27.47 32.71
CA ALA FA 18 -19.55 27.59 33.58
C ALA FA 18 -19.77 26.87 34.91
N ILE FA 19 -20.94 27.04 35.53
CA ILE FA 19 -21.19 26.36 36.80
C ILE FA 19 -21.16 24.86 36.62
N ALA FA 20 -21.77 24.37 35.55
CA ALA FA 20 -21.85 22.94 35.29
C ALA FA 20 -20.45 22.39 35.18
N PHI FA 21 -19.58 23.14 34.50
CA PHI FA 21 -18.22 22.70 34.33
CB PHI FA 21 -17.35 23.57 33.42
CG PHI FA 21 -16.03 22.91 33.35
CD1 PHI FA 21 -14.87 23.52 33.81
CD2 PHI FA 21 -15.96 21.61 32.82
CE1 PHI FA 21 -13.65 22.87 33.74
CE2 PHI FA 21 -14.75 20.96 32.74
CZ PHI FA 21 -13.58 21.58 33.20
I PHI FA 21 -11.82 20.59 33.08
C PHI FA 21 -17.53 22.63 35.67
O PHI FA 21 -16.76 21.73 36.01
N GLU FA 22 -17.81 23.65 36.48
CA GLU FA 22 -17.11 23.79 37.76
C GLU FA 22 -17.44 22.68 38.73
N PHE FA 23 -18.74 22.37 38.86
CA PHE FA 23 -19.15 21.34 39.81
C PHE FA 23 -18.51 19.99 39.52
N LYS FA 24 -18.28 19.67 38.24
CA LYS FA 24 -17.68 18.39 37.90
C LYS FA 24 -16.29 18.26 38.51
N ALA FA 25 -15.52 19.35 38.56
CA ALA FA 25 -14.19 19.29 39.13
C ALA FA 25 -14.24 18.90 40.60
N ILE FA 26 -15.16 19.50 41.35
CA ILE FA 26 -15.32 19.11 42.75
C ILE FA 26 -15.79 17.67 42.84
N ALA FA 27 -16.64 17.25 41.90
CA ALA FA 27 -17.24 15.91 41.98
C ALA FA 27 -16.18 14.82 41.95
N GLN FA 28 -15.09 15.03 41.22
CA GLN FA 28 -14.05 14.02 41.13
C GLN FA 28 -12.98 14.28 42.18
N LYS FA 29 -12.83 15.53 42.58
CA LYS FA 29 -11.84 15.90 43.57
C LYS FA 29 -12.49 15.85 44.95
N NH2 FA 30 -11.86 16.54 46.07
CA NLG GA 1 -13.98 26.63 43.70
C NLG GA 1 -15.35 27.17 44.07
O NLG GA 1 -16.08 27.63 43.17
CB NLG GA 1 -13.96 25.12 43.94
CG NLG GA 1 -13.09 24.45 42.88
CD NLG GA 1 -11.64 24.89 43.10
OE1 NLG GA 1 -11.12 25.73 42.33
OE2 NLG GA 1 -10.97 24.40 44.05
C7 NLG GA 1 -12.67 28.67 44.41
C8 NLG GA 1 -11.57 29.28 45.26
O7 NLG GA 1 -13.31 29.35 43.69
N2 NLG GA 1 -12.93 27.24 44.51
N LEU GA 2 -15.01 27.06 45.47
CA LEU GA 2 -16.40 27.42 45.73
C LEU GA 2 -16.58 28.94 45.70
N LYS GA 3 -15.46 29.67 45.76
CA LYS GA 3 -15.54 31.12 45.58
C LYS GA 3 -16.03 31.46 44.18
N ALA GA 4 -15.58 30.72 43.18
CA ALA GA 4 -16.05 30.94 41.81
C ALA GA 4 -17.56 30.79 41.73
N ILE GA 5 -18.10 29.72 42.30
CA ILE GA 5 -19.54 29.51 42.32
C ILE GA 5 -20.23 30.66 43.07
N ALA GA 6 -19.65 31.07 44.18
CA ALA GA 6 -20.29 32.08 45.02
C ALA GA 6 -20.42 33.40 44.28
N GLN GA 7 -19.34 33.89 43.68
CA GLN GA 7 -19.43 35.15 42.95
C GLN GA 7 -20.22 34.98 41.65
N GLU GA 8 -20.17 33.79 41.06
CA GLU GA 8 -20.87 33.55 39.82
C GLU GA 8 -22.38 33.68 40.01
N PHE GA 9 -22.91 33.07 41.06
CA PHE GA 9 -24.34 33.21 41.32
C PHE GA 9 -24.73 34.65 41.61
N LYS GA 10 -23.84 35.43 42.23
CA LYS GA 10 -24.13 36.85 42.42
C LYS GA 10 -24.27 37.54 41.08
N ALA GA 11 -23.39 37.22 40.13
CA ALA GA 11 -23.54 37.76 38.79
C ALA GA 11 -24.87 37.34 38.16
N ILE GA 12 -25.27 36.09 38.36
CA ILE GA 12 -26.55 35.61 37.84
C ILE GA 12 -27.70 36.43 38.42
N ALA GA 13 -27.66 36.68 39.73
CA ALA GA 13 -28.73 37.44 40.36
C ALA GA 13 -28.80 38.85 39.78
N LYS GA 14 -27.65 39.49 39.59
CA LYS GA 14 -27.65 40.80 38.96
C LYS GA 14 -28.27 40.74 37.57
N LYS GA 15 -27.95 39.69 36.81
CA LYS GA 15 -28.50 39.56 35.46
C LYS GA 15 -30.02 39.43 35.48
N PHE GA 16 -30.55 38.62 36.40
CA PHE GA 16 -32.01 38.50 36.47
C PHE GA 16 -32.67 39.80 36.92
N LYS GA 17 -32.02 40.54 37.80
CA LYS GA 17 -32.55 41.86 38.14
C LYS GA 17 -32.62 42.75 36.91
N ALA GA 18 -31.60 42.68 36.06
CA ALA GA 18 -31.63 43.44 34.81
C ALA GA 18 -32.81 43.00 33.93
N ILE GA 19 -33.06 41.69 33.86
CA ILE GA 19 -34.21 41.21 33.09
C ILE GA 19 -35.50 41.83 33.63
N ALA GA 20 -35.66 41.83 34.94
CA ALA GA 20 -36.85 42.38 35.55
C ALA GA 20 -37.00 43.85 35.20
N PHI GA 21 -35.87 44.57 35.22
CA PHI GA 21 -35.88 45.97 34.91
CB PHI GA 21 -34.51 46.67 35.02
CG PHI GA 21 -34.48 47.55 36.21
CD1 PHI GA 21 -33.31 47.66 36.97
CD2 PHI GA 21 -35.62 48.26 36.60
CE1 PHI GA 21 -33.27 48.48 38.09
CE2 PHI GA 21 -35.58 49.08 37.73
CZ PHI GA 21 -34.40 49.20 38.48
I PHI GA 21 -34.34 50.39 40.10
C PHI GA 21 -36.38 46.22 33.49
O PHI GA 21 -37.16 47.12 33.19
N GLU GA 22 -35.89 45.38 32.60
CA GLU GA 22 -36.26 45.51 31.19
C GLU GA 22 -37.73 45.20 30.95
N PHE GA 23 -38.23 44.16 31.63
CA PHE GA 23 -39.64 43.85 31.51
C PHE GA 23 -40.53 44.91 32.14
N LYS GA 24 -40.02 45.61 33.16
CA LYS GA 24 -40.77 46.75 33.71
C LYS GA 24 -41.08 47.75 32.62
N ALA GA 25 -40.08 48.08 31.78
CA ALA GA 25 -40.30 49.04 30.70
C ALA GA 25 -41.16 48.44 29.60
N ILE GA 26 -40.88 47.20 29.20
CA ILE GA 26 -41.58 46.64 28.05
C ILE GA 26 -43.05 46.43 28.38
N ALA GA 27 -43.39 46.28 29.67
CA ALA GA 27 -44.78 46.15 30.06
C ALA GA 27 -45.58 47.41 29.74
N GLN GA 28 -44.96 48.57 29.93
CA GLN GA 28 -45.65 49.84 29.73
C GLN GA 28 -46.09 50.03 28.28
N LYS GA 29 -45.13 50.38 27.42
CA LYS GA 29 -45.43 50.63 26.02
C LYS GA 29 -45.84 49.34 25.32
N NH2 GA 30 -46.51 49.40 24.03
CA NLG HA 1 -49.59 40.37 32.72
C NLG HA 1 -48.08 40.42 32.54
O NLG HA 1 -47.47 39.35 32.24
CB NLG HA 1 -50.27 40.44 31.35
CG NLG HA 1 -51.40 39.41 31.28
CD NLG HA 1 -52.10 39.27 32.62
OE1 NLG HA 1 -52.84 40.19 33.05
OE2 NLG HA 1 -51.92 38.23 33.31
C7 NLG HA 1 -49.72 41.58 34.94
C8 NLG HA 1 -50.25 42.74 35.76
O7 NLG HA 1 -49.02 40.76 35.45
N2 NLG HA 1 -50.07 41.47 33.54
N LEU HA 2 -48.10 41.85 32.41
CA LEU HA 2 -46.66 41.58 32.37
C LEU HA 2 -45.99 41.91 33.69
N LYS HA 3 -46.70 42.63 34.56
CA LYS HA 3 -46.11 43.00 35.84
C LYS HA 3 -45.78 41.76 36.67
N ALA HA 4 -46.60 40.72 36.56
CA ALA HA 4 -46.32 39.49 37.28
C ALA HA 4 -44.99 38.90 36.86
N ILE HA 5 -44.69 38.91 35.56
CA ILE HA 5 -43.44 38.36 35.09
C ILE HA 5 -42.25 39.10 35.70
N ALA HA 6 -42.30 40.43 35.68
CA ALA HA 6 -41.21 41.21 36.23
C ALA HA 6 -41.06 40.96 37.72
N GLN HA 7 -42.18 40.88 38.44
CA GLN HA 7 -42.12 40.64 39.88
C GLN HA 7 -41.48 39.29 40.18
N GLU HA 8 -41.88 38.25 39.45
CA GLU HA 8 -41.32 36.93 39.69
C GLU HA 8 -39.83 36.90 39.35
N PHE HA 9 -39.44 37.58 38.27
CA PHE HA 9 -38.02 37.60 37.93
C PHE HA 9 -37.21 38.32 39.01
N LYS HA 10 -37.76 39.40 39.56
CA LYS HA 10 -37.06 40.08 40.65
C LYS HA 10 -36.91 39.17 41.86
N ALA HA 11 -37.97 38.42 42.18
CA ALA HA 11 -37.87 37.48 43.29
C ALA HA 11 -36.81 36.41 43.02
N ILE HA 12 -36.73 35.93 41.78
CA ILE HA 12 -35.71 34.96 41.43
C ILE HA 12 -34.32 35.56 41.62
N ALA HA 13 -34.15 36.82 41.25
CA ALA HA 13 -32.86 37.47 41.46
C ALA HA 13 -32.51 37.51 42.94
N LYS HA 14 -33.49 37.83 43.79
CA LYS HA 14 -33.22 37.82 45.23
C LYS HA 14 -32.81 36.44 45.71
N LYS HA 15 -33.51 35.41 45.24
CA LYS HA 15 -33.20 34.05 45.68
C LYS HA 15 -31.79 33.64 45.28
N PHE HA 16 -31.41 33.95 44.04
CA PHE HA 16 -30.06 33.62 43.59
C PHE HA 16 -29.02 34.41 44.37
N LYS HA 17 -29.33 35.65 44.76
CA LYS HA 17 -28.41 36.37 45.64
C LYS HA 17 -28.23 35.63 46.96
N ALA HA 18 -29.32 35.13 47.53
CA ALA HA 18 -29.22 34.40 48.79
C ALA HA 18 -28.33 33.18 48.65
N ILE HA 19 -28.51 32.42 47.56
CA ILE HA 19 -27.67 31.25 47.32
C ILE HA 19 -26.20 31.64 47.18
N ALA HA 20 -25.94 32.70 46.42
CA ALA HA 20 -24.58 33.16 46.20
C ALA HA 20 -23.93 33.51 47.52
N PHI HA 21 -24.70 34.14 48.40
CA PHI HA 21 -24.18 34.53 49.69
CB PHI HA 21 -25.15 35.38 50.53
CG PHI HA 21 -24.90 35.28 51.98
CD1 PHI HA 21 -23.79 35.93 52.56
CD2 PHI HA 21 -25.75 34.55 52.81
CE1 PHI HA 21 -23.56 35.83 53.93
CE2 PHI HA 21 -25.52 34.45 54.17
CZ PHI HA 21 -24.42 35.09 54.74
I PHI HA 21 -24.08 34.95 56.72
C PHI HA 21 -23.84 33.30 50.51
O PHI HA 21 -22.86 33.20 51.24
N GLU HA 22 -24.70 32.29 50.38
CA GLU HA 22 -24.58 31.12 51.22
C GLU HA 22 -23.35 30.27 50.88
N PHE HA 23 -23.07 30.11 49.59
CA PHE HA 23 -21.81 29.42 49.26
C PHE HA 23 -20.57 30.14 49.75
N LYS HA 24 -20.59 31.45 49.89
CA LYS HA 24 -19.45 32.11 50.53
C LYS HA 24 -19.26 31.59 51.93
N ALA HA 25 -20.35 31.42 52.67
CA ALA HA 25 -20.25 30.87 54.02
C ALA HA 25 -19.72 29.44 54.00
N ILE HA 26 -20.25 28.61 53.11
CA ILE HA 26 -19.84 27.20 53.17
C ILE HA 26 -18.39 27.04 52.76
N ALA HA 27 -17.91 27.85 51.82
CA ALA HA 27 -16.53 27.70 51.34
C ALA HA 27 -15.50 28.03 52.42
N GLN HA 28 -15.77 29.02 53.26
CA GLN HA 28 -14.83 29.38 54.31
C GLN HA 28 -14.80 28.31 55.38
N LYS HA 29 -15.97 27.99 55.92
CA LYS HA 29 -16.07 26.96 56.95
C LYS HA 29 -15.88 25.58 56.32
N NH2 HA 30 -14.61 25.22 55.72
CA NLG IA 1 -25.79 24.63 54.88
C NLG IA 1 -26.81 24.30 53.80
O NLG IA 1 -28.01 24.65 53.96
CB NLG IA 1 -24.39 24.42 54.36
CG NLG IA 1 -23.42 25.44 54.92
CD NLG IA 1 -23.95 26.04 56.23
OE1 NLG IA 1 -24.48 27.19 56.22
OE2 NLG IA 1 -23.85 25.39 57.30
C7 NLG IA 1 -27.10 24.03 56.92
C8 NLG IA 1 -27.35 23.10 58.10
O7 NLG IA 1 -27.79 24.98 56.75
N2 NLG IA 1 -26.02 23.75 56.00
N LEU IA 2 -26.44 22.93 53.61
CA LEU IA 2 -26.97 22.36 52.37
C LEU IA 2 -28.48 22.29 52.42
N LYS IA 3 -29.01 22.18 53.63
CA LYS IA 3 -30.46 22.19 53.78
C LYS IA 3 -31.06 23.48 53.23
N ALA IA 4 -30.40 24.62 53.47
CA ALA IA 4 -30.91 25.88 52.97
C ALA IA 4 -30.95 25.90 51.45
N ILE IA 5 -29.89 25.43 50.79
CA ILE IA 5 -29.85 25.46 49.34
C ILE IA 5 -30.95 24.58 48.76
N ALA IA 6 -31.11 23.39 49.31
CA ALA IA 6 -32.12 22.47 48.79
C ALA IA 6 -33.52 23.02 49.01
N GLN IA 7 -33.77 23.62 50.18
CA GLN IA 7 -35.07 24.23 50.44
C GLN IA 7 -35.26 25.48 49.59
N GLU IA 8 -34.18 26.03 49.06
CA GLU IA 8 -34.23 27.28 48.33
C GLU IA 8 -34.51 27.05 46.84
N PHE IA 9 -33.81 26.09 46.25
CA PHE IA 9 -34.03 25.77 44.85
C PHE IA 9 -35.46 25.31 44.61
N LYS IA 10 -36.08 24.69 45.61
CA LYS IA 10 -37.48 24.30 45.46
C LYS IA 10 -38.37 25.52 45.27
N ALA IA 11 -38.13 26.57 46.05
CA ALA IA 11 -38.90 27.81 45.87
C ALA IA 11 -38.63 28.41 44.49
N ILE IA 12 -37.38 28.37 44.04
CA ILE IA 12 -37.07 28.91 42.72
C ILE IA 12 -37.84 28.13 41.64
N ALA IA 13 -37.85 26.81 41.74
CA ALA IA 13 -38.57 25.99 40.78
C ALA IA 13 -40.06 26.28 40.83
N LYS IA 14 -40.61 26.48 42.03
CA LYS IA 14 -42.01 26.82 42.13
C LYS IA 14 -42.30 28.13 41.41
N LYS IA 15 -41.40 29.11 41.52
CA LYS IA 15 -41.61 30.38 40.81
C LYS IA 15 -41.61 30.17 39.30
N PHE IA 16 -40.59 29.46 38.79
CA PHE IA 16 -40.50 29.27 37.34
C PHE IA 16 -41.75 28.64 36.77
N LYS IA 17 -42.43 27.79 37.53
CA LYS IA 17 -43.70 27.25 37.08
C LYS IA 17 -44.73 28.36 36.88
N ALA IA 18 -44.77 29.33 37.79
CA ALA IA 18 -45.69 30.45 37.63
C ALA IA 18 -45.37 31.26 36.40
N ILE IA 19 -44.08 31.51 36.14
CA ILE IA 19 -43.73 32.22 34.89
C ILE IA 19 -44.19 31.43 33.67
N ALA IA 20 -43.95 30.12 33.67
CA ALA IA 20 -44.35 29.27 32.56
C ALA IA 20 -45.85 29.35 32.34
N PHI IA 21 -46.60 29.38 33.43
CA PHI IA 21 -48.04 29.40 33.35
CB PHI IA 21 -48.74 29.16 34.70
CG PHI IA 21 -49.59 27.96 34.58
CD1 PHI IA 21 -49.18 26.76 35.16
CD2 PHI IA 21 -50.79 28.00 33.86
CE1 PHI IA 21 -49.98 25.61 35.05
CE2 PHI IA 21 -51.57 26.86 33.75
CZ PHI IA 21 -51.17 25.67 34.34
I PHI IA 21 -52.31 24.01 34.17
C PHI IA 21 -48.57 30.72 32.82
O PHI IA 21 -49.55 30.81 32.10
N GLU IA 22 -47.88 31.79 33.22
CA GLU IA 22 -48.29 33.11 32.78
C GLU IA 22 -48.03 33.28 31.28
N PHE IA 23 -46.91 32.74 30.82
CA PHE IA 23 -46.61 32.84 29.39
C PHE IA 23 -47.60 32.04 28.56
N LYS IA 24 -48.19 30.98 29.12
CA LYS IA 24 -49.24 30.27 28.41
C LYS IA 24 -50.44 31.18 28.15
N ALA IA 25 -50.87 31.94 29.16
CA ALA IA 25 -51.95 32.88 28.97
C ALA IA 25 -51.55 33.98 27.99
N ILE IA 26 -50.31 34.44 28.07
CA ILE IA 26 -49.83 35.45 27.13
C ILE IA 26 -49.91 34.92 25.70
N ALA IA 27 -49.60 33.64 25.52
CA ALA IA 27 -49.64 33.06 24.17
C ALA IA 27 -51.04 33.09 23.59
N GLN IA 28 -52.05 32.80 24.41
CA GLN IA 28 -53.43 32.85 23.95
C GLN IA 28 -53.86 34.29 23.77
N LYS IA 29 -54.05 34.99 24.88
CA LYS IA 29 -54.45 36.39 24.85
C LYS IA 29 -53.22 37.25 24.61
N NH2 IA 30 -53.04 37.91 23.32
CA NLG JA 1 -43.31 31.67 19.77
C NLG JA 1 -43.32 31.50 21.28
O NLG JA 1 -42.55 30.65 21.82
CB NLG JA 1 -43.20 33.16 19.44
CG NLG JA 1 -42.26 33.35 18.26
CD NLG JA 1 -42.66 32.39 17.13
OE1 NLG JA 1 -43.70 32.61 16.47
OE2 NLG JA 1 -41.93 31.39 16.87
C7 NLG JA 1 -44.80 29.72 19.22
C8 NLG JA 1 -46.08 29.19 18.59
O7 NLG JA 1 -44.04 28.97 19.74
N2 NLG JA 1 -44.51 31.14 19.19
N LEU JA 2 -44.65 32.02 21.26
CA LEU JA 2 -44.84 32.08 22.70
C LEU JA 2 -45.11 30.69 23.28
N LYS JA 3 -45.55 29.77 22.42
CA LYS JA 3 -45.72 28.39 22.85
C LYS JA 3 -44.39 27.79 23.27
N ALA JA 4 -43.33 28.03 22.49
CA ALA JA 4 -42.03 27.46 22.81
C ALA JA 4 -41.51 27.96 24.14
N ILE JA 5 -41.65 29.27 24.40
CA ILE JA 5 -41.17 29.85 25.65
C ILE JA 5 -41.91 29.24 26.84
N ALA JA 6 -43.24 29.18 26.74
CA ALA JA 6 -44.04 28.65 27.84
C ALA JA 6 -43.74 27.18 28.08
N GLN JA 7 -43.54 26.41 27.00
CA GLN JA 7 -43.19 25.01 27.15
C GLN JA 7 -41.81 24.85 27.76
N GLU JA 8 -40.86 25.73 27.41
CA GLU JA 8 -39.49 25.55 27.86
C GLU JA 8 -39.33 25.94 29.34
N PHE JA 9 -40.02 26.99 29.77
CA PHE JA 9 -39.98 27.33 31.18
C PHE JA 9 -40.57 26.22 32.05
N LYS JA 10 -41.57 25.49 31.54
CA LYS JA 10 -42.06 24.33 32.27
C LYS JA 10 -40.97 23.30 32.48
N ALA JA 11 -40.18 23.03 31.42
CA ALA JA 11 -39.07 22.10 31.56
C ALA JA 11 -38.07 22.60 32.59
N ILE JA 12 -37.75 23.90 32.55
CA ILE JA 12 -36.79 24.46 33.50
C ILE JA 12 -37.28 24.29 34.93
N ALA JA 13 -38.56 24.60 35.17
CA ALA JA 13 -39.11 24.43 36.50
C ALA JA 13 -39.05 22.98 36.93
N LYS JA 14 -39.22 22.05 36.01
CA LYS JA 14 -39.04 20.65 36.35
C LYS JA 14 -37.59 20.35 36.73
N LYS JA 15 -36.62 20.94 36.01
CA LYS JA 15 -35.22 20.63 36.27
C LYS JA 15 -34.78 21.09 37.66
N PHE JA 16 -35.20 22.31 38.03
CA PHE JA 16 -34.73 22.84 39.31
C PHE JA 16 -35.24 22.04 40.49
N LYS JA 17 -36.44 21.46 40.40
CA LYS JA 17 -36.93 20.61 41.47
C LYS JA 17 -36.02 19.41 41.67
N ALA JA 18 -35.59 18.79 40.57
CA ALA JA 18 -34.63 17.70 40.67
C ALA JA 18 -33.35 18.16 41.32
N ILE JA 19 -32.87 19.35 40.95
CA ILE JA 19 -31.67 19.88 41.59
C ILE JA 19 -31.85 19.95 43.11
N ALA JA 20 -32.99 20.47 43.55
CA ALA JA 20 -33.23 20.64 44.97
C ALA JA 20 -33.25 19.30 45.70
N PHI JA 21 -33.98 18.35 45.13
CA PHI JA 21 -34.16 17.09 45.81
CB PHI JA 21 -35.31 16.22 45.24
CG PHI JA 21 -36.60 16.76 45.74
CD1 PHI JA 21 -37.77 16.59 45.01
CD2 PHI JA 21 -36.63 17.47 46.95
CE1 PHI JA 21 -38.97 17.12 45.49
CE2 PHI JA 21 -37.84 17.98 47.42
CZ PHI JA 21 -39.01 17.81 46.69
I PHI JA 21 -40.75 18.56 47.37
C PHI JA 21 -32.90 16.26 45.76
O PHI JA 21 -32.69 15.30 46.49
N GLU JA 22 -31.99 16.64 44.85
CA GLU JA 22 -30.69 15.99 44.83
C GLU JA 22 -29.77 16.62 45.88
N PHE JA 23 -29.86 17.94 46.07
CA PHE JA 23 -29.10 18.56 47.15
C PHE JA 23 -29.51 18.00 48.51
N LYS JA 24 -30.81 17.75 48.70
CA LYS JA 24 -31.25 17.17 49.96
C LYS JA 24 -30.51 15.89 50.28
N ALA JA 25 -30.19 15.10 49.25
CA ALA JA 25 -29.47 13.85 49.45
C ALA JA 25 -28.12 14.09 50.08
N ILE JA 26 -27.38 15.07 49.57
CA ILE JA 26 -26.10 15.43 50.19
C ILE JA 26 -26.33 15.98 51.59
N ALA JA 27 -27.43 16.71 51.80
CA ALA JA 27 -27.67 17.30 53.11
C ALA JA 27 -27.85 16.25 54.20
N GLN JA 28 -28.15 15.01 53.83
CA GLN JA 28 -28.31 13.95 54.81
C GLN JA 28 -27.02 13.16 54.99
N LYS JA 29 -26.55 12.54 53.92
CA LYS JA 29 -25.36 11.72 53.98
C LYS JA 29 -24.11 12.60 54.00
N NH2 JA 30 -22.80 11.99 53.82
CA NLG KA 1 -21.15 2.32 13.25
C NLG KA 1 -20.26 3.36 12.56
O NLG KA 1 -19.83 4.34 13.22
CB NLG KA 1 -20.30 1.12 13.65
CG NLG KA 1 -21.00 0.36 14.77
CD NLG KA 1 -21.85 -0.76 14.18
OE1 NLG KA 1 -22.41 -0.60 13.07
OE2 NLG KA 1 -21.98 -1.83 14.81
C7 NLG KA 1 -23.23 2.82 11.90
C8 NLG KA 1 -24.32 2.34 10.95
O7 NLG KA 1 -23.21 3.94 12.28
N2 NLG KA 1 -22.20 1.88 12.35
N LEU KA 2 -20.27 2.61 11.34
CA LEU KA 2 -19.15 3.23 10.66
C LEU KA 2 -19.45 4.69 10.33
N LYS KA 3 -20.73 4.97 10.02
CA LYS KA 3 -21.14 6.36 9.80
C LYS KA 3 -20.94 7.19 11.07
N ALA KA 4 -21.29 6.62 12.22
CA ALA KA 4 -21.07 7.32 13.49
C ALA KA 4 -19.59 7.60 13.70
N ILE KA 5 -18.73 6.66 13.33
CA ILE KA 5 -17.29 6.89 13.44
C ILE KA 5 -16.86 8.06 12.57
N ALA KA 6 -17.38 8.12 11.34
CA ALA KA 6 -16.99 9.19 10.43
C ALA KA 6 -17.41 10.55 10.95
N GLN KA 7 -18.68 10.70 11.32
CA GLN KA 7 -19.13 11.97 11.87
C GLN KA 7 -18.41 12.29 13.18
N GLU KA 8 -18.04 11.26 13.93
CA GLU KA 8 -17.36 11.47 15.20
C GLU KA 8 -15.97 12.07 14.96
N PHE KA 9 -15.25 11.52 13.98
CA PHE KA 9 -13.96 12.08 13.61
C PHE KA 9 -14.10 13.49 13.04
N LYS KA 10 -15.20 13.74 12.33
CA LYS KA 10 -15.44 15.10 11.85
C LYS KA 10 -15.59 16.07 13.01
N ALA KA 11 -16.32 15.66 14.06
CA ALA KA 11 -16.45 16.50 15.25
C ALA KA 11 -15.10 16.73 15.92
N ILE KA 12 -14.28 15.68 16.01
CA ILE KA 12 -12.96 15.84 16.60
C ILE KA 12 -12.14 16.86 15.80
N ALA KA 13 -12.22 16.77 14.47
CA ALA KA 13 -11.46 17.69 13.63
C ALA KA 13 -11.92 19.13 13.83
N LYS KA 14 -13.24 19.36 13.89
CA LYS KA 14 -13.71 20.72 14.08
C LYS KA 14 -13.31 21.26 15.45
N LYS KA 15 -13.33 20.41 16.48
CA LYS KA 15 -12.90 20.86 17.80
C LYS KA 15 -11.41 21.22 17.80
N PHE KA 16 -10.59 20.42 17.12
CA PHE KA 16 -9.18 20.75 17.03
C PHE KA 16 -8.97 22.06 16.27
N LYS KA 17 -9.79 22.30 15.24
CA LYS KA 17 -9.71 23.58 14.55
C LYS KA 17 -10.03 24.73 15.49
N ALA KA 18 -11.04 24.55 16.34
CA ALA KA 18 -11.36 25.59 17.32
C ALA KA 18 -10.19 25.81 18.28
N ILE KA 19 -9.53 24.73 18.70
CA ILE KA 19 -8.37 24.87 19.58
C ILE KA 19 -7.28 25.68 18.90
N ALA KA 20 -7.02 25.39 17.63
CA ALA KA 20 -6.02 26.12 16.87
C ALA KA 20 -6.40 27.60 16.79
N PHI KA 21 -7.69 27.85 16.65
CA PHI KA 21 -8.20 29.21 16.60
CB PHI KA 21 -9.74 29.31 16.46
CG PHI KA 21 -10.18 29.41 15.04
CD1 PHI KA 21 -11.43 29.95 14.74
CD2 PHI KA 21 -9.35 28.97 13.99
CE1 PHI KA 21 -11.86 30.06 13.42
CE2 PHI KA 21 -9.78 29.08 12.67
CZ PHI KA 21 -11.04 29.63 12.37
I PHI KA 21 -11.66 29.78 10.46
C PHI KA 21 -7.85 29.97 17.86
O PHI KA 21 -7.36 31.10 17.89
N GLU KA 22 -8.12 29.30 18.97
CA GLU KA 22 -7.89 29.92 20.27
C GLU KA 22 -6.40 30.17 20.50
N PHE KA 23 -5.57 29.20 20.12
CA PHE KA 23 -4.12 29.39 20.25
C PHE KA 23 -3.60 30.53 19.38
N LYS KA 24 -4.08 30.64 18.14
CA LYS KA 24 -3.58 31.74 17.32
C LYS KA 24 -4.07 33.07 17.88
N ALA KA 25 -5.24 33.07 18.51
CA ALA KA 25 -5.71 34.29 19.17
C ALA KA 25 -4.83 34.66 20.35
N ILE KA 26 -4.49 33.68 21.19
CA ILE KA 26 -3.70 33.99 22.38
C ILE KA 26 -2.24 34.24 22.04
N ALA KA 27 -1.76 33.78 20.88
CA ALA KA 27 -0.36 33.99 20.52
C ALA KA 27 -0.04 35.46 20.36
N GLN KA 28 -0.92 36.21 19.71
CA GLN KA 28 -0.71 37.63 19.51
C GLN KA 28 -0.83 38.36 20.84
N LYS KA 29 -1.62 37.80 21.74
CA LYS KA 29 -1.80 38.37 23.06
C LYS KA 29 -0.97 37.60 24.07
N NH2 KA 30 0.48 37.70 24.06
CA NLG LA 1 6.33 30.01 20.15
C NLG LA 1 4.95 29.48 19.79
O NLG LA 1 4.80 28.88 18.70
CB NLG LA 1 6.57 29.89 21.66
CG NLG LA 1 7.97 29.32 21.90
CD NLG LA 1 8.97 30.00 20.97
OE1 NLG LA 1 9.24 31.22 21.11
OE2 NLG LA 1 9.51 29.34 20.04
C7 NLG LA 1 6.47 31.73 18.33
C8 NLG LA 1 6.57 33.19 17.90
O7 NLG LA 1 6.43 30.87 17.52
N2 NLG LA 1 6.43 31.40 19.74
N LEU LA 2 4.01 30.55 19.95
CA LEU LA 2 2.72 29.89 20.12
C LEU LA 2 2.00 29.76 18.77
N LYS LA 3 2.43 30.57 17.79
CA LYS LA 3 1.83 30.51 16.47
C LYS LA 3 2.08 29.16 15.80
N ALA LA 4 3.27 28.59 16.01
CA ALA LA 4 3.58 27.28 15.44
C ALA LA 4 2.61 26.22 15.98
N ILE LA 5 2.30 26.29 17.27
CA ILE LA 5 1.32 25.38 17.85
C ILE LA 5 -0.03 25.53 17.17
N ALA LA 6 -0.43 26.76 16.90
CA ALA LA 6 -1.72 27.00 16.24
C ALA LA 6 -1.76 26.38 14.85
N GLN LA 7 -0.73 26.67 14.03
CA GLN LA 7 -0.69 26.10 12.70
C GLN LA 7 -0.64 24.58 12.75
N GLU LA 8 0.06 24.04 13.75
CA GLU LA 8 0.17 22.60 13.91
C GLU LA 8 -1.18 21.94 14.22
N PHE LA 9 -1.92 22.50 15.17
CA PHE LA 9 -3.26 21.97 15.43
C PHE LA 9 -4.17 22.16 14.23
N LYS LA 10 -3.99 23.23 13.46
CA LYS LA 10 -4.77 23.37 12.24
C LYS LA 10 -4.49 22.22 11.28
N ALA LA 11 -3.20 21.87 11.12
CA ALA LA 11 -2.84 20.74 10.26
C ALA LA 11 -3.46 19.44 10.78
N ILE LA 12 -3.39 19.20 12.09
CA ILE LA 12 -3.94 17.98 12.64
C ILE LA 12 -5.44 17.92 12.42
N ALA LA 13 -6.12 19.05 12.56
CA ALA LA 13 -7.55 19.11 12.28
C ALA LA 13 -7.83 18.76 10.84
N LYS LA 14 -7.02 19.24 9.91
CA LYS LA 14 -7.21 18.87 8.51
C LYS LA 14 -7.05 17.37 8.29
N LYS LA 15 -6.03 16.76 8.92
CA LYS LA 15 -5.82 15.33 8.75
C LYS LA 15 -6.99 14.53 9.31
N PHE LA 16 -7.55 14.96 10.44
CA PHE LA 16 -8.70 14.24 10.97
C PHE LA 16 -9.91 14.36 10.04
N LYS LA 17 -10.10 15.52 9.41
CA LYS LA 17 -11.15 15.62 8.40
C LYS LA 17 -10.92 14.64 7.26
N ALA LA 18 -9.66 14.49 6.85
CA ALA LA 18 -9.34 13.50 5.83
C ALA LA 18 -9.72 12.09 6.28
N ILE LA 19 -9.43 11.76 7.54
CA ILE LA 19 -9.82 10.45 8.07
C ILE LA 19 -11.33 10.28 7.99
N ALA LA 20 -12.06 11.31 8.38
CA ALA LA 20 -13.52 11.24 8.42
C ALA LA 20 -14.04 10.96 7.02
N PHI LA 21 -13.47 11.66 6.04
CA PHI LA 21 -13.88 11.48 4.66
CB PHI LA 21 -13.18 12.40 3.64
CG PHI LA 21 -13.42 11.91 2.27
CD1 PHI LA 21 -12.38 11.35 1.50
CD2 PHI LA 21 -14.69 12.01 1.70
CE1 PHI LA 21 -12.63 10.89 0.21
CE2 PHI LA 21 -14.93 11.56 0.41
CZ PHI LA 21 -13.90 11.01 -0.34
I PHI LA 21 -14.25 10.35 -2.22
C PHI LA 21 -13.62 10.05 4.22
O PHI LA 21 -14.39 9.38 3.54
N GLU LA 22 -12.45 9.56 4.63
CA GLU LA 22 -11.98 8.25 4.19
C GLU LA 22 -12.84 7.10 4.71
N PHE LA 23 -13.13 7.13 6.01
CA PHE LA 23 -13.90 6.05 6.62
C PHE LA 23 -15.27 5.89 5.99
N LYS LA 24 -15.85 6.99 5.49
CA LYS LA 24 -17.17 6.91 4.89
C LYS LA 24 -17.17 5.98 3.69
N ALA LA 25 -16.09 5.99 2.90
CA ALA LA 25 -16.02 5.12 1.73
C ALA LA 25 -16.04 3.64 2.16
N ILE LA 26 -15.27 3.30 3.20
CA ILE LA 26 -15.32 1.93 3.70
C ILE LA 26 -16.72 1.61 4.21
N ALA LA 27 -17.38 2.59 4.83
CA ALA LA 27 -18.75 2.37 5.29
C ALA LA 27 -19.69 2.08 4.12
N GLN LA 28 -19.55 2.80 3.02
CA GLN LA 28 -20.40 2.58 1.86
C GLN LA 28 -19.95 1.33 1.10
N LYS LA 29 -18.64 1.21 0.88
CA LYS LA 29 -18.10 0.06 0.19
C LYS LA 29 -17.86 -1.07 1.20
N NH2 LA 30 -16.72 -1.95 1.04
CA NLG MA 1 -8.19 2.13 2.48
C NLG MA 1 -7.71 1.95 3.91
O NLG MA 1 -8.38 2.45 4.85
CB NLG MA 1 -9.53 1.39 2.32
CG NLG MA 1 -10.41 2.14 1.33
CD NLG MA 1 -9.79 2.01 -0.07
OE1 NLG MA 1 -9.03 2.92 -0.50
OE2 NLG MA 1 -10.06 1.01 -0.77
C7 NLG MA 1 -5.98 2.28 1.30
C8 NLG MA 1 -4.98 1.71 0.30
O7 NLG MA 1 -5.73 3.27 1.89
N2 NLG MA 1 -7.24 1.59 1.54
N LEU MA 2 -6.99 0.73 3.64
CA LEU MA 2 -6.57 0.92 5.02
C LEU MA 2 -5.18 1.54 5.10
N LYS MA 3 -4.41 1.40 4.02
CA LYS MA 3 -3.03 1.87 4.01
C LYS MA 3 -2.96 3.38 4.19
N ALA MA 4 -3.87 4.12 3.54
CA ALA MA 4 -3.88 5.56 3.70
C ALA MA 4 -4.13 5.95 5.14
N ILE MA 5 -5.03 5.23 5.81
CA ILE MA 5 -5.27 5.44 7.23
C ILE MA 5 -3.99 5.25 8.02
N ALA MA 6 -3.26 4.18 7.71
CA ALA MA 6 -2.04 3.88 8.45
C ALA MA 6 -1.00 4.98 8.29
N GLN MA 7 -0.77 5.42 7.05
CA GLN MA 7 0.22 6.48 6.81
C GLN MA 7 -0.21 7.79 7.46
N GLU MA 8 -1.51 8.09 7.39
CA GLU MA 8 -2.03 9.32 7.98
C GLU MA 8 -1.83 9.34 9.49
N PHE MA 9 -2.11 8.23 10.16
CA PHE MA 9 -1.87 8.18 11.60
C PHE MA 9 -0.40 8.30 11.94
N LYS MA 10 0.49 7.78 11.11
CA LYS MA 10 1.92 7.99 11.34
C LYS MA 10 2.26 9.46 11.24
N ALA MA 11 1.67 10.16 10.26
CA ALA MA 11 1.87 11.60 10.17
C ALA MA 11 1.36 12.31 11.42
N ILE MA 12 0.20 11.89 11.94
CA ILE MA 12 -0.34 12.49 13.16
C ILE MA 12 0.61 12.26 14.33
N ALA MA 13 1.17 11.06 14.42
CA ALA MA 13 2.10 10.76 15.51
C ALA MA 13 3.34 11.65 15.43
N LYS MA 14 3.87 11.84 14.22
CA LYS MA 14 5.00 12.75 14.06
C LYS MA 14 4.61 14.17 14.47
N LYS MA 15 3.41 14.60 14.09
CA LYS MA 15 2.95 15.94 14.43
C LYS MA 15 2.86 16.12 15.94
N PHE MA 16 2.33 15.14 16.65
CA PHE MA 16 2.24 15.24 18.10
C PHE MA 16 3.63 15.19 18.75
N LYS MA 17 4.56 14.43 18.16
CA LYS MA 17 5.93 14.47 18.65
C LYS MA 17 6.51 15.88 18.54
N ALA MA 18 6.24 16.54 17.41
CA ALA MA 18 6.67 17.93 17.26
C ALA MA 18 6.02 18.83 18.32
N ILE MA 19 4.74 18.61 18.60
CA ILE MA 19 4.07 19.39 19.64
C ILE MA 19 4.75 19.21 20.98
N ALA MA 20 5.10 17.97 21.32
CA ALA MA 20 5.77 17.68 22.57
C ALA MA 20 7.10 18.40 22.64
N PHI MA 21 7.85 18.34 21.55
CA PHI MA 21 9.14 18.99 21.49
CB PHI MA 21 9.90 18.77 20.16
CG PHI MA 21 10.99 17.79 20.37
CD1 PHI MA 21 10.81 16.44 20.04
CD2 PHI MA 21 12.21 18.21 20.92
CE1 PHI MA 21 11.84 15.52 20.24
CE2 PHI MA 21 13.24 17.29 21.11
CZ PHI MA 21 13.05 15.94 20.77
I PHI MA 21 14.54 14.60 21.06
C PHI MA 21 9.02 20.49 21.69
O PHI MA 21 9.86 21.18 22.28
N GLU MA 22 7.92 21.02 21.17
CA GLU MA 22 7.66 22.44 21.26
C GLU MA 22 7.33 22.87 22.69
N PHE MA 23 6.32 22.23 23.28
CA PHE MA 23 5.98 22.54 24.66
C PHE MA 23 7.11 22.23 25.63
N LYS MA 24 8.08 21.40 25.24
CA LYS MA 24 9.30 21.33 26.01
C LYS MA 24 10.02 22.67 26.05
N ALA MA 25 10.09 23.35 24.90
CA ALA MA 25 10.77 24.65 24.84
C ALA MA 25 9.98 25.72 25.59
N ILE MA 26 8.66 25.74 25.40
CA ILE MA 26 7.86 26.69 26.19
C ILE MA 26 7.96 26.39 27.68
N ALA MA 27 8.11 25.12 28.05
CA ALA MA 27 8.24 24.77 29.46
C ALA MA 27 9.46 25.44 30.08
N GLN MA 28 10.57 25.46 29.35
CA GLN MA 28 11.76 26.20 29.79
C GLN MA 28 11.46 27.70 29.81
N LYS MA 29 11.49 28.31 28.63
CA LYS MA 29 11.22 29.73 28.51
C LYS MA 29 9.71 29.94 28.38
N NH2 MA 30 8.97 30.58 29.45
CA NLG NA 1 3.35 22.06 34.89
C NLG NA 1 3.40 21.98 33.37
O NLG NA 1 2.46 21.39 32.77
CB NLG NA 1 3.05 23.50 35.32
CG NLG NA 1 2.03 23.50 36.47
CD NLG NA 1 2.31 22.35 37.43
OE1 NLG NA 1 3.33 22.38 38.18
OE2 NLG NA 1 1.52 21.38 37.50
C7 NLG NA 1 5.11 20.31 35.38
C8 NLG NA 1 6.45 19.95 36.02
O7 NLG NA 1 4.49 19.49 34.80
N2 NLG NA 1 4.63 21.67 35.48
N LEU NA 2 4.65 22.68 33.36
CA LEU NA 2 4.45 22.55 31.93
C LEU NA 2 5.10 21.29 31.39
N LYS NA 3 5.97 20.67 32.19
CA LYS NA 3 6.62 19.43 31.77
C LYS NA 3 5.59 18.34 31.55
N ALA NA 4 4.63 18.20 32.48
CA ALA NA 4 3.63 17.14 32.38
C ALA NA 4 2.94 17.17 31.03
N ILE NA 5 2.61 18.37 30.55
CA ILE NA 5 2.02 18.50 29.22
C ILE NA 5 2.95 17.91 28.18
N ALA NA 6 4.26 18.16 28.31
CA ALA NA 6 5.21 17.69 27.31
C ALA NA 6 5.27 16.17 27.27
N GLN NA 7 5.49 15.53 28.42
CA GLN NA 7 5.61 14.07 28.35
C GLN NA 7 4.27 13.42 28.03
N GLU NA 8 3.16 14.06 28.41
CA GLU NA 8 1.87 13.50 27.99
C GLU NA 8 1.74 13.52 26.47
N PHE NA 9 1.97 14.69 25.85
CA PHE NA 9 1.86 14.77 24.40
C PHE NA 9 2.82 13.79 23.73
N LYS NA 10 3.98 13.58 24.32
CA LYS NA 10 4.88 12.55 23.81
C LYS NA 10 4.23 11.17 23.87
N ALA NA 11 3.55 10.88 24.98
CA ALA NA 11 2.89 9.58 25.09
C ALA NA 11 1.81 9.40 24.03
N ILE NA 12 0.98 10.43 23.83
CA ILE NA 12 -0.03 10.34 22.77
C ILE NA 12 0.61 10.17 21.40
N ALA NA 13 1.73 10.84 21.15
CA ALA NA 13 2.42 10.66 19.89
C ALA NA 13 2.85 9.20 19.71
N LYS NA 14 3.45 8.62 20.74
CA LYS NA 14 3.87 7.22 20.66
C LYS NA 14 2.67 6.32 20.41
N LYS NA 15 1.54 6.59 21.06
CA LYS NA 15 0.39 5.73 20.89
C LYS NA 15 -0.13 5.80 19.46
N PHE NA 16 -0.36 7.00 18.93
CA PHE NA 16 -0.78 7.09 17.53
C PHE NA 16 0.23 6.43 16.60
N LYS NA 17 1.52 6.44 16.93
CA LYS NA 17 2.46 5.65 16.16
C LYS NA 17 2.08 4.17 16.19
N ALA NA 18 1.74 3.66 17.38
CA ALA NA 18 1.38 2.25 17.49
C ALA NA 18 0.15 1.91 16.66
N ILE NA 19 -0.90 2.74 16.76
CA ILE NA 19 -2.11 2.50 15.96
C ILE NA 19 -1.82 2.60 14.47
N ALA NA 20 -0.96 3.53 14.08
CA ALA NA 20 -0.58 3.70 12.70
C ALA NA 20 0.04 2.42 12.17
N PHI NA 21 0.95 1.87 12.96
CA PHI NA 21 1.60 0.64 12.60
CB PHI NA 21 2.71 0.20 13.59
CG PHI NA 21 2.94 -1.25 13.55
CD1 PHI NA 21 3.66 -1.84 12.51
CD2 PHI NA 21 2.46 -2.07 14.59
CE1 PHI NA 21 3.90 -3.21 12.48
CE2 PHI NA 21 2.69 -3.44 14.57
CZ PHI NA 21 3.41 -4.02 13.51
I PHI NA 21 3.74 -6.01 13.47
C PHI NA 21 0.57 -0.47 12.47
O PHI NA 21 0.61 -1.36 11.61
N GLU NA 22 -0.40 -0.42 13.37
CA GLU NA 22 -1.41 -1.46 13.47
C GLU NA 22 -2.35 -1.57 12.26
N PHE NA 23 -2.79 -0.43 11.74
CA PHE NA 23 -3.58 -0.52 10.51
C PHE NA 23 -2.80 -1.06 9.31
N LYS NA 24 -1.48 -0.88 9.26
CA LYS NA 24 -0.74 -1.56 8.21
C LYS NA 24 -0.85 -3.07 8.35
N ALA NA 25 -0.77 -3.56 9.59
CA ALA NA 25 -0.91 -4.99 9.82
C ALA NA 25 -2.29 -5.47 9.42
N ILE NA 26 -3.34 -4.72 9.77
CA ILE NA 26 -4.68 -5.18 9.46
C ILE NA 26 -4.95 -5.08 7.96
N ALA NA 27 -4.23 -4.19 7.26
CA ALA NA 27 -4.47 -4.01 5.83
C ALA NA 27 -3.96 -5.18 5.00
N GLN NA 28 -2.81 -5.75 5.35
CA GLN NA 28 -2.26 -6.86 4.59
C GLN NA 28 -3.07 -8.12 4.85
N LYS NA 29 -3.46 -8.30 6.11
CA LYS NA 29 -4.23 -9.46 6.51
C LYS NA 29 -5.68 -9.06 6.77
N NH2 NA 30 -6.69 -9.27 5.76
CA NLG OA 1 -6.71 -6.75 15.97
C NLG OA 1 -7.27 -5.41 16.44
O NLG OA 1 -6.77 -4.87 17.47
CB NLG OA 1 -6.78 -6.83 14.46
CG NLG OA 1 -5.45 -7.34 13.92
CD NLG OA 1 -5.02 -8.56 14.74
OE1 NLG OA 1 -4.02 -8.47 15.51
OE2 NLG OA 1 -5.65 -9.64 14.66
C7 NLG OA 1 -7.38 -8.10 17.98
C8 NLG OA 1 -8.17 -9.24 18.59
O7 NLG OA 1 -6.68 -7.43 18.67
N2 NLG OA 1 -7.47 -7.83 16.55
N LEU OA 2 -8.59 -5.84 16.14
CA LEU OA 2 -9.50 -4.72 16.40
C LEU OA 2 -9.60 -4.41 17.88
N LYS OA 3 -9.31 -5.42 18.71
CA LYS OA 3 -9.31 -5.22 20.15
C LYS OA 3 -8.25 -4.19 20.55
N ALA OA 4 -7.08 -4.26 19.94
CA ALA OA 4 -5.99 -3.36 20.32
C ALA OA 4 -6.36 -1.91 20.06
N ILE OA 5 -6.97 -1.62 18.91
CA ILE OA 5 -7.30 -0.24 18.57
C ILE OA 5 -8.31 0.33 19.56
N ALA OA 6 -9.37 -0.43 19.83
CA ALA OA 6 -10.40 0.04 20.75
C ALA OA 6 -9.85 0.19 22.16
N GLN OA 7 -9.00 -0.74 22.58
CA GLN OA 7 -8.40 -0.64 23.90
C GLN OA 7 -7.47 0.56 24.01
N GLU OA 8 -6.76 0.90 22.93
CA GLU OA 8 -5.76 1.95 23.04
C GLU OA 8 -6.40 3.33 22.93
N PHE OA 9 -7.47 3.44 22.15
CA PHE OA 9 -8.22 4.69 22.12
C PHE OA 9 -8.73 5.07 23.50
N LYS OA 10 -9.04 4.07 24.34
CA LYS OA 10 -9.43 4.35 25.71
C LYS OA 10 -8.29 5.03 26.47
N ALA OA 11 -7.07 4.55 26.30
CA ALA OA 11 -5.93 5.18 26.94
C ALA OA 11 -5.73 6.60 26.42
N ILE OA 12 -5.95 6.81 25.12
CA ILE OA 12 -5.85 8.15 24.57
C ILE OA 12 -6.85 9.09 25.23
N ALA OA 13 -8.10 8.63 25.35
CA ALA OA 13 -9.12 9.45 25.99
C ALA OA 13 -8.76 9.73 27.45
N LYS OA 14 -8.21 8.72 28.13
CA LYS OA 14 -7.82 8.92 29.53
C LYS OA 14 -6.72 9.97 29.64
N LYS OA 15 -5.73 9.94 28.76
CA LYS OA 15 -4.66 10.92 28.80
C LYS OA 15 -5.20 12.33 28.53
N PHE OA 16 -6.08 12.46 27.53
CA PHE OA 16 -6.62 13.78 27.22
C PHE OA 16 -7.35 14.37 28.42
N LYS OA 17 -7.96 13.54 29.25
CA LYS OA 17 -8.53 14.04 30.49
C LYS OA 17 -7.47 14.64 31.39
N ALA OA 18 -6.30 14.01 31.47
CA ALA OA 18 -5.22 14.55 32.29
C ALA OA 18 -4.75 15.90 31.77
N ILE OA 19 -4.58 16.03 30.45
CA ILE OA 19 -4.21 17.34 29.91
C ILE OA 19 -5.30 18.37 30.17
N ALA OA 20 -6.56 17.97 30.03
CA ALA OA 20 -7.67 18.88 30.26
C ALA OA 20 -7.68 19.38 31.71
N PHI OA 21 -7.31 18.51 32.64
CA PHI OA 21 -7.32 18.88 34.03
CB PHI OA 21 -7.34 17.69 35.02
CG PHI OA 21 -8.74 17.24 35.21
CD1 PHI OA 21 -9.01 15.95 35.71
CD2 PHI OA 21 -9.80 18.08 34.89
CE1 PHI OA 21 -10.34 15.54 35.88
CE2 PHI OA 21 -11.12 17.66 35.06
CZ PHI OA 21 -11.39 16.38 35.56
I PHI OA 21 -13.30 15.77 35.80
C PHI OA 21 -6.12 19.73 34.40
O PHI OA 21 -6.14 20.61 35.27
N GLU OA 22 -5.01 19.46 33.73
CA GLU OA 22 -3.79 20.22 33.97
C GLU OA 22 -3.93 21.64 33.46
N PHE OA 23 -4.65 21.79 32.35
CA PHE OA 23 -4.92 23.14 31.85
C PHE OA 23 -5.78 23.93 32.82
N LYS OA 24 -6.59 23.26 33.64
CA LYS OA 24 -7.31 23.97 34.68
C LYS OA 24 -6.36 24.59 35.69
N ALA OA 25 -5.37 23.82 36.15
CA ALA OA 25 -4.40 24.35 37.09
C ALA OA 25 -3.59 25.48 36.45
N ILE OA 26 -3.24 25.33 35.18
CA ILE OA 26 -2.51 26.38 34.49
C ILE OA 26 -3.37 27.65 34.42
N ALA OA 27 -4.67 27.49 34.17
CA ALA OA 27 -5.55 28.65 34.03
C ALA OA 27 -5.64 29.44 35.32
N GLN OA 28 -5.73 28.75 36.45
CA GLN OA 28 -5.81 29.42 37.75
C GLN OA 28 -4.51 30.13 38.08
N LYS OA 29 -3.51 29.36 38.50
CA LYS OA 29 -2.22 29.91 38.85
C LYS OA 29 -1.48 30.34 37.58
N NH2 OA 30 -1.15 31.75 37.38
CA NLG PA 1 -8.36 31.67 27.40
C NLG PA 1 -8.26 30.15 27.49
O NLG PA 1 -9.25 29.45 27.14
CB NLG PA 1 -6.99 32.25 27.07
CG NLG PA 1 -7.11 33.13 25.83
CD NLG PA 1 -8.37 33.98 25.93
OE1 NLG PA 1 -8.44 34.91 26.76
OE2 NLG PA 1 -9.35 33.74 25.17
C7 NLG PA 1 -10.16 31.95 29.13
C8 NLG PA 1 -10.63 32.54 30.48
O7 NLG PA 1 -10.90 31.30 28.49
N2 NLG PA 1 -8.81 32.21 28.67
N LEU PA 2 -7.57 30.29 28.72
CA LEU PA 2 -7.14 28.95 29.09
C LEU PA 2 -8.32 28.11 29.56
N LYS PA 3 -9.40 28.79 29.96
CA LYS PA 3 -10.61 28.07 30.33
C LYS PA 3 -11.16 27.26 29.16
N ALA PA 4 -11.30 27.90 28.00
CA ALA PA 4 -11.93 27.26 26.86
C ALA PA 4 -11.16 26.03 26.41
N ILE PA 5 -9.84 26.11 26.41
CA ILE PA 5 -9.02 24.98 26.00
C ILE PA 5 -9.26 23.78 26.93
N ALA PA 6 -9.26 24.05 28.23
CA ALA PA 6 -9.53 22.98 29.19
C ALA PA 6 -10.91 22.39 28.98
N GLN PA 7 -11.89 23.23 28.68
CA GLN PA 7 -13.24 22.71 28.43
C GLN PA 7 -13.29 21.84 27.18
N GLU PA 8 -12.61 22.23 26.11
CA GLU PA 8 -12.72 21.48 24.86
C GLU PA 8 -11.92 20.19 24.91
N PHE PA 9 -10.80 20.16 25.64
CA PHE PA 9 -10.07 18.91 25.74
C PHE PA 9 -10.85 17.85 26.52
N LYS PA 10 -11.64 18.26 27.51
CA LYS PA 10 -12.57 17.33 28.13
C LYS PA 10 -13.54 16.77 27.10
N ALA PA 11 -14.04 17.61 26.21
CA ALA PA 11 -14.94 17.15 25.18
C ALA PA 11 -14.26 16.13 24.27
N ILE PA 12 -13.01 16.40 23.89
CA ILE PA 12 -12.28 15.48 23.01
C ILE PA 12 -12.07 14.14 23.70
N ALA PA 13 -11.74 14.18 24.99
CA ALA PA 13 -11.62 12.94 25.75
C ALA PA 13 -12.94 12.18 25.74
N LYS PA 14 -14.06 12.90 25.82
CA LYS PA 14 -15.35 12.24 25.70
C LYS PA 14 -15.53 11.61 24.33
N LYS PA 15 -15.13 12.31 23.27
CA LYS PA 15 -15.33 11.79 21.91
C LYS PA 15 -14.56 10.48 21.72
N PHE PA 16 -13.30 10.45 22.17
CA PHE PA 16 -12.50 9.25 21.95
C PHE PA 16 -13.04 8.05 22.71
N LYS PA 17 -13.67 8.27 23.87
CA LYS PA 17 -14.29 7.15 24.57
C LYS PA 17 -15.41 6.54 23.74
N ALA PA 18 -16.23 7.38 23.10
CA ALA PA 18 -17.27 6.87 22.22
C ALA PA 18 -16.66 6.10 21.05
N ILE PA 19 -15.57 6.63 20.49
CA ILE PA 19 -14.89 5.91 19.40
C ILE PA 19 -14.47 4.53 19.86
N ALA PA 20 -13.90 4.44 21.06
CA ALA PA 20 -13.44 3.16 21.59
C ALA PA 20 -14.62 2.20 21.77
N PHI PA 21 -15.71 2.71 22.33
CA PHI PA 21 -16.87 1.90 22.59
CB PHI PA 21 -18.03 2.62 23.30
CG PHI PA 21 -19.19 1.71 23.51
CD1 PHI PA 21 -20.43 2.22 23.93
CD2 PHI PA 21 -19.04 0.33 23.29
CE1 PHI PA 21 -21.51 1.35 24.13
CE2 PHI PA 21 -20.13 -0.52 23.49
CZ PHI PA 21 -21.36 -0.02 23.91
I PHI PA 21 -22.91 -1.27 24.19
C PHI PA 21 -17.44 1.32 21.31
O PHI PA 21 -17.90 0.19 21.22
N GLU PA 22 -17.39 2.14 20.27
CA GLU PA 22 -17.91 1.72 18.98
C GLU PA 22 -16.99 0.71 18.30
N PHE PA 23 -15.68 0.91 18.43
CA PHE PA 23 -14.74 -0.06 17.88
C PHE PA 23 -14.86 -1.41 18.57
N LYS PA 24 -15.15 -1.41 19.87
CA LYS PA 24 -15.34 -2.68 20.56
C LYS PA 24 -16.49 -3.46 19.96
N ALA PA 25 -17.59 -2.78 19.64
CA ALA PA 25 -18.77 -3.43 19.06
C ALA PA 25 -18.41 -4.10 17.74
N ILE PA 26 -17.67 -3.39 16.89
CA ILE PA 26 -17.22 -3.98 15.63
C ILE PA 26 -16.28 -5.15 15.87
N ALA PA 27 -15.44 -5.06 16.89
CA ALA PA 27 -14.53 -6.17 17.19
C ALA PA 27 -15.29 -7.44 17.55
N GLN PA 28 -16.50 -7.30 18.07
CA GLN PA 28 -17.34 -8.45 18.36
C GLN PA 28 -18.15 -8.82 17.12
N LYS PA 29 -19.00 -7.89 16.69
CA LYS PA 29 -19.82 -8.11 15.51
C LYS PA 29 -19.15 -7.45 14.31
N NH2 PA 30 -18.63 -8.27 13.24
CA NLG QA 1 5.98 -7.46 4.42
C NLG QA 1 6.83 -7.56 3.16
O NLG QA 1 6.61 -6.77 2.21
CB NLG QA 1 6.88 -7.43 5.64
CG NLG QA 1 6.39 -6.36 6.62
CD NLG QA 1 4.95 -6.67 7.02
OE1 NLG QA 1 4.07 -5.78 6.90
OE2 NLG QA 1 4.64 -7.81 7.47
C7 NLG QA 1 4.09 -8.90 3.50
C8 NLG QA 1 3.18 -10.10 3.68
O7 NLG QA 1 4.01 -8.22 2.53
N2 NLG QA 1 5.08 -8.60 4.53
N LEU QA 2 7.11 -8.92 3.49
CA LEU QA 2 8.15 -9.09 2.48
C LEU QA 2 7.53 -9.33 1.10
N LYS QA 3 6.26 -9.73 1.09
CA LYS QA 3 5.54 -9.90 -0.18
C LYS QA 3 5.45 -8.57 -0.93
N ALA QA 4 5.17 -7.48 -0.20
CA ALA QA 4 5.05 -6.18 -0.84
C ALA QA 4 6.37 -5.78 -1.49
N ILE QA 5 7.49 -6.06 -0.82
CA ILE QA 5 8.79 -5.73 -1.39
C ILE QA 5 9.01 -6.46 -2.70
N ALA QA 6 8.69 -7.75 -2.73
CA ALA QA 6 8.91 -8.54 -3.94
C ALA QA 6 8.03 -8.07 -5.09
N GLN QA 7 6.75 -7.83 -4.82
CA GLN QA 7 5.86 -7.37 -5.88
C GLN QA 7 6.25 -5.97 -6.35
N GLU QA 8 6.73 -5.13 -5.45
CA GLU QA 8 7.24 -3.81 -5.82
C GLU QA 8 8.44 -3.93 -6.74
N PHE QA 9 9.39 -4.82 -6.39
CA PHE QA 9 10.56 -4.98 -7.23
C PHE QA 9 10.17 -5.52 -8.60
N LYS QA 10 9.17 -6.41 -8.65
CA LYS QA 10 8.67 -6.86 -9.94
C LYS QA 10 8.10 -5.70 -10.75
N ALA QA 11 7.33 -4.83 -10.10
CA ALA QA 11 6.75 -3.71 -10.82
C ALA QA 11 7.81 -2.79 -11.38
N ILE QA 12 8.83 -2.46 -10.59
CA ILE QA 12 9.87 -1.56 -11.06
C ILE QA 12 10.74 -2.23 -12.12
N ALA QA 13 10.88 -3.56 -12.03
CA ALA QA 13 11.57 -4.27 -13.11
C ALA QA 13 10.81 -4.12 -14.41
N LYS QA 14 9.48 -4.25 -14.36
CA LYS QA 14 8.67 -4.02 -15.56
C LYS QA 14 8.85 -2.59 -16.06
N LYS QA 15 8.87 -1.62 -15.15
CA LYS QA 15 9.03 -0.22 -15.55
C LYS QA 15 10.38 0.00 -16.23
N PHE QA 16 11.44 -0.56 -15.68
CA PHE QA 16 12.76 -0.42 -16.28
C PHE QA 16 12.82 -1.11 -17.64
N LYS QA 17 12.16 -2.26 -17.78
CA LYS QA 17 12.09 -2.90 -19.08
C LYS QA 17 11.40 -2.01 -20.10
N ALA QA 18 10.30 -1.37 -19.69
CA ALA QA 18 9.61 -0.45 -20.61
C ALA QA 18 10.51 0.73 -20.98
N ILE QA 19 11.26 1.25 -20.01
CA ILE QA 19 12.18 2.35 -20.29
C ILE QA 19 13.25 1.92 -21.29
N ALA QA 20 13.80 0.73 -21.11
CA ALA QA 20 14.77 0.20 -22.04
C ALA QA 20 14.16 0.07 -23.43
N PHI QA 21 12.89 -0.34 -23.46
CA PHI QA 21 12.17 -0.45 -24.72
CB PHI QA 21 10.72 -0.97 -24.57
CG PHI QA 21 10.66 -2.45 -24.65
CD1 PHI QA 21 10.33 -3.22 -23.52
CD2 PHI QA 21 10.92 -3.11 -25.86
CE1 PHI QA 21 10.26 -4.61 -23.61
CE2 PHI QA 21 10.87 -4.50 -25.94
CZ PHI QA 21 10.53 -5.25 -24.81
I PHI QA 21 10.43 -7.26 -24.92
C PHI QA 21 12.09 0.88 -25.42
O PHI QA 21 12.22 1.03 -26.64
N GLU QA 22 11.86 1.91 -24.61
CA GLU QA 22 11.71 3.26 -25.15
C GLU QA 22 13.01 3.80 -25.71
N PHE QA 23 14.12 3.58 -24.99
CA PHE QA 23 15.41 3.96 -25.55
C PHE QA 23 15.79 3.11 -26.77
N LYS QA 24 15.36 1.85 -26.82
CA LYS QA 24 15.57 1.09 -28.05
C LYS QA 24 14.80 1.72 -29.20
N ALA QA 25 13.55 2.15 -28.95
CA ALA QA 25 12.75 2.77 -29.99
C ALA QA 25 13.37 4.09 -30.46
N ILE QA 26 13.79 4.93 -29.52
CA ILE QA 26 14.32 6.24 -29.90
C ILE QA 26 15.76 6.15 -30.40
N ALA QA 27 16.46 5.04 -30.12
CA ALA QA 27 17.84 4.91 -30.56
C ALA QA 27 17.94 4.89 -32.08
N GLN QA 28 17.05 4.15 -32.73
CA GLN QA 28 17.01 4.12 -34.19
C GLN QA 28 16.42 5.43 -34.71
N LYS QA 29 15.71 6.14 -33.84
CA LYS QA 29 15.10 7.40 -34.22
C LYS QA 29 15.91 8.56 -33.64
N NH2 QA 30 17.29 8.75 -34.03
CA NLG RA 1 25.23 5.74 -27.73
C NLG RA 1 24.13 4.87 -27.15
O NLG RA 1 24.44 3.79 -26.57
CB NLG RA 1 24.95 7.20 -27.45
CG NLG RA 1 26.21 7.87 -26.88
CD NLG RA 1 27.43 7.44 -27.69
OE1 NLG RA 1 27.54 7.80 -28.89
OE2 NLG RA 1 28.32 6.73 -27.16
C7 NLG RA 1 25.82 4.25 -29.66
C8 NLG RA 1 25.92 4.02 -31.16
O7 NLG RA 1 26.17 3.41 -28.90
N2 NLG RA 1 25.31 5.51 -29.16
N LEU RA 2 23.10 5.27 -28.05
CA LEU RA 2 21.86 5.11 -27.31
C LEU RA 2 21.56 3.63 -27.09
N LYS RA 3 22.08 2.79 -27.99
CA LYS RA 3 21.84 1.35 -27.88
C LYS RA 3 22.44 0.79 -26.61
N ALA RA 4 23.64 1.23 -26.24
CA ALA RA 4 24.28 0.73 -25.04
C ALA RA 4 23.47 1.06 -23.80
N ILE RA 5 22.95 2.28 -23.73
CA ILE RA 5 22.14 2.68 -22.57
C ILE RA 5 20.88 1.83 -22.49
N ALA RA 6 20.21 1.61 -23.63
CA ALA RA 6 19.00 0.80 -23.64
C ALA RA 6 19.30 -0.64 -23.21
N GLN RA 7 20.38 -1.21 -23.71
CA GLN RA 7 20.74 -2.58 -23.34
C GLN RA 7 21.07 -2.67 -21.86
N GLU RA 8 21.78 -1.68 -21.32
CA GLU RA 8 22.09 -1.67 -19.91
C GLU RA 8 20.83 -1.57 -19.06
N PHE RA 9 19.88 -0.74 -19.50
CA PHE RA 9 18.61 -0.63 -18.79
C PHE RA 9 17.86 -1.95 -18.82
N LYS RA 10 17.89 -2.64 -19.96
CA LYS RA 10 17.24 -3.95 -20.05
C LYS RA 10 17.88 -4.95 -19.09
N ALA RA 11 19.21 -4.96 -19.03
CA ALA RA 11 19.90 -5.84 -18.10
C ALA RA 11 19.53 -5.51 -16.66
N ILE RA 12 19.48 -4.22 -16.33
CA ILE RA 12 19.11 -3.80 -14.98
C ILE RA 12 17.70 -4.25 -14.65
N ALA RA 13 16.79 -4.14 -15.62
CA ALA RA 13 15.43 -4.62 -15.41
C ALA RA 13 15.41 -6.12 -15.14
N LYS RA 14 16.23 -6.88 -15.86
CA LYS RA 14 16.31 -8.31 -15.59
C LYS RA 14 16.82 -8.60 -14.18
N LYS RA 15 17.86 -7.88 -13.75
CA LYS RA 15 18.40 -8.12 -12.41
C LYS RA 15 17.37 -7.77 -11.33
N PHE RA 16 16.63 -6.68 -11.53
CA PHE RA 16 15.57 -6.35 -10.57
C PHE RA 16 14.50 -7.42 -10.52
N LYS RA 17 14.10 -7.98 -11.67
CA LYS RA 17 13.13 -9.07 -11.65
C LYS RA 17 13.66 -10.27 -10.90
N ALA RA 18 14.95 -10.58 -11.08
CA ALA RA 18 15.55 -11.67 -10.33
C ALA RA 18 15.51 -11.38 -8.82
N ILE RA 19 15.81 -10.15 -8.44
CA ILE RA 19 15.77 -9.76 -7.02
C ILE RA 19 14.36 -9.92 -6.47
N ALA RA 20 13.37 -9.52 -7.26
CA ALA RA 20 11.96 -9.65 -6.88
C ALA RA 20 11.60 -11.10 -6.64
N PHI RA 21 12.01 -11.96 -7.56
CA PHI RA 21 11.71 -13.36 -7.46
CB PHI RA 21 12.19 -14.18 -8.69
CG PHI RA 21 12.08 -15.63 -8.43
CD1 PHI RA 21 13.23 -16.41 -8.23
CD2 PHI RA 21 10.82 -16.25 -8.39
CE1 PHI RA 21 13.13 -17.78 -8.00
CE2 PHI RA 21 10.73 -17.63 -8.15
CZ PHI RA 21 11.88 -18.39 -7.96
I PHI RA 21 11.73 -20.37 -7.62
C PHI RA 21 12.36 -13.95 -6.23
O PHI RA 21 11.84 -14.83 -5.54
N GLU RA 22 13.54 -13.42 -5.92
CA GLU RA 22 14.30 -13.91 -4.78
C GLU RA 22 13.64 -13.54 -3.45
N PHE RA 23 13.29 -12.26 -3.29
CA PHE RA 23 12.69 -11.80 -2.04
C PHE RA 23 11.42 -12.56 -1.69
N LYS RA 24 10.65 -12.96 -2.70
CA LYS RA 24 9.43 -13.72 -2.45
C LYS RA 24 9.75 -15.03 -1.74
N ALA RA 25 10.89 -15.64 -2.06
CA ALA RA 25 11.29 -16.87 -1.37
C ALA RA 25 11.53 -16.62 0.10
N ILE RA 26 12.20 -15.51 0.45
CA ILE RA 26 12.38 -15.18 1.85
C ILE RA 26 11.04 -14.90 2.51
N ALA RA 27 10.11 -14.30 1.77
CA ALA RA 27 8.78 -14.03 2.33
C ALA RA 27 8.06 -15.31 2.69
N GLN RA 28 8.18 -16.35 1.88
CA GLN RA 28 7.50 -17.61 2.14
C GLN RA 28 8.11 -18.33 3.33
N LYS RA 29 9.43 -18.42 3.34
CA LYS RA 29 10.15 -19.11 4.40
C LYS RA 29 10.26 -18.21 5.62
N NH2 RA 30 11.52 -18.14 6.35
CA NLG SA 1 19.92 -15.45 0.27
C NLG SA 1 20.18 -13.94 0.15
O NLG SA 1 19.75 -13.33 -0.87
CB NLG SA 1 18.90 -15.69 1.38
CG NLG SA 1 17.83 -16.65 0.89
CD NLG SA 1 18.49 -17.97 0.48
OE1 NLG SA 1 18.56 -18.28 -0.74
OE2 NLG SA 1 18.94 -18.75 1.36
C7 NLG SA 1 22.29 -16.12 -0.33
C8 NLG SA 1 23.55 -16.90 0.04
O7 NLG SA 1 22.23 -15.51 -1.33
N2 NLG SA 1 21.14 -16.15 0.58
N LEU SA 2 20.89 -14.01 1.39
CA LEU SA 2 20.95 -12.56 1.23
C LEU SA 2 22.16 -12.16 0.40
N LYS SA 3 23.15 -13.05 0.33
CA LYS SA 3 24.36 -12.75 -0.42
C LYS SA 3 24.06 -12.55 -1.90
N ALA SA 4 23.11 -13.31 -2.44
CA ALA SA 4 22.71 -13.12 -3.83
C ALA SA 4 22.17 -11.72 -4.04
N ILE SA 5 21.37 -11.22 -3.10
CA ILE SA 5 20.84 -9.87 -3.21
C ILE SA 5 21.98 -8.85 -3.20
N ALA SA 6 22.96 -9.05 -2.32
CA ALA SA 6 24.09 -8.13 -2.27
C ALA SA 6 24.86 -8.13 -3.58
N GLN SA 7 25.08 -9.32 -4.16
CA GLN SA 7 25.78 -9.39 -5.44
C GLN SA 7 24.97 -8.72 -6.55
N GLU SA 8 23.66 -8.92 -6.55
CA GLU SA 8 22.82 -8.29 -7.56
C GLU SA 8 22.89 -6.76 -7.46
N PHE SA 9 22.86 -6.24 -6.23
CA PHE SA 9 22.95 -4.79 -6.08
C PHE SA 9 24.32 -4.25 -6.49
N LYS SA 10 25.40 -5.00 -6.22
CA LYS SA 10 26.71 -4.56 -6.70
C LYS SA 10 26.74 -4.52 -8.23
N ALA SA 11 26.16 -5.53 -8.87
CA ALA SA 11 26.08 -5.52 -10.32
C ALA SA 11 25.27 -4.34 -10.84
N ILE SA 12 24.15 -4.04 -10.15
CA ILE SA 12 23.33 -2.89 -10.55
C ILE SA 12 24.12 -1.60 -10.41
N ALA SA 13 24.89 -1.47 -9.34
CA ALA SA 13 25.71 -0.28 -9.15
C ALA SA 13 26.73 -0.14 -10.27
N LYS SA 14 27.38 -1.25 -10.65
CA LYS SA 14 28.34 -1.18 -11.75
C LYS SA 14 27.66 -0.78 -13.05
N LYS SA 15 26.47 -1.33 -13.31
CA LYS SA 15 25.74 -0.99 -14.53
C LYS SA 15 25.37 0.48 -14.55
N PHE SA 16 24.91 1.02 -13.41
CA PHE SA 16 24.57 2.43 -13.36
C PHE SA 16 25.79 3.32 -13.53
N LYS SA 17 26.94 2.92 -12.97
CA LYS SA 17 28.15 3.68 -13.20
C LYS SA 17 28.51 3.70 -14.69
N ALA SA 18 28.37 2.56 -15.35
CA ALA SA 18 28.62 2.52 -16.79
C ALA SA 18 27.67 3.43 -17.55
N ILE SA 19 26.39 3.42 -17.18
CA ILE SA 19 25.41 4.28 -17.86
C ILE SA 19 25.74 5.74 -17.64
N ALA SA 20 26.17 6.10 -16.43
CA ALA SA 20 26.54 7.47 -16.12
C ALA SA 20 27.73 7.89 -16.96
N PHI SA 21 28.67 6.96 -17.15
CA PHI SA 21 29.84 7.27 -17.93
CB PHI SA 21 30.94 6.19 -17.87
CG PHI SA 21 31.98 6.59 -16.90
CD1 PHI SA 21 32.78 5.64 -16.27
CD2 PHI SA 21 32.15 7.95 -16.58
CE1 PHI SA 21 33.75 6.03 -15.34
CE2 PHI SA 21 33.11 8.33 -15.65
CZ PHI SA 21 33.91 7.38 -15.03
I PHI SA 21 35.31 7.95 -13.69
C PHI SA 21 29.48 7.47 -19.41
O PHI SA 21 30.03 8.31 -20.13
N GLU SA 22 28.51 6.69 -19.85
CA GLU SA 22 28.01 6.79 -21.22
C GLU SA 22 27.31 8.13 -21.44
N PHE SA 23 26.53 8.55 -20.46
CA PHE SA 23 25.88 9.86 -20.53
C PHE SA 23 26.89 10.98 -20.44
N LYS SA 24 28.00 10.79 -19.73
CA LYS SA 24 29.07 11.76 -19.76
C LYS SA 24 29.60 11.95 -21.16
N ALA SA 25 29.76 10.85 -21.91
CA ALA SA 25 30.24 10.94 -23.28
C ALA SA 25 29.22 11.62 -24.18
N ILE SA 26 27.95 11.19 -24.09
CA ILE SA 26 26.94 11.75 -24.98
C ILE SA 26 26.69 13.23 -24.65
N ALA SA 27 26.97 13.64 -23.41
CA ALA SA 27 26.81 15.03 -23.05
C ALA SA 27 27.76 15.93 -23.85
N GLN SA 28 28.98 15.47 -24.05
CA GLN SA 28 29.96 16.24 -24.81
C GLN SA 28 29.56 16.31 -26.27
N LYS SA 29 29.32 15.15 -26.88
CA LYS SA 29 28.93 15.08 -28.28
C LYS SA 29 27.41 15.02 -28.38
N NH2 SA 30 26.64 16.22 -28.65
CA NLG TA 1 21.89 19.21 -18.73
C NLG TA 1 22.03 17.69 -18.63
O NLG TA 1 21.35 17.06 -17.78
CB NLG TA 1 21.30 19.59 -20.08
CG NLG TA 1 20.15 20.56 -19.89
CD NLG TA 1 20.46 21.56 -18.78
OE1 NLG TA 1 21.34 22.44 -18.96
OE2 NLG TA 1 19.84 21.50 -17.68
C7 NLG TA 1 23.89 19.80 -17.31
C8 NLG TA 1 25.25 20.48 -17.17
O7 NLG TA 1 23.41 19.24 -16.39
N2 NLG TA 1 23.19 19.84 -18.58
N LEU TA 2 23.14 17.76 -19.54
CA LEU TA 2 23.12 16.31 -19.41
C LEU TA 2 24.09 15.84 -18.32
N LYS TA 3 25.05 16.70 -17.96
CA LYS TA 3 26.03 16.33 -16.96
C LYS TA 3 25.39 16.07 -15.62
N ALA TA 4 24.32 16.80 -15.30
CA ALA TA 4 23.61 16.55 -14.04
C ALA TA 4 23.03 15.14 -14.01
N ILE TA 5 22.51 14.67 -15.14
CA ILE TA 5 21.98 13.31 -15.20
C ILE TA 5 23.07 12.29 -14.89
N ALA TA 6 24.24 12.45 -15.51
CA ALA TA 6 25.33 11.52 -15.28
C ALA TA 6 25.81 11.58 -13.83
N GLN TA 7 25.91 12.79 -13.28
CA GLN TA 7 26.34 12.93 -11.90
C GLN TA 7 25.36 12.25 -10.95
N GLU TA 8 24.06 12.46 -11.17
CA GLU TA 8 23.06 11.83 -10.31
C GLU TA 8 23.10 10.32 -10.45
N PHE TA 9 23.30 9.82 -11.67
CA PHE TA 9 23.38 8.38 -11.86
C PHE TA 9 24.59 7.80 -11.15
N LYS TA 10 25.72 8.50 -11.20
CA LYS TA 10 26.91 8.03 -10.49
C LYS TA 10 26.66 8.02 -8.99
N ALA TA 11 25.99 9.05 -8.47
CA ALA TA 11 25.65 9.07 -7.05
C ALA TA 11 24.75 7.90 -6.69
N ILE TA 12 23.76 7.62 -7.54
CA ILE TA 12 22.84 6.51 -7.29
C ILE TA 12 23.61 5.19 -7.27
N ALA TA 13 24.55 5.03 -8.20
CA ALA TA 13 25.37 3.82 -8.22
C ALA TA 13 26.19 3.70 -6.94
N LYS TA 14 26.75 4.81 -6.46
CA LYS TA 14 27.48 4.77 -5.20
C LYS TA 14 26.58 4.33 -4.06
N LYS TA 15 25.35 4.85 -4.01
CA LYS TA 15 24.45 4.51 -2.92
C LYS TA 15 24.04 3.04 -2.99
N PHE TA 16 23.80 2.54 -4.21
CA PHE TA 16 23.51 1.12 -4.38
C PHE TA 16 24.69 0.26 -3.95
N LYS TA 17 25.91 0.69 -4.24
CA LYS TA 17 27.08 -0.03 -3.76
C LYS TA 17 27.10 -0.08 -2.25
N ALA TA 18 26.78 1.05 -1.60
CA ALA TA 18 26.72 1.06 -0.14
C ALA TA 18 25.68 0.08 0.39
N ILE TA 19 24.51 0.05 -0.24
CA ILE TA 19 23.45 -0.86 0.19
C ILE TA 19 23.90 -2.31 0.03
N ALA TA 20 24.52 -2.61 -1.11
CA ALA TA 20 25.01 -3.95 -1.40
C ALA TA 20 26.02 -4.36 -0.35
N PHI TA 21 26.87 -3.43 0.05
CA PHI TA 21 27.88 -3.71 1.04
CB PHI TA 21 28.85 -2.57 1.37
CG PHI TA 21 29.68 -3.00 2.53
CD1 PHI TA 21 30.58 -4.06 2.39
CD2 PHI TA 21 29.54 -2.37 3.78
CE1 PHI TA 21 31.34 -4.48 3.48
CE2 PHI TA 21 30.31 -2.79 4.86
CZ PHI TA 21 31.21 -3.85 4.72
I PHI TA 21 32.33 -4.46 6.28
C PHI TA 21 27.20 -4.09 2.34
O PHI TA 21 27.51 -5.08 3.01
N GLU TA 22 26.25 -3.26 2.72
CA GLU TA 22 25.53 -3.44 3.98
C GLU TA 22 24.83 -4.80 4.01
N PHE TA 23 24.30 -5.22 2.87
CA PHE TA 23 23.59 -6.49 2.82
C PHE TA 23 24.49 -7.68 3.08
N LYS TA 24 25.74 -7.65 2.60
CA LYS TA 24 26.66 -8.72 2.92
C LYS TA 24 26.89 -8.82 4.43
N ALA TA 25 27.05 -7.67 5.09
CA ALA TA 25 27.27 -7.67 6.53
C ALA TA 25 26.05 -8.20 7.27
N ILE TA 26 24.85 -7.75 6.88
CA ILE TA 26 23.66 -8.22 7.59
C ILE TA 26 23.40 -9.69 7.31
N ALA TA 27 23.83 -10.19 6.14
CA ALA TA 27 23.68 -11.60 5.83
C ALA TA 27 24.49 -12.49 6.77
N GLN TA 28 25.71 -12.07 7.13
CA GLN TA 28 26.53 -12.83 8.05
C GLN TA 28 25.99 -12.70 9.45
N LYS TA 29 25.88 -11.46 9.93
CA LYS TA 29 25.37 -11.20 11.25
C LYS TA 29 23.84 -11.16 11.22
N NH2 TA 30 23.09 -12.36 11.56
CA NLG UA 1 20.69 -2.14 10.21
C NLG UA 1 19.81 -1.71 9.05
O NLG UA 1 20.15 -0.69 8.38
CB NLG UA 1 20.69 -3.67 10.32
CG NLG UA 1 22.12 -4.17 10.45
CD NLG UA 1 22.85 -3.31 11.48
OE1 NLG UA 1 23.75 -2.51 11.13
OE2 NLG UA 1 22.54 -3.41 12.70
C7 NLG UA 1 20.22 -0.14 11.66
C8 NLG UA 1 19.69 0.45 12.96
O7 NLG UA 1 20.67 0.57 10.83
N2 NLG UA 1 20.18 -1.58 11.44
N LEU UA 2 18.65 -2.18 9.72
CA LEU UA 2 17.55 -2.03 8.78
C LEU UA 2 17.22 -0.56 8.57
N LYS UA 3 17.50 0.25 9.60
CA LYS UA 3 17.24 1.68 9.50
C LYS UA 3 18.08 2.33 8.41
N ALA UA 4 19.31 1.88 8.25
CA ALA UA 4 20.19 2.48 7.25
C ALA UA 4 19.64 2.26 5.84
N ILE UA 5 19.16 1.06 5.54
CA ILE UA 5 18.61 0.79 4.22
C ILE UA 5 17.37 1.62 3.96
N ALA UA 6 16.49 1.71 4.95
CA ALA UA 6 15.28 2.51 4.80
C ALA UA 6 15.63 3.97 4.57
N GLN UA 7 16.59 4.50 5.32
CA GLN UA 7 17.03 5.87 5.11
C GLN UA 7 17.62 6.06 3.73
N GLU UA 8 18.42 5.11 3.25
CA GLU UA 8 19.11 5.28 1.99
C GLU UA 8 18.16 5.20 0.81
N PHE UA 9 17.18 4.31 0.88
CA PHE UA 9 16.20 4.24 -0.20
C PHE UA 9 15.41 5.54 -0.31
N LYS UA 10 15.23 6.25 0.79
CA LYS UA 10 14.58 7.56 0.73
C LYS UA 10 15.40 8.52 -0.11
N ALA UA 11 16.72 8.55 0.10
CA ALA UA 11 17.58 9.41 -0.70
C ALA UA 11 17.57 9.00 -2.16
N ILE UA 12 17.57 7.69 -2.43
CA ILE UA 12 17.54 7.22 -3.81
C ILE UA 12 16.25 7.66 -4.50
N ALA UA 13 15.12 7.53 -3.81
CA ALA UA 13 13.85 7.98 -4.37
C ALA UA 13 13.86 9.49 -4.59
N LYS UA 14 14.48 10.23 -3.67
CA LYS UA 14 14.58 11.68 -3.87
C LYS UA 14 15.40 12.00 -5.12
N LYS UA 15 16.49 11.26 -5.35
CA LYS UA 15 17.32 11.52 -6.52
C LYS UA 15 16.57 11.22 -7.80
N PHE UA 16 15.92 10.05 -7.87
CA PHE UA 16 15.21 9.69 -9.09
C PHE UA 16 14.19 10.74 -9.49
N LYS UA 17 13.59 11.42 -8.52
CA LYS UA 17 12.70 12.53 -8.85
C LYS UA 17 13.45 13.64 -9.55
N ALA UA 18 14.68 13.94 -9.12
CA ALA UA 18 15.46 14.97 -9.77
C ALA UA 18 15.80 14.58 -11.21
N ILE UA 19 16.17 13.31 -11.42
CA ILE UA 19 16.40 12.86 -12.80
C ILE UA 19 15.13 13.00 -13.63
N ALA UA 20 13.99 12.61 -13.08
CA ALA UA 20 12.72 12.75 -13.78
C ALA UA 20 12.47 14.21 -14.16
N PHI UA 21 12.79 15.11 -13.25
CA PHI UA 21 12.54 16.52 -13.47
CB PHI UA 21 12.75 17.39 -12.22
CG PHI UA 21 11.44 18.02 -11.85
CD1 PHI UA 21 10.80 17.65 -10.67
CD2 PHI UA 21 10.85 18.96 -12.70
CE1 PHI UA 21 9.58 18.23 -10.33
CE2 PHI UA 21 9.63 19.53 -12.36
CZ PHI UA 21 8.99 19.17 -11.17
I PHI UA 21 7.22 20.00 -10.67
C PHI UA 21 13.42 17.09 -14.56
O PHI UA 21 13.02 17.90 -15.40
N GLU UA 22 14.67 16.66 -14.53
CA GLU UA 22 15.64 17.12 -15.51
C GLU UA 22 15.24 16.63 -16.90
N PHE UA 23 14.71 15.41 -16.95
CA PHE UA 23 14.22 14.89 -18.22
C PHE UA 23 13.01 15.68 -18.71
N LYS UA 24 12.25 16.28 -17.80
CA LYS UA 24 11.16 17.16 -18.22
C LYS UA 24 11.72 18.38 -18.94
N ALA UA 25 12.80 18.97 -18.42
CA ALA UA 25 13.43 20.10 -19.09
C ALA UA 25 14.01 19.68 -20.43
N ILE UA 26 14.61 18.50 -20.48
CA ILE UA 26 15.14 17.99 -21.75
C ILE UA 26 14.01 17.82 -22.76
N ALA UA 27 12.83 17.39 -22.29
CA ALA UA 27 11.70 17.20 -23.19
C ALA UA 27 11.28 18.51 -23.84
N GLN UA 28 11.27 19.60 -23.08
CA GLN UA 28 10.91 20.90 -23.62
C GLN UA 28 12.00 21.41 -24.54
N LYS UA 29 13.08 21.92 -23.94
CA LYS UA 29 14.20 22.43 -24.70
C LYS UA 29 15.16 21.29 -25.07
N NH2 UA 30 15.56 21.10 -26.45
CA NLG VA 1 9.45 10.20 -25.88
C NLG VA 1 9.95 10.35 -24.44
O NLG VA 1 9.60 9.52 -23.56
CB NLG VA 1 10.62 10.35 -26.85
CG NLG VA 1 10.50 9.31 -27.98
CD NLG VA 1 9.10 9.40 -28.60
OE1 NLG VA 1 8.78 10.39 -29.29
OE2 NLG VA 1 8.27 8.47 -28.40
C7 NLG VA 1 7.16 11.19 -25.52
C8 NLG VA 1 6.14 12.27 -25.84
O7 NLG VA 1 6.90 10.32 -24.76
N2 NLG VA 1 8.47 11.22 -26.16
N LEU VA 2 10.22 11.73 -24.70
CA LEU VA 2 10.93 12.08 -23.47
C LEU VA 2 9.96 12.23 -22.31
N LYS VA 3 8.72 12.57 -22.62
CA LYS VA 3 7.70 12.69 -21.58
C LYS VA 3 7.50 11.38 -20.85
N ALA VA 4 7.47 10.27 -21.59
CA ALA VA 4 7.26 8.96 -20.97
C ALA VA 4 8.40 8.61 -20.02
N ILE VA 5 9.64 8.94 -20.40
CA ILE VA 5 10.79 8.65 -19.55
C ILE VA 5 10.65 9.36 -18.20
N ALA VA 6 10.40 10.67 -18.25
CA ALA VA 6 10.27 11.44 -17.02
C ALA VA 6 9.10 10.95 -16.19
N GLN VA 7 7.96 10.68 -16.83
CA GLN VA 7 6.79 10.21 -16.12
C GLN VA 7 7.05 8.87 -15.44
N GLU VA 8 7.77 7.97 -16.11
CA GLU VA 8 8.03 6.65 -15.52
C GLU VA 8 9.02 6.76 -14.38
N PHE VA 9 10.00 7.67 -14.48
CA PHE VA 9 10.90 7.89 -13.36
C PHE VA 9 10.16 8.45 -12.15
N LYS VA 10 9.09 9.20 -12.35
CA LYS VA 10 8.26 9.62 -11.21
C LYS VA 10 7.69 8.40 -10.49
N ALA VA 11 7.17 7.43 -11.23
CA ALA VA 11 6.64 6.22 -10.62
C ALA VA 11 7.75 5.45 -9.90
N ILE VA 12 8.94 5.40 -10.51
CA ILE VA 12 10.06 4.72 -9.87
C ILE VA 12 10.37 5.37 -8.52
N ALA VA 13 10.41 6.71 -8.50
CA ALA VA 13 10.65 7.42 -7.25
C ALA VA 13 9.55 7.14 -6.24
N LYS VA 14 8.31 7.04 -6.70
CA LYS VA 14 7.21 6.71 -5.80
C LYS VA 14 7.39 5.34 -5.17
N LYS VA 15 7.79 4.34 -5.95
CA LYS VA 15 7.93 2.99 -5.41
C LYS VA 15 9.11 2.89 -4.44
N PHE VA 16 10.21 3.59 -4.73
CA PHE VA 16 11.34 3.51 -3.82
C PHE VA 16 11.02 4.11 -2.45
N LYS VA 17 10.24 5.19 -2.40
CA LYS VA 17 9.83 5.72 -1.11
C LYS VA 17 8.98 4.72 -0.34
N ALA VA 18 8.09 4.02 -1.05
CA ALA VA 18 7.28 2.99 -0.40
C ALA VA 18 8.16 1.89 0.16
N ILE VA 19 9.20 1.50 -0.58
CA ILE VA 19 10.14 0.50 -0.08
C ILE VA 19 10.83 1.00 1.18
N ALA VA 20 11.22 2.27 1.21
CA ALA VA 20 11.83 2.84 2.39
C ALA VA 20 10.88 2.72 3.59
N PHI VA 21 9.64 3.12 3.37
CA PHI VA 21 8.64 3.13 4.42
CB PHI VA 21 7.28 3.74 4.01
CG PHI VA 21 7.25 5.19 4.31
CD1 PHI VA 21 7.38 6.13 3.28
CD2 PHI VA 21 7.10 5.63 5.63
CE1 PHI VA 21 7.35 7.50 3.57
CE2 PHI VA 21 7.07 7.00 5.92
CZ PHI VA 21 7.19 7.93 4.89
I PHI VA 21 7.15 9.91 5.29
C PHI VA 21 8.36 1.73 4.94
O PHI VA 21 8.03 1.48 6.10
N GLU VA 22 8.46 0.78 4.03
CA GLU VA 22 8.23 -0.61 4.35
C GLU VA 22 9.36 -1.17 5.19
N PHE VA 23 10.60 -0.91 4.77
CA PHE VA 23 11.76 -1.36 5.54
C PHE VA 23 11.77 -0.73 6.92
N LYS VA 24 11.26 0.49 7.05
CA LYS VA 24 11.18 1.10 8.37
C LYS VA 24 10.29 0.27 9.29
N ALA VA 25 9.19 -0.26 8.76
CA ALA VA 25 8.28 -1.08 9.55
C ALA VA 25 8.99 -2.32 10.08
N ILE VA 26 9.75 -2.99 9.22
CA ILE VA 26 10.53 -4.14 9.67
C ILE VA 26 11.57 -3.72 10.70
N ALA VA 27 12.19 -2.55 10.53
CA ALA VA 27 13.16 -2.08 11.51
C ALA VA 27 12.54 -1.90 12.88
N GLN VA 28 11.24 -1.67 12.96
CA GLN VA 28 10.55 -1.57 14.23
C GLN VA 28 10.09 -2.94 14.69
N LYS VA 29 9.42 -3.67 13.80
CA LYS VA 29 8.91 -4.98 14.11
C LYS VA 29 9.47 -6.02 13.13
N NH2 VA 30 10.26 -7.13 13.64
CA NLG WA 1 35.68 7.10 5.83
C NLG WA 1 35.60 5.58 5.87
O NLG WA 1 35.69 4.92 4.81
CB NLG WA 1 36.72 7.58 6.84
CG NLG WA 1 37.40 8.85 6.35
CD NLG WA 1 36.36 9.96 6.21
OE1 NLG WA 1 36.28 10.58 5.11
OE2 NLG WA 1 35.60 10.24 7.17
C7 NLG WA 1 33.29 7.62 5.24
C8 NLG WA 1 31.92 8.19 5.61
O7 NLG WA 1 33.45 7.14 4.17
N2 NLG WA 1 34.37 7.64 6.19
N LEU WA 2 34.69 5.33 6.95
CA LEU WA 2 35.16 4.04 7.45
C LEU WA 2 34.55 2.88 6.68
N LYS WA 3 33.33 3.10 6.18
CA LYS WA 3 32.65 2.05 5.43
C LYS WA 3 33.43 1.67 4.17
N ALA WA 4 33.96 2.67 3.47
CA ALA WA 4 34.80 2.38 2.31
C ALA WA 4 36.03 1.59 2.72
N ILE WA 5 36.65 1.95 3.84
CA ILE WA 5 37.81 1.21 4.31
C ILE WA 5 37.43 -0.23 4.67
N ALA WA 6 36.27 -0.40 5.29
CA ALA WA 6 35.83 -1.74 5.70
C ALA WA 6 35.59 -2.63 4.49
N GLN WA 7 34.86 -2.11 3.50
CA GLN WA 7 34.64 -2.90 2.29
C GLN WA 7 35.93 -3.12 1.53
N GLU WA 8 36.87 -2.17 1.62
CA GLU WA 8 38.19 -2.35 1.02
C GLU WA 8 38.91 -3.54 1.66
N PHE WA 9 38.87 -3.61 2.99
CA PHE WA 9 39.48 -4.73 3.70
C PHE WA 9 38.79 -6.04 3.36
N LYS WA 10 37.46 -6.02 3.21
CA LYS WA 10 36.76 -7.23 2.80
C LYS WA 10 37.20 -7.68 1.42
N ALA WA 11 37.39 -6.73 0.49
CA ALA WA 11 37.91 -7.08 -0.82
C ALA WA 11 39.30 -7.69 -0.71
N ILE WA 12 40.15 -7.12 0.14
CA ILE WA 12 41.48 -7.69 0.37
C ILE WA 12 41.36 -9.12 0.86
N ALA WA 13 40.45 -9.37 1.80
CA ALA WA 13 40.27 -10.71 2.33
C ALA WA 13 39.82 -11.69 1.24
N LYS WA 14 38.90 -11.25 0.38
CA LYS WA 14 38.45 -12.10 -0.70
C LYS WA 14 39.60 -12.43 -1.66
N LYS WA 15 40.42 -11.41 -1.98
CA LYS WA 15 41.56 -11.65 -2.85
C LYS WA 15 42.54 -12.63 -2.23
N PHE WA 16 42.80 -12.50 -0.93
CA PHE WA 16 43.70 -13.42 -0.25
C PHE WA 16 43.13 -14.84 -0.24
N LYS WA 17 41.82 -14.97 -0.05
CA LYS WA 17 41.20 -16.29 -0.10
C LYS WA 17 41.34 -16.90 -1.48
N ALA WA 18 41.16 -16.10 -2.53
CA ALA WA 18 41.36 -16.59 -3.89
C ALA WA 18 42.80 -17.05 -4.10
N ILE WA 19 43.77 -16.27 -3.59
CA ILE WA 19 45.16 -16.65 -3.71
C ILE WA 19 45.42 -17.98 -2.99
N ALA WA 20 44.83 -18.15 -1.81
CA ALA WA 20 44.97 -19.39 -1.07
C ALA WA 20 44.40 -20.56 -1.86
N PHI WA 21 43.26 -20.33 -2.49
CA PHI WA 21 42.61 -21.34 -3.30
CB PHI WA 21 41.29 -20.90 -3.97
CG PHI WA 21 40.78 -21.88 -4.96
CD1 PHI WA 21 39.42 -22.18 -5.00
CD2 PHI WA 21 41.66 -22.52 -5.83
CE1 PHI WA 21 38.92 -23.10 -5.92
CE2 PHI WA 21 41.16 -23.45 -6.75
CZ PHI WA 21 39.80 -23.74 -6.80
I PHI WA 21 39.10 -25.08 -8.14
C PHI WA 21 43.52 -21.79 -4.42
O PHI WA 21 43.72 -22.97 -4.75
N GLU WA 22 44.12 -20.79 -5.06
CA GLU WA 22 44.98 -21.02 -6.20
C GLU WA 22 46.24 -21.79 -5.80
N PHE WA 23 46.82 -21.40 -4.66
CA PHE WA 23 48.00 -22.09 -4.17
C PHE WA 23 47.68 -23.52 -3.76
N LYS WA 24 46.49 -23.74 -3.17
CA LYS WA 24 46.06 -25.10 -2.89
C LYS WA 24 45.94 -25.92 -4.15
N ALA WA 25 45.35 -25.33 -5.20
CA ALA WA 25 45.21 -26.05 -6.46
C ALA WA 25 46.55 -26.39 -7.07
N ILE WA 26 47.49 -25.45 -7.05
CA ILE WA 26 48.81 -25.70 -7.64
C ILE WA 26 49.67 -26.59 -6.76
N ALA WA 27 49.36 -26.69 -5.47
CA ALA WA 27 50.17 -27.51 -4.58
C ALA WA 27 50.09 -28.98 -4.95
N GLN WA 28 48.89 -29.47 -5.26
CA GLN WA 28 48.72 -30.86 -5.64
C GLN WA 28 49.22 -31.11 -7.05
N LYS WA 29 49.57 -30.03 -7.74
CA LYS WA 29 50.11 -30.13 -9.09
C LYS WA 29 51.45 -29.42 -9.17
N NH2 WA 30 52.63 -30.03 -8.59
CA NLG XA 1 55.49 -27.07 1.19
C NLG XA 1 54.64 -25.84 1.51
O NLG XA 1 53.77 -25.88 2.39
CB NLG XA 1 56.76 -26.66 0.46
CG NLG XA 1 57.94 -26.69 1.42
CD NLG XA 1 58.07 -28.09 2.02
OE1 NLG XA 1 57.73 -28.30 3.22
OE2 NLG XA 1 58.51 -29.04 1.33
C7 NLG XA 1 53.66 -28.77 0.95
C8 NLG XA 1 52.85 -29.73 0.08
O7 NLG XA 1 53.44 -28.68 2.11
N2 NLG XA 1 54.72 -27.98 0.36
N LEU XA 2 54.31 -25.67 0.12
CA LEU XA 2 53.22 -25.08 -0.65
C LEU XA 2 51.91 -25.15 0.12
N LYS XA 3 51.63 -26.32 0.70
CA LYS XA 3 50.42 -26.49 1.48
C LYS XA 3 50.37 -25.52 2.66
N ALA XA 4 51.50 -25.37 3.36
CA ALA XA 4 51.54 -24.44 4.48
C ALA XA 4 51.30 -23.01 4.03
N ILE XA 5 51.87 -22.64 2.87
CA ILE XA 5 51.66 -21.29 2.34
C ILE XA 5 50.19 -21.04 2.05
N ALA XA 6 49.53 -22.00 1.38
CA ALA XA 6 48.11 -21.83 1.06
C ALA XA 6 47.28 -21.78 2.33
N GLN XA 7 47.58 -22.64 3.30
CA GLN XA 7 46.82 -22.66 4.55
C GLN XA 7 46.96 -21.35 5.30
N GLU XA 8 48.19 -20.82 5.39
CA GLU XA 8 48.40 -19.56 6.09
C GLU XA 8 47.76 -18.41 5.34
N PHE XA 9 47.77 -18.47 4.00
CA PHE XA 9 47.06 -17.46 3.22
C PHE XA 9 45.57 -17.48 3.52
N LYS XA 10 44.98 -18.66 3.61
CA LYS XA 10 43.57 -18.77 3.98
C LYS XA 10 43.34 -18.20 5.38
N ALA XA 11 44.24 -18.51 6.31
CA ALA XA 11 44.10 -17.99 7.67
C ALA XA 11 44.12 -16.48 7.69
N ILE XA 12 45.12 -15.87 7.04
CA ILE XA 12 45.22 -14.41 7.05
C ILE XA 12 44.06 -13.79 6.28
N ALA XA 13 43.54 -14.50 5.28
CA ALA XA 13 42.34 -14.03 4.61
C ALA XA 13 41.17 -13.94 5.58
N LYS XA 14 41.00 -14.97 6.42
CA LYS XA 14 39.96 -14.90 7.44
C LYS XA 14 40.23 -13.77 8.43
N LYS XA 15 41.49 -13.56 8.80
CA LYS XA 15 41.82 -12.48 9.73
C LYS XA 15 41.48 -11.12 9.15
N PHE XA 16 41.77 -10.91 7.86
CA PHE XA 16 41.40 -9.65 7.22
C PHE XA 16 39.89 -9.45 7.17
N LYS XA 17 39.13 -10.52 6.95
CA LYS XA 17 37.68 -10.41 7.00
C LYS XA 17 37.22 -10.01 8.40
N ALA XA 18 37.85 -10.60 9.43
CA ALA XA 18 37.54 -10.20 10.80
C ALA XA 18 37.85 -8.73 11.03
N ILE XA 19 38.99 -8.26 10.53
CA ILE XA 19 39.37 -6.85 10.69
C ILE XA 19 38.36 -5.96 9.99
N ALA XA 20 37.91 -6.37 8.81
CA ALA XA 20 36.93 -5.61 8.05
C ALA XA 20 35.63 -5.49 8.83
N PHI XA 21 35.16 -6.61 9.37
CA PHI XA 21 33.91 -6.63 10.09
CB PHI XA 21 33.42 -8.05 10.47
CG PHI XA 21 32.67 -8.62 9.32
CD1 PHI XA 21 31.50 -8.00 8.87
CD2 PHI XA 21 33.13 -9.78 8.69
CE1 PHI XA 21 30.81 -8.54 7.79
CE2 PHI XA 21 32.42 -10.31 7.61
CZ PHI XA 21 31.26 -9.69 7.16
I PHI XA 21 30.25 -10.46 5.59
C PHI XA 21 34.02 -5.83 11.37
O PHI XA 21 33.07 -5.26 11.93
N GLU XA 22 35.25 -5.77 11.88
CA GLU XA 22 35.55 -4.97 13.06
C GLU XA 22 35.42 -3.49 12.75
N PHE XA 23 36.03 -3.06 11.64
CA PHE XA 23 36.01 -1.66 11.25
C PHE XA 23 34.59 -1.13 11.12
N LYS XA 24 33.67 -1.97 10.63
CA LYS XA 24 32.30 -1.52 10.44
C LYS XA 24 31.65 -1.15 11.77
N ALA XA 25 31.98 -1.87 12.84
CA ALA XA 25 31.42 -1.54 14.15
C ALA XA 25 31.82 -0.13 14.57
N ILE XA 26 33.09 0.24 14.38
CA ILE XA 26 33.51 1.60 14.67
C ILE XA 26 32.87 2.58 13.69
N ALA XA 27 32.56 2.13 12.47
CA ALA XA 27 32.05 3.03 11.45
C ALA XA 27 30.77 3.73 11.90
N GLN XA 28 29.88 3.04 12.59
CA GLN XA 28 28.69 3.69 13.12
C GLN XA 28 28.97 4.25 14.51
N LYS XA 29 29.67 3.47 15.32
CA LYS XA 29 29.99 3.89 16.67
C LYS XA 29 31.28 4.72 16.68
N NH2 XA 30 32.30 4.47 17.68
CA NLG YA 1 38.02 -2.10 19.46
C NLG YA 1 39.34 -2.04 18.68
O NLG YA 1 39.55 -2.87 17.76
CB NLG YA 1 37.21 -0.83 19.18
CG NLG YA 1 35.76 -1.21 18.91
CD NLG YA 1 35.15 -1.85 20.15
OE1 NLG YA 1 34.78 -1.13 21.12
OE2 NLG YA 1 35.01 -3.11 20.20
C7 NLG YA 1 38.96 -3.35 21.45
C8 NLG YA 1 39.21 -3.41 22.95
O7 NLG YA 1 39.31 -4.22 20.74
N2 NLG YA 1 38.28 -2.18 20.89
N LEU YA 2 39.77 -1.02 19.59
CA LEU YA 2 40.98 -0.81 18.82
C LEU YA 2 42.03 -1.88 19.13
N LYS YA 3 41.97 -2.42 20.35
CA LYS YA 3 42.95 -3.41 20.77
C LYS YA 3 42.88 -4.65 19.90
N ALA YA 4 41.66 -5.15 19.63
CA ALA YA 4 41.50 -6.34 18.81
C ALA YA 4 42.23 -6.19 17.49
N ILE YA 5 42.12 -5.02 16.88
CA ILE YA 5 42.89 -4.71 15.68
C ILE YA 5 44.38 -4.85 15.96
N ALA YA 6 44.80 -4.44 17.16
CA ALA YA 6 46.23 -4.48 17.50
C ALA YA 6 46.77 -5.91 17.52
N GLN YA 7 46.06 -6.85 18.15
CA GLN YA 7 46.61 -8.21 18.09
C GLN YA 7 46.38 -8.84 16.72
N GLU YA 8 45.33 -8.43 16.00
CA GLU YA 8 45.14 -8.97 14.65
C GLU YA 8 46.33 -8.62 13.76
N PHE YA 9 46.81 -7.38 13.85
CA PHE YA 9 47.97 -6.99 13.07
C PHE YA 9 49.23 -7.76 13.45
N LYS YA 10 49.46 -8.02 14.73
CA LYS YA 10 50.66 -8.77 15.11
C LYS YA 10 50.53 -10.23 14.68
N ALA YA 11 49.31 -10.77 14.70
CA ALA YA 11 49.11 -12.11 14.16
C ALA YA 11 49.41 -12.15 12.67
N ILE YA 12 48.97 -11.14 11.93
CA ILE YA 12 49.30 -11.07 10.51
C ILE YA 12 50.80 -10.99 10.31
N ALA YA 13 51.48 -10.19 11.13
CA ALA YA 13 52.93 -10.05 11.01
C ALA YA 13 53.63 -11.38 11.27
N LYS YA 14 53.22 -12.10 12.31
CA LYS YA 14 53.82 -13.40 12.59
C LYS YA 14 53.56 -14.39 11.46
N LYS YA 15 52.35 -14.37 10.92
CA LYS YA 15 52.05 -15.27 9.80
C LYS YA 15 52.89 -14.94 8.59
N PHE YA 16 53.09 -13.65 8.32
CA PHE YA 16 53.94 -13.25 7.20
C PHE YA 16 55.39 -13.68 7.42
N LYS YA 17 55.88 -13.57 8.65
CA LYS YA 17 57.23 -14.05 8.94
C LYS YA 17 57.32 -15.55 8.71
N ALA YA 18 56.28 -16.30 9.09
CA ALA YA 18 56.26 -17.73 8.80
C ALA YA 18 56.28 -17.98 7.29
N ILE YA 19 55.53 -17.20 6.52
CA ILE YA 19 55.54 -17.33 5.07
C ILE YA 19 56.94 -17.08 4.52
N ALA YA 20 57.61 -16.06 5.02
CA ALA YA 20 58.96 -15.74 4.58
C ALA YA 20 59.90 -16.90 4.88
N PHI YA 21 59.72 -17.50 6.05
CA PHI YA 21 60.55 -18.61 6.46
CB PHI YA 21 60.28 -19.11 7.90
CG PHI YA 21 61.41 -18.76 8.80
CD1 PHI YA 21 61.17 -18.04 9.98
CD2 PHI YA 21 62.71 -19.16 8.48
CE1 PHI YA 21 62.23 -17.71 10.82
CE2 PHI YA 21 63.77 -18.83 9.32
CZ PHI YA 21 63.53 -18.11 10.50
I PHI YA 21 65.07 -17.65 11.73
C PHI YA 21 60.35 -19.80 5.53
O PHI YA 21 61.27 -20.49 5.09
N GLU YA 22 59.09 -20.05 5.21
CA GLU YA 22 58.71 -21.15 4.33
C GLU YA 22 59.28 -20.94 2.94
N PHE YA 23 59.22 -19.69 2.47
CA PHE YA 23 59.77 -19.38 1.15
C PHE YA 23 61.29 -19.48 1.14
N LYS YA 24 61.94 -19.18 2.27
CA LYS YA 24 63.37 -19.42 2.36
C LYS YA 24 63.68 -20.89 2.17
N ALA YA 25 62.89 -21.76 2.78
CA ALA YA 25 63.10 -23.20 2.63
C ALA YA 25 62.84 -23.66 1.20
N ILE YA 26 61.72 -23.23 0.61
CA ILE YA 26 61.39 -23.68 -0.73
C ILE YA 26 62.38 -23.11 -1.75
N ALA YA 27 63.01 -21.98 -1.43
CA ALA YA 27 64.05 -21.45 -2.30
C ALA YA 27 65.24 -22.40 -2.36
N GLN YA 28 65.58 -23.02 -1.24
CA GLN YA 28 66.69 -23.95 -1.18
C GLN YA 28 66.43 -25.17 -2.07
N LYS YA 29 65.63 -26.09 -1.57
CA LYS YA 29 65.30 -27.30 -2.32
C LYS YA 29 64.47 -26.95 -3.54
N NH2 YA 30 64.83 -27.50 -4.84
CA NLG ZA 1 64.34 -15.68 -7.06
C NLG ZA 1 63.22 -15.91 -6.04
O NLG ZA 1 62.02 -15.73 -6.40
CB NLG ZA 1 64.16 -16.68 -8.21
CG NLG ZA 1 64.37 -15.96 -9.54
CD NLG ZA 1 65.74 -15.31 -9.56
OE1 NLG ZA 1 65.86 -14.06 -9.46
OE2 NLG ZA 1 66.78 -16.02 -9.67
C7 NLG ZA 1 66.16 -14.97 -5.47
C8 NLG ZA 1 67.53 -15.21 -4.85
O7 NLG ZA 1 65.51 -14.03 -5.14
N2 NLG ZA 1 65.64 -15.90 -6.45
N LEU ZA 2 63.89 -16.95 -5.34
CA LEU ZA 2 62.76 -16.89 -4.41
C LEU ZA 2 63.15 -16.19 -3.12
N LYS ZA 3 64.45 -16.09 -2.87
CA LYS ZA 3 64.92 -15.48 -1.62
C LYS ZA 3 64.52 -14.02 -1.54
N ALA ZA 4 64.44 -13.34 -2.69
CA ALA ZA 4 63.97 -11.96 -2.68
C ALA ZA 4 62.54 -11.88 -2.18
N ILE ZA 5 61.69 -12.82 -2.60
CA ILE ZA 5 60.32 -12.86 -2.10
C ILE ZA 5 60.30 -13.05 -0.59
N ALA ZA 6 61.15 -13.95 -0.09
CA ALA ZA 6 61.20 -14.20 1.35
C ALA ZA 6 61.63 -12.95 2.11
N GLN ZA 7 62.64 -12.25 1.60
CA GLN ZA 7 63.10 -11.03 2.26
C GLN ZA 7 62.01 -9.96 2.24
N GLU ZA 8 61.32 -9.83 1.11
CA GLU ZA 8 60.23 -8.86 1.02
C GLU ZA 8 59.12 -9.18 2.00
N PHE ZA 9 58.78 -10.47 2.14
CA PHE ZA 9 57.74 -10.85 3.09
C PHE ZA 9 58.20 -10.60 4.52
N LYS ZA 10 59.47 -10.85 4.81
CA LYS ZA 10 59.99 -10.53 6.14
C LYS ZA 10 59.87 -9.04 6.44
N ALA ZA 11 60.20 -8.21 5.45
CA ALA ZA 11 60.06 -6.76 5.62
C ALA ZA 11 58.61 -6.35 5.83
N ILE ZA 12 57.70 -6.94 5.05
CA ILE ZA 12 56.27 -6.65 5.22
C ILE ZA 12 55.80 -7.04 6.61
N ALA ZA 13 56.28 -8.19 7.10
CA ALA ZA 13 55.98 -8.57 8.47
C ALA ZA 13 56.50 -7.54 9.46
N LYS ZA 14 57.68 -6.97 9.19
CA LYS ZA 14 58.21 -5.93 10.05
C LYS ZA 14 57.29 -4.71 10.08
N LYS ZA 15 56.84 -4.25 8.92
CA LYS ZA 15 55.91 -3.12 8.92
C LYS ZA 15 54.59 -3.46 9.62
N PHE ZA 16 54.07 -4.68 9.42
CA PHE ZA 16 52.83 -5.05 10.08
C PHE ZA 16 52.99 -5.09 11.59
N LYS ZA 17 54.14 -5.56 12.07
CA LYS ZA 17 54.43 -5.50 13.50
C LYS ZA 17 54.48 -4.05 13.97
N ALA ZA 18 55.07 -3.17 13.17
CA ALA ZA 18 55.11 -1.76 13.53
C ALA ZA 18 53.70 -1.19 13.67
N ILE ZA 19 52.81 -1.53 12.74
CA ILE ZA 19 51.42 -1.08 12.84
C ILE ZA 19 50.74 -1.67 14.06
N ALA ZA 20 51.03 -2.93 14.36
CA ALA ZA 20 50.44 -3.58 15.53
C ALA ZA 20 50.84 -2.82 16.79
N PHI ZA 21 52.09 -2.36 16.81
CA PHI ZA 21 52.59 -1.61 17.94
CB PHI ZA 21 54.11 -1.37 17.90
CG PHI ZA 21 54.50 -0.17 18.68
CD1 PHI ZA 21 54.52 -0.20 20.07
CD2 PHI ZA 21 54.87 1.01 18.01
CE1 PHI ZA 21 54.89 0.93 20.80
CE2 PHI ZA 21 55.23 2.14 18.74
CZ PHI ZA 21 55.25 2.10 20.13
I PHI ZA 21 55.78 3.75 21.18
C PHI ZA 21 51.90 -0.26 18.03
O PHI ZA 21 51.44 0.21 19.07
N GLU ZA 22 51.83 0.39 16.88
CA GLU ZA 22 51.29 1.74 16.77
C GLU ZA 22 49.81 1.83 17.19
N PHE ZA 23 49.04 0.84 16.75
CA PHE ZA 23 47.63 0.80 17.13
C PHE ZA 23 47.44 0.54 18.62
N LYS ZA 24 48.35 -0.21 19.24
CA LYS ZA 24 48.29 -0.35 20.69
C LYS ZA 24 48.45 0.99 21.38
N ALA ZA 25 49.39 1.82 20.89
CA ALA ZA 25 49.60 3.14 21.48
C ALA ZA 25 48.40 4.05 21.25
N ILE ZA 26 47.88 4.07 20.02
CA ILE ZA 26 46.77 4.97 19.72
C ILE ZA 26 45.50 4.52 20.46
N ALA ZA 27 45.38 3.22 20.75
CA ALA ZA 27 44.24 2.75 21.51
C ALA ZA 27 44.23 3.28 22.93
N GLN ZA 28 45.39 3.59 23.49
CA GLN ZA 28 45.46 4.15 24.83
C GLN ZA 28 45.17 5.64 24.79
N LYS ZA 29 45.66 6.29 23.73
CA LYS ZA 29 45.43 7.71 23.55
C LYS ZA 29 44.56 7.95 22.32
N NH2 ZA 30 43.13 7.86 22.42
CA NLG AB 1 50.08 9.57 14.59
C NLG AB 1 49.50 8.98 13.30
O NLG AB 1 49.83 7.82 12.95
CB NLG AB 1 49.04 9.47 15.70
CG NLG AB 1 49.34 8.27 16.60
CD NLG AB 1 50.54 8.60 17.49
OE1 NLG AB 1 50.37 9.28 18.55
OE2 NLG AB 1 51.68 8.17 17.19
C7 NLG AB 1 51.66 11.32 13.69
C8 NLG AB 1 52.00 12.79 13.46
O7 NLG AB 1 52.39 10.47 13.32
N2 NLG AB 1 50.42 10.97 14.36
N LEU AB 2 48.98 10.14 12.64
CA LEU AB 2 48.13 9.32 11.78
C LEU AB 2 48.78 9.04 10.43
N LYS AB 3 49.76 9.85 10.04
CA LYS AB 3 50.48 9.58 8.80
C LYS AB 3 51.24 8.27 8.88
N ALA AB 4 51.59 7.82 10.08
CA ALA AB 4 52.34 6.58 10.23
C ALA AB 4 51.65 5.44 9.49
N ILE AB 5 50.35 5.26 9.75
CA ILE AB 5 49.61 4.17 9.13
C ILE AB 5 49.60 4.31 7.61
N ALA AB 6 49.33 5.52 7.11
CA ALA AB 6 49.19 5.71 5.68
C ALA AB 6 50.50 5.48 4.95
N GLN AB 7 51.58 6.12 5.40
CA GLN AB 7 52.87 5.93 4.73
C GLN AB 7 53.37 4.51 4.91
N GLU AB 8 53.00 3.85 6.01
CA GLU AB 8 53.44 2.48 6.22
C GLU AB 8 52.78 1.55 5.20
N PHE AB 9 51.47 1.69 5.05
CA PHE AB 9 50.76 0.94 4.02
C PHE AB 9 51.19 1.36 2.62
N LYS AB 10 51.65 2.61 2.45
CA LYS AB 10 52.18 3.01 1.16
C LYS AB 10 53.43 2.21 0.80
N ALA AB 11 54.35 2.05 1.76
CA ALA AB 11 55.51 1.19 1.53
C ALA AB 11 55.09 -0.26 1.32
N ILE AB 12 54.06 -0.71 2.05
CA ILE AB 12 53.56 -2.06 1.85
C ILE AB 12 53.08 -2.26 0.41
N ALA AB 13 52.30 -1.31 -0.10
CA ALA AB 13 51.82 -1.40 -1.47
C ALA AB 13 52.97 -1.36 -2.47
N LYS AB 14 53.97 -0.52 -2.21
CA LYS AB 14 55.14 -0.46 -3.09
C LYS AB 14 55.85 -1.80 -3.11
N LYS AB 15 56.00 -2.45 -1.96
CA LYS AB 15 56.61 -3.77 -1.90
C LYS AB 15 55.80 -4.78 -2.71
N PHE AB 16 54.48 -4.85 -2.45
CA PHE AB 16 53.65 -5.83 -3.12
C PHE AB 16 53.76 -5.73 -4.64
N LYS AB 17 54.00 -4.52 -5.15
CA LYS AB 17 54.28 -4.39 -6.58
C LYS AB 17 55.52 -5.16 -6.98
N ALA AB 18 56.59 -5.08 -6.17
CA ALA AB 18 57.80 -5.82 -6.49
C ALA AB 18 57.57 -7.32 -6.42
N ILE AB 19 56.83 -7.78 -5.41
CA ILE AB 19 56.48 -9.20 -5.35
C ILE AB 19 55.70 -9.63 -6.59
N ALA AB 20 54.74 -8.81 -7.01
CA ALA AB 20 53.96 -9.09 -8.22
C ALA AB 20 54.87 -9.21 -9.43
N PHI AB 21 55.84 -8.31 -9.50
CA PHI AB 21 56.76 -8.25 -10.61
CB PHI AB 21 57.69 -7.03 -10.58
CG PHI AB 21 57.10 -5.86 -11.29
CD1 PHI AB 21 56.24 -5.00 -10.62
CD2 PHI AB 21 57.40 -5.63 -12.64
CE1 PHI AB 21 55.69 -3.91 -11.29
CE2 PHI AB 21 56.85 -4.54 -13.30
CZ PHI AB 21 55.99 -3.68 -12.63
I PHI AB 21 55.18 -2.09 -13.60
C PHI AB 21 57.65 -9.48 -10.65
O PHI AB 21 58.05 -10.00 -11.70
N GLU AB 22 57.99 -9.97 -9.46
CA GLU AB 22 58.92 -11.08 -9.37
C GLU AB 22 58.22 -12.41 -9.68
N PHE AB 23 56.99 -12.59 -9.21
CA PHE AB 23 56.22 -13.73 -9.74
C PHE AB 23 55.95 -13.59 -11.24
N LYS AB 24 55.91 -12.37 -11.76
CA LYS AB 24 55.80 -12.22 -13.21
C LYS AB 24 57.01 -12.84 -13.92
N ALA AB 25 58.21 -12.59 -13.39
CA ALA AB 25 59.40 -13.21 -13.94
C ALA AB 25 59.40 -14.71 -13.72
N ILE AB 26 58.95 -15.17 -12.56
CA ILE AB 26 58.91 -16.60 -12.26
C ILE AB 26 57.99 -17.32 -13.24
N ALA AB 27 56.89 -16.67 -13.63
CA ALA AB 27 55.97 -17.28 -14.57
C ALA AB 27 56.65 -17.52 -15.92
N GLN AB 28 57.45 -16.56 -16.37
CA GLN AB 28 58.16 -16.70 -17.64
C GLN AB 28 59.20 -17.81 -17.58
N LYS AB 29 60.24 -17.60 -16.78
CA LYS AB 29 61.30 -18.57 -16.64
C LYS AB 29 61.16 -19.31 -15.31
N NH2 AB 30 61.21 -20.76 -15.27
CA NLG BB 1 48.96 -20.45 -12.92
C NLG BB 1 49.10 -19.25 -12.00
O NLG BB 1 48.31 -18.28 -12.08
CB NLG BB 1 49.58 -21.68 -12.26
CG NLG BB 1 48.50 -22.55 -11.63
CD NLG BB 1 47.60 -23.12 -12.71
OE1 NLG BB 1 46.49 -22.59 -12.96
OE2 NLG BB 1 47.96 -24.14 -13.36
C7 NLG BB 1 49.13 -19.22 -15.11
C8 NLG BB 1 49.86 -18.96 -16.42
O7 NLG BB 1 48.14 -18.62 -14.86
N2 NLG BB 1 49.65 -20.20 -14.17
N LEU BB 2 50.52 -19.22 -12.20
CA LEU BB 2 51.44 -18.23 -11.66
C LEU BB 2 51.02 -16.82 -12.08
N LYS BB 3 50.53 -16.70 -13.31
CA LYS BB 3 50.15 -15.39 -13.83
C LYS BB 3 49.03 -14.77 -13.03
N ALA BB 4 48.04 -15.58 -12.63
CA ALA BB 4 46.93 -15.06 -11.83
C ALA BB 4 47.43 -14.51 -10.51
N ILE BB 5 48.40 -15.18 -9.89
CA ILE BB 5 48.95 -14.69 -8.63
C ILE BB 5 49.61 -13.33 -8.81
N ALA BB 6 50.42 -13.20 -9.86
CA ALA BB 6 51.11 -11.94 -10.12
C ALA BB 6 50.10 -10.82 -10.40
N GLN BB 7 49.07 -11.12 -11.19
CA GLN BB 7 48.04 -10.13 -11.46
C GLN BB 7 47.30 -9.73 -10.19
N GLU BB 8 47.00 -10.69 -9.33
CA GLU BB 8 46.22 -10.41 -8.13
C GLU BB 8 47.03 -9.60 -7.13
N PHE BB 9 48.35 -9.83 -7.07
CA PHE BB 9 49.18 -9.00 -6.22
C PHE BB 9 49.20 -7.54 -6.67
N LYS BB 10 49.13 -7.28 -7.97
CA LYS BB 10 49.01 -5.90 -8.44
C LYS BB 10 47.72 -5.28 -7.93
N ALA BB 11 46.62 -6.03 -7.96
CA ALA BB 11 45.37 -5.54 -7.41
C ALA BB 11 45.50 -5.24 -5.92
N ILE BB 12 46.14 -6.16 -5.19
CA ILE BB 12 46.35 -5.95 -3.76
C ILE BB 12 47.12 -4.66 -3.51
N ALA BB 13 48.17 -4.44 -4.31
CA ALA BB 13 48.97 -3.23 -4.17
C ALA BB 13 48.14 -1.98 -4.43
N LYS BB 14 47.32 -1.99 -5.48
CA LYS BB 14 46.56 -0.79 -5.79
C LYS BB 14 45.42 -0.57 -4.79
N LYS BB 15 44.95 -1.62 -4.13
CA LYS BB 15 43.97 -1.42 -3.07
C LYS BB 15 44.62 -0.86 -1.80
N PHE BB 16 45.85 -1.31 -1.51
CA PHE BB 16 46.54 -0.79 -0.33
C PHE BB 16 46.85 0.70 -0.46
N LYS BB 17 47.23 1.16 -1.66
CA LYS BB 17 47.48 2.58 -1.82
C LYS BB 17 46.20 3.39 -1.66
N ALA BB 18 45.06 2.83 -2.09
CA ALA BB 18 43.79 3.47 -1.81
C ALA BB 18 43.52 3.52 -0.32
N ILE BB 19 43.86 2.45 0.40
CA ILE BB 19 43.75 2.46 1.86
C ILE BB 19 44.54 3.62 2.44
N ALA BB 20 45.78 3.79 2.01
CA ALA BB 20 46.62 4.87 2.51
C ALA BB 20 46.02 6.24 2.18
N PHI BB 21 45.48 6.33 0.96
CA PHI BB 21 44.93 7.56 0.45
CB PHI BB 21 44.52 7.47 -1.03
CG PHI BB 21 45.73 7.52 -1.90
CD1 PHI BB 21 45.69 7.01 -3.20
CD2 PHI BB 21 46.92 8.10 -1.43
CE1 PHI BB 21 46.82 7.07 -4.02
CE2 PHI BB 21 48.05 8.15 -2.24
CZ PHI BB 21 48.01 7.64 -3.54
I PHI BB 21 49.66 7.73 -4.71
C PHI BB 21 43.70 7.98 1.23
O PHI BB 21 43.36 9.15 1.40
N GLU BB 22 43.01 6.97 1.73
CA GLU BB 22 41.81 7.22 2.52
C GLU BB 22 42.23 7.56 3.95
N PHE BB 23 43.30 6.93 4.42
CA PHE BB 23 43.80 7.22 5.75
C PHE BB 23 44.30 8.65 5.88
N LYS BB 24 44.92 9.19 4.83
CA LYS BB 24 45.48 10.54 4.98
C LYS BB 24 44.36 11.54 5.25
N ALA BB 25 43.17 11.26 4.71
CA ALA BB 25 41.99 12.11 4.94
C ALA BB 25 41.60 12.12 6.41
N ILE BB 26 41.50 10.94 7.03
CA ILE BB 26 41.14 10.87 8.44
C ILE BB 26 42.29 11.35 9.31
N ALA BB 27 43.49 11.45 8.74
CA ALA BB 27 44.60 12.06 9.47
C ALA BB 27 44.32 13.53 9.76
N GLN BB 28 43.73 14.25 8.81
CA GLN BB 28 43.40 15.65 9.00
C GLN BB 28 42.04 15.77 9.70
N LYS BB 29 40.98 15.51 8.95
CA LYS BB 29 39.62 15.59 9.47
C LYS BB 29 39.38 14.42 10.42
N NH2 BB 30 38.57 14.62 11.61
CA NLG CB 1 93.53 -0.16 -5.98
C NLG CB 1 92.36 -0.13 -5.00
O NLG CB 1 91.52 -1.06 -4.99
CB NLG CB 1 94.83 -0.14 -5.18
CG NLG CB 1 95.80 -1.17 -5.76
CD NLG CB 1 96.79 -0.47 -6.68
OE1 NLG CB 1 96.47 0.62 -7.24
OE2 NLG CB 1 97.92 -0.96 -6.89
C7 NLG CB 1 92.39 1.17 -7.79
C8 NLG CB 1 92.36 2.39 -8.71
O7 NLG CB 1 91.53 0.37 -7.86
N2 NLG CB 1 93.48 0.99 -6.86
N LEU CB 2 92.50 1.28 -4.77
CA LEU CB 2 91.85 1.57 -3.51
C LEU CB 2 90.32 1.46 -3.65
N LYS CB 3 89.79 1.90 -4.79
CA LYS CB 3 88.36 1.78 -5.03
C LYS CB 3 87.94 0.31 -5.07
N ALA CB 4 88.73 -0.53 -5.73
CA ALA CB 4 88.45 -1.96 -5.73
C ALA CB 4 88.50 -2.52 -4.32
N ILE CB 5 89.43 -2.02 -3.50
CA ILE CB 5 89.51 -2.44 -2.10
C ILE CB 5 88.21 -2.12 -1.38
N ALA CB 6 87.69 -0.91 -1.59
CA ALA CB 6 86.47 -0.49 -0.90
C ALA CB 6 85.27 -1.33 -1.34
N GLN CB 7 85.09 -1.48 -2.64
CA GLN CB 7 83.95 -2.29 -3.10
C GLN CB 7 84.11 -3.74 -2.68
N GLU CB 8 85.34 -4.24 -2.60
CA GLU CB 8 85.57 -5.59 -2.12
C GLU CB 8 85.11 -5.72 -0.67
N PHE CB 9 85.58 -4.82 0.20
CA PHE CB 9 85.16 -4.86 1.59
C PHE CB 9 83.65 -4.74 1.71
N LYS CB 10 83.03 -3.95 0.83
CA LYS CB 10 81.56 -3.91 0.79
C LYS CB 10 80.99 -5.28 0.47
N ALA CB 11 81.62 -6.01 -0.45
CA ALA CB 11 81.14 -7.34 -0.79
C ALA CB 11 81.24 -8.29 0.41
N ILE CB 12 82.37 -8.26 1.12
CA ILE CB 12 82.49 -9.08 2.33
C ILE CB 12 81.44 -8.67 3.36
N ALA CB 13 81.17 -7.37 3.49
CA ALA CB 13 80.14 -6.93 4.43
C ALA CB 13 78.78 -7.49 4.04
N LYS CB 14 78.46 -7.45 2.75
CA LYS CB 14 77.18 -8.01 2.29
C LYS CB 14 77.10 -9.51 2.56
N LYS CB 15 78.20 -10.23 2.32
CA LYS CB 15 78.22 -11.66 2.58
C LYS CB 15 78.01 -11.96 4.06
N PHE CB 16 78.64 -11.17 4.93
CA PHE CB 16 78.44 -11.36 6.37
C PHE CB 16 77.00 -11.05 6.77
N LYS CB 17 76.41 -10.03 6.15
CA LYS CB 17 75.00 -9.74 6.42
C LYS CB 17 74.11 -10.90 6.01
N ALA CB 18 74.39 -11.49 4.85
CA ALA CB 18 73.63 -12.65 4.41
C ALA CB 18 73.80 -13.83 5.37
N ILE CB 19 75.03 -14.05 5.85
CA ILE CB 19 75.26 -15.10 6.83
C ILE CB 19 74.48 -14.83 8.11
N ALA CB 20 74.43 -13.58 8.53
CA ALA CB 20 73.67 -13.19 9.70
C ALA CB 20 72.21 -13.52 9.51
N PHI CB 21 71.69 -13.23 8.32
CA PHI CB 21 70.30 -13.49 8.02
CB PHI CB 21 69.85 -13.00 6.63
CG PHI CB 21 69.07 -11.74 6.77
CD1 PHI CB 21 69.51 -10.56 6.16
CD2 PHI CB 21 67.88 -11.72 7.51
CE1 PHI CB 21 68.78 -9.37 6.30
CE2 PHI CB 21 67.15 -10.54 7.65
CZ PHI CB 21 67.59 -9.36 7.03
I PHI CB 21 66.54 -7.65 7.23
C PHI CB 21 70.01 -14.98 8.07
O PHI CB 21 68.98 -15.47 8.56
N GLU CB 22 70.96 -15.74 7.55
CA GLU CB 22 70.83 -17.20 7.51
C GLU CB 22 70.84 -17.81 8.90
N PHE CB 23 71.75 -17.32 9.74
CA PHE CB 23 71.81 -17.80 11.12
C PHE CB 23 70.59 -17.38 11.91
N LYS CB 24 70.04 -16.20 11.60
CA LYS CB 24 68.78 -15.80 12.21
C LYS CB 24 67.65 -16.74 11.80
N ALA CB 25 67.62 -17.11 10.51
CA ALA CB 25 66.58 -18.02 10.03
C ALA CB 25 66.70 -19.39 10.68
N ILE CB 26 67.92 -19.91 10.80
CA ILE CB 26 68.09 -21.20 11.46
C ILE CB 26 67.90 -21.11 12.96
N ALA CB 27 68.06 -19.91 13.54
CA ALA CB 27 67.97 -19.77 14.99
C ALA CB 27 66.54 -19.91 15.49
N GLN CB 28 65.59 -19.25 14.81
CA GLN CB 28 64.21 -19.17 15.28
C GLN CB 28 63.58 -20.56 15.50
N LYS CB 29 63.39 -21.33 14.43
CA LYS CB 29 62.89 -22.69 14.57
C LYS CB 29 63.75 -23.60 13.68
N NH2 CB 30 63.70 -25.03 13.86
CA NLG DB 1 72.88 -19.12 21.34
C NLG DB 1 72.87 -18.31 20.04
O NLG DB 1 72.81 -17.06 20.10
CB NLG DB 1 73.71 -20.39 21.13
CG NLG DB 1 74.59 -20.63 22.35
CD NLG DB 1 73.74 -20.57 23.61
OE1 NLG DB 1 73.86 -19.61 24.42
OE2 NLG DB 1 72.90 -21.49 23.85
C7 NLG DB 1 70.69 -18.53 22.37
C8 NLG DB 1 69.26 -18.90 22.76
O7 NLG DB 1 71.11 -17.45 22.62
N2 NLG DB 1 71.53 -19.49 21.70
N LEU DB 2 71.74 -18.97 19.48
CA LEU DB 2 71.80 -18.91 18.02
C LEU DB 2 71.33 -17.56 17.52
N LYS DB 3 70.79 -16.74 18.42
CA LYS DB 3 70.47 -15.36 18.08
C LYS DB 3 71.69 -14.46 18.25
N ALA DB 4 72.38 -14.59 19.38
CA ALA DB 4 73.53 -13.75 19.67
C ALA DB 4 74.56 -13.82 18.55
N ILE DB 5 74.81 -15.03 18.03
CA ILE DB 5 75.70 -15.19 16.90
C ILE DB 5 75.20 -14.37 15.72
N ALA DB 6 73.87 -14.32 15.53
CA ALA DB 6 73.31 -13.61 14.40
C ALA DB 6 73.54 -12.10 14.52
N GLN DB 7 73.21 -11.50 15.67
CA GLN DB 7 73.41 -10.06 15.73
C GLN DB 7 74.90 -9.72 15.79
N GLU DB 8 75.73 -10.65 16.26
CA GLU DB 8 77.16 -10.41 16.20
C GLU DB 8 77.67 -10.36 14.76
N PHE DB 9 77.20 -11.29 13.91
CA PHE DB 9 77.53 -11.17 12.49
C PHE DB 9 76.97 -9.88 11.89
N LYS DB 10 75.77 -9.49 12.31
CA LYS DB 10 75.20 -8.24 11.80
C LYS DB 10 76.09 -7.05 12.14
N ALA DB 11 76.54 -6.98 13.39
CA ALA DB 11 77.44 -5.91 13.82
C ALA DB 11 78.76 -5.97 13.06
N ILE DB 12 79.30 -7.17 12.86
CA ILE DB 12 80.57 -7.30 12.16
C ILE DB 12 80.43 -6.80 10.73
N ALA DB 13 79.33 -7.16 10.06
CA ALA DB 13 79.09 -6.65 8.72
C ALA DB 13 78.94 -5.15 8.70
N LYS DB 14 78.28 -4.59 9.72
CA LYS DB 14 78.18 -3.13 9.80
C LYS DB 14 79.55 -2.47 9.93
N LYS DB 15 80.43 -3.03 10.76
CA LYS DB 15 81.77 -2.48 10.90
C LYS DB 15 82.54 -2.60 9.60
N PHE DB 16 82.38 -3.73 8.90
CA PHE DB 16 83.02 -3.87 7.59
C PHE DB 16 82.48 -2.87 6.58
N LYS DB 17 81.17 -2.61 6.60
CA LYS DB 17 80.61 -1.59 5.71
C LYS DB 17 81.21 -0.22 6.02
N ALA DB 18 81.33 0.11 7.31
CA ALA DB 18 81.96 1.37 7.69
C ALA DB 18 83.40 1.43 7.20
N ILE DB 19 84.13 0.32 7.31
CA ILE DB 19 85.50 0.26 6.82
C ILE DB 19 85.55 0.50 5.32
N ALA DB 20 84.64 -0.13 4.59
CA ALA DB 20 84.59 0.00 3.13
C ALA DB 20 84.33 1.45 2.75
N PHI DB 21 83.47 2.10 3.52
CA PHI DB 21 83.15 3.48 3.27
CB PHI DB 21 81.99 4.04 4.12
CG PHI DB 21 81.88 5.51 3.93
CD1 PHI DB 21 82.15 6.38 4.99
CD2 PHI DB 21 81.54 6.05 2.68
CE1 PHI DB 21 82.06 7.76 4.81
CE2 PHI DB 21 81.45 7.41 2.49
CZ PHI DB 21 81.71 8.28 3.56
I PHI DB 21 81.59 10.29 3.30
C PHI DB 21 84.34 4.38 3.51
O PHI DB 21 84.71 5.28 2.75
N GLU DB 22 84.99 4.12 4.65
CA GLU DB 22 86.11 4.93 5.09
C GLU DB 22 87.28 4.85 4.12
N PHE DB 23 87.58 3.62 3.66
CA PHE DB 23 88.67 3.45 2.70
C PHE DB 23 88.43 4.24 1.43
N LYS DB 24 87.17 4.48 1.06
CA LYS DB 24 86.89 5.30 -0.11
C LYS DB 24 87.37 6.73 0.09
N ALA DB 25 87.24 7.26 1.31
CA ALA DB 25 87.70 8.62 1.57
C ALA DB 25 89.20 8.75 1.35
N ILE DB 26 89.98 7.78 1.83
CA ILE DB 26 91.41 7.78 1.55
C ILE DB 26 91.66 7.55 0.07
N ALA DB 27 90.81 6.75 -0.58
CA ALA DB 27 90.97 6.49 -2.01
C ALA DB 27 90.88 7.77 -2.82
N GLN DB 28 89.96 8.66 -2.48
CA GLN DB 28 89.83 9.92 -3.18
C GLN DB 28 90.89 10.91 -2.69
N LYS DB 29 91.09 10.94 -1.38
CA LYS DB 29 92.07 11.83 -0.78
C LYS DB 29 93.42 11.13 -0.69
N NH2 DB 30 94.24 11.28 0.50
CA NLG EB 1 92.00 8.04 8.88
C NLG EB 1 92.30 6.56 9.12
O NLG EB 1 91.36 5.77 9.37
CB NLG EB 1 92.68 8.51 7.61
CG NLG EB 1 91.72 9.38 6.81
CD NLG EB 1 91.37 10.63 7.60
OE1 NLG EB 1 92.20 11.58 7.66
OE2 NLG EB 1 90.27 10.72 8.20
C7 NLG EB 1 91.88 8.67 11.32
C8 NLG EB 1 92.41 9.51 12.49
O7 NLG EB 1 91.01 7.90 11.49
N2 NLG EB 1 92.48 8.83 10.00
N LEU EB 2 93.64 6.79 9.56
CA LEU EB 2 93.89 5.35 9.65
C LEU EB 2 93.67 4.84 11.07
N LYS EB 3 93.61 5.76 12.03
CA LYS EB 3 93.35 5.38 13.41
C LYS EB 3 91.97 4.75 13.55
N ALA EB 4 90.98 5.31 12.84
CA ALA EB 4 89.65 4.71 12.83
C ALA EB 4 89.70 3.29 12.32
N ILE EB 5 90.54 3.03 11.31
CA ILE EB 5 90.68 1.68 10.77
C ILE EB 5 91.17 0.73 11.86
N ALA EB 6 92.21 1.15 12.60
CA ALA EB 6 92.74 0.30 13.66
C ALA EB 6 91.71 0.05 14.76
N GLN EB 7 90.98 1.10 15.14
CA GLN EB 7 89.96 0.93 16.18
C GLN EB 7 88.85 -0.02 15.73
N GLU EB 8 88.43 0.11 14.47
CA GLU EB 8 87.42 -0.80 13.93
C GLU EB 8 87.94 -2.24 13.93
N PHE EB 9 89.21 -2.43 13.57
CA PHE EB 9 89.76 -3.77 13.60
C PHE EB 9 89.89 -4.33 15.02
N LYS EB 10 90.21 -3.50 16.00
CA LYS EB 10 90.18 -3.97 17.39
C LYS EB 10 88.78 -4.40 17.79
N ALA EB 11 87.77 -3.62 17.40
CA ALA EB 11 86.39 -4.01 17.67
C ALA EB 11 86.03 -5.32 16.98
N ILE EB 12 86.48 -5.49 15.74
CA ILE EB 12 86.22 -6.72 15.02
C ILE EB 12 86.87 -7.91 15.73
N ALA EB 13 88.10 -7.72 16.22
CA ALA EB 13 88.78 -8.80 16.93
C ALA EB 13 88.03 -9.18 18.20
N LYS EB 14 87.55 -8.17 18.94
CA LYS EB 14 86.77 -8.48 20.13
C LYS EB 14 85.48 -9.21 19.77
N LYS EB 15 84.83 -8.79 18.69
CA LYS EB 15 83.63 -9.49 18.25
C LYS EB 15 83.94 -10.94 17.90
N PHE EB 16 85.06 -11.18 17.23
CA PHE EB 16 85.42 -12.55 16.85
C PHE EB 16 85.76 -13.40 18.05
N LYS EB 17 86.44 -12.84 19.05
CA LYS EB 17 86.71 -13.64 20.25
C LYS EB 17 85.40 -13.95 20.98
N ALA EB 18 84.45 -13.01 20.96
CA ALA EB 18 83.13 -13.33 21.49
C ALA EB 18 82.47 -14.46 20.70
N ILE EB 19 82.63 -14.46 19.38
CA ILE EB 19 82.11 -15.54 18.55
C ILE EB 19 82.72 -16.87 18.96
N ALA EB 20 84.03 -16.89 19.17
CA ALA EB 20 84.74 -18.09 19.56
C ALA EB 20 84.22 -18.58 20.91
N PHI EB 21 83.96 -17.66 21.82
CA PHI EB 21 83.47 -18.03 23.12
CB PHI EB 21 83.36 -16.89 24.15
CG PHI EB 21 83.21 -17.54 25.49
CD1 PHI EB 21 84.30 -18.20 26.06
CD2 PHI EB 21 81.99 -17.51 26.17
CE1 PHI EB 21 84.18 -18.82 27.29
CE2 PHI EB 21 81.87 -18.13 27.40
CZ PHI EB 21 82.97 -18.79 27.97
I PHI EB 21 82.79 -19.69 29.77
C PHI EB 21 82.09 -18.65 23.04
O PHI EB 21 81.74 -19.64 23.70
N GLU EB 22 81.26 -18.05 22.19
CA GLU EB 22 79.90 -18.55 21.98
C GLU EB 22 79.92 -19.95 21.40
N PHE EB 23 80.80 -20.16 20.42
CA PHE EB 23 80.91 -21.47 19.80
C PHE EB 23 81.48 -22.51 20.76
N LYS EB 24 82.38 -22.11 21.66
CA LYS EB 24 82.85 -23.03 22.68
C LYS EB 24 81.68 -23.50 23.56
N ALA EB 25 80.82 -22.56 23.96
CA ALA EB 25 79.67 -22.93 24.78
C ALA EB 25 78.70 -23.83 24.03
N ILE EB 26 78.40 -23.49 22.77
CA ILE EB 26 77.43 -24.28 22.03
C ILE EB 26 78.02 -25.64 21.65
N ALA EB 27 79.35 -25.76 21.63
CA ALA EB 27 79.98 -27.03 21.31
C ALA EB 27 79.62 -28.08 22.35
N GLN EB 28 79.60 -27.71 23.62
CA GLN EB 28 79.24 -28.64 24.69
C GLN EB 28 77.75 -28.90 24.65
N LYS EB 29 76.96 -27.85 24.89
CA LYS EB 29 75.52 -27.95 24.88
C LYS EB 29 74.99 -27.57 23.50
N NH2 EB 30 74.42 -28.58 22.64
CA NLG FB 1 83.78 -30.24 15.43
C NLG FB 1 83.59 -28.72 15.52
O NLG FB 1 84.22 -27.97 14.73
CB NLG FB 1 82.45 -30.92 15.14
CG NLG FB 1 82.62 -31.96 14.02
CD NLG FB 1 83.89 -32.76 14.25
OE1 NLG FB 1 84.89 -32.60 13.50
OE2 NLG FB 1 83.95 -33.60 15.20
C7 NLG FB 1 85.66 -30.44 17.08
C8 NLG FB 1 86.21 -30.99 18.39
O7 NLG FB 1 86.34 -29.77 16.39
N2 NLG FB 1 84.31 -30.75 16.68
N LEU FB 2 82.90 -28.89 16.76
CA LEU FB 2 82.73 -27.45 16.70
C LEU FB 2 83.83 -26.72 17.47
N LYS FB 3 84.55 -27.45 18.31
CA LYS FB 3 85.62 -26.85 19.09
C LYS FB 3 86.73 -26.32 18.19
N ALA FB 4 87.02 -27.03 17.10
CA ALA FB 4 87.99 -26.54 16.14
C ALA FB 4 87.53 -25.23 15.52
N ILE FB 5 86.23 -25.10 15.28
CA ILE FB 5 85.69 -23.86 14.75
C ILE FB 5 85.95 -22.71 15.72
N ALA FB 6 85.70 -22.93 17.00
CA ALA FB 6 85.93 -21.89 18.00
C ALA FB 6 87.41 -21.54 18.10
N GLN FB 7 88.27 -22.56 18.05
CA GLN FB 7 89.71 -22.31 18.11
C GLN FB 7 90.18 -21.49 16.92
N GLU FB 8 89.68 -21.81 15.73
CA GLU FB 8 90.05 -21.05 14.54
C GLU FB 8 89.51 -19.63 14.61
N PHE FB 9 88.31 -19.46 15.18
CA PHE FB 9 87.78 -18.12 15.35
C PHE FB 9 88.62 -17.31 16.33
N LYS FB 10 89.09 -17.94 17.40
CA LYS FB 10 90.00 -17.26 18.32
C LYS FB 10 91.29 -16.88 17.63
N ALA FB 11 91.82 -17.77 16.79
CA ALA FB 11 93.02 -17.45 16.02
C ALA FB 11 92.76 -16.26 15.10
N ILE FB 12 91.59 -16.23 14.46
CA ILE FB 12 91.23 -15.12 13.59
C ILE FB 12 91.16 -13.82 14.38
N ALA FB 13 90.60 -13.88 15.59
CA ALA FB 13 90.55 -12.70 16.44
C ALA FB 13 91.94 -12.21 16.79
N LYS FB 14 92.85 -13.14 17.09
CA LYS FB 14 94.24 -12.74 17.37
C LYS FB 14 94.88 -12.11 16.15
N LYS FB 15 94.63 -12.67 14.96
CA LYS FB 15 95.19 -12.09 13.74
C LYS FB 15 94.66 -10.68 13.52
N PHE FB 16 93.36 -10.48 13.74
CA PHE FB 16 92.79 -9.14 13.60
C PHE FB 16 93.35 -8.19 14.64
N LYS FB 17 93.62 -8.67 15.86
CA LYS FB 17 94.28 -7.83 16.86
C LYS FB 17 95.65 -7.40 16.36
N ALA FB 18 96.41 -8.31 15.77
CA ALA FB 18 97.71 -7.95 15.21
C ALA FB 18 97.56 -6.93 14.10
N ILE FB 19 96.54 -7.11 13.25
CA ILE FB 19 96.30 -6.16 12.15
C ILE FB 19 96.01 -4.78 12.70
N ALA FB 20 95.17 -4.70 13.73
CA ALA FB 20 94.82 -3.44 14.35
C ALA FB 20 96.05 -2.80 14.98
N PHI FB 21 96.89 -3.63 15.56
CA PHI FB 21 98.11 -3.17 16.18
CB PHI FB 21 98.91 -4.30 16.88
CG PHI FB 21 100.30 -3.91 17.21
CD1 PHI FB 21 100.58 -3.10 18.33
CD2 PHI FB 21 101.36 -4.36 16.41
CE1 PHI FB 21 101.88 -2.74 18.63
CE2 PHI FB 21 102.67 -3.99 16.72
CZ PHI FB 21 102.93 -3.18 17.83
I PHI FB 21 104.83 -2.66 18.27
C PHI FB 21 99.01 -2.51 15.16
O PHI FB 21 99.65 -1.48 15.36
N GLU FB 22 99.07 -3.16 14.00
CA GLU FB 22 99.92 -2.71 12.92
C GLU FB 22 99.39 -1.41 12.31
N PHE FB 23 98.06 -1.29 12.23
CA PHE FB 23 97.49 -0.08 11.69
C PHE FB 23 97.68 1.15 12.58
N LYS FB 24 97.62 1.01 13.90
CA LYS FB 24 97.88 2.19 14.73
C LYS FB 24 99.34 2.58 14.67
N ALA FB 25 100.23 1.62 14.39
CA ALA FB 25 101.63 1.96 14.16
C ALA FB 25 101.81 2.71 12.85
N ILE FB 26 101.21 2.19 11.76
CA ILE FB 26 101.41 2.81 10.45
C ILE FB 26 100.72 4.17 10.39
N ALA FB 27 99.62 4.35 11.13
CA ALA FB 27 98.95 5.64 11.15
C ALA FB 27 99.82 6.73 11.75
N GLN FB 28 100.57 6.42 12.80
CA GLN FB 28 101.49 7.38 13.40
C GLN FB 28 102.67 7.61 12.46
N LYS FB 29 103.25 6.52 12.00
CA LYS FB 29 104.37 6.59 11.08
C LYS FB 29 103.90 6.30 9.66
N NH2 FB 30 103.23 7.32 8.89
CA NLG GB 1 104.44 -2.31 7.07
C NLG GB 1 103.28 -2.99 6.35
O NLG GB 1 102.86 -4.11 6.76
CB NLG GB 1 104.07 -0.85 7.37
CG NLG GB 1 104.42 -0.52 8.82
CD NLG GB 1 105.86 -0.93 9.12
OE1 NLG GB 1 106.81 -0.23 8.67
OE2 NLG GB 1 106.09 -1.95 9.82
C7 NLG GB 1 106.36 -3.54 6.03
C8 NLG GB 1 107.61 -3.54 5.15
O7 NLG GB 1 106.00 -4.55 6.54
N2 NLG GB 1 105.62 -2.31 6.24
N LEU GB 2 103.52 -2.69 4.98
CA LEU GB 2 102.50 -3.17 4.04
C LEU GB 2 102.64 -4.67 3.79
N LYS GB 3 103.85 -5.18 3.98
CA LYS GB 3 104.07 -6.60 3.80
C LYS GB 3 103.33 -7.42 4.85
N ALA GB 4 103.26 -6.90 6.08
CA ALA GB 4 102.66 -7.66 7.17
C ALA GB 4 101.19 -7.96 6.91
N ILE GB 5 100.43 -6.95 6.46
CA ILE GB 5 99.01 -7.18 6.21
C ILE GB 5 98.82 -8.14 5.04
N ALA GB 6 99.65 -8.01 4.00
CA ALA GB 6 99.54 -8.89 2.85
C ALA GB 6 99.81 -10.34 3.24
N GLN GB 7 100.86 -10.57 4.04
CA GLN GB 7 101.15 -11.93 4.46
C GLN GB 7 100.13 -12.46 5.46
N GLU GB 8 99.54 -11.57 6.25
CA GLU GB 8 98.59 -12.01 7.27
C GLU GB 8 97.26 -12.40 6.64
N PHE GB 9 96.87 -11.68 5.59
CA PHE GB 9 95.55 -11.89 5.01
C PHE GB 9 95.44 -13.22 4.26
N LYS GB 10 96.52 -13.70 3.64
CA LYS GB 10 96.43 -15.01 3.01
C LYS GB 10 96.21 -16.09 4.06
N ALA GB 11 96.87 -15.96 5.22
CA ALA GB 11 96.64 -16.89 6.32
C ALA GB 11 95.21 -16.81 6.82
N ILE GB 12 94.67 -15.59 6.93
CA ILE GB 12 93.29 -15.44 7.36
C ILE GB 12 92.34 -16.11 6.36
N ALA GB 13 92.58 -15.92 5.07
CA ALA GB 13 91.76 -16.57 4.05
C ALA GB 13 91.87 -18.09 4.15
N LYS GB 14 93.08 -18.60 4.37
CA LYS GB 14 93.27 -20.04 4.53
C LYS GB 14 92.47 -20.56 5.72
N LYS GB 15 92.47 -19.80 6.83
CA LYS GB 15 91.66 -20.19 7.97
C LYS GB 15 90.18 -20.21 7.61
N PHE GB 16 89.73 -19.22 6.84
CA PHE GB 16 88.34 -19.20 6.40
C PHE GB 16 88.01 -20.39 5.50
N LYS GB 17 88.96 -20.79 4.64
CA LYS GB 17 88.73 -21.97 3.83
C LYS GB 17 88.59 -23.22 4.68
N ALA GB 18 89.41 -23.34 5.73
CA ALA GB 18 89.27 -24.47 6.65
C ALA GB 18 87.91 -24.44 7.35
N ILE GB 19 87.45 -23.25 7.73
CA ILE GB 19 86.13 -23.12 8.33
C ILE GB 19 85.06 -23.62 7.36
N ALA GB 20 85.16 -23.21 6.10
CA ALA GB 20 84.20 -23.61 5.08
C ALA GB 20 84.22 -25.12 4.89
N PHI GB 21 85.42 -25.69 4.95
CA PHI GB 21 85.60 -27.11 4.76
CB PHI GB 21 87.07 -27.55 4.69
CG PHI GB 21 87.59 -27.42 3.30
CD1 PHI GB 21 88.10 -26.20 2.85
CD2 PHI GB 21 87.57 -28.52 2.44
CE1 PHI GB 21 88.59 -26.08 1.55
CE2 PHI GB 21 88.06 -28.40 1.13
CZ PHI GB 21 88.57 -27.18 0.69
I PHI GB 21 89.29 -27.00 -1.19
C PHI GB 21 84.95 -27.89 5.88
O PHI GB 21 84.29 -28.93 5.71
N GLU GB 22 85.13 -27.38 7.10
CA GLU GB 22 84.58 -28.04 8.29
C GLU GB 22 83.07 -27.95 8.30
N PHE GB 23 82.54 -26.79 7.88
CA PHE GB 23 81.09 -26.65 7.81
C PHE GB 23 80.49 -27.58 6.78
N LYS GB 24 81.25 -27.99 5.77
CA LYS GB 24 80.77 -28.99 4.83
C LYS GB 24 80.49 -30.31 5.55
N ALA GB 25 81.40 -30.74 6.41
CA ALA GB 25 81.17 -31.95 7.19
C ALA GB 25 80.04 -31.75 8.19
N ILE GB 26 79.96 -30.55 8.78
CA ILE GB 26 78.88 -30.25 9.71
C ILE GB 26 77.53 -30.39 9.02
N ALA GB 27 77.44 -29.96 7.78
CA ALA GB 27 76.19 -30.08 7.04
C ALA GB 27 75.78 -31.53 6.84
N GLN GB 28 76.76 -32.39 6.53
CA GLN GB 28 76.49 -33.80 6.30
C GLN GB 28 76.06 -34.48 7.60
N LYS GB 29 77.04 -34.83 8.42
CA LYS GB 29 76.77 -35.48 9.69
C LYS GB 29 76.17 -34.47 10.67
N NH2 GB 30 74.92 -34.75 11.34
CA NLG HB 1 70.92 -24.34 5.87
C NLG HB 1 72.43 -24.14 5.72
O NLG HB 1 72.84 -23.41 4.80
CB NLG HB 1 70.56 -24.47 7.36
CG NLG HB 1 69.33 -23.61 7.66
CD NLG HB 1 68.22 -23.96 6.67
OE1 NLG HB 1 67.90 -23.14 5.76
OE2 NLG HB 1 67.63 -25.06 6.76
C7 NLG HB 1 70.33 -25.51 3.74
C8 NLG HB 1 69.92 -26.77 2.99
O7 NLG HB 1 70.51 -24.50 3.15
N2 NLG HB 1 70.52 -25.55 5.18
N LEU HB 2 72.80 -25.46 6.14
CA LEU HB 2 74.21 -25.37 6.49
C LEU HB 2 75.08 -25.27 5.25
N LYS HB 3 74.54 -25.71 4.12
CA LYS HB 3 75.29 -25.64 2.86
C LYS HB 3 75.61 -24.20 2.51
N ALA HB 4 74.65 -23.29 2.70
CA ALA HB 4 74.86 -21.90 2.34
C ALA HB 4 76.02 -21.29 3.11
N ILE HB 5 76.09 -21.58 4.40
CA ILE HB 5 77.17 -21.03 5.23
C ILE HB 5 78.52 -21.55 4.73
N ALA HB 6 78.59 -22.85 4.45
CA ALA HB 6 79.85 -23.44 4.02
C ALA HB 6 80.30 -22.86 2.69
N GLN HB 7 79.39 -22.70 1.74
CA GLN HB 7 79.78 -22.13 0.46
C GLN HB 7 80.10 -20.65 0.57
N GLU HB 8 79.46 -19.94 1.50
CA GLU HB 8 79.69 -18.51 1.64
C GLU HB 8 81.04 -18.24 2.28
N PHE HB 9 81.45 -19.06 3.24
CA PHE HB 9 82.79 -18.91 3.78
C PHE HB 9 83.87 -19.20 2.75
N LYS HB 10 83.61 -20.12 1.82
CA LYS HB 10 84.55 -20.34 0.72
C LYS HB 10 84.69 -19.08 -0.12
N ALA HB 11 83.58 -18.40 -0.41
CA ALA HB 11 83.64 -17.15 -1.14
C ALA HB 11 84.42 -16.10 -0.34
N ILE HB 12 84.20 -16.04 0.97
CA ILE HB 12 84.90 -15.08 1.81
C ILE HB 12 86.40 -15.32 1.76
N ALA HB 13 86.81 -16.59 1.85
CA ALA HB 13 88.23 -16.92 1.72
C ALA HB 13 88.77 -16.51 0.36
N LYS HB 14 87.95 -16.65 -0.68
CA LYS HB 14 88.37 -16.16 -2.00
C LYS HB 14 88.58 -14.65 -1.99
N LYS HB 15 87.66 -13.90 -1.37
CA LYS HB 15 87.78 -12.44 -1.38
C LYS HB 15 89.01 -11.98 -0.62
N PHE HB 16 89.30 -12.61 0.52
CA PHE HB 16 90.48 -12.22 1.29
C PHE HB 16 91.78 -12.52 0.56
N LYS HB 17 91.83 -13.58 -0.25
CA LYS HB 17 93.02 -13.81 -1.06
C LYS HB 17 93.25 -12.66 -2.02
N ALA HB 18 92.18 -12.19 -2.66
CA ALA HB 18 92.29 -11.03 -3.54
C ALA HB 18 92.72 -9.79 -2.75
N ILE HB 19 92.21 -9.64 -1.53
CA ILE HB 19 92.63 -8.54 -0.67
C ILE HB 19 94.14 -8.59 -0.42
N ALA HB 20 94.65 -9.76 -0.06
CA ALA HB 20 96.07 -9.93 0.16
C ALA HB 20 96.85 -9.57 -1.10
N PHI HB 21 96.33 -10.01 -2.24
CA PHI HB 21 97.01 -9.78 -3.50
CB PHI HB 21 96.35 -10.52 -4.68
CG PHI HB 21 96.78 -11.93 -4.67
CD1 PHI HB 21 95.86 -12.97 -4.90
CD2 PHI HB 21 98.12 -12.24 -4.41
CE1 PHI HB 21 96.30 -14.29 -4.88
CE2 PHI HB 21 98.55 -13.57 -4.39
CZ PHI HB 21 97.63 -14.60 -4.62
I PHI HB 21 98.25 -16.52 -4.59
C PHI HB 21 97.09 -8.32 -3.87
O PHI HB 21 98.09 -7.80 -4.37
N GLU HB 22 96.00 -7.60 -3.64
CA GLU HB 22 95.94 -6.20 -4.03
C GLU HB 22 96.71 -5.33 -3.05
N PHE HB 23 96.79 -5.76 -1.78
CA PHE HB 23 97.69 -5.08 -0.85
C PHE HB 23 99.14 -5.40 -1.16
N LYS HB 24 99.41 -6.56 -1.75
CA LYS HB 24 100.76 -6.84 -2.23
C LYS HB 24 101.17 -5.84 -3.30
N ALA HB 25 100.25 -5.52 -4.20
CA ALA HB 25 100.52 -4.55 -5.26
C ALA HB 25 100.85 -3.18 -4.69
N ILE HB 26 100.05 -2.70 -3.73
CA ILE HB 26 100.31 -1.40 -3.14
C ILE HB 26 101.52 -1.44 -2.22
N ALA HB 27 101.96 -2.62 -1.81
CA ALA HB 27 103.14 -2.72 -0.97
C ALA HB 27 104.40 -2.29 -1.71
N GLN HB 28 104.43 -2.47 -3.03
CA GLN HB 28 105.57 -2.04 -3.82
C GLN HB 28 105.37 -0.62 -4.31
N LYS HB 29 104.37 -0.43 -5.16
CA LYS HB 29 104.07 0.88 -5.71
C LYS HB 29 103.16 1.64 -4.74
N NH2 HB 30 103.47 3.02 -4.39
CA NLG IB 1 84.61 -50.27 -9.47
C NLG IB 1 85.11 -49.16 -10.39
O NLG IB 1 84.31 -48.70 -11.25
CB NLG IB 1 84.19 -49.67 -8.14
CG NLG IB 1 83.17 -50.60 -7.48
CD NLG IB 1 83.89 -51.56 -6.55
OE1 NLG IB 1 85.13 -51.77 -6.69
OE2 NLG IB 1 83.26 -52.16 -5.64
C7 NLG IB 1 85.42 -52.62 -9.62
C8 NLG IB 1 86.50 -53.68 -9.40
O7 NLG IB 1 84.38 -52.93 -10.09
N2 NLG IB 1 85.67 -51.25 -9.25
N LEU IB 2 86.44 -49.22 -9.87
CA LEU IB 2 86.66 -47.92 -10.48
C LEU IB 2 86.97 -48.07 -11.96
N LYS IB 3 87.38 -49.27 -12.37
CA LYS IB 3 87.45 -49.56 -13.79
C LYS IB 3 86.07 -49.47 -14.43
N ALA IB 4 85.05 -49.96 -13.73
CA ALA IB 4 83.70 -49.93 -14.26
C ALA IB 4 83.24 -48.51 -14.50
N ILE IB 5 83.50 -47.61 -13.54
CA ILE IB 5 83.14 -46.21 -13.75
C ILE IB 5 83.86 -45.64 -14.95
N ALA IB 6 85.14 -46.00 -15.12
CA ALA IB 6 85.91 -45.48 -16.24
C ALA IB 6 85.28 -45.89 -17.57
N GLN IB 7 85.01 -47.19 -17.74
CA GLN IB 7 84.44 -47.62 -19.01
C GLN IB 7 83.05 -47.05 -19.21
N GLU IB 8 82.28 -46.87 -18.13
CA GLU IB 8 80.98 -46.24 -18.28
C GLU IB 8 81.13 -44.82 -18.81
N PHE IB 9 81.95 -44.00 -18.16
CA PHE IB 9 82.12 -42.63 -18.61
C PHE IB 9 82.61 -42.58 -20.05
N LYS IB 10 83.43 -43.56 -20.45
CA LYS IB 10 83.81 -43.66 -21.85
C LYS IB 10 82.59 -43.88 -22.74
N ALA IB 11 81.68 -44.74 -22.30
CA ALA IB 11 80.46 -44.97 -23.08
C ALA IB 11 79.63 -43.69 -23.19
N ILE IB 12 79.47 -42.96 -22.09
CA ILE IB 12 78.75 -41.68 -22.16
C ILE IB 12 79.43 -40.72 -23.12
N ALA IB 13 80.76 -40.69 -23.12
CA ALA IB 13 81.45 -39.81 -24.05
C ALA IB 13 81.13 -40.18 -25.49
N LYS IB 14 81.15 -41.48 -25.81
CA LYS IB 14 80.83 -41.90 -27.16
C LYS IB 14 79.40 -41.53 -27.53
N LYS IB 15 78.47 -41.73 -26.62
CA LYS IB 15 77.07 -41.41 -26.89
C LYS IB 15 76.89 -39.93 -27.14
N PHE IB 16 77.56 -39.08 -26.36
CA PHE IB 16 77.47 -37.66 -26.59
C PHE IB 16 78.08 -37.26 -27.93
N LYS IB 17 79.15 -37.94 -28.34
CA LYS IB 17 79.69 -37.66 -29.67
C LYS IB 17 78.67 -37.98 -30.74
N ALA IB 18 77.96 -39.11 -30.59
CA ALA IB 18 76.92 -39.45 -31.55
C ALA IB 18 75.84 -38.39 -31.59
N ILE IB 19 75.42 -37.90 -30.42
CA ILE IB 19 74.41 -36.85 -30.37
C ILE IB 19 74.91 -35.58 -31.06
N ALA IB 20 76.17 -35.24 -30.86
CA ALA IB 20 76.73 -34.05 -31.45
C ALA IB 20 76.69 -34.15 -32.96
N PHI IB 21 77.07 -35.31 -33.49
CA PHI IB 21 77.10 -35.46 -34.94
CB PHI IB 21 77.78 -36.75 -35.44
CG PHI IB 21 79.24 -36.49 -35.59
CD1 PHI IB 21 80.15 -37.55 -35.64
CD2 PHI IB 21 79.71 -35.18 -35.66
CE1 PHI IB 21 81.51 -37.30 -35.77
CE2 PHI IB 21 81.07 -34.92 -35.79
CZ PHI IB 21 81.97 -35.99 -35.85
I PHI IB 21 83.96 -35.62 -36.04
C PHI IB 21 75.68 -35.46 -35.51
O PHI IB 21 75.40 -34.97 -36.61
N GLU IB 22 74.76 -36.01 -34.74
CA GLU IB 22 73.37 -36.05 -35.16
C GLU IB 22 72.79 -34.64 -35.26
N PHE IB 23 73.09 -33.81 -34.26
CA PHE IB 23 72.63 -32.43 -34.29
C PHE IB 23 73.34 -31.64 -35.39
N LYS IB 24 74.59 -31.98 -35.67
CA LYS IB 24 75.27 -31.38 -36.82
C LYS IB 24 74.51 -31.69 -38.11
N ALA IB 25 74.11 -32.96 -38.28
CA ALA IB 25 73.38 -33.33 -39.49
C ALA IB 25 72.03 -32.63 -39.57
N ILE IB 26 71.30 -32.56 -38.45
CA ILE IB 26 70.00 -31.92 -38.48
C ILE IB 26 70.12 -30.41 -38.65
N ALA IB 27 71.28 -29.82 -38.31
CA ALA IB 27 71.42 -28.38 -38.39
C ALA IB 27 71.35 -27.89 -39.83
N GLN IB 28 72.11 -28.49 -40.72
CA GLN IB 28 72.17 -28.04 -42.10
C GLN IB 28 70.88 -28.35 -42.83
N LYS IB 29 70.18 -29.38 -42.37
CA LYS IB 29 68.93 -29.78 -42.99
C LYS IB 29 67.75 -29.14 -42.26
N NH2 IB 30 67.23 -27.86 -42.73
CA NLG JB 1 71.43 -22.19 -33.54
C NLG JB 1 72.25 -23.46 -33.42
O NLG JB 1 73.49 -23.35 -33.17
CB NLG JB 1 70.00 -22.41 -33.03
CG NLG JB 1 69.60 -21.22 -32.17
CD NLG JB 1 70.14 -19.92 -32.76
OE1 NLG JB 1 71.09 -19.31 -32.21
OE2 NLG JB 1 69.64 -19.47 -33.83
C7 NLG JB 1 72.53 -21.06 -35.46
C8 NLG JB 1 72.55 -20.60 -36.92
O7 NLG JB 1 73.44 -20.81 -34.75
N2 NLG JB 1 71.39 -21.78 -34.93
N LEU JB 2 71.77 -24.16 -34.56
CA LEU JB 2 71.95 -25.55 -34.15
C LEU JB 2 73.40 -25.98 -34.28
N LYS JB 3 74.19 -25.16 -35.00
CA LYS JB 3 75.62 -25.39 -35.04
C LYS JB 3 76.23 -25.28 -33.65
N ALA JB 4 75.80 -24.29 -32.87
CA ALA JB 4 76.37 -24.09 -31.54
C ALA JB 4 76.09 -25.27 -30.63
N ILE JB 5 74.89 -25.85 -30.71
CA ILE JB 5 74.57 -27.00 -29.87
C ILE JB 5 75.45 -28.19 -30.22
N ALA JB 6 75.67 -28.43 -31.51
CA ALA JB 6 76.55 -29.51 -31.91
C ALA JB 6 77.97 -29.26 -31.41
N GLN JB 7 78.43 -28.02 -31.53
CA GLN JB 7 79.74 -27.65 -30.99
C GLN JB 7 79.84 -28.00 -29.51
N GLU JB 8 78.85 -27.58 -28.74
CA GLU JB 8 78.88 -27.78 -27.30
C GLU JB 8 78.85 -29.25 -26.95
N PHE JB 9 78.02 -30.03 -27.64
CA PHE JB 9 77.92 -31.45 -27.32
C PHE JB 9 79.19 -32.19 -27.67
N LYS JB 10 79.84 -31.82 -28.78
CA LYS JB 10 81.12 -32.44 -29.09
C LYS JB 10 82.16 -32.10 -28.03
N ALA JB 11 82.18 -30.84 -27.58
CA ALA JB 11 83.12 -30.48 -26.52
C ALA JB 11 82.87 -31.30 -25.27
N ILE JB 12 81.61 -31.45 -24.87
CA ILE JB 12 81.28 -32.24 -23.68
C ILE JB 12 81.71 -33.69 -23.87
N ALA JB 13 81.56 -34.21 -25.08
CA ALA JB 13 82.00 -35.57 -25.36
C ALA JB 13 83.50 -35.71 -25.13
N LYS JB 14 84.28 -34.70 -25.53
CA LYS JB 14 85.70 -34.73 -25.22
C LYS JB 14 85.96 -34.70 -23.72
N LYS JB 15 85.23 -33.85 -22.99
CA LYS JB 15 85.47 -33.71 -21.56
C LYS JB 15 85.21 -35.02 -20.82
N PHE JB 16 84.11 -35.69 -21.16
CA PHE JB 16 83.81 -36.94 -20.47
C PHE JB 16 84.83 -38.02 -20.78
N LYS JB 17 85.34 -38.07 -22.00
CA LYS JB 17 86.41 -39.01 -22.29
C LYS JB 17 87.63 -38.71 -21.44
N ALA JB 18 87.96 -37.42 -21.28
CA ALA JB 18 89.08 -37.06 -20.42
C ALA JB 18 88.88 -37.54 -19.00
N ILE JB 19 87.67 -37.34 -18.45
CA ILE JB 19 87.39 -37.77 -17.08
C ILE JB 19 87.47 -39.28 -16.96
N ALA JB 20 86.97 -39.99 -17.97
CA ALA JB 20 86.97 -41.44 -17.97
C ALA JB 20 88.40 -41.94 -17.93
N PHI JB 21 89.25 -41.34 -18.75
CA PHI JB 21 90.63 -41.74 -18.79
CB PHI JB 21 91.47 -41.05 -19.88
CG PHI JB 21 92.92 -41.33 -19.70
CD1 PHI JB 21 93.82 -40.28 -19.55
CD2 PHI JB 21 93.39 -42.64 -19.69
CE1 PHI JB 21 95.18 -40.53 -19.39
CE2 PHI JB 21 94.75 -42.90 -19.52
CZ PHI JB 21 95.65 -41.84 -19.37
I PHI JB 21 97.61 -42.22 -19.14
C PHI JB 21 91.27 -41.44 -17.45
O PHI JB 21 92.15 -42.13 -16.93
N GLU JB 22 90.80 -40.36 -16.83
CA GLU JB 22 91.38 -39.92 -15.57
C GLU JB 22 91.14 -40.90 -14.43
N PHE JB 23 89.89 -41.36 -14.25
CA PHE JB 23 89.66 -42.35 -13.19
C PHE JB 23 90.53 -43.58 -13.34
N LYS JB 24 90.70 -44.09 -14.56
CA LYS JB 24 91.46 -45.31 -14.74
C LYS JB 24 92.87 -45.17 -14.19
N ALA JB 25 93.41 -43.95 -14.20
CA ALA JB 25 94.71 -43.72 -13.58
C ALA JB 25 94.66 -43.96 -12.08
N ILE JB 26 93.64 -43.45 -11.40
CA ILE JB 26 93.55 -43.66 -9.95
C ILE JB 26 93.28 -45.12 -9.64
N ALA JB 27 92.43 -45.77 -10.42
CA ALA JB 27 92.11 -47.17 -10.15
C ALA JB 27 93.35 -48.05 -10.23
N GLN JB 28 94.18 -47.83 -11.23
CA GLN JB 28 95.44 -48.55 -11.36
C GLN JB 28 96.31 -48.28 -10.14
N LYS JB 29 96.21 -47.06 -9.62
CA LYS JB 29 96.95 -46.68 -8.43
C LYS JB 29 96.18 -47.13 -7.19
N NH2 JB 30 96.59 -46.66 -5.89
CA NLG KB 1 94.05 -36.32 -9.76
C NLG KB 1 92.59 -35.98 -9.52
O NLG KB 1 91.77 -36.21 -10.45
CB NLG KB 1 94.40 -37.59 -9.00
CG NLG KB 1 95.28 -38.46 -9.89
CD NLG KB 1 96.55 -37.68 -10.25
OE1 NLG KB 1 96.71 -37.25 -11.43
OE2 NLG KB 1 97.42 -37.45 -9.38
C7 NLG KB 1 94.80 -33.89 -9.84
C8 NLG KB 1 95.73 -32.81 -9.32
O7 NLG KB 1 94.00 -33.65 -10.68
N2 NLG KB 1 94.91 -35.24 -9.30
N LEU KB 2 92.89 -35.58 -8.18
CA LEU KB 2 91.44 -35.42 -8.15
C LEU KB 2 91.03 -34.02 -8.61
N LYS KB 3 91.98 -33.09 -8.58
CA LYS KB 3 91.66 -31.71 -8.96
C LYS KB 3 91.26 -31.62 -10.43
N ALA KB 4 91.82 -32.48 -11.28
CA ALA KB 4 91.43 -32.49 -12.67
C ALA KB 4 89.96 -32.86 -12.81
N ILE KB 5 89.49 -33.81 -12.01
CA ILE KB 5 88.07 -34.16 -12.00
C ILE KB 5 87.23 -32.94 -11.66
N ALA KB 6 87.63 -32.21 -10.62
CA ALA KB 6 86.86 -31.05 -10.18
C ALA KB 6 86.82 -29.98 -11.26
N GLN KB 7 87.95 -29.72 -11.92
CA GLN KB 7 87.96 -28.72 -12.97
C GLN KB 7 87.08 -29.14 -14.15
N GLU KB 8 87.18 -30.41 -14.55
CA GLU KB 8 86.44 -30.87 -15.72
C GLU KB 8 84.94 -30.84 -15.46
N PHE KB 9 84.51 -31.22 -14.26
CA PHE KB 9 83.07 -31.16 -13.99
C PHE KB 9 82.55 -29.73 -14.00
N LYS KB 10 83.30 -28.78 -13.46
CA LYS KB 10 82.84 -27.39 -13.51
C LYS KB 10 82.75 -26.91 -14.95
N ALA KB 11 83.71 -27.29 -15.78
CA ALA KB 11 83.63 -26.96 -17.20
C ALA KB 11 82.39 -27.57 -17.85
N ILE KB 12 82.07 -28.82 -17.49
CA ILE KB 12 80.86 -29.46 -17.99
C ILE KB 12 79.63 -28.65 -17.61
N ALA KB 13 79.58 -28.19 -16.36
CA ALA KB 13 78.44 -27.41 -15.91
C ALA KB 13 78.29 -26.14 -16.72
N LYS KB 14 79.40 -25.46 -16.98
CA LYS KB 14 79.33 -24.24 -17.79
C LYS KB 14 78.82 -24.55 -19.20
N LYS KB 15 79.30 -25.63 -19.79
CA LYS KB 15 78.87 -26.00 -21.13
C LYS KB 15 77.36 -26.26 -21.17
N PHE KB 16 76.85 -26.97 -20.17
CA PHE KB 16 75.41 -27.25 -20.16
C PHE KB 16 74.60 -25.99 -19.95
N LYS KB 17 75.07 -25.06 -19.11
CA LYS KB 17 74.35 -23.81 -18.97
C LYS KB 17 74.28 -23.06 -20.29
N ALA KB 18 75.39 -23.07 -21.05
CA ALA KB 18 75.36 -22.45 -22.37
C ALA KB 18 74.37 -23.13 -23.29
N ILE KB 19 74.28 -24.46 -23.25
CA ILE KB 19 73.32 -25.16 -24.08
C ILE KB 19 71.90 -24.73 -23.74
N ALA KB 20 71.60 -24.61 -22.46
CA ALA KB 20 70.26 -24.19 -22.05
C ALA KB 20 69.97 -22.77 -22.54
N PHI KB 21 71.00 -21.93 -22.51
CA PHI KB 21 70.84 -20.56 -22.95
CB PHI KB 21 72.06 -19.65 -22.69
CG PHI KB 21 71.76 -18.79 -21.52
CD1 PHI KB 21 72.69 -18.64 -20.49
CD2 PHI KB 21 70.52 -18.14 -21.43
CE1 PHI KB 21 72.41 -17.84 -19.39
CE2 PHI KB 21 70.23 -17.34 -20.33
CZ PHI KB 21 71.17 -17.19 -19.30
I PHI KB 21 70.75 -16.03 -17.70
C PHI KB 21 70.56 -20.47 -24.44
O PHI KB 21 69.91 -19.57 -24.96
N GLU KB 22 71.08 -21.45 -25.16
CA GLU KB 22 70.82 -21.53 -26.59
C GLU KB 22 69.42 -22.07 -26.89
N PHE KB 23 68.99 -23.03 -26.09
CA PHE KB 23 67.65 -23.57 -26.28
C PHE KB 23 66.57 -22.55 -25.91
N LYS KB 24 66.84 -21.65 -24.98
CA LYS KB 24 65.93 -20.53 -24.77
C LYS KB 24 65.73 -19.75 -26.06
N ALA KB 25 66.82 -19.45 -26.77
CA ALA KB 25 66.72 -18.68 -28.00
C ALA KB 25 65.96 -19.45 -29.07
N ILE KB 26 66.27 -20.73 -29.24
CA ILE KB 26 65.58 -21.48 -30.28
C ILE KB 26 64.10 -21.64 -29.93
N ALA KB 27 63.76 -21.62 -28.65
CA ALA KB 27 62.37 -21.79 -28.25
C ALA KB 27 61.50 -20.64 -28.75
N GLN KB 28 62.01 -19.42 -28.69
CA GLN KB 28 61.25 -18.25 -29.10
C GLN KB 28 61.05 -18.24 -30.62
N LYS KB 29 62.11 -17.85 -31.33
CA LYS KB 29 62.07 -17.82 -32.78
C LYS KB 29 61.99 -19.24 -33.33
N NH2 KB 30 60.83 -19.65 -34.10
CA NLG LB 1 58.53 -27.60 -25.13
C NLG LB 1 60.04 -27.55 -25.31
O NLG LB 1 60.74 -28.48 -24.82
CB NLG LB 1 57.83 -27.75 -26.49
CG NLG LB 1 56.73 -28.79 -26.40
CD NLG LB 1 56.12 -28.83 -24.99
OE1 NLG LB 1 55.34 -27.92 -24.62
OE2 NLG LB 1 56.40 -29.79 -24.23
C7 NLG LB 1 57.60 -26.47 -23.11
C8 NLG LB 1 57.10 -25.20 -22.41
O7 NLG LB 1 57.61 -27.50 -22.54
N2 NLG LB 1 58.06 -26.39 -24.48
N LEU LB 2 59.80 -26.25 -25.84
CA LEU LB 2 61.24 -26.32 -25.74
C LEU LB 2 61.74 -25.65 -24.46
N LYS LB 3 60.86 -24.91 -23.80
CA LYS LB 3 61.25 -24.26 -22.55
C LYS LB 3 61.56 -25.28 -21.47
N ALA LB 4 60.82 -26.39 -21.44
CA ALA LB 4 61.05 -27.42 -20.45
C ALA LB 4 62.46 -27.99 -20.58
N ILE LB 5 62.91 -28.21 -21.83
CA ILE LB 5 64.25 -28.74 -22.05
C ILE LB 5 65.30 -27.79 -21.50
N ALA LB 6 65.13 -26.50 -21.75
CA ALA LB 6 66.09 -25.52 -21.25
C ALA LB 6 66.11 -25.51 -19.72
N GLN LB 7 64.94 -25.58 -19.10
CA GLN LB 7 64.90 -25.65 -17.64
C GLN LB 7 65.64 -26.87 -17.14
N GLU LB 8 65.43 -28.02 -17.79
CA GLU LB 8 66.09 -29.25 -17.37
C GLU LB 8 67.60 -29.12 -17.48
N PHE LB 9 68.09 -28.53 -18.58
CA PHE LB 9 69.53 -28.42 -18.76
C PHE LB 9 70.13 -27.44 -17.76
N LYS LB 10 69.43 -26.37 -17.44
CA LYS LB 10 69.91 -25.47 -16.41
C LYS LB 10 70.03 -26.19 -15.07
N ALA LB 11 69.02 -26.99 -14.73
CA ALA LB 11 69.10 -27.77 -13.50
C ALA LB 11 70.28 -28.72 -13.51
N ILE LB 12 70.51 -29.38 -14.65
CA ILE LB 12 71.65 -30.31 -14.73
C ILE LB 12 72.95 -29.55 -14.54
N ALA LB 13 73.06 -28.35 -15.09
CA ALA LB 13 74.27 -27.56 -14.91
C ALA LB 13 74.50 -27.26 -13.43
N LYS LB 14 73.45 -26.89 -12.72
CA LYS LB 14 73.60 -26.67 -11.28
C LYS LB 14 74.06 -27.94 -10.57
N LYS LB 15 73.48 -29.08 -10.95
CA LYS LB 15 73.78 -30.32 -10.24
C LYS LB 15 75.24 -30.70 -10.46
N PHE LB 16 75.72 -30.55 -11.69
CA PHE LB 16 77.13 -30.82 -11.97
C PHE LB 16 78.05 -29.85 -11.24
N LYS LB 17 77.65 -28.58 -11.12
CA LYS LB 17 78.46 -27.68 -10.31
C LYS LB 17 78.58 -28.17 -8.89
N ALA LB 18 77.48 -28.65 -8.32
CA ALA LB 18 77.54 -29.16 -6.94
C ALA LB 18 78.48 -30.35 -6.85
N ILE LB 19 78.42 -31.27 -7.81
CA ILE LB 19 79.30 -32.45 -7.77
C ILE LB 19 80.75 -32.01 -7.87
N ALA LB 20 81.04 -31.06 -8.75
CA ALA LB 20 82.37 -30.56 -8.95
C ALA LB 20 82.90 -29.96 -7.67
N PHI LB 21 82.05 -29.22 -6.98
CA PHI LB 21 82.44 -28.62 -5.73
CB PHI LB 21 81.38 -27.73 -5.08
CG PHI LB 21 81.78 -27.33 -3.70
CD1 PHI LB 21 82.79 -26.39 -3.50
CD2 PHI LB 21 81.12 -27.88 -2.60
CE1 PHI LB 21 83.15 -26.03 -2.21
CE2 PHI LB 21 81.49 -27.51 -1.31
CZ PHI LB 21 82.51 -26.59 -1.11
I PHI LB 21 83.03 -26.05 0.76
C PHI LB 21 82.80 -29.71 -4.74
O PHI LB 21 83.75 -29.64 -3.94
N GLU LB 22 82.00 -30.77 -4.78
CA GLU LB 22 82.17 -31.85 -3.79
C GLU LB 22 83.50 -32.58 -3.95
N PHE LB 23 83.92 -32.82 -5.20
CA PHE LB 23 85.25 -33.40 -5.36
C PHE LB 23 86.38 -32.52 -4.87
N LYS LB 24 86.22 -31.20 -4.88
CA LYS LB 24 87.25 -30.37 -4.25
C LYS LB 24 87.37 -30.69 -2.76
N ALA LB 25 86.23 -30.93 -2.10
CA ALA LB 25 86.27 -31.32 -0.69
C ALA LB 25 86.90 -32.69 -0.51
N ILE LB 26 86.51 -33.66 -1.35
CA ILE LB 26 87.02 -35.01 -1.15
C ILE LB 26 88.52 -35.07 -1.41
N ALA LB 27 89.02 -34.29 -2.37
CA ALA LB 27 90.44 -34.29 -2.65
C ALA LB 27 91.26 -33.73 -1.50
N GLN LB 28 90.78 -32.67 -0.87
CA GLN LB 28 91.51 -32.02 0.21
C GLN LB 28 91.69 -32.95 1.40
N LYS LB 29 90.58 -33.29 2.04
CA LYS LB 29 90.62 -34.16 3.20
C LYS LB 29 90.84 -35.61 2.75
N NH2 LB 30 92.08 -36.00 2.12
CA NLG MB 1 81.37 -37.72 0.74
C NLG MB 1 80.70 -38.26 -0.52
O NLG MB 1 79.61 -37.73 -0.89
CB NLG MB 1 82.87 -37.98 0.68
CG NLG MB 1 83.59 -36.70 1.10
CD NLG MB 1 82.96 -36.16 2.39
OE1 NLG MB 1 82.24 -35.14 2.35
OE2 NLG MB 1 83.16 -36.76 3.48
C7 NLG MB 1 79.50 -37.99 2.35
C8 NLG MB 1 78.86 -38.67 3.56
O7 NLG MB 1 78.92 -37.11 1.79
N2 NLG MB 1 80.81 -38.40 1.89
N LEU MB 2 80.99 -39.61 -0.16
CA LEU MB 2 80.66 -40.34 -1.38
C LEU MB 2 79.16 -40.49 -1.49
N LYS MB 3 78.47 -40.38 -0.36
CA LYS MB 3 77.02 -40.46 -0.36
C LYS MB 3 76.40 -39.35 -1.19
N ALA MB 4 76.97 -38.15 -1.10
CA ALA MB 4 76.41 -37.02 -1.84
C ALA MB 4 76.47 -37.25 -3.34
N ILE MB 5 77.61 -37.70 -3.86
CA ILE MB 5 77.73 -37.91 -5.29
C ILE MB 5 76.76 -38.99 -5.75
N ALA MB 6 76.65 -40.06 -4.96
CA ALA MB 6 75.74 -41.14 -5.30
C ALA MB 6 74.31 -40.64 -5.37
N GLN MB 7 73.93 -39.75 -4.46
CA GLN MB 7 72.58 -39.21 -4.49
C GLN MB 7 72.41 -38.21 -5.62
N GLU MB 8 73.48 -37.54 -6.04
CA GLU MB 8 73.39 -36.54 -7.09
C GLU MB 8 73.20 -37.20 -8.45
N PHE MB 9 73.98 -38.26 -8.72
CA PHE MB 9 73.92 -38.88 -10.03
C PHE MB 9 72.57 -39.52 -10.29
N LYS MB 10 71.94 -40.07 -9.26
CA LYS MB 10 70.61 -40.63 -9.44
C LYS MB 10 69.63 -39.57 -9.90
N ALA MB 11 69.69 -38.38 -9.28
CA ALA MB 11 68.80 -37.30 -9.68
C ALA MB 11 69.07 -36.86 -11.12
N ILE MB 12 70.34 -36.78 -11.49
CA ILE MB 12 70.66 -36.40 -12.87
C ILE MB 12 70.14 -37.44 -13.84
N ALA MB 13 70.24 -38.72 -13.48
CA ALA MB 13 69.70 -39.77 -14.33
C ALA MB 13 68.20 -39.65 -14.47
N LYS MB 14 67.52 -39.28 -13.38
CA LYS MB 14 66.09 -39.04 -13.47
C LYS MB 14 65.78 -37.91 -14.44
N LYS MB 15 66.58 -36.84 -14.39
CA LYS MB 15 66.35 -35.71 -15.30
C LYS MB 15 66.48 -36.13 -16.75
N PHE MB 16 67.59 -36.80 -17.09
CA PHE MB 16 67.81 -37.14 -18.49
C PHE MB 16 66.69 -37.99 -19.06
N LYS MB 17 66.03 -38.79 -18.21
CA LYS MB 17 64.85 -39.50 -18.65
C LYS MB 17 63.76 -38.55 -19.10
N ALA MB 18 63.54 -37.46 -18.34
CA ALA MB 18 62.53 -36.49 -18.72
C ALA MB 18 62.88 -35.81 -20.04
N ILE MB 19 64.15 -35.46 -20.23
CA ILE MB 19 64.54 -34.88 -21.52
C ILE MB 19 64.27 -35.86 -22.66
N ALA MB 20 64.65 -37.12 -22.47
CA ALA MB 20 64.42 -38.13 -23.49
C ALA MB 20 62.94 -38.25 -23.81
N PHI MB 21 62.11 -38.15 -22.79
CA PHI MB 21 60.69 -38.27 -22.95
CB PHI MB 21 59.89 -38.31 -21.64
CG PHI MB 21 59.13 -39.58 -21.57
CD1 PHI MB 21 59.70 -40.69 -20.94
CD2 PHI MB 21 57.86 -39.67 -22.13
CE1 PHI MB 21 59.00 -41.90 -20.88
CE2 PHI MB 21 57.15 -40.87 -22.06
CZ PHI MB 21 57.72 -41.98 -21.44
I PHI MB 21 56.70 -43.73 -21.34
C PHI MB 21 60.13 -37.13 -23.77
O PHI MB 21 59.32 -37.28 -24.68
N GLU MB 22 60.56 -35.93 -23.41
CA GLU MB 22 60.06 -34.72 -24.07
C GLU MB 22 60.43 -34.73 -25.54
N PHE MB 23 61.64 -35.21 -25.85
CA PHE MB 23 62.04 -35.25 -27.25
C PHE MB 23 61.22 -36.26 -28.03
N LYS MB 24 60.71 -37.31 -27.38
CA LYS MB 24 59.80 -38.22 -28.05
C LYS MB 24 58.54 -37.50 -28.52
N ALA MB 25 57.96 -36.67 -27.65
CA ALA MB 25 56.78 -35.90 -28.05
C ALA MB 25 57.12 -34.90 -29.13
N ILE MB 26 58.29 -34.25 -29.02
CA ILE MB 26 58.69 -33.30 -30.06
C ILE MB 26 58.82 -33.99 -31.41
N ALA MB 27 59.30 -35.24 -31.40
CA ALA MB 27 59.41 -35.99 -32.65
C ALA MB 27 58.03 -36.20 -33.29
N GLN MB 28 57.00 -36.36 -32.46
CA GLN MB 28 55.64 -36.58 -32.96
C GLN MB 28 55.09 -35.34 -33.63
N LYS MB 29 54.76 -34.33 -32.83
CA LYS MB 29 54.19 -33.10 -33.35
C LYS MB 29 55.24 -32.33 -34.14
N NH2 MB 30 54.97 -31.95 -35.52
CA NLG NB 1 66.33 -37.28 -36.20
C NLG NB 1 66.18 -37.49 -34.70
O NLG NB 1 66.64 -38.55 -34.19
CB NLG NB 1 66.45 -35.80 -36.51
CG NLG NB 1 67.58 -35.62 -37.52
CD NLG NB 1 67.43 -36.64 -38.64
OE1 NLG NB 1 66.45 -36.57 -39.43
OE2 NLG NB 1 68.27 -37.57 -38.76
C7 NLG NB 1 65.01 -39.26 -36.98
C8 NLG NB 1 63.80 -39.86 -37.69
O7 NLG NB 1 65.83 -39.97 -36.52
N2 NLG NB 1 65.16 -37.83 -36.88
N LEU NB 2 64.85 -36.98 -34.75
CA LEU NB 2 64.53 -36.79 -33.33
C LEU NB 2 64.27 -38.14 -32.66
N LYS NB 3 64.02 -39.16 -33.48
CA LYS NB 3 63.90 -40.51 -32.92
C LYS NB 3 65.21 -40.96 -32.31
N ALA NB 4 66.34 -40.74 -33.01
CA ALA NB 4 67.62 -41.16 -32.50
C ALA NB 4 67.99 -40.42 -31.22
N ILE NB 5 67.75 -39.10 -31.19
CA ILE NB 5 68.10 -38.31 -30.02
C ILE NB 5 67.31 -38.77 -28.80
N ALA NB 6 65.99 -38.88 -28.95
CA ALA NB 6 65.15 -39.29 -27.83
C ALA NB 6 65.49 -40.70 -27.39
N GLN NB 7 65.75 -41.59 -28.33
CA GLN NB 7 66.12 -42.96 -27.96
C GLN NB 7 67.47 -43.00 -27.24
N GLU NB 8 68.40 -42.11 -27.62
CA GLU NB 8 69.76 -42.23 -27.12
C GLU NB 8 69.89 -41.60 -25.73
N PHE NB 9 69.14 -40.53 -25.48
CA PHE NB 9 69.13 -39.99 -24.13
C PHE NB 9 68.60 -40.99 -23.11
N LYS NB 10 67.74 -41.92 -23.54
CA LYS NB 10 67.35 -43.01 -22.67
C LYS NB 10 68.55 -43.85 -22.25
N ALA NB 11 69.43 -44.15 -23.20
CA ALA NB 11 70.64 -44.89 -22.87
C ALA NB 11 71.50 -44.10 -21.89
N ILE NB 12 71.64 -42.80 -22.12
CA ILE NB 12 72.44 -41.98 -21.22
C ILE NB 12 71.88 -42.02 -19.80
N ALA NB 13 70.56 -41.85 -19.67
CA ALA NB 13 69.94 -41.89 -18.36
C ALA NB 13 70.12 -43.25 -17.71
N LYS NB 14 70.14 -44.31 -18.51
CA LYS NB 14 70.43 -45.63 -17.95
C LYS NB 14 71.85 -45.72 -17.41
N LYS NB 15 72.82 -45.17 -18.14
CA LYS NB 15 74.21 -45.27 -17.69
C LYS NB 15 74.42 -44.53 -16.38
N PHE NB 16 73.79 -43.35 -16.25
CA PHE NB 16 74.02 -42.57 -15.04
C PHE NB 16 73.53 -43.28 -13.79
N LYS NB 17 72.43 -44.03 -13.90
CA LYS NB 17 71.94 -44.78 -12.74
C LYS NB 17 72.96 -45.81 -12.28
N ALA NB 18 73.56 -46.53 -13.23
CA ALA NB 18 74.60 -47.48 -12.88
C ALA NB 18 75.77 -46.78 -12.21
N ILE NB 19 76.16 -45.62 -12.73
CA ILE NB 19 77.25 -44.87 -12.10
C ILE NB 19 76.90 -44.53 -10.66
N ALA NB 20 75.68 -44.09 -10.43
CA ALA NB 20 75.25 -43.71 -9.08
C ALA NB 20 75.33 -44.89 -8.13
N PHI NB 21 74.80 -46.03 -8.57
CA PHI NB 21 74.75 -47.17 -7.71
CB PHI NB 21 73.86 -48.33 -8.22
CG PHI NB 21 72.44 -48.00 -7.93
CD1 PHI NB 21 71.41 -48.57 -8.65
CD2 PHI NB 21 72.16 -47.08 -6.92
CE1 PHI NB 21 70.08 -48.24 -8.38
CE2 PHI NB 21 70.84 -46.74 -6.64
CZ PHI NB 21 69.79 -47.32 -7.37
I PHI NB 21 67.87 -46.83 -6.95
C PHI NB 21 76.13 -47.74 -7.45
O PHI NB 21 76.43 -48.38 -6.45
N GLU NB 22 77.03 -47.48 -8.40
CA GLU NB 22 78.41 -47.90 -8.23
C GLU NB 22 79.11 -47.04 -7.20
N PHE NB 23 78.90 -45.73 -7.26
CA PHE NB 23 79.47 -44.85 -6.24
C PHE NB 23 78.92 -45.19 -4.85
N LYS NB 24 77.65 -45.57 -4.78
CA LYS NB 24 77.08 -45.91 -3.48
C LYS NB 24 77.82 -47.08 -2.86
N ALA NB 25 78.21 -48.06 -3.68
CA ALA NB 25 78.99 -49.19 -3.21
C ALA NB 25 80.33 -48.75 -2.63
N ILE NB 26 80.99 -47.80 -3.30
CA ILE NB 26 82.22 -47.24 -2.75
C ILE NB 26 81.97 -46.53 -1.44
N ALA NB 27 80.80 -45.89 -1.29
CA ALA NB 27 80.50 -45.17 -0.06
C ALA NB 27 80.43 -46.11 1.14
N GLN NB 28 80.30 -47.40 0.92
CA GLN NB 28 80.19 -48.34 2.02
C GLN NB 28 81.52 -49.05 2.27
N LYS NB 29 81.92 -49.89 1.32
CA LYS NB 29 83.16 -50.62 1.44
C LYS NB 29 84.35 -49.68 1.29
N NH2 NB 30 85.67 -50.08 1.76
CA NLG OB 1 -24.19 -30.71 -55.08
C NLG OB 1 -24.81 -31.21 -56.38
O NLG OB 1 -25.54 -30.44 -57.07
CB NLG OB 1 -22.69 -30.50 -55.28
CG NLG OB 1 -22.23 -29.27 -54.51
CD NLG OB 1 -22.39 -29.50 -53.02
OE1 NLG OB 1 -23.37 -29.02 -52.40
OE2 NLG OB 1 -21.52 -30.16 -52.39
C7 NLG OB 1 -25.72 -31.91 -53.50
C8 NLG OB 1 -25.94 -32.94 -52.39
O7 NLG OB 1 -26.65 -31.30 -53.92
N2 NLG OB 1 -24.40 -31.69 -54.03
N LEU OB 2 -24.37 -32.55 -56.16
CA LEU OB 2 -24.57 -32.98 -57.54
C LEU OB 2 -26.02 -33.30 -57.81
N LYS OB 3 -26.78 -33.60 -56.74
CA LYS OB 3 -28.20 -33.87 -56.88
C LYS OB 3 -28.93 -32.66 -57.46
N ALA OB 4 -28.57 -31.46 -56.99
CA ALA OB 4 -29.17 -30.26 -57.53
C ALA OB 4 -28.90 -30.13 -59.03
N ILE OB 5 -27.68 -30.49 -59.45
CA ILE OB 5 -27.35 -30.45 -60.87
C ILE OB 5 -28.23 -31.42 -61.66
N ALA OB 6 -28.39 -32.64 -61.15
CA ALA OB 6 -29.18 -33.64 -61.87
C ALA OB 6 -30.63 -33.20 -62.01
N GLN OB 7 -31.24 -32.77 -60.90
CA GLN OB 7 -32.63 -32.32 -60.98
C GLN OB 7 -32.77 -31.07 -61.84
N GLU OB 8 -31.78 -30.18 -61.80
CA GLU OB 8 -31.84 -28.95 -62.58
C GLU OB 8 -31.80 -29.26 -64.08
N PHE OB 9 -30.88 -30.14 -64.48
CA PHE OB 9 -30.83 -30.54 -65.88
C PHE OB 9 -32.07 -31.30 -66.30
N LYS OB 10 -32.64 -32.14 -65.42
CA LYS OB 10 -33.89 -32.79 -65.76
C LYS OB 10 -35.01 -31.76 -65.99
N ALA OB 11 -35.06 -30.74 -65.14
CA ALA OB 11 -36.07 -29.70 -65.29
C ALA OB 11 -35.89 -28.94 -66.60
N ILE OB 12 -34.66 -28.56 -66.93
CA ILE OB 12 -34.45 -27.80 -68.17
C ILE OB 12 -34.70 -28.68 -69.38
N ALA OB 13 -34.43 -29.98 -69.28
CA ALA OB 13 -34.79 -30.90 -70.35
C ALA OB 13 -36.30 -30.94 -70.53
N LYS OB 14 -37.04 -31.01 -69.43
CA LYS OB 14 -38.50 -30.99 -69.52
C LYS OB 14 -38.99 -29.70 -70.17
N LYS OB 15 -38.38 -28.57 -69.81
CA LYS OB 15 -38.78 -27.29 -70.39
C LYS OB 15 -38.49 -27.25 -71.89
N PHE OB 16 -37.34 -27.76 -72.31
CA PHE OB 16 -37.04 -27.82 -73.74
C PHE OB 16 -38.01 -28.73 -74.47
N LYS OB 17 -38.40 -29.85 -73.85
CA LYS OB 17 -39.42 -30.69 -74.43
C LYS OB 17 -40.74 -29.93 -74.59
N ALA OB 18 -41.10 -29.15 -73.58
CA ALA OB 18 -42.32 -28.35 -73.67
C ALA OB 18 -42.23 -27.38 -74.83
N ILE OB 19 -41.09 -26.69 -74.97
CA ILE OB 19 -40.91 -25.74 -76.07
C ILE OB 19 -41.01 -26.45 -77.41
N ALA OB 20 -40.45 -27.65 -77.50
CA ALA OB 20 -40.60 -28.47 -78.70
C ALA OB 20 -42.07 -28.70 -78.97
N PHI OB 21 -42.84 -28.84 -77.90
CA PHI OB 21 -44.27 -29.04 -78.03
CB PHI OB 21 -45.00 -29.38 -76.71
CG PHI OB 21 -44.87 -30.82 -76.41
CD1 PHI OB 21 -44.22 -31.26 -75.25
CD2 PHI OB 21 -45.39 -31.77 -77.30
CE1 PHI OB 21 -44.10 -32.61 -74.96
CE2 PHI OB 21 -45.26 -33.14 -77.01
CZ PHI OB 21 -44.61 -33.56 -75.85
I PHI OB 21 -44.45 -35.54 -75.46
C PHI OB 21 -44.98 -27.83 -78.64
O PHI OB 21 -45.80 -27.94 -79.56
N GLU OB 22 -44.67 -26.64 -78.11
CA GLU OB 22 -45.35 -25.46 -78.69
C GLU OB 22 -44.88 -25.21 -80.12
N PHE OB 23 -43.62 -25.53 -80.43
CA PHE OB 23 -43.15 -25.34 -81.80
C PHE OB 23 -43.77 -26.37 -82.75
N LYS OB 24 -44.04 -27.59 -82.26
CA LYS OB 24 -44.81 -28.53 -83.06
C LYS OB 24 -46.23 -28.01 -83.29
N ALA OB 25 -46.83 -27.42 -82.26
CA ALA OB 25 -48.17 -26.87 -82.41
C ALA OB 25 -48.20 -25.72 -83.40
N ILE OB 26 -47.20 -24.84 -83.35
CA ILE OB 26 -47.17 -23.67 -84.21
C ILE OB 26 -46.65 -24.00 -85.61
N ALA OB 27 -46.03 -25.16 -85.80
CA ALA OB 27 -45.58 -25.55 -87.13
C ALA OB 27 -46.76 -25.71 -88.08
N GLN OB 28 -47.84 -26.30 -87.60
CA GLN OB 28 -49.06 -26.42 -88.39
C GLN OB 28 -49.85 -25.12 -88.36
N LYS OB 29 -49.59 -24.30 -87.36
CA LYS OB 29 -50.29 -23.03 -87.20
C LYS OB 29 -49.34 -21.87 -87.50
N NH2 OB 30 -48.89 -21.62 -88.85
CA NLG PB 1 -39.65 -24.89 -91.05
C NLG PB 1 -39.37 -25.35 -89.62
O NLG PB 1 -38.75 -26.42 -89.41
CB NLG PB 1 -39.50 -23.38 -91.14
CG NLG PB 1 -38.02 -23.04 -91.28
CD NLG PB 1 -37.49 -23.57 -92.61
OE1 NLG PB 1 -37.78 -22.98 -93.67
OE2 NLG PB 1 -36.77 -24.60 -92.62
C7 NLG PB 1 -41.35 -26.67 -91.61
C8 NLG PB 1 -42.77 -27.07 -91.98
O7 NLG PB 1 -40.50 -27.49 -91.51
N2 NLG PB 1 -41.02 -25.26 -91.40
N LEU PB 2 -40.62 -24.96 -89.05
CA LEU PB 2 -40.81 -24.93 -87.60
C LEU PB 2 -40.72 -26.33 -87.01
N LYS PB 3 -41.11 -27.32 -87.81
CA LYS PB 3 -41.05 -28.71 -87.36
C LYS PB 3 -39.61 -29.13 -87.07
N ALA PB 4 -38.68 -28.72 -87.94
CA ALA PB 4 -37.27 -29.07 -87.72
C ALA PB 4 -36.76 -28.46 -86.42
N ILE PB 5 -37.14 -27.22 -86.13
CA ILE PB 5 -36.75 -26.58 -84.89
C ILE PB 5 -37.31 -27.35 -83.69
N ALA PB 6 -38.58 -27.75 -83.78
CA ALA PB 6 -39.20 -28.47 -82.69
C ALA PB 6 -38.53 -29.81 -82.44
N GLN PB 7 -38.21 -30.55 -83.50
CA GLN PB 7 -37.52 -31.83 -83.32
C GLN PB 7 -36.09 -31.63 -82.83
N GLU PB 8 -35.43 -30.54 -83.23
CA GLU PB 8 -34.14 -30.22 -82.64
C GLU PB 8 -34.25 -30.03 -81.14
N PHE PB 9 -35.23 -29.24 -80.68
CA PHE PB 9 -35.39 -29.03 -79.25
C PHE PB 9 -35.82 -30.30 -78.53
N LYS PB 10 -36.58 -31.16 -79.20
CA LYS PB 10 -36.94 -32.45 -78.61
C LYS PB 10 -35.69 -33.31 -78.39
N ALA PB 11 -34.79 -33.33 -79.38
CA ALA PB 11 -33.52 -34.02 -79.21
C ALA PB 11 -32.69 -33.38 -78.10
N ILE PB 12 -32.71 -32.05 -78.02
CA ILE PB 12 -31.99 -31.35 -76.95
C ILE PB 12 -32.50 -31.82 -75.60
N ALA PB 13 -33.83 -31.91 -75.47
CA ALA PB 13 -34.45 -32.37 -74.22
C ALA PB 13 -34.04 -33.80 -73.90
N LYS PB 14 -34.04 -34.69 -74.90
CA LYS PB 14 -33.64 -36.06 -74.64
C LYS PB 14 -32.19 -36.16 -74.18
N LYS PB 15 -31.28 -35.47 -74.85
CA LYS PB 15 -29.87 -35.53 -74.44
C LYS PB 15 -29.68 -34.90 -73.06
N PHE PB 16 -30.37 -33.80 -72.78
CA PHE PB 16 -30.24 -33.18 -71.47
C PHE PB 16 -30.81 -34.07 -70.37
N LYS PB 17 -31.92 -34.76 -70.65
CA LYS PB 17 -32.45 -35.71 -69.67
C LYS PB 17 -31.47 -36.83 -69.42
N ALA PB 18 -30.84 -37.34 -70.48
CA ALA PB 18 -29.82 -38.37 -70.31
C ALA PB 18 -28.66 -37.86 -69.46
N ILE PB 19 -28.22 -36.62 -69.72
CA ILE PB 19 -27.14 -36.01 -68.96
C ILE PB 19 -27.51 -35.91 -67.48
N ALA PB 20 -28.74 -35.48 -67.22
CA ALA PB 20 -29.24 -35.33 -65.87
C ALA PB 20 -29.23 -36.66 -65.15
N PHI PB 21 -29.69 -37.70 -65.84
CA PHI PB 21 -29.74 -39.02 -65.25
CB PHI PB 21 -30.39 -40.10 -66.15
CG PHI PB 21 -30.22 -41.42 -65.49
CD1 PHI PB 21 -29.41 -42.41 -66.06
CD2 PHI PB 21 -30.85 -41.67 -64.27
CE1 PHI PB 21 -29.25 -43.64 -65.43
CE2 PHI PB 21 -30.68 -42.90 -63.64
CZ PHI PB 21 -29.88 -43.89 -64.21
I PHI PB 21 -29.65 -45.67 -63.29
C PHI PB 21 -28.33 -39.50 -64.94
O PHI PB 21 -28.04 -40.10 -63.90
N GLU PB 22 -27.43 -39.20 -65.86
CA GLU PB 22 -26.04 -39.64 -65.74
C GLU PB 22 -25.35 -39.00 -64.53
N PHE PB 23 -25.52 -37.69 -64.37
CA PHE PB 23 -24.90 -37.01 -63.23
C PHE PB 23 -25.33 -37.60 -61.90
N LYS PB 24 -26.54 -38.14 -61.82
CA LYS PB 24 -26.97 -38.79 -60.59
C LYS PB 24 -26.10 -39.99 -60.26
N ALA PB 25 -25.66 -40.73 -61.29
CA ALA PB 25 -24.77 -41.87 -61.05
C ALA PB 25 -23.46 -41.42 -60.42
N ILE PB 26 -22.89 -40.32 -60.92
CA ILE PB 26 -21.69 -39.78 -60.28
C ILE PB 26 -22.00 -39.30 -58.87
N ALA PB 27 -23.20 -38.75 -58.66
CA ALA PB 27 -23.57 -38.25 -57.35
C ALA PB 27 -23.61 -39.36 -56.30
N GLN PB 28 -24.14 -40.52 -56.66
CA GLN PB 28 -24.19 -41.65 -55.73
C GLN PB 28 -22.80 -42.19 -55.48
N LYS PB 29 -22.03 -42.38 -56.55
CA LYS PB 29 -20.68 -42.87 -56.45
C LYS PB 29 -19.72 -41.70 -56.34
N NH2 PB 30 -18.44 -41.73 -57.05
CA NLG QB 1 -18.45 -40.95 -66.91
C NLG QB 1 -18.43 -39.58 -67.59
O NLG QB 1 -19.43 -39.20 -68.25
CB NLG QB 1 -18.45 -40.78 -65.40
CG NLG QB 1 -19.38 -41.81 -64.76
CD NLG QB 1 -18.86 -43.22 -65.04
OE1 NLG QB 1 -17.90 -43.68 -64.37
OE2 NLG QB 1 -19.39 -43.92 -65.93
C7 NLG QB 1 -17.30 -42.52 -68.51
C8 NLG QB 1 -16.07 -43.30 -68.92
O7 NLG QB 1 -18.28 -42.56 -69.16
N2 NLG QB 1 -17.27 -41.69 -67.31
N LEU QB 2 -17.04 -39.43 -67.91
CA LEU QB 2 -17.13 -38.04 -68.31
C LEU QB 2 -17.09 -37.92 -69.84
N LYS QB 3 -16.50 -38.93 -70.49
CA LYS QB 3 -16.44 -38.91 -71.95
C LYS QB 3 -17.84 -38.94 -72.55
N ALA QB 4 -18.76 -39.67 -71.93
CA ALA QB 4 -20.14 -39.67 -72.40
C ALA QB 4 -20.74 -38.28 -72.30
N ILE QB 5 -20.51 -37.58 -71.20
CA ILE QB 5 -21.03 -36.23 -71.03
C ILE QB 5 -20.38 -35.30 -72.05
N ALA QB 6 -19.08 -35.47 -72.28
CA ALA QB 6 -18.38 -34.63 -73.25
C ALA QB 6 -18.96 -34.81 -74.65
N GLN QB 7 -19.21 -36.06 -75.06
CA GLN QB 7 -19.81 -36.27 -76.37
C GLN QB 7 -21.27 -35.83 -76.40
N GLU QB 8 -21.96 -35.86 -75.27
CA GLU QB 8 -23.31 -35.30 -75.21
C GLU QB 8 -23.29 -33.81 -75.53
N PHE QB 9 -22.39 -33.06 -74.90
CA PHE QB 9 -22.26 -31.65 -75.28
C PHE QB 9 -21.78 -31.46 -76.70
N LYS QB 10 -20.92 -32.32 -77.22
CA LYS QB 10 -20.50 -32.17 -78.62
C LYS QB 10 -21.69 -32.36 -79.56
N ALA QB 11 -22.52 -33.36 -79.28
CA ALA QB 11 -23.73 -33.59 -80.08
C ALA QB 11 -24.70 -32.44 -79.96
N ILE QB 12 -24.89 -31.92 -78.75
CA ILE QB 12 -25.72 -30.74 -78.55
C ILE QB 12 -25.17 -29.57 -79.33
N ALA QB 13 -23.84 -29.51 -79.44
CA ALA QB 13 -23.19 -28.45 -80.23
C ALA QB 13 -23.52 -28.59 -81.71
N LYS QB 14 -23.47 -29.81 -82.26
CA LYS QB 14 -23.90 -29.97 -83.64
C LYS QB 14 -25.36 -29.55 -83.79
N LYS QB 15 -26.20 -29.94 -82.83
CA LYS QB 15 -27.62 -29.65 -82.93
C LYS QB 15 -27.88 -28.15 -82.92
N PHE QB 16 -27.16 -27.42 -82.06
CA PHE QB 16 -27.34 -25.97 -82.00
C PHE QB 16 -26.76 -25.28 -83.22
N LYS QB 17 -25.67 -25.80 -83.78
CA LYS QB 17 -25.18 -25.26 -85.05
C LYS QB 17 -26.23 -25.43 -86.14
N ALA QB 18 -26.86 -26.61 -86.20
CA ALA QB 18 -27.92 -26.82 -87.17
C ALA QB 18 -29.12 -25.92 -86.90
N ILE QB 19 -29.42 -25.66 -85.64
CA ILE QB 19 -30.51 -24.75 -85.29
C ILE QB 19 -30.21 -23.35 -85.80
N ALA QB 20 -28.99 -22.88 -85.60
CA ALA QB 20 -28.58 -21.58 -86.13
C ALA QB 20 -28.70 -21.56 -87.64
N PHI QB 21 -28.37 -22.68 -88.26
CA PHI QB 21 -28.43 -22.81 -89.70
CB PHI QB 21 -27.89 -24.16 -90.22
CG PHI QB 21 -26.48 -24.00 -90.65
CD1 PHI QB 21 -25.43 -24.30 -89.77
CD2 PHI QB 21 -26.19 -23.52 -91.92
CE1 PHI QB 21 -24.11 -24.14 -90.17
CE2 PHI QB 21 -24.87 -23.36 -92.33
CZ PHI QB 21 -23.82 -23.67 -91.45
I PHI QB 21 -21.90 -23.43 -92.05
C PHI QB 21 -29.84 -22.64 -90.23
O PHI QB 21 -30.15 -21.85 -91.12
N GLU QB 22 -30.73 -23.43 -89.65
CA GLU QB 22 -32.14 -23.43 -90.08
C GLU QB 22 -32.80 -22.10 -89.73
N PHE QB 23 -32.33 -21.44 -88.67
CA PHE QB 23 -32.81 -20.09 -88.37
C PHE QB 23 -32.32 -19.07 -89.36
N LYS QB 24 -31.10 -19.24 -89.91
CA LYS QB 24 -30.69 -18.38 -91.02
C LYS QB 24 -31.61 -18.58 -92.23
N ALA QB 25 -32.02 -19.82 -92.47
CA ALA QB 25 -32.92 -20.10 -93.60
C ALA QB 25 -34.28 -19.45 -93.38
N ILE QB 26 -34.86 -19.61 -92.19
CA ILE QB 26 -36.17 -19.04 -91.93
C ILE QB 26 -36.10 -17.51 -91.85
N ALA QB 27 -34.94 -16.98 -91.47
CA ALA QB 27 -34.77 -15.53 -91.42
C ALA QB 27 -34.87 -14.92 -92.81
N GLN QB 28 -34.30 -15.58 -93.81
CA GLN QB 28 -34.35 -15.11 -95.19
C GLN QB 28 -35.77 -15.16 -95.73
N LYS QB 29 -36.37 -16.35 -95.66
CA LYS QB 29 -37.72 -16.54 -96.14
C LYS QB 29 -38.70 -16.55 -94.98
N NH2 QB 30 -39.53 -15.38 -94.71
CA NLG RB 1 -34.41 -10.00 -86.16
C NLG RB 1 -34.21 -11.46 -85.76
O NLG RB 1 -33.67 -11.73 -84.66
CB NLG RB 1 -35.72 -9.83 -86.93
CG NLG RB 1 -36.47 -8.63 -86.40
CD NLG RB 1 -35.55 -7.41 -86.33
OE1 NLG RB 1 -35.12 -6.89 -87.39
OE2 NLG RB 1 -35.21 -6.94 -85.22
C7 NLG RB 1 -32.02 -9.27 -86.41
C8 NLG RB 1 -30.85 -8.85 -87.29
O7 NLG RB 1 -31.89 -9.34 -85.23
N2 NLG RB 1 -33.30 -9.59 -87.01
N LEU RB 2 -34.00 -11.86 -87.12
CA LEU RB 2 -33.72 -13.25 -86.72
C LEU RB 2 -32.26 -13.59 -86.98
N LYS RB 3 -31.56 -12.73 -87.70
CA LYS RB 3 -30.14 -12.97 -87.96
C LYS RB 3 -29.33 -12.91 -86.66
N ALA RB 4 -29.65 -11.97 -85.78
CA ALA RB 4 -29.01 -11.92 -84.47
C ALA RB 4 -29.32 -13.19 -83.68
N ILE RB 5 -30.55 -13.69 -83.80
CA ILE RB 5 -30.89 -14.98 -83.19
C ILE RB 5 -29.96 -16.08 -83.70
N ALA RB 6 -29.77 -16.15 -85.02
CA ALA RB 6 -28.95 -17.21 -85.58
C ALA RB 6 -27.51 -17.10 -85.11
N GLN RB 7 -26.95 -15.89 -85.13
CA GLN RB 7 -25.55 -15.73 -84.72
C GLN RB 7 -25.37 -16.03 -83.24
N GLU RB 8 -26.36 -15.68 -82.40
CA GLU RB 8 -26.18 -15.95 -80.98
C GLU RB 8 -26.32 -17.44 -80.67
N PHE RB 9 -27.22 -18.15 -81.35
CA PHE RB 9 -27.18 -19.62 -81.22
C PHE RB 9 -25.89 -20.19 -81.77
N LYS RB 10 -25.29 -19.56 -82.79
CA LYS RB 10 -23.98 -20.00 -83.25
C LYS RB 10 -22.93 -19.86 -82.16
N ALA RB 11 -22.96 -18.72 -81.45
CA ALA RB 11 -22.04 -18.52 -80.34
C ALA RB 11 -22.29 -19.54 -79.24
N ILE RB 12 -23.56 -19.84 -78.97
CA ILE RB 12 -23.90 -20.80 -77.93
C ILE RB 12 -23.35 -22.18 -78.31
N ALA RB 13 -23.48 -22.54 -79.59
CA ALA RB 13 -22.92 -23.80 -80.07
C ALA RB 13 -21.41 -23.84 -79.93
N LYS RB 14 -20.72 -22.74 -80.25
CA LYS RB 14 -19.27 -22.75 -80.08
C LYS RB 14 -18.92 -22.86 -78.61
N LYS RB 15 -19.76 -22.33 -77.73
CA LYS RB 15 -19.55 -22.54 -76.31
C LYS RB 15 -19.73 -23.99 -75.92
N PHE RB 16 -20.69 -24.72 -76.51
CA PHE RB 16 -20.69 -26.15 -76.24
C PHE RB 16 -19.47 -26.88 -76.81
N LYS RB 17 -18.91 -26.45 -77.95
CA LYS RB 17 -17.61 -27.03 -78.31
C LYS RB 17 -16.58 -26.80 -77.21
N ALA RB 18 -16.53 -25.58 -76.66
CA ALA RB 18 -15.61 -25.33 -75.54
C ALA RB 18 -15.92 -26.23 -74.35
N ILE RB 19 -17.21 -26.40 -74.04
CA ILE RB 19 -17.63 -27.23 -72.91
C ILE RB 19 -17.17 -28.66 -73.09
N ALA RB 20 -17.40 -29.21 -74.28
CA ALA RB 20 -16.99 -30.57 -74.60
C ALA RB 20 -15.49 -30.70 -74.45
N PHI RB 21 -14.77 -29.73 -75.02
CA PHI RB 21 -13.33 -29.70 -74.93
CB PHI RB 21 -12.73 -28.42 -75.57
CG PHI RB 21 -11.27 -28.35 -75.30
CD1 PHI RB 21 -10.41 -29.30 -75.87
CD2 PHI RB 21 -10.73 -27.34 -74.50
CE1 PHI RB 21 -9.04 -29.24 -75.64
CE2 PHI RB 21 -9.37 -27.28 -74.27
CZ PHI RB 21 -8.51 -28.23 -74.83
I PHI RB 21 -6.53 -28.14 -74.49
C PHI RB 21 -12.84 -29.77 -73.50
O PHI RB 21 -11.86 -30.43 -73.14
N GLU RB 22 -13.55 -29.05 -72.65
CA GLU RB 22 -13.16 -28.95 -71.24
C GLU RB 22 -13.40 -30.30 -70.53
N PHE RB 23 -14.55 -30.92 -70.79
CA PHE RB 23 -14.79 -32.24 -70.23
C PHE RB 23 -13.86 -33.32 -70.77
N LYS RB 24 -13.40 -33.22 -72.01
CA LYS RB 24 -12.38 -34.17 -72.45
C LYS RB 24 -11.10 -34.02 -71.64
N ALA RB 25 -10.69 -32.78 -71.38
CA ALA RB 25 -9.48 -32.53 -70.62
C ALA RB 25 -9.61 -33.05 -69.19
N ILE RB 26 -10.77 -32.82 -68.56
CA ILE RB 26 -10.91 -33.27 -67.18
C ILE RB 26 -11.24 -34.75 -67.11
N ALA RB 27 -11.58 -35.37 -68.26
CA ALA RB 27 -11.94 -36.77 -68.26
C ALA RB 27 -10.79 -37.68 -67.82
N GLN RB 28 -9.58 -37.40 -68.26
CA GLN RB 28 -8.42 -38.18 -67.83
C GLN RB 28 -7.79 -37.58 -66.59
N LYS RB 29 -7.78 -36.24 -66.54
CA LYS RB 29 -7.22 -35.53 -65.40
C LYS RB 29 -8.34 -34.99 -64.52
N NH2 RB 30 -8.72 -35.72 -63.32
CA NLG SB 1 -10.47 -25.97 -63.94
C NLG SB 1 -11.98 -25.84 -63.99
O NLG SB 1 -12.51 -25.09 -64.85
CB NLG SB 1 -10.08 -27.40 -63.60
CG NLG SB 1 -9.89 -28.21 -64.87
CD NLG SB 1 -8.60 -27.78 -65.58
OE1 NLG SB 1 -8.63 -26.90 -66.49
OE2 NLG SB 1 -7.50 -28.32 -65.27
C7 NLG SB 1 -9.90 -23.63 -63.20
C8 NLG SB 1 -9.33 -22.69 -62.15
O7 NLG SB 1 -10.33 -23.20 -64.22
N2 NLG SB 1 -9.92 -25.06 -62.95
N LEU SB 2 -12.22 -26.02 -62.59
CA LEU SB 2 -13.66 -26.04 -62.34
C LEU SB 2 -14.25 -24.64 -62.44
N LYS SB 3 -13.39 -23.64 -62.23
CA LYS SB 3 -13.82 -22.25 -62.35
C LYS SB 3 -14.26 -21.93 -63.77
N ALA SB 4 -13.57 -22.48 -64.77
CA ALA SB 4 -13.85 -22.14 -66.16
C ALA SB 4 -15.28 -22.53 -66.54
N ILE SB 5 -15.77 -23.67 -66.05
CA ILE SB 5 -17.11 -24.14 -66.38
C ILE SB 5 -18.16 -23.13 -65.95
N ALA SB 6 -18.15 -22.78 -64.66
CA ALA SB 6 -19.05 -21.74 -64.17
C ALA SB 6 -18.82 -20.45 -64.92
N GLN SB 7 -17.60 -20.25 -65.41
CA GLN SB 7 -17.32 -19.05 -66.18
C GLN SB 7 -18.11 -19.01 -67.49
N GLU SB 8 -18.18 -20.11 -68.25
CA GLU SB 8 -18.92 -19.98 -69.51
C GLU SB 8 -20.42 -19.93 -69.23
N PHE SB 9 -20.92 -20.79 -68.33
CA PHE SB 9 -22.38 -20.78 -68.12
C PHE SB 9 -22.89 -19.45 -67.55
N LYS SB 10 -22.05 -18.67 -66.87
CA LYS SB 10 -22.48 -17.32 -66.52
C LYS SB 10 -22.82 -16.51 -67.76
N ALA SB 11 -21.93 -16.48 -68.75
CA ALA SB 11 -22.19 -15.74 -69.98
C ALA SB 11 -23.32 -16.39 -70.77
N ILE SB 12 -23.46 -17.71 -70.67
CA ILE SB 12 -24.52 -18.40 -71.39
C ILE SB 12 -25.89 -17.98 -70.87
N ALA SB 13 -26.05 -17.94 -69.55
CA ALA SB 13 -27.26 -17.40 -68.96
C ALA SB 13 -27.43 -15.93 -69.31
N LYS SB 14 -26.32 -15.21 -69.41
CA LYS SB 14 -26.36 -13.82 -69.87
C LYS SB 14 -27.00 -13.72 -71.25
N LYS SB 15 -26.65 -14.65 -72.15
CA LYS SB 15 -27.21 -14.61 -73.50
C LYS SB 15 -28.67 -15.02 -73.54
N PHE SB 16 -29.07 -16.05 -72.77
CA PHE SB 16 -30.48 -16.45 -72.84
C PHE SB 16 -31.44 -15.32 -72.56
N LYS SB 17 -31.08 -14.35 -71.71
CA LYS SB 17 -32.00 -13.23 -71.55
C LYS SB 17 -32.06 -12.38 -72.82
N ALA SB 18 -30.96 -12.32 -73.58
CA ALA SB 18 -31.00 -11.63 -74.87
C ALA SB 18 -31.92 -12.37 -75.84
N ILE SB 19 -31.87 -13.70 -75.86
CA ILE SB 19 -32.85 -14.47 -76.63
C ILE SB 19 -34.27 -14.14 -76.18
N ALA SB 20 -34.50 -14.08 -74.87
CA ALA SB 20 -35.81 -13.74 -74.33
C ALA SB 20 -36.28 -12.38 -74.85
N PHI SB 21 -35.39 -11.41 -74.75
CA PHI SB 21 -35.65 -10.04 -75.16
CB PHI SB 21 -34.45 -9.10 -74.99
CG PHI SB 21 -34.60 -8.20 -73.80
CD1 PHI SB 21 -33.74 -8.32 -72.71
CD2 PHI SB 21 -35.61 -7.23 -73.77
CE1 PHI SB 21 -33.87 -7.49 -71.60
CE2 PHI SB 21 -35.73 -6.39 -72.66
CZ PHI SB 21 -34.87 -6.52 -71.58
I PHI SB 21 -35.06 -5.31 -69.97
C PHI SB 21 -36.04 -9.96 -76.63
O PHI SB 21 -36.95 -9.26 -77.06
N GLU SB 22 -35.29 -10.71 -77.43
CA GLU SB 22 -35.49 -10.69 -78.86
C GLU SB 22 -36.85 -11.29 -79.22
N PHE SB 23 -37.13 -12.49 -78.70
CA PHE SB 23 -38.46 -13.05 -78.93
C PHE SB 23 -39.55 -12.26 -78.23
N LYS SB 24 -39.20 -11.50 -77.17
CA LYS SB 24 -40.17 -10.59 -76.59
C LYS SB 24 -40.61 -9.54 -77.61
N ALA SB 25 -39.64 -8.96 -78.35
CA ALA SB 25 -39.98 -7.98 -79.37
C ALA SB 25 -40.67 -8.63 -80.56
N ILE SB 26 -40.24 -9.84 -80.93
CA ILE SB 26 -40.84 -10.52 -82.08
C ILE SB 26 -42.30 -10.87 -81.78
N ALA SB 27 -42.60 -11.21 -80.53
CA ALA SB 27 -43.97 -11.51 -80.15
C ALA SB 27 -44.87 -10.30 -80.35
N GLN SB 28 -44.37 -9.11 -80.01
CA GLN SB 28 -45.11 -7.88 -80.22
C GLN SB 28 -45.14 -7.53 -81.70
N LYS SB 29 -43.96 -7.31 -82.27
CA LYS SB 29 -43.85 -6.98 -83.68
C LYS SB 29 -43.27 -8.16 -84.45
N NH2 SB 30 -44.10 -8.86 -85.42
CA NLG TB 1 -47.32 -18.27 -78.58
C NLG TB 1 -45.88 -18.12 -78.09
O NLG TB 1 -45.55 -18.61 -76.97
CB NLG TB 1 -47.29 -18.55 -80.09
CG NLG TB 1 -48.18 -19.76 -80.39
CD NLG TB 1 -49.61 -19.46 -79.94
OE1 NLG TB 1 -50.32 -18.64 -80.58
OE2 NLG TB 1 -50.09 -20.06 -78.94
C7 NLG TB 1 -48.34 -16.60 -76.99
C8 NLG TB 1 -49.11 -15.30 -76.76
O7 NLG TB 1 -47.97 -17.25 -76.06
N2 NLG TB 1 -48.05 -17.04 -78.34
N LEU TB 2 -45.72 -16.84 -78.70
CA LEU TB 2 -44.29 -16.64 -78.55
C LEU TB 2 -43.97 -16.02 -77.20
N LYS TB 3 -45.01 -15.43 -76.57
CA LYS TB 3 -44.82 -14.86 -75.23
C LYS TB 3 -44.38 -15.93 -74.24
N ALA TB 4 -45.01 -17.10 -74.27
CA ALA TB 4 -44.58 -18.19 -73.42
C ALA TB 4 -43.15 -18.62 -73.75
N ILE TB 5 -42.78 -18.57 -75.03
CA ILE TB 5 -41.45 -19.01 -75.45
C ILE TB 5 -40.39 -18.08 -74.86
N ALA TB 6 -40.58 -16.78 -75.02
CA ALA TB 6 -39.63 -15.81 -74.50
C ALA TB 6 -39.60 -15.84 -72.97
N GLN TB 7 -40.76 -16.03 -72.34
CA GLN TB 7 -40.80 -16.22 -70.90
C GLN TB 7 -40.01 -17.44 -70.47
N GLU TB 8 -40.08 -18.52 -71.25
CA GLU TB 8 -39.42 -19.77 -70.88
C GLU TB 8 -37.90 -19.66 -71.01
N PHE TB 9 -37.41 -19.00 -72.07
CA PHE TB 9 -35.97 -18.77 -72.12
C PHE TB 9 -35.48 -17.84 -71.02
N LYS TB 10 -36.30 -16.90 -70.56
CA LYS TB 10 -35.92 -16.12 -69.39
C LYS TB 10 -35.72 -17.02 -68.18
N ALA TB 11 -36.65 -17.95 -67.96
CA ALA TB 11 -36.52 -18.90 -66.86
C ALA TB 11 -35.26 -19.75 -67.04
N ILE TB 12 -34.99 -20.19 -68.27
CA ILE TB 12 -33.79 -20.97 -68.55
C ILE TB 12 -32.53 -20.18 -68.19
N ALA TB 13 -32.52 -18.90 -68.51
CA ALA TB 13 -31.40 -18.05 -68.13
C ALA TB 13 -31.26 -18.01 -66.61
N LYS TB 14 -32.38 -17.91 -65.90
CA LYS TB 14 -32.31 -17.97 -64.44
C LYS TB 14 -31.73 -19.30 -63.96
N LYS TB 15 -32.13 -20.41 -64.59
CA LYS TB 15 -31.63 -21.71 -64.17
C LYS TB 15 -30.12 -21.82 -64.38
N PHE TB 16 -29.63 -21.37 -65.53
CA PHE TB 16 -28.22 -21.56 -65.86
C PHE TB 16 -27.30 -20.77 -64.94
N LYS TB 17 -27.72 -19.59 -64.49
CA LYS TB 17 -26.87 -18.83 -63.57
C LYS TB 17 -26.71 -19.56 -62.25
N ALA TB 18 -27.80 -20.16 -61.74
CA ALA TB 18 -27.70 -21.00 -60.56
C ALA TB 18 -26.82 -22.21 -60.82
N ILE TB 19 -26.92 -22.78 -62.02
CA ILE TB 19 -26.08 -23.93 -62.39
C ILE TB 19 -24.60 -23.55 -62.28
N ALA TB 20 -24.24 -22.41 -62.83
CA ALA TB 20 -22.87 -21.90 -62.78
C ALA TB 20 -22.46 -21.65 -61.34
N PHI TB 21 -23.32 -21.00 -60.57
CA PHI TB 21 -23.02 -20.69 -59.18
CB PHI TB 21 -24.14 -19.90 -58.45
CG PHI TB 21 -23.93 -18.43 -58.59
CD1 PHI TB 21 -24.72 -17.69 -59.47
CD2 PHI TB 21 -22.93 -17.77 -57.86
CE1 PHI TB 21 -24.54 -16.32 -59.62
CE2 PHI TB 21 -22.76 -16.39 -58.00
CZ PHI TB 21 -23.55 -15.66 -58.89
I PHI TB 21 -23.28 -13.67 -59.10
C PHI TB 21 -22.80 -21.96 -58.39
O PHI TB 21 -22.06 -22.05 -57.41
N GLU TB 22 -23.45 -23.03 -58.85
CA GLU TB 22 -23.33 -24.31 -58.21
C GLU TB 22 -21.98 -24.94 -58.49
N PHE TB 23 -21.52 -24.90 -59.75
CA PHE TB 23 -20.13 -25.33 -59.97
C PHE TB 23 -19.13 -24.43 -59.26
N LYS TB 24 -19.49 -23.17 -59.01
CA LYS TB 24 -18.60 -22.32 -58.22
C LYS TB 24 -18.36 -22.91 -56.84
N ALA TB 25 -19.41 -23.49 -56.24
CA ALA TB 25 -19.30 -24.13 -54.93
C ALA TB 25 -18.33 -25.29 -54.97
N ILE TB 26 -18.50 -26.20 -55.94
CA ILE TB 26 -17.63 -27.37 -56.02
C ILE TB 26 -16.21 -26.98 -56.42
N ALA TB 27 -16.04 -25.84 -57.08
CA ALA TB 27 -14.70 -25.40 -57.47
C ALA TB 27 -13.82 -25.14 -56.25
N GLN TB 28 -14.39 -24.62 -55.18
CA GLN TB 28 -13.65 -24.38 -53.95
C GLN TB 28 -13.51 -25.67 -53.17
N LYS TB 29 -14.45 -25.92 -52.27
CA LYS TB 29 -14.45 -27.15 -51.49
C LYS TB 29 -15.07 -28.27 -52.34
N NH2 TB 30 -14.87 -29.65 -51.96
#